data_6T5O
#
_entry.id   6T5O
#
_cell.length_a   69.151
_cell.length_b   103.912
_cell.length_c   169.156
_cell.angle_alpha   92.476
_cell.angle_beta   97.336
_cell.angle_gamma   106.426
#
_symmetry.space_group_name_H-M   'P 1'
#
loop_
_entity.id
_entity.type
_entity.pdbx_description
1 polymer 'Glyco_hydro_42M domain-containing protein'
2 non-polymer 1,2-ETHANEDIOL
3 non-polymer 'S,R MESO-TARTARIC ACID'
4 non-polymer 'CHLORIDE ION'
5 non-polymer 'L(+)-TARTARIC ACID'
6 non-polymer 'TETRAETHYLENE GLYCOL'
7 non-polymer 'D(-)-TARTARIC ACID'
8 water water
#
_entity_poly.entity_id   1
_entity_poly.type   'polypeptide(L)'
_entity_poly.pdbx_seq_one_letter_code
;MGSSHHHHHHSSGLEVLFQGPAERISKQSTPFVGAQIFIEPGQTQEQIEQWFKLLAESNMTTCRIRMFGKYMKTPSGTYD
FTLFDRAFKLADKYHIKVYATLFPDTEFTDVGGFKFPHSREHQKEVEDYIKNVVSHFSQYKNLAAWVLINEPGTPNLPFN
EPFTKERFSDWKKEHNFSEYNEKGYPVLNFEKENFIIDYHNWYLNWLANQVRLYDKQHDLHVNPHNVFKLSGLYDFPTWR
TFLNSLGGSAHASWHFGYFPRKAYTVAMSANAELIRSGAGELPWLMTELQGGNNLYSGANPLCPTAEEIIQWLWINFATE
AKGGIFWSFNARSTAAEAGEWAMINFKNKSSDRLIAAATIGKFITENVKMMSNIKTLNSGISILYNHESMWVEAAQTRGK
LNGNGRSIGAVMCSPLSYFEALSETGLQANFKEIKEFDFSLNDYTDQVIILSHQIALDNKVIKQLESFVEKGGTLIADGL
TGYYDYQAHSTVVSGFALENLFGSYPIEYKIKENLFSLDFEKDNYKLPAHLWKGTIETSKATPIMDKEGECIACINQYGK
GKVFWIPSPIALGARESKDFSELSKLTVSLLPNKILNDNPHFDKHYKDVMMKSFKSNGTMYSLIINKSASVQTVDIVGGK
GKAFILFANKNAHSTANKLTISPEETVIIKWKNN
;
_entity_poly.pdbx_strand_id   AAA,DDD,CCC,BBB,FFF,EEE
#
loop_
_chem_comp.id
_chem_comp.type
_chem_comp.name
_chem_comp.formula
CL non-polymer 'CHLORIDE ION' 'Cl -1'
EDO non-polymer 1,2-ETHANEDIOL 'C2 H6 O2'
PG4 non-polymer 'TETRAETHYLENE GLYCOL' 'C8 H18 O5'
SRT non-polymer 'S,R MESO-TARTARIC ACID' 'C4 H6 O6'
TAR non-polymer 'D(-)-TARTARIC ACID' 'C4 H6 O6'
TLA non-polymer 'L(+)-TARTARIC ACID' 'C4 H6 O6'
#
# COMPACT_ATOMS: atom_id res chain seq x y z
N GLU A 15 -41.87 50.67 52.26
CA GLU A 15 -42.40 49.65 51.28
C GLU A 15 -43.66 48.99 51.86
N VAL A 16 -43.72 48.82 53.19
CA VAL A 16 -44.85 48.14 53.92
C VAL A 16 -46.07 49.07 53.94
N LEU A 17 -45.82 50.39 54.00
CA LEU A 17 -46.86 51.46 53.98
C LEU A 17 -47.38 51.61 52.54
N PHE A 18 -46.50 51.55 51.53
CA PHE A 18 -46.90 51.46 50.10
C PHE A 18 -47.70 50.18 49.84
N GLN A 19 -47.23 49.03 50.33
CA GLN A 19 -47.88 47.72 50.09
C GLN A 19 -49.37 47.84 50.44
N GLY A 20 -49.70 48.47 51.58
CA GLY A 20 -51.09 48.62 52.03
C GLY A 20 -51.78 47.26 52.16
N PRO A 21 -53.05 47.11 51.71
CA PRO A 21 -53.75 45.83 51.85
C PRO A 21 -53.19 44.78 50.88
N ALA A 22 -52.57 45.17 49.76
CA ALA A 22 -52.13 44.27 48.68
C ALA A 22 -51.14 43.24 49.23
N GLU A 23 -51.28 41.96 48.86
CA GLU A 23 -50.24 40.92 49.03
C GLU A 23 -48.99 41.40 48.29
N ARG A 24 -47.81 41.39 48.93
CA ARG A 24 -46.50 41.40 48.22
C ARG A 24 -45.99 39.97 48.17
N ILE A 25 -45.79 39.42 46.98
CA ILE A 25 -45.21 38.06 46.85
C ILE A 25 -43.79 38.14 47.39
N SER A 26 -43.30 37.05 47.99
CA SER A 26 -41.93 36.95 48.52
C SER A 26 -41.44 35.52 48.35
N LYS A 27 -40.18 35.28 48.64
CA LYS A 27 -39.57 33.93 48.54
C LYS A 27 -40.17 33.01 49.62
N GLN A 28 -40.98 33.55 50.55
CA GLN A 28 -41.64 32.77 51.63
C GLN A 28 -43.14 32.60 51.35
N SER A 29 -43.66 33.11 50.23
CA SER A 29 -45.11 33.02 49.90
C SER A 29 -45.48 31.53 49.74
N THR A 30 -46.73 31.21 50.07
CA THR A 30 -47.32 29.88 49.78
C THR A 30 -47.52 29.80 48.28
N PRO A 31 -46.94 28.79 47.58
CA PRO A 31 -47.17 28.65 46.15
C PRO A 31 -48.66 28.36 45.91
N PHE A 32 -49.17 28.76 44.74
CA PHE A 32 -50.56 28.50 44.32
C PHE A 32 -50.57 27.78 42.96
N VAL A 33 -51.67 27.07 42.72
CA VAL A 33 -52.05 26.62 41.35
C VAL A 33 -53.23 27.49 40.93
N GLY A 34 -53.19 27.95 39.69
CA GLY A 34 -54.16 28.89 39.13
C GLY A 34 -54.38 28.64 37.66
N ALA A 35 -55.25 29.43 37.04
CA ALA A 35 -55.61 29.25 35.62
C ALA A 35 -56.08 30.59 35.05
N GLN A 36 -55.79 30.82 33.77
CA GLN A 36 -56.39 31.92 32.99
C GLN A 36 -57.91 31.75 33.04
N ILE A 37 -58.62 32.83 33.33
CA ILE A 37 -60.08 32.91 33.14
C ILE A 37 -60.28 33.81 31.92
N PHE A 38 -60.71 33.20 30.82
CA PHE A 38 -60.84 33.91 29.53
C PHE A 38 -62.20 34.61 29.49
N ILE A 39 -62.15 35.93 29.48
CA ILE A 39 -63.33 36.83 29.47
C ILE A 39 -63.41 37.52 28.13
N GLU A 40 -64.56 37.36 27.47
CA GLU A 40 -64.92 38.07 26.22
C GLU A 40 -66.43 38.32 26.26
N PRO A 41 -66.93 39.27 25.47
CA PRO A 41 -68.37 39.51 25.37
C PRO A 41 -69.08 38.25 24.86
N GLY A 42 -70.32 38.07 25.30
CA GLY A 42 -71.23 36.98 24.89
C GLY A 42 -71.35 35.94 25.97
N GLN A 43 -70.37 35.80 26.84
CA GLN A 43 -70.42 34.88 28.00
C GLN A 43 -71.54 35.36 28.95
N THR A 44 -72.21 34.41 29.63
CA THR A 44 -73.29 34.69 30.61
C THR A 44 -72.71 34.73 32.01
N GLN A 45 -73.35 35.50 32.91
CA GLN A 45 -73.08 35.51 34.36
C GLN A 45 -72.99 34.07 34.88
N GLU A 46 -73.94 33.21 34.48
CA GLU A 46 -74.09 31.82 34.99
C GLU A 46 -72.85 31.02 34.60
N GLN A 47 -72.38 31.10 33.34
CA GLN A 47 -71.23 30.26 32.94
C GLN A 47 -69.97 30.82 33.64
N ILE A 48 -69.82 32.13 33.81
CA ILE A 48 -68.61 32.69 34.49
C ILE A 48 -68.60 32.23 35.96
N GLU A 49 -69.74 32.25 36.63
CA GLU A 49 -69.82 31.80 38.04
C GLU A 49 -69.46 30.31 38.11
N GLN A 50 -69.96 29.50 37.18
CA GLN A 50 -69.66 28.05 37.06
C GLN A 50 -68.13 27.87 37.00
N TRP A 51 -67.41 28.73 36.28
CA TRP A 51 -65.93 28.63 36.14
C TRP A 51 -65.26 28.91 37.50
N PHE A 52 -65.58 30.04 38.13
CA PHE A 52 -64.95 30.43 39.43
C PHE A 52 -65.28 29.40 40.51
N LYS A 53 -66.50 28.86 40.50
CA LYS A 53 -66.93 27.85 41.49
C LYS A 53 -66.05 26.61 41.33
N LEU A 54 -65.91 26.09 40.09
CA LEU A 54 -65.12 24.86 39.83
C LEU A 54 -63.63 25.13 40.08
N LEU A 55 -63.19 26.34 39.76
CA LEU A 55 -61.77 26.74 39.98
C LEU A 55 -61.48 26.66 41.48
N ALA A 56 -62.34 27.25 42.33
CA ALA A 56 -62.20 27.20 43.81
C ALA A 56 -62.25 25.76 44.29
N GLU A 57 -63.17 24.94 43.78
CA GLU A 57 -63.32 23.52 44.20
C GLU A 57 -62.11 22.72 43.73
N SER A 58 -61.33 23.22 42.77
CA SER A 58 -60.16 22.51 42.22
C SER A 58 -58.88 22.94 42.97
N ASN A 59 -59.02 23.57 44.14
CA ASN A 59 -57.89 23.93 45.04
C ASN A 59 -56.99 24.95 44.33
N MET A 60 -57.55 25.73 43.42
CA MET A 60 -56.85 26.86 42.77
C MET A 60 -57.29 28.13 43.49
N THR A 61 -56.34 29.03 43.76
CA THR A 61 -56.56 30.27 44.57
C THR A 61 -56.50 31.49 43.66
N THR A 62 -56.04 31.30 42.42
CA THR A 62 -55.59 32.44 41.58
C THR A 62 -56.08 32.24 40.15
N CYS A 63 -56.45 33.33 39.50
CA CYS A 63 -56.76 33.34 38.06
C CYS A 63 -55.96 34.46 37.43
N ARG A 64 -55.84 34.42 36.11
CA ARG A 64 -55.25 35.53 35.34
C ARG A 64 -56.28 35.96 34.29
N ILE A 65 -56.41 37.25 34.07
CA ILE A 65 -57.44 37.79 33.15
C ILE A 65 -56.77 38.79 32.23
N ARG A 66 -56.99 38.61 30.93
CA ARG A 66 -56.55 39.54 29.87
C ARG A 66 -57.52 40.72 29.85
N MET A 67 -57.06 41.89 30.24
CA MET A 67 -57.92 43.08 30.44
C MET A 67 -58.09 43.79 29.08
N PHE A 68 -58.71 43.10 28.12
CA PHE A 68 -58.81 43.55 26.71
C PHE A 68 -59.33 44.99 26.64
N GLY A 69 -58.52 45.90 26.13
CA GLY A 69 -58.98 47.26 25.78
C GLY A 69 -60.16 47.20 24.83
N LYS A 70 -60.13 46.28 23.86
CA LYS A 70 -61.21 46.14 22.85
C LYS A 70 -62.57 45.96 23.53
N TYR A 71 -62.63 45.29 24.68
CA TYR A 71 -63.92 44.90 25.33
C TYR A 71 -64.27 45.89 26.45
N MET A 72 -63.62 47.04 26.48
CA MET A 72 -63.96 48.15 27.41
C MET A 72 -64.25 49.44 26.65
N LYS A 73 -63.70 49.64 25.46
CA LYS A 73 -63.83 50.93 24.72
C LYS A 73 -65.26 51.03 24.18
N THR A 74 -65.91 52.18 24.37
CA THR A 74 -67.29 52.47 23.91
C THR A 74 -67.19 53.27 22.61
N PRO A 75 -68.28 53.37 21.82
CA PRO A 75 -68.27 54.21 20.62
C PRO A 75 -67.72 55.62 20.84
N SER A 76 -68.00 56.23 22.00
CA SER A 76 -67.62 57.64 22.34
C SER A 76 -66.15 57.73 22.77
N GLY A 77 -65.47 56.60 22.99
CA GLY A 77 -64.06 56.54 23.41
C GLY A 77 -63.89 56.49 24.92
N THR A 78 -64.99 56.46 25.69
CA THR A 78 -64.94 56.26 27.17
C THR A 78 -64.67 54.78 27.44
N TYR A 79 -64.38 54.44 28.70
CA TYR A 79 -64.10 53.07 29.18
C TYR A 79 -65.33 52.56 29.93
N ASP A 80 -65.83 51.40 29.52
CA ASP A 80 -66.91 50.65 30.21
C ASP A 80 -66.28 49.37 30.77
N PHE A 81 -66.21 49.25 32.09
CA PHE A 81 -65.43 48.21 32.80
C PHE A 81 -66.30 47.00 33.10
N THR A 82 -67.57 47.06 32.71
CA THR A 82 -68.69 46.15 33.15
C THR A 82 -68.27 44.69 33.03
N LEU A 83 -67.74 44.32 31.87
CA LEU A 83 -67.44 42.91 31.53
C LEU A 83 -66.41 42.38 32.52
N PHE A 84 -65.44 43.20 32.88
CA PHE A 84 -64.34 42.79 33.79
C PHE A 84 -64.79 42.95 35.25
N ASP A 85 -65.59 43.96 35.56
CA ASP A 85 -66.23 44.08 36.92
C ASP A 85 -66.91 42.76 37.25
N ARG A 86 -67.72 42.25 36.32
CA ARG A 86 -68.49 41.01 36.53
C ARG A 86 -67.53 39.88 36.91
N ALA A 87 -66.40 39.76 36.20
CA ALA A 87 -65.41 38.69 36.42
C ALA A 87 -64.70 38.89 37.76
N PHE A 88 -64.27 40.11 38.05
CA PHE A 88 -63.51 40.42 39.30
C PHE A 88 -64.41 40.14 40.51
N LYS A 89 -65.70 40.50 40.42
CA LYS A 89 -66.66 40.33 41.54
C LYS A 89 -66.91 38.84 41.77
N LEU A 90 -67.05 38.05 40.71
CA LEU A 90 -67.25 36.58 40.85
C LEU A 90 -65.98 35.93 41.38
N ALA A 91 -64.81 36.38 40.94
CA ALA A 91 -63.53 35.91 41.49
C ALA A 91 -63.54 36.19 43.01
N ASP A 92 -63.86 37.42 43.38
CA ASP A 92 -63.86 37.88 44.81
C ASP A 92 -64.81 37.00 45.62
N LYS A 93 -66.02 36.75 45.12
CA LYS A 93 -67.04 35.92 45.81
C LYS A 93 -66.48 34.54 46.13
N TYR A 94 -65.64 33.97 45.26
CA TYR A 94 -65.07 32.61 45.45
C TYR A 94 -63.65 32.70 46.03
N HIS A 95 -63.25 33.89 46.49
CA HIS A 95 -61.95 34.15 47.19
C HIS A 95 -60.79 33.84 46.24
N ILE A 96 -60.94 34.17 44.96
CA ILE A 96 -59.91 33.95 43.91
C ILE A 96 -59.22 35.29 43.67
N LYS A 97 -57.89 35.32 43.78
CA LYS A 97 -57.09 36.53 43.45
C LYS A 97 -56.81 36.55 41.95
N VAL A 98 -56.56 37.74 41.40
CA VAL A 98 -56.48 38.01 39.94
C VAL A 98 -55.10 38.58 39.60
N TYR A 99 -54.41 37.94 38.65
CA TYR A 99 -53.32 38.54 37.84
C TYR A 99 -53.99 39.23 36.66
N ALA A 100 -53.92 40.55 36.61
CA ALA A 100 -54.57 41.36 35.55
C ALA A 100 -53.52 41.74 34.52
N THR A 101 -53.69 41.30 33.27
CA THR A 101 -52.74 41.61 32.18
C THR A 101 -53.18 42.87 31.46
N LEU A 102 -52.30 43.85 31.42
CA LEU A 102 -52.50 45.07 30.59
C LEU A 102 -52.43 44.65 29.12
N PHE A 103 -53.54 44.77 28.43
CA PHE A 103 -53.71 44.31 27.04
C PHE A 103 -54.51 45.35 26.29
N PRO A 104 -53.85 46.43 25.80
CA PRO A 104 -54.58 47.49 25.12
C PRO A 104 -55.29 46.98 23.87
N ASP A 105 -56.18 47.82 23.35
CA ASP A 105 -56.97 47.55 22.14
C ASP A 105 -55.98 47.11 21.04
N THR A 106 -56.35 46.06 20.30
CA THR A 106 -55.59 45.52 19.15
C THR A 106 -56.57 44.69 18.34
N GLU A 107 -56.18 44.34 17.12
CA GLU A 107 -57.05 43.57 16.18
C GLU A 107 -57.47 42.29 16.88
N PHE A 108 -58.70 41.87 16.64
CA PHE A 108 -59.25 40.58 17.12
C PHE A 108 -58.29 39.42 16.77
N THR A 109 -57.63 39.49 15.60
CA THR A 109 -56.76 38.42 15.04
C THR A 109 -55.37 38.46 15.71
N ASP A 110 -55.03 39.53 16.43
CA ASP A 110 -53.74 39.63 17.17
C ASP A 110 -53.87 38.84 18.46
N VAL A 111 -53.49 37.56 18.44
CA VAL A 111 -53.74 36.62 19.57
C VAL A 111 -52.88 37.02 20.76
N GLY A 112 -51.58 37.25 20.55
CA GLY A 112 -50.58 37.42 21.65
C GLY A 112 -50.43 38.84 22.16
N GLY A 113 -50.84 39.83 21.36
CA GLY A 113 -50.73 41.27 21.65
C GLY A 113 -49.49 41.87 21.01
N PHE A 114 -49.56 43.15 20.64
CA PHE A 114 -48.40 43.92 20.12
C PHE A 114 -47.35 44.04 21.24
N LYS A 115 -46.09 44.08 20.83
CA LYS A 115 -44.93 44.01 21.76
C LYS A 115 -44.35 45.41 22.02
N PHE A 116 -44.68 46.38 21.18
CA PHE A 116 -44.22 47.78 21.26
C PHE A 116 -45.26 48.70 20.64
N PRO A 117 -45.30 49.99 21.00
CA PRO A 117 -46.21 50.93 20.35
C PRO A 117 -45.90 51.02 18.85
N HIS A 118 -46.94 51.17 18.03
CA HIS A 118 -46.86 51.30 16.55
C HIS A 118 -46.35 52.71 16.20
N SER A 119 -46.67 53.70 17.04
CA SER A 119 -46.49 55.15 16.78
C SER A 119 -46.58 55.94 18.10
N ARG A 120 -46.18 57.20 18.08
CA ARG A 120 -46.31 58.11 19.26
C ARG A 120 -47.79 58.19 19.62
N GLU A 121 -48.66 58.29 18.63
CA GLU A 121 -50.13 58.41 18.85
C GLU A 121 -50.61 57.14 19.57
N HIS A 122 -50.16 55.97 19.11
CA HIS A 122 -50.50 54.68 19.74
C HIS A 122 -50.00 54.68 21.19
N GLN A 123 -48.76 55.14 21.44
CA GLN A 123 -48.22 55.20 22.81
C GLN A 123 -49.18 55.97 23.74
N LYS A 124 -49.73 57.09 23.27
CA LYS A 124 -50.68 57.94 24.05
C LYS A 124 -51.96 57.15 24.32
N GLU A 125 -52.44 56.37 23.35
CA GLU A 125 -53.63 55.50 23.54
C GLU A 125 -53.34 54.50 24.65
N VAL A 126 -52.10 53.97 24.69
CA VAL A 126 -51.70 52.98 25.72
C VAL A 126 -51.68 53.69 27.08
N GLU A 127 -51.12 54.91 27.15
CA GLU A 127 -51.12 55.71 28.41
C GLU A 127 -52.54 55.84 28.95
N ASP A 128 -53.47 56.17 28.07
CA ASP A 128 -54.91 56.37 28.41
C ASP A 128 -55.50 55.04 28.90
N TYR A 129 -55.21 53.95 28.19
CA TYR A 129 -55.66 52.60 28.57
C TYR A 129 -55.19 52.29 30.00
N ILE A 130 -53.90 52.51 30.26
CA ILE A 130 -53.31 52.13 31.58
C ILE A 130 -53.96 52.99 32.67
N LYS A 131 -54.06 54.30 32.45
CA LYS A 131 -54.72 55.24 33.41
C LYS A 131 -56.08 54.67 33.81
N ASN A 132 -56.93 54.37 32.82
CA ASN A 132 -58.34 53.97 33.06
C ASN A 132 -58.34 52.62 33.78
N VAL A 133 -57.64 51.63 33.25
CA VAL A 133 -57.76 50.24 33.74
C VAL A 133 -57.12 50.13 35.14
N VAL A 134 -55.91 50.66 35.33
CA VAL A 134 -55.22 50.53 36.63
C VAL A 134 -55.99 51.32 37.71
N SER A 135 -56.40 52.56 37.40
CA SER A 135 -57.16 53.41 38.36
C SER A 135 -58.40 52.65 38.85
N HIS A 136 -59.12 52.00 37.94
CA HIS A 136 -60.37 51.27 38.27
C HIS A 136 -60.06 49.95 39.00
N PHE A 137 -59.27 49.04 38.43
CA PHE A 137 -59.20 47.65 38.95
C PHE A 137 -58.26 47.56 40.16
N SER A 138 -57.40 48.55 40.40
CA SER A 138 -56.53 48.62 41.62
C SER A 138 -57.39 48.63 42.88
N GLN A 139 -58.68 48.97 42.75
CA GLN A 139 -59.62 49.14 43.90
C GLN A 139 -60.16 47.79 44.36
N TYR A 140 -60.00 46.72 43.57
CA TYR A 140 -60.48 45.38 43.97
C TYR A 140 -59.50 44.78 44.96
N LYS A 141 -60.02 44.31 46.10
CA LYS A 141 -59.18 43.75 47.18
C LYS A 141 -58.61 42.39 46.74
N ASN A 142 -59.16 41.75 45.69
CA ASN A 142 -58.68 40.41 45.23
C ASN A 142 -57.69 40.56 44.05
N LEU A 143 -57.31 41.78 43.66
CA LEU A 143 -56.23 41.99 42.66
C LEU A 143 -54.88 41.63 43.31
N ALA A 144 -54.15 40.68 42.72
CA ALA A 144 -52.86 40.17 43.25
C ALA A 144 -51.69 40.80 42.49
N ALA A 145 -51.84 41.10 41.20
CA ALA A 145 -50.69 41.55 40.38
C ALA A 145 -51.13 42.17 39.06
N TRP A 146 -50.35 43.12 38.57
CA TRP A 146 -50.40 43.67 37.20
C TRP A 146 -49.38 42.91 36.34
N VAL A 147 -49.82 42.31 35.25
CA VAL A 147 -48.90 41.78 34.22
C VAL A 147 -48.71 42.89 33.19
N LEU A 148 -47.51 43.46 33.13
CA LEU A 148 -47.22 44.76 32.43
C LEU A 148 -47.54 44.63 30.94
N ILE A 149 -47.27 43.45 30.40
CA ILE A 149 -47.50 43.12 28.97
C ILE A 149 -47.55 41.60 28.87
N ASN A 150 -48.39 41.07 28.00
CA ASN A 150 -48.39 39.61 27.73
C ASN A 150 -47.19 39.31 26.84
N GLU A 151 -46.28 38.44 27.31
CA GLU A 151 -45.27 37.79 26.43
C GLU A 151 -44.44 38.85 25.72
N PRO A 152 -43.64 39.65 26.46
CA PRO A 152 -42.73 40.60 25.82
C PRO A 152 -41.81 39.83 24.87
N GLY A 153 -41.45 40.45 23.76
CA GLY A 153 -40.54 39.87 22.76
C GLY A 153 -41.27 39.12 21.66
N THR A 154 -40.68 39.10 20.48
CA THR A 154 -41.21 38.40 19.29
C THR A 154 -40.05 38.07 18.35
N PRO A 155 -40.13 36.96 17.59
CA PRO A 155 -39.17 36.71 16.49
C PRO A 155 -39.29 37.73 15.35
N ASN A 156 -40.44 38.38 15.17
CA ASN A 156 -40.69 39.36 14.07
C ASN A 156 -40.76 40.78 14.65
N LEU A 157 -39.63 41.40 14.95
CA LEU A 157 -39.62 42.73 15.62
C LEU A 157 -40.01 43.81 14.63
N PRO A 158 -40.86 44.78 15.01
CA PRO A 158 -41.44 45.72 14.04
C PRO A 158 -40.53 46.88 13.63
N PHE A 159 -39.40 46.59 12.97
CA PHE A 159 -38.45 47.62 12.48
C PHE A 159 -39.07 48.45 11.35
N ASN A 160 -40.11 47.94 10.71
CA ASN A 160 -40.88 48.60 9.61
C ASN A 160 -41.69 49.80 10.17
N GLU A 161 -42.18 49.72 11.41
CA GLU A 161 -43.09 50.71 12.04
C GLU A 161 -42.31 51.95 12.47
N PRO A 162 -42.93 53.16 12.41
CA PRO A 162 -42.19 54.41 12.66
C PRO A 162 -41.67 54.59 14.10
N PHE A 163 -42.43 54.16 15.11
CA PHE A 163 -42.01 54.29 16.54
C PHE A 163 -40.68 53.54 16.74
N THR A 164 -40.62 52.27 16.34
CA THR A 164 -39.42 51.41 16.50
C THR A 164 -38.29 51.98 15.62
N LYS A 165 -38.58 52.31 14.36
CA LYS A 165 -37.58 52.83 13.39
C LYS A 165 -36.89 54.05 14.02
N GLU A 166 -37.67 54.96 14.60
CA GLU A 166 -37.16 56.22 15.19
C GLU A 166 -36.35 55.92 16.46
N ARG A 167 -36.85 55.03 17.31
CA ARG A 167 -36.16 54.67 18.57
C ARG A 167 -34.78 54.09 18.22
N PHE A 168 -34.71 53.27 17.16
CA PHE A 168 -33.46 52.61 16.72
C PHE A 168 -32.48 53.68 16.22
N SER A 169 -32.95 54.59 15.36
CA SER A 169 -32.16 55.72 14.82
C SER A 169 -31.57 56.54 15.98
N ASP A 170 -32.39 56.93 16.97
CA ASP A 170 -31.97 57.68 18.18
C ASP A 170 -30.90 56.89 18.95
N TRP A 171 -31.16 55.60 19.19
CA TRP A 171 -30.24 54.73 19.95
C TRP A 171 -28.87 54.72 19.27
N LYS A 172 -28.84 54.56 17.94
CA LYS A 172 -27.58 54.53 17.15
C LYS A 172 -26.83 55.86 17.30
N LYS A 173 -27.53 56.99 17.20
CA LYS A 173 -26.93 58.34 17.37
C LYS A 173 -26.32 58.47 18.77
N GLU A 174 -26.93 57.87 19.81
CA GLU A 174 -26.46 58.01 21.21
C GLU A 174 -25.36 56.98 21.52
N HIS A 175 -25.01 56.10 20.59
CA HIS A 175 -23.90 55.12 20.76
C HIS A 175 -22.81 55.47 19.75
N ASN A 176 -21.54 55.30 20.15
CA ASN A 176 -20.38 55.61 19.30
C ASN A 176 -19.63 54.30 19.05
N PHE A 177 -19.89 53.69 17.90
CA PHE A 177 -19.26 52.43 17.46
C PHE A 177 -18.24 52.77 16.38
N SER A 178 -17.07 52.13 16.45
CA SER A 178 -16.04 52.15 15.37
C SER A 178 -16.18 50.87 14.53
N GLU A 179 -15.82 50.94 13.25
CA GLU A 179 -15.77 49.80 12.31
C GLU A 179 -14.55 48.91 12.59
N TYR A 180 -13.62 49.33 13.45
CA TYR A 180 -12.36 48.60 13.77
C TYR A 180 -12.20 48.51 15.30
N ASN A 181 -11.60 47.42 15.79
CA ASN A 181 -11.31 47.24 17.23
C ASN A 181 -9.98 47.95 17.51
N GLU A 182 -9.55 47.95 18.77
CA GLU A 182 -8.33 48.66 19.24
C GLU A 182 -7.11 48.18 18.45
N LYS A 183 -7.01 46.87 18.19
CA LYS A 183 -5.87 46.28 17.44
C LYS A 183 -5.94 46.65 15.96
N GLY A 184 -7.09 47.09 15.44
CA GLY A 184 -7.24 47.58 14.06
C GLY A 184 -8.09 46.67 13.18
N TYR A 185 -8.53 45.51 13.71
CA TYR A 185 -9.29 44.50 12.94
C TYR A 185 -10.71 44.99 12.71
N PRO A 186 -11.32 44.66 11.55
CA PRO A 186 -12.74 44.90 11.33
C PRO A 186 -13.59 44.22 12.40
N VAL A 187 -14.75 44.81 12.71
CA VAL A 187 -15.70 44.33 13.74
C VAL A 187 -17.13 44.40 13.21
N LEU A 188 -18.02 43.56 13.74
CA LEU A 188 -19.49 43.78 13.73
C LEU A 188 -19.84 44.37 15.09
N ASN A 189 -20.81 45.29 15.17
CA ASN A 189 -21.18 45.93 16.46
C ASN A 189 -22.54 45.44 16.98
N PHE A 190 -23.32 44.71 16.18
CA PHE A 190 -24.62 44.13 16.62
C PHE A 190 -25.51 45.24 17.20
N GLU A 191 -25.59 46.34 16.45
CA GLU A 191 -26.38 47.52 16.87
C GLU A 191 -27.83 47.11 17.07
N LYS A 192 -28.42 46.42 16.10
CA LYS A 192 -29.83 45.94 16.16
C LYS A 192 -30.03 45.18 17.48
N GLU A 193 -29.17 44.21 17.78
CA GLU A 193 -29.38 43.28 18.91
C GLU A 193 -29.25 44.04 20.24
N ASN A 194 -28.27 44.91 20.34
CA ASN A 194 -28.04 45.70 21.57
C ASN A 194 -29.18 46.71 21.74
N PHE A 195 -29.65 47.31 20.64
CA PHE A 195 -30.84 48.19 20.67
C PHE A 195 -32.05 47.40 21.21
N ILE A 196 -32.26 46.18 20.71
CA ILE A 196 -33.47 45.38 21.06
C ILE A 196 -33.46 45.10 22.56
N ILE A 197 -32.31 44.80 23.15
CA ILE A 197 -32.20 44.61 24.63
C ILE A 197 -32.69 45.88 25.31
N ASP A 198 -32.12 47.02 24.93
CA ASP A 198 -32.40 48.34 25.58
C ASP A 198 -33.85 48.73 25.31
N TYR A 199 -34.41 48.35 24.18
CA TYR A 199 -35.79 48.71 23.76
C TYR A 199 -36.79 47.95 24.64
N HIS A 200 -36.58 46.65 24.85
CA HIS A 200 -37.39 45.84 25.78
C HIS A 200 -37.27 46.44 27.18
N ASN A 201 -36.06 46.71 27.63
CA ASN A 201 -35.80 47.32 28.97
C ASN A 201 -36.64 48.59 29.05
N TRP A 202 -36.56 49.44 28.02
CA TRP A 202 -37.23 50.77 28.01
C TRP A 202 -38.75 50.58 28.09
N TYR A 203 -39.34 49.76 27.23
CA TYR A 203 -40.82 49.68 27.13
C TYR A 203 -41.39 49.09 28.40
N LEU A 204 -40.80 48.01 28.91
CA LEU A 204 -41.31 47.33 30.12
C LEU A 204 -41.17 48.29 31.32
N ASN A 205 -40.03 48.98 31.43
CA ASN A 205 -39.78 49.96 32.51
C ASN A 205 -40.83 51.07 32.38
N TRP A 206 -41.13 51.50 31.16
CA TRP A 206 -42.13 52.57 30.88
C TRP A 206 -43.53 52.08 31.29
N LEU A 207 -43.88 50.85 30.96
CA LEU A 207 -45.18 50.27 31.38
C LEU A 207 -45.24 50.23 32.92
N ALA A 208 -44.16 49.81 33.58
CA ALA A 208 -44.10 49.75 35.06
C ALA A 208 -44.33 51.15 35.63
N ASN A 209 -43.67 52.16 35.07
CA ASN A 209 -43.78 53.59 35.51
C ASN A 209 -45.23 54.04 35.32
N GLN A 210 -45.85 53.71 34.19
CA GLN A 210 -47.26 54.08 33.91
C GLN A 210 -48.17 53.47 34.99
N VAL A 211 -48.06 52.17 35.27
CA VAL A 211 -48.87 51.51 36.31
C VAL A 211 -48.65 52.22 37.65
N ARG A 212 -47.39 52.52 37.99
CA ARG A 212 -46.99 53.09 39.30
C ARG A 212 -47.53 54.52 39.43
N LEU A 213 -47.87 55.23 38.35
CA LEU A 213 -48.58 56.53 38.44
C LEU A 213 -49.89 56.34 39.22
N TYR A 214 -50.55 55.18 39.11
CA TYR A 214 -51.93 55.00 39.60
C TYR A 214 -52.01 53.90 40.65
N ASP A 215 -51.00 53.05 40.80
CA ASP A 215 -51.07 51.93 41.77
C ASP A 215 -49.65 51.60 42.22
N LYS A 216 -49.33 51.91 43.48
CA LYS A 216 -47.99 51.64 44.07
C LYS A 216 -48.11 50.43 44.98
N GLN A 217 -49.28 49.80 45.03
CA GLN A 217 -49.61 48.77 46.04
C GLN A 217 -49.38 47.36 45.47
N HIS A 218 -49.72 47.12 44.20
CA HIS A 218 -49.79 45.73 43.68
C HIS A 218 -48.49 45.33 43.00
N ASP A 219 -48.16 44.05 43.13
CA ASP A 219 -46.99 43.42 42.46
C ASP A 219 -47.03 43.72 40.95
N LEU A 220 -45.86 44.00 40.38
CA LEU A 220 -45.67 44.08 38.90
C LEU A 220 -44.98 42.80 38.44
N HIS A 221 -45.51 42.22 37.37
CA HIS A 221 -45.15 40.88 36.84
C HIS A 221 -45.05 40.95 35.32
N VAL A 222 -44.25 40.07 34.73
CA VAL A 222 -44.21 39.93 33.25
C VAL A 222 -43.80 38.48 32.91
N ASN A 223 -44.27 37.97 31.76
CA ASN A 223 -44.06 36.56 31.35
C ASN A 223 -43.26 36.52 30.05
N PRO A 224 -41.92 36.55 30.10
CA PRO A 224 -41.11 36.22 28.92
C PRO A 224 -41.47 34.81 28.45
N HIS A 225 -41.27 34.54 27.17
CA HIS A 225 -41.82 33.32 26.52
C HIS A 225 -40.84 32.78 25.49
N ASN A 226 -41.01 31.52 25.11
CA ASN A 226 -40.20 30.91 24.03
C ASN A 226 -38.72 31.14 24.36
N VAL A 227 -38.34 30.93 25.62
CA VAL A 227 -37.06 31.43 26.19
C VAL A 227 -35.86 30.76 25.51
N PHE A 228 -35.98 29.54 24.97
CA PHE A 228 -34.84 28.90 24.29
C PHE A 228 -34.57 29.58 22.95
N LYS A 229 -35.49 30.41 22.46
CA LYS A 229 -35.28 31.18 21.20
C LYS A 229 -35.12 32.67 21.48
N LEU A 230 -35.87 33.23 22.45
CA LEU A 230 -36.01 34.71 22.62
C LEU A 230 -35.14 35.22 23.78
N SER A 231 -34.37 34.36 24.45
CA SER A 231 -33.52 34.79 25.61
C SER A 231 -32.57 35.92 25.21
N GLY A 232 -32.19 36.02 23.93
CA GLY A 232 -31.30 37.07 23.42
C GLY A 232 -31.95 38.45 23.36
N LEU A 233 -33.25 38.54 23.65
CA LEU A 233 -34.05 39.78 23.70
C LEU A 233 -34.12 40.29 25.15
N TYR A 234 -33.81 39.43 26.12
CA TYR A 234 -34.22 39.59 27.53
C TYR A 234 -33.00 39.90 28.43
N ASP A 235 -33.02 41.09 29.05
CA ASP A 235 -32.03 41.53 30.07
C ASP A 235 -32.70 41.43 31.45
N PHE A 236 -32.76 40.24 32.01
CA PHE A 236 -33.52 39.97 33.26
C PHE A 236 -32.95 40.80 34.41
N PRO A 237 -31.61 40.90 34.59
CA PRO A 237 -31.06 41.74 35.65
C PRO A 237 -31.64 43.16 35.64
N THR A 238 -31.76 43.78 34.48
CA THR A 238 -32.39 45.13 34.39
C THR A 238 -33.88 45.04 34.75
N TRP A 239 -34.60 44.00 34.30
CA TRP A 239 -36.06 43.92 34.54
C TRP A 239 -36.34 43.85 36.06
N ARG A 240 -35.44 43.24 36.83
CA ARG A 240 -35.55 43.13 38.29
C ARG A 240 -35.79 44.52 38.91
N THR A 241 -35.24 45.58 38.32
CA THR A 241 -35.29 46.94 38.91
C THR A 241 -36.73 47.47 38.90
N PHE A 242 -37.65 46.93 38.11
CA PHE A 242 -39.04 47.46 38.04
C PHE A 242 -40.09 46.36 38.25
N LEU A 243 -39.68 45.12 38.52
CA LEU A 243 -40.63 44.01 38.77
C LEU A 243 -40.67 43.67 40.26
N ASN A 244 -41.76 43.06 40.72
CA ASN A 244 -41.84 42.41 42.04
C ASN A 244 -41.71 40.90 41.89
N SER A 245 -42.04 40.37 40.72
CA SER A 245 -41.87 38.93 40.41
C SER A 245 -41.59 38.79 38.91
N LEU A 246 -40.82 37.76 38.55
CA LEU A 246 -40.62 37.39 37.14
C LEU A 246 -41.52 36.19 36.84
N GLY A 247 -42.11 36.20 35.65
CA GLY A 247 -43.00 35.13 35.18
C GLY A 247 -42.44 34.42 33.98
N GLY A 248 -43.30 33.79 33.22
CA GLY A 248 -42.91 33.00 32.05
C GLY A 248 -44.11 32.27 31.48
N SER A 249 -44.15 32.17 30.16
CA SER A 249 -44.94 31.18 29.42
C SER A 249 -44.00 30.02 29.07
N ALA A 250 -44.37 28.82 29.46
CA ALA A 250 -43.64 27.57 29.19
C ALA A 250 -44.64 26.55 28.65
N HIS A 251 -44.94 26.65 27.36
CA HIS A 251 -46.00 25.84 26.69
C HIS A 251 -45.37 24.68 25.90
N ALA A 252 -45.77 23.46 26.25
CA ALA A 252 -45.27 22.23 25.59
C ALA A 252 -45.47 22.32 24.07
N SER A 253 -46.52 22.99 23.58
CA SER A 253 -46.83 23.06 22.14
C SER A 253 -46.12 24.22 21.41
N TRP A 254 -45.54 25.19 22.12
CA TRP A 254 -44.90 26.37 21.47
C TRP A 254 -43.38 26.40 21.70
N HIS A 255 -42.90 26.07 22.89
CA HIS A 255 -41.55 26.50 23.35
C HIS A 255 -40.55 25.36 23.45
N PHE A 256 -40.96 24.12 23.28
CA PHE A 256 -40.16 22.91 23.62
C PHE A 256 -39.79 22.14 22.35
N GLY A 257 -39.82 22.81 21.19
CA GLY A 257 -39.49 22.22 19.88
C GLY A 257 -38.10 21.59 19.84
N TYR A 258 -37.17 22.04 20.68
CA TYR A 258 -35.80 21.47 20.73
C TYR A 258 -35.81 20.10 21.42
N PHE A 259 -36.94 19.65 21.94
CA PHE A 259 -37.02 18.39 22.71
C PHE A 259 -38.11 17.50 22.17
N PRO A 260 -37.96 16.16 22.31
CA PRO A 260 -39.10 15.26 22.15
C PRO A 260 -40.00 15.40 23.39
N ARG A 261 -41.25 14.99 23.24
CA ARG A 261 -42.28 15.11 24.30
C ARG A 261 -41.80 14.38 25.57
N LYS A 262 -41.12 13.24 25.44
CA LYS A 262 -40.70 12.44 26.62
C LYS A 262 -39.64 13.21 27.42
N ALA A 263 -39.05 14.26 26.87
CA ALA A 263 -38.07 15.12 27.59
C ALA A 263 -38.65 16.51 27.88
N TYR A 264 -39.98 16.69 27.83
CA TYR A 264 -40.60 17.98 28.24
C TYR A 264 -40.38 18.21 29.74
N THR A 265 -40.06 17.15 30.49
CA THR A 265 -39.60 17.25 31.90
C THR A 265 -38.34 18.10 31.95
N VAL A 266 -37.36 17.75 31.13
CA VAL A 266 -36.05 18.45 31.05
C VAL A 266 -36.29 19.87 30.52
N ALA A 267 -37.14 20.02 29.49
CA ALA A 267 -37.46 21.33 28.90
C ALA A 267 -38.06 22.23 29.99
N MET A 268 -39.03 21.72 30.74
CA MET A 268 -39.70 22.50 31.80
C MET A 268 -38.68 22.84 32.90
N SER A 269 -37.84 21.88 33.29
CA SER A 269 -36.82 22.09 34.34
C SER A 269 -35.86 23.22 33.89
N ALA A 270 -35.40 23.17 32.65
CA ALA A 270 -34.47 24.18 32.09
C ALA A 270 -35.18 25.54 32.00
N ASN A 271 -36.44 25.55 31.57
CA ASN A 271 -37.21 26.80 31.42
C ASN A 271 -37.39 27.43 32.82
N ALA A 272 -37.69 26.59 33.81
CA ALA A 272 -37.83 27.03 35.23
C ALA A 272 -36.47 27.57 35.73
N GLU A 273 -35.37 26.88 35.44
CA GLU A 273 -34.03 27.30 35.88
C GLU A 273 -33.69 28.64 35.23
N LEU A 274 -34.03 28.81 33.96
CA LEU A 274 -33.68 30.03 33.17
C LEU A 274 -34.42 31.22 33.80
N ILE A 275 -35.70 31.07 34.10
CA ILE A 275 -36.51 32.14 34.73
C ILE A 275 -36.00 32.39 36.15
N ARG A 276 -35.74 31.33 36.91
CA ARG A 276 -35.22 31.43 38.30
C ARG A 276 -33.94 32.28 38.29
N SER A 277 -33.02 32.02 37.36
CA SER A 277 -31.77 32.79 37.20
C SER A 277 -32.10 34.25 36.88
N GLY A 278 -33.03 34.49 35.96
CA GLY A 278 -33.44 35.85 35.57
C GLY A 278 -34.00 36.60 36.75
N ALA A 279 -34.69 35.90 37.63
CA ALA A 279 -35.41 36.50 38.78
C ALA A 279 -34.39 37.03 39.80
N GLY A 280 -33.23 36.37 39.95
CA GLY A 280 -32.23 36.75 40.95
C GLY A 280 -32.86 36.73 42.35
N GLU A 281 -32.92 37.87 43.02
CA GLU A 281 -33.47 37.97 44.41
C GLU A 281 -35.01 38.05 44.37
N LEU A 282 -35.62 38.31 43.21
CA LEU A 282 -37.10 38.37 43.10
C LEU A 282 -37.66 36.95 43.11
N PRO A 283 -38.87 36.76 43.66
CA PRO A 283 -39.57 35.48 43.47
C PRO A 283 -39.99 35.37 42.00
N TRP A 284 -40.22 34.13 41.57
CA TRP A 284 -40.73 33.87 40.20
C TRP A 284 -41.88 32.86 40.28
N LEU A 285 -42.69 32.84 39.24
CA LEU A 285 -43.75 31.82 39.06
C LEU A 285 -43.98 31.64 37.56
N MET A 286 -44.56 30.50 37.16
CA MET A 286 -44.85 30.25 35.74
C MET A 286 -46.26 30.77 35.43
N THR A 287 -46.32 31.92 34.76
CA THR A 287 -47.56 32.65 34.40
C THR A 287 -48.43 31.83 33.43
N GLU A 288 -47.83 31.03 32.55
CA GLU A 288 -48.58 30.16 31.61
C GLU A 288 -47.93 28.79 31.50
N LEU A 289 -48.73 27.76 31.74
CA LEU A 289 -48.49 26.34 31.43
C LEU A 289 -49.62 25.86 30.54
N GLN A 290 -49.39 24.86 29.69
CA GLN A 290 -50.44 24.40 28.76
C GLN A 290 -51.50 23.61 29.53
N GLY A 291 -52.75 24.06 29.52
CA GLY A 291 -53.84 23.47 30.31
C GLY A 291 -54.70 22.51 29.50
N GLY A 292 -54.51 22.42 28.18
CA GLY A 292 -55.46 21.71 27.32
C GLY A 292 -54.99 21.56 25.88
N ASN A 293 -55.95 21.23 25.03
CA ASN A 293 -55.75 20.61 23.71
C ASN A 293 -55.41 21.66 22.65
N ASN A 294 -54.48 21.32 21.75
CA ASN A 294 -54.30 22.01 20.46
C ASN A 294 -55.18 21.34 19.40
N LEU A 295 -56.09 22.10 18.82
CA LEU A 295 -56.85 21.67 17.64
C LEU A 295 -56.09 22.13 16.40
N TYR A 296 -56.14 23.42 16.08
CA TYR A 296 -55.37 24.04 14.96
C TYR A 296 -54.14 24.81 15.47
N SER A 297 -54.05 25.14 16.77
CA SER A 297 -52.96 25.99 17.30
C SER A 297 -51.73 25.17 17.66
N GLY A 298 -50.64 25.86 17.94
CA GLY A 298 -49.38 25.27 18.45
C GLY A 298 -48.48 24.83 17.31
N ALA A 299 -47.18 24.76 17.57
CA ALA A 299 -46.16 24.27 16.63
C ALA A 299 -46.01 22.74 16.80
N ASN A 300 -46.03 22.26 18.05
CA ASN A 300 -45.87 20.84 18.41
C ASN A 300 -47.11 20.44 19.17
N PRO A 301 -48.26 20.24 18.48
CA PRO A 301 -49.53 20.16 19.16
C PRO A 301 -49.65 18.91 20.03
N LEU A 302 -50.34 19.05 21.16
CA LEU A 302 -50.67 17.91 22.04
C LEU A 302 -51.86 18.32 22.91
N CYS A 303 -52.36 17.35 23.64
CA CYS A 303 -53.18 17.59 24.83
C CYS A 303 -52.40 17.01 26.01
N PRO A 304 -51.95 17.84 26.97
CA PRO A 304 -51.23 17.33 28.14
C PRO A 304 -51.98 16.17 28.77
N THR A 305 -51.25 15.17 29.22
CA THR A 305 -51.80 14.09 30.07
C THR A 305 -51.93 14.63 31.49
N ALA A 306 -52.82 14.01 32.28
CA ALA A 306 -52.88 14.21 33.75
C ALA A 306 -51.47 14.10 34.32
N GLU A 307 -50.69 13.12 33.84
CA GLU A 307 -49.31 12.87 34.37
C GLU A 307 -48.41 14.06 34.08
N GLU A 308 -48.51 14.65 32.88
CA GLU A 308 -47.68 15.82 32.48
C GLU A 308 -48.02 17.03 33.35
N ILE A 309 -49.30 17.23 33.65
CA ILE A 309 -49.75 18.37 34.50
C ILE A 309 -49.03 18.27 35.86
N ILE A 310 -48.99 17.08 36.44
CA ILE A 310 -48.39 16.83 37.77
C ILE A 310 -46.87 17.05 37.68
N GLN A 311 -46.26 16.51 36.62
CA GLN A 311 -44.81 16.63 36.36
C GLN A 311 -44.45 18.12 36.30
N TRP A 312 -45.21 18.92 35.55
CA TRP A 312 -44.85 20.33 35.32
C TRP A 312 -44.97 21.13 36.62
N LEU A 313 -46.07 20.96 37.36
CA LEU A 313 -46.27 21.71 38.63
C LEU A 313 -45.13 21.38 39.60
N TRP A 314 -44.79 20.11 39.78
CA TRP A 314 -43.73 19.73 40.75
C TRP A 314 -42.37 20.25 40.29
N ILE A 315 -42.06 20.13 39.00
CA ILE A 315 -40.76 20.62 38.46
C ILE A 315 -40.64 22.10 38.79
N ASN A 316 -41.71 22.87 38.55
CA ASN A 316 -41.67 24.34 38.77
C ASN A 316 -41.50 24.63 40.28
N PHE A 317 -42.30 23.99 41.13
CA PHE A 317 -42.24 24.24 42.61
C PHE A 317 -40.85 23.83 43.14
N ALA A 318 -40.27 22.73 42.63
CA ALA A 318 -38.95 22.23 43.06
C ALA A 318 -37.87 23.23 42.61
N THR A 319 -38.19 24.10 41.66
CA THR A 319 -37.28 25.11 41.08
C THR A 319 -37.70 26.50 41.59
N GLU A 320 -38.43 26.54 42.72
CA GLU A 320 -38.70 27.76 43.56
C GLU A 320 -39.89 28.57 43.02
N ALA A 321 -40.64 28.06 42.03
CA ALA A 321 -41.83 28.75 41.50
C ALA A 321 -42.79 29.01 42.66
N LYS A 322 -43.36 30.21 42.71
CA LYS A 322 -44.37 30.59 43.73
C LYS A 322 -45.78 30.41 43.15
N GLY A 323 -45.85 29.85 41.93
CA GLY A 323 -47.15 29.62 41.30
C GLY A 323 -46.99 28.90 39.97
N GLY A 324 -48.03 28.19 39.57
CA GLY A 324 -48.23 27.65 38.22
C GLY A 324 -49.63 28.02 37.77
N ILE A 325 -49.72 28.89 36.77
CA ILE A 325 -51.01 29.29 36.16
C ILE A 325 -51.14 28.62 34.79
N PHE A 326 -52.24 27.90 34.58
CA PHE A 326 -52.53 27.22 33.30
C PHE A 326 -53.26 28.15 32.34
N TRP A 327 -52.74 28.26 31.12
CA TRP A 327 -53.50 28.75 29.95
C TRP A 327 -54.18 27.52 29.33
N SER A 328 -55.50 27.33 29.52
CA SER A 328 -56.45 28.25 30.13
C SER A 328 -57.50 27.44 30.91
N PHE A 329 -58.22 28.06 31.83
CA PHE A 329 -59.30 27.35 32.55
C PHE A 329 -60.41 27.00 31.55
N ASN A 330 -60.95 28.06 30.92
CA ASN A 330 -62.01 27.99 29.88
C ASN A 330 -61.40 28.45 28.55
N ALA A 331 -62.09 28.24 27.43
CA ALA A 331 -61.55 28.51 26.08
C ALA A 331 -62.15 29.79 25.51
N ARG A 332 -61.42 30.38 24.57
CA ARG A 332 -61.93 31.34 23.59
C ARG A 332 -63.06 30.65 22.83
N SER A 333 -64.00 31.41 22.28
CA SER A 333 -65.15 30.84 21.54
C SER A 333 -65.02 31.04 20.03
N THR A 334 -64.22 31.98 19.54
CA THR A 334 -64.23 32.37 18.11
C THR A 334 -62.83 32.35 17.50
N ALA A 335 -62.71 31.74 16.32
CA ALA A 335 -61.50 31.78 15.46
C ALA A 335 -60.32 31.20 16.24
N ALA A 336 -59.19 31.91 16.29
CA ALA A 336 -57.92 31.38 16.84
C ALA A 336 -58.15 30.83 18.24
N GLU A 337 -57.85 29.55 18.43
CA GLU A 337 -57.85 28.81 19.72
C GLU A 337 -59.25 28.68 20.28
N ALA A 338 -60.30 28.77 19.43
CA ALA A 338 -61.69 28.52 19.86
C ALA A 338 -61.81 27.07 20.36
N GLY A 339 -62.16 26.89 21.64
CA GLY A 339 -62.34 25.57 22.26
C GLY A 339 -61.03 24.83 22.43
N GLU A 340 -59.91 25.56 22.40
CA GLU A 340 -58.56 25.00 22.59
C GLU A 340 -58.00 25.47 23.94
N TRP A 341 -57.04 24.70 24.48
CA TRP A 341 -56.18 25.04 25.64
C TRP A 341 -56.89 24.82 26.99
N ALA A 342 -58.19 24.54 27.01
CA ALA A 342 -59.01 24.63 28.25
C ALA A 342 -58.81 23.39 29.13
N MET A 343 -58.72 23.63 30.44
CA MET A 343 -58.64 22.58 31.50
C MET A 343 -60.03 21.98 31.72
N ILE A 344 -61.08 22.77 31.52
CA ILE A 344 -62.49 22.25 31.60
C ILE A 344 -62.87 21.71 30.23
N ASN A 345 -63.80 20.76 30.21
CA ASN A 345 -64.36 20.15 29.00
C ASN A 345 -65.51 21.06 28.50
N PHE A 346 -66.17 20.69 27.42
CA PHE A 346 -67.20 21.53 26.76
C PHE A 346 -68.50 21.53 27.60
N LYS A 347 -68.63 20.67 28.60
CA LYS A 347 -69.71 20.73 29.60
C LYS A 347 -69.28 21.60 30.81
N ASN A 348 -68.11 22.25 30.77
CA ASN A 348 -67.61 23.11 31.86
C ASN A 348 -67.33 22.27 33.11
N LYS A 349 -67.03 20.98 32.96
CA LYS A 349 -66.60 20.09 34.08
C LYS A 349 -65.10 19.80 33.94
N SER A 350 -64.53 19.18 34.96
CA SER A 350 -63.07 18.89 35.07
C SER A 350 -62.67 17.86 34.03
N SER A 351 -61.66 18.17 33.22
CA SER A 351 -60.86 17.15 32.48
C SER A 351 -59.97 16.44 33.51
N ASP A 352 -59.27 15.40 33.08
CA ASP A 352 -58.30 14.67 33.95
C ASP A 352 -57.15 15.63 34.29
N ARG A 353 -56.95 16.69 33.51
CA ARG A 353 -55.89 17.70 33.73
C ARG A 353 -56.25 18.57 34.93
N LEU A 354 -57.51 19.00 35.03
CA LEU A 354 -57.96 19.82 36.18
C LEU A 354 -57.99 18.95 37.45
N ILE A 355 -58.47 17.71 37.34
CA ILE A 355 -58.45 16.74 38.49
C ILE A 355 -57.00 16.61 38.97
N ALA A 356 -56.05 16.43 38.05
CA ALA A 356 -54.60 16.30 38.40
C ALA A 356 -54.10 17.57 39.09
N ALA A 357 -54.33 18.75 38.50
CA ALA A 357 -53.87 20.04 39.06
C ALA A 357 -54.45 20.21 40.47
N ALA A 358 -55.71 19.82 40.67
CA ALA A 358 -56.41 19.92 41.97
C ALA A 358 -55.67 19.11 43.04
N THR A 359 -55.09 17.95 42.72
CA THR A 359 -54.34 17.13 43.71
C THR A 359 -53.13 17.94 44.20
N ILE A 360 -52.54 18.77 43.36
CA ILE A 360 -51.31 19.53 43.73
C ILE A 360 -51.72 20.72 44.59
N GLY A 361 -52.80 21.41 44.23
CA GLY A 361 -53.38 22.46 45.09
C GLY A 361 -53.70 21.90 46.46
N LYS A 362 -54.31 20.71 46.52
CA LYS A 362 -54.68 20.04 47.79
C LYS A 362 -53.39 19.75 48.58
N PHE A 363 -52.37 19.18 47.94
CA PHE A 363 -51.08 18.87 48.58
C PHE A 363 -50.51 20.14 49.24
N ILE A 364 -50.56 21.27 48.54
CA ILE A 364 -50.02 22.55 49.07
C ILE A 364 -50.78 22.91 50.35
N THR A 365 -52.12 22.87 50.34
CA THR A 365 -52.97 23.25 51.49
C THR A 365 -52.65 22.34 52.69
N GLU A 366 -52.28 21.08 52.45
CA GLU A 366 -51.97 20.09 53.52
C GLU A 366 -50.49 20.15 53.93
N ASN A 367 -49.64 20.91 53.22
CA ASN A 367 -48.18 20.95 53.48
C ASN A 367 -47.68 22.39 53.32
N VAL A 368 -48.36 23.35 53.93
CA VAL A 368 -48.12 24.81 53.69
C VAL A 368 -46.68 25.17 54.06
N LYS A 369 -46.22 24.73 55.23
CA LYS A 369 -44.90 25.18 55.77
C LYS A 369 -43.79 24.67 54.84
N MET A 370 -43.83 23.40 54.46
CA MET A 370 -42.87 22.81 53.48
C MET A 370 -42.95 23.61 52.17
N MET A 371 -44.14 23.72 51.59
CA MET A 371 -44.28 24.22 50.21
C MET A 371 -43.98 25.73 50.12
N SER A 372 -44.05 26.47 51.23
CA SER A 372 -43.85 27.94 51.25
C SER A 372 -42.37 28.31 51.31
N ASN A 373 -41.47 27.37 51.61
CA ASN A 373 -40.07 27.71 51.98
C ASN A 373 -39.08 26.92 51.11
N ILE A 374 -39.49 26.51 49.92
CA ILE A 374 -38.65 25.71 48.99
C ILE A 374 -37.46 26.58 48.55
N LYS A 375 -36.26 26.02 48.70
CA LYS A 375 -35.01 26.53 48.08
C LYS A 375 -34.46 25.36 47.27
N THR A 376 -34.19 25.58 45.98
CA THR A 376 -33.57 24.54 45.13
C THR A 376 -32.24 24.19 45.77
N LEU A 377 -31.91 22.91 45.84
CA LEU A 377 -30.57 22.46 46.27
C LEU A 377 -29.62 22.66 45.09
N ASN A 378 -28.89 23.77 45.08
CA ASN A 378 -27.88 24.08 44.04
C ASN A 378 -26.74 23.07 44.18
N SER A 379 -26.53 22.26 43.15
CA SER A 379 -25.38 21.34 43.07
C SER A 379 -24.06 22.14 43.13
N GLY A 380 -24.09 23.40 42.70
CA GLY A 380 -22.88 24.20 42.37
C GLY A 380 -22.50 24.12 40.88
N ILE A 381 -23.27 23.39 40.07
CA ILE A 381 -23.11 23.37 38.59
C ILE A 381 -23.99 24.47 38.00
N SER A 382 -23.38 25.38 37.25
CA SER A 382 -24.09 26.42 36.46
C SER A 382 -23.77 26.24 34.97
N ILE A 383 -24.80 25.99 34.17
CA ILE A 383 -24.70 25.98 32.69
C ILE A 383 -25.01 27.40 32.23
N LEU A 384 -24.05 28.07 31.62
CA LEU A 384 -24.17 29.51 31.25
C LEU A 384 -24.40 29.63 29.75
N TYR A 385 -25.32 30.52 29.37
CA TYR A 385 -25.52 30.95 27.96
C TYR A 385 -25.29 32.45 27.95
N ASN A 386 -25.00 33.04 26.81
CA ASN A 386 -24.96 34.53 26.72
C ASN A 386 -25.70 35.00 25.47
N HIS A 387 -26.25 36.19 25.56
CA HIS A 387 -26.92 36.89 24.44
C HIS A 387 -26.01 36.82 23.21
N GLU A 388 -24.72 37.08 23.41
CA GLU A 388 -23.77 37.37 22.32
C GLU A 388 -23.50 36.12 21.50
N SER A 389 -23.44 34.93 22.12
CA SER A 389 -23.24 33.67 21.37
C SER A 389 -24.44 33.48 20.41
N MET A 390 -25.64 33.77 20.89
CA MET A 390 -26.86 33.67 20.07
C MET A 390 -26.80 34.69 18.92
N TRP A 391 -26.36 35.91 19.22
CA TRP A 391 -26.31 36.99 18.18
C TRP A 391 -25.26 36.65 17.12
N VAL A 392 -24.09 36.21 17.56
CA VAL A 392 -22.99 35.87 16.62
C VAL A 392 -23.44 34.66 15.80
N GLU A 393 -24.08 33.68 16.42
CA GLU A 393 -24.60 32.50 15.69
C GLU A 393 -25.56 32.97 14.59
N ALA A 394 -26.48 33.87 14.89
CA ALA A 394 -27.49 34.38 13.92
C ALA A 394 -26.78 35.05 12.74
N ALA A 395 -25.68 35.76 12.97
CA ALA A 395 -24.90 36.40 11.87
C ALA A 395 -24.18 35.32 11.05
N GLN A 396 -23.57 34.32 11.69
CA GLN A 396 -22.70 33.34 11.00
C GLN A 396 -23.54 32.30 10.25
N THR A 397 -24.70 31.92 10.76
CA THR A 397 -25.56 30.88 10.11
C THR A 397 -26.49 31.53 9.11
N ARG A 398 -26.54 32.86 9.08
CA ARG A 398 -27.39 33.67 8.15
C ARG A 398 -28.85 33.21 8.26
N GLY A 399 -29.29 32.86 9.48
CA GLY A 399 -30.68 32.47 9.80
C GLY A 399 -31.08 31.09 9.29
N LYS A 400 -30.13 30.23 8.86
CA LYS A 400 -30.42 28.82 8.43
C LYS A 400 -31.10 28.02 9.56
N LEU A 401 -32.07 27.18 9.23
CA LEU A 401 -32.95 26.46 10.18
C LEU A 401 -32.92 24.96 9.86
N ASN A 402 -31.72 24.41 9.66
CA ASN A 402 -31.46 23.00 9.25
C ASN A 402 -31.22 22.11 10.49
N GLY A 403 -31.54 22.61 11.69
CA GLY A 403 -31.39 21.94 13.00
C GLY A 403 -30.02 21.28 13.23
N ASN A 404 -28.89 21.90 12.81
CA ASN A 404 -27.51 21.42 13.12
C ASN A 404 -26.68 22.57 13.75
N GLY A 405 -25.39 22.35 13.95
CA GLY A 405 -24.45 23.39 14.41
C GLY A 405 -24.42 24.61 13.51
N ARG A 406 -24.73 24.42 12.22
CA ARG A 406 -24.68 25.49 11.19
C ARG A 406 -26.06 26.16 11.05
N SER A 407 -26.90 26.07 12.08
CA SER A 407 -28.28 26.61 12.11
C SER A 407 -28.50 27.39 13.42
N ILE A 408 -29.48 28.26 13.41
CA ILE A 408 -30.00 28.97 14.62
C ILE A 408 -30.37 27.91 15.63
N GLY A 409 -29.91 28.04 16.87
CA GLY A 409 -30.39 27.18 17.97
C GLY A 409 -29.31 26.30 18.56
N ALA A 410 -28.19 26.08 17.86
CA ALA A 410 -27.11 25.20 18.35
C ALA A 410 -26.56 25.74 19.68
N VAL A 411 -26.45 27.07 19.82
CA VAL A 411 -25.88 27.71 21.03
C VAL A 411 -26.79 27.48 22.24
N MET A 412 -28.09 27.19 22.04
CA MET A 412 -28.98 26.88 23.17
C MET A 412 -29.16 25.36 23.29
N CYS A 413 -29.22 24.62 22.17
CA CYS A 413 -29.39 23.15 22.23
C CYS A 413 -28.19 22.50 22.92
N SER A 414 -26.99 23.06 22.73
CA SER A 414 -25.74 22.51 23.33
C SER A 414 -25.81 22.57 24.85
N PRO A 415 -26.00 23.75 25.48
CA PRO A 415 -26.13 23.78 26.93
C PRO A 415 -27.32 22.98 27.44
N LEU A 416 -28.43 22.95 26.69
CA LEU A 416 -29.63 22.18 27.10
C LEU A 416 -29.29 20.69 27.10
N SER A 417 -28.37 20.25 26.25
CA SER A 417 -27.96 18.84 26.14
C SER A 417 -27.15 18.46 27.39
N TYR A 418 -26.25 19.32 27.84
CA TYR A 418 -25.53 19.13 29.12
C TYR A 418 -26.55 19.08 30.27
N PHE A 419 -27.50 19.98 30.22
CA PHE A 419 -28.58 20.07 31.23
C PHE A 419 -29.34 18.73 31.31
N GLU A 420 -29.66 18.17 30.16
CA GLU A 420 -30.37 16.87 30.06
C GLU A 420 -29.49 15.76 30.60
N ALA A 421 -28.20 15.74 30.26
CA ALA A 421 -27.23 14.73 30.74
C ALA A 421 -27.24 14.75 32.26
N LEU A 422 -27.19 15.92 32.85
CA LEU A 422 -27.17 16.08 34.32
C LEU A 422 -28.52 15.68 34.90
N SER A 423 -29.64 16.06 34.26
CA SER A 423 -30.99 15.67 34.71
C SER A 423 -31.08 14.13 34.81
N GLU A 424 -30.49 13.44 33.83
CA GLU A 424 -30.51 11.95 33.72
C GLU A 424 -29.47 11.33 34.67
N THR A 425 -28.68 12.16 35.35
CA THR A 425 -27.78 11.74 36.46
C THR A 425 -28.41 12.08 37.80
N GLY A 426 -29.59 12.70 37.78
CA GLY A 426 -30.30 13.16 38.99
C GLY A 426 -29.62 14.34 39.65
N LEU A 427 -28.82 15.11 38.92
CA LEU A 427 -28.13 16.30 39.45
C LEU A 427 -28.85 17.56 38.98
N GLN A 428 -29.17 18.43 39.92
CA GLN A 428 -29.56 19.82 39.65
C GLN A 428 -28.43 20.55 38.90
N ALA A 429 -28.81 21.48 38.04
CA ALA A 429 -27.89 22.44 37.41
C ALA A 429 -28.64 23.75 37.17
N ASN A 430 -27.97 24.84 37.44
CA ASN A 430 -28.47 26.18 37.07
C ASN A 430 -28.40 26.31 35.55
N PHE A 431 -29.27 27.13 35.00
CA PHE A 431 -29.26 27.56 33.59
C PHE A 431 -29.38 29.07 33.60
N LYS A 432 -28.29 29.77 33.31
CA LYS A 432 -28.16 31.22 33.61
C LYS A 432 -27.56 31.97 32.42
N GLU A 433 -28.01 33.18 32.20
CA GLU A 433 -27.28 34.14 31.32
C GLU A 433 -26.00 34.49 32.07
N ILE A 434 -24.90 34.67 31.35
CA ILE A 434 -23.56 34.85 31.97
C ILE A 434 -23.59 36.06 32.95
N LYS A 435 -24.34 37.12 32.64
CA LYS A 435 -24.40 38.32 33.52
C LYS A 435 -25.17 38.00 34.81
N GLU A 436 -25.88 36.88 34.88
CA GLU A 436 -26.67 36.48 36.07
C GLU A 436 -25.80 35.65 37.01
N PHE A 437 -24.59 35.28 36.58
CA PHE A 437 -23.65 34.52 37.43
C PHE A 437 -22.85 35.52 38.27
N ASP A 438 -22.77 35.26 39.58
CA ASP A 438 -21.99 36.10 40.52
C ASP A 438 -20.50 35.76 40.39
N PHE A 439 -19.71 36.60 39.71
CA PHE A 439 -18.25 36.41 39.52
C PHE A 439 -17.44 37.15 40.59
N SER A 440 -18.07 37.62 41.67
CA SER A 440 -17.49 38.59 42.63
C SER A 440 -16.95 37.88 43.89
N LEU A 441 -17.17 36.57 44.04
CA LEU A 441 -16.82 35.82 45.28
C LEU A 441 -15.30 35.58 45.35
N ASN A 442 -14.81 35.22 46.54
CA ASN A 442 -13.36 34.97 46.79
C ASN A 442 -13.06 33.50 46.64
N ASP A 443 -14.10 32.67 46.66
CA ASP A 443 -13.95 31.19 46.72
C ASP A 443 -14.97 30.58 45.76
N TYR A 444 -14.49 29.71 44.85
CA TYR A 444 -15.35 28.93 43.92
C TYR A 444 -14.97 27.46 44.00
N THR A 445 -14.34 27.05 45.10
CA THR A 445 -14.08 25.62 45.39
C THR A 445 -15.40 24.89 45.19
N ASP A 446 -15.37 23.75 44.52
CA ASP A 446 -16.59 22.91 44.42
C ASP A 446 -17.72 23.61 43.61
N GLN A 447 -17.47 24.73 42.93
CA GLN A 447 -18.40 25.28 41.91
C GLN A 447 -17.93 24.86 40.50
N VAL A 448 -18.89 24.65 39.59
CA VAL A 448 -18.63 24.20 38.19
C VAL A 448 -19.42 25.12 37.24
N ILE A 449 -18.73 25.66 36.25
CA ILE A 449 -19.36 26.38 35.10
C ILE A 449 -19.19 25.51 33.86
N ILE A 450 -20.27 25.28 33.14
CA ILE A 450 -20.24 24.61 31.81
C ILE A 450 -20.54 25.68 30.76
N LEU A 451 -19.59 25.89 29.84
CA LEU A 451 -19.75 26.77 28.66
C LEU A 451 -19.74 25.87 27.44
N SER A 452 -20.93 25.50 26.98
CA SER A 452 -21.13 24.50 25.91
C SER A 452 -21.52 25.25 24.63
N HIS A 453 -20.58 25.35 23.69
CA HIS A 453 -20.78 25.99 22.38
C HIS A 453 -21.27 27.43 22.58
N GLN A 454 -20.72 28.13 23.56
CA GLN A 454 -20.96 29.59 23.76
C GLN A 454 -19.90 30.29 22.92
N ILE A 455 -20.21 30.41 21.64
CA ILE A 455 -19.21 30.74 20.57
C ILE A 455 -18.68 32.17 20.73
N ALA A 456 -19.33 33.03 21.51
CA ALA A 456 -18.87 34.45 21.68
C ALA A 456 -18.56 34.71 23.15
N LEU A 457 -17.31 35.07 23.45
CA LEU A 457 -16.85 35.50 24.79
C LEU A 457 -15.94 36.70 24.60
N ASP A 458 -16.07 37.73 25.44
CA ASP A 458 -15.23 38.95 25.34
C ASP A 458 -14.13 38.91 26.42
N ASN A 459 -13.22 39.88 26.38
CA ASN A 459 -12.06 39.96 27.30
C ASN A 459 -12.59 40.05 28.75
N LYS A 460 -13.64 40.83 28.98
CA LYS A 460 -14.19 41.03 30.35
C LYS A 460 -14.63 39.68 30.92
N VAL A 461 -15.41 38.90 30.17
CA VAL A 461 -15.96 37.61 30.68
C VAL A 461 -14.78 36.65 30.85
N ILE A 462 -13.79 36.68 29.95
CA ILE A 462 -12.61 35.78 30.08
C ILE A 462 -11.88 36.08 31.39
N LYS A 463 -11.71 37.36 31.75
CA LYS A 463 -11.05 37.74 33.04
C LYS A 463 -11.89 37.20 34.21
N GLN A 464 -13.22 37.28 34.11
CA GLN A 464 -14.11 36.76 35.17
C GLN A 464 -13.92 35.24 35.28
N LEU A 465 -13.80 34.54 34.14
CA LEU A 465 -13.63 33.07 34.11
C LEU A 465 -12.27 32.70 34.70
N GLU A 466 -11.22 33.47 34.37
CA GLU A 466 -9.85 33.27 34.92
C GLU A 466 -9.91 33.36 36.45
N SER A 467 -10.54 34.41 36.97
CA SER A 467 -10.73 34.63 38.43
C SER A 467 -11.50 33.44 39.02
N PHE A 468 -12.60 33.03 38.37
CA PHE A 468 -13.46 31.92 38.83
C PHE A 468 -12.61 30.65 38.99
N VAL A 469 -11.82 30.32 37.98
CA VAL A 469 -11.01 29.06 37.99
C VAL A 469 -9.85 29.21 39.00
N GLU A 470 -9.19 30.35 39.00
CA GLU A 470 -8.01 30.58 39.89
C GLU A 470 -8.46 30.35 41.35
N LYS A 471 -9.69 30.73 41.66
CA LYS A 471 -10.28 30.67 43.03
C LYS A 471 -10.96 29.33 43.29
N GLY A 472 -10.67 28.30 42.48
CA GLY A 472 -11.09 26.92 42.76
C GLY A 472 -12.17 26.41 41.83
N GLY A 473 -12.70 27.26 40.95
CA GLY A 473 -13.74 26.87 39.98
C GLY A 473 -13.28 25.80 39.02
N THR A 474 -14.20 24.93 38.59
CA THR A 474 -14.02 23.99 37.48
C THR A 474 -14.77 24.52 36.27
N LEU A 475 -14.06 24.72 35.15
CA LEU A 475 -14.67 25.20 33.89
C LEU A 475 -14.63 24.06 32.88
N ILE A 476 -15.80 23.66 32.38
CA ILE A 476 -15.96 22.66 31.29
C ILE A 476 -16.43 23.41 30.05
N ALA A 477 -15.68 23.30 28.97
CA ALA A 477 -15.95 24.03 27.72
C ALA A 477 -15.86 23.05 26.56
N ASP A 478 -16.95 22.92 25.77
CA ASP A 478 -16.94 22.08 24.56
C ASP A 478 -17.45 22.92 23.38
N GLY A 479 -17.43 22.32 22.19
CA GLY A 479 -17.86 22.99 20.95
C GLY A 479 -17.02 24.22 20.68
N LEU A 480 -17.57 25.22 20.00
CA LEU A 480 -16.80 26.42 19.55
C LEU A 480 -16.79 27.50 20.64
N THR A 481 -16.94 27.14 21.91
CA THR A 481 -16.85 28.13 23.02
C THR A 481 -15.61 29.03 22.82
N GLY A 482 -15.84 30.35 22.79
CA GLY A 482 -14.77 31.37 22.74
C GLY A 482 -14.11 31.51 21.37
N TYR A 483 -14.69 30.96 20.32
CA TYR A 483 -14.13 31.06 18.95
C TYR A 483 -14.15 32.53 18.50
N TYR A 484 -15.19 33.26 18.89
CA TYR A 484 -15.40 34.69 18.56
C TYR A 484 -15.48 35.52 19.83
N ASP A 485 -15.26 36.84 19.67
CA ASP A 485 -15.55 37.84 20.73
C ASP A 485 -16.93 38.42 20.45
N TYR A 486 -17.29 39.49 21.16
CA TYR A 486 -18.63 40.10 21.11
C TYR A 486 -18.79 40.93 19.83
N GLN A 487 -17.74 41.07 19.03
CA GLN A 487 -17.80 41.76 17.71
C GLN A 487 -17.66 40.76 16.55
N ALA A 488 -17.84 39.46 16.82
CA ALA A 488 -17.72 38.37 15.82
C ALA A 488 -16.31 38.34 15.27
N HIS A 489 -15.35 38.87 16.01
CA HIS A 489 -13.91 38.81 15.66
C HIS A 489 -13.35 37.54 16.31
N SER A 490 -12.71 36.68 15.55
CA SER A 490 -12.17 35.42 16.08
C SER A 490 -10.75 35.65 16.61
N THR A 491 -10.57 35.62 17.93
CA THR A 491 -9.21 35.69 18.54
C THR A 491 -8.50 34.37 18.27
N VAL A 492 -9.22 33.32 17.89
CA VAL A 492 -8.57 32.06 17.41
C VAL A 492 -7.68 32.43 16.22
N VAL A 493 -8.10 33.39 15.40
CA VAL A 493 -7.31 33.84 14.22
C VAL A 493 -6.25 34.87 14.63
N SER A 494 -6.59 35.87 15.43
CA SER A 494 -5.72 37.05 15.72
C SER A 494 -4.77 36.80 16.91
N GLY A 495 -5.07 35.85 17.81
CA GLY A 495 -4.35 35.70 19.09
C GLY A 495 -5.31 35.31 20.20
N PHE A 496 -5.36 34.02 20.54
CA PHE A 496 -6.48 33.37 21.25
C PHE A 496 -6.58 33.93 22.66
N ALA A 497 -7.73 34.52 23.01
CA ALA A 497 -7.91 35.24 24.29
C ALA A 497 -7.99 34.25 25.44
N LEU A 498 -8.39 33.00 25.18
CA LEU A 498 -8.50 31.95 26.23
C LEU A 498 -7.23 31.10 26.31
N GLU A 499 -6.14 31.45 25.63
CA GLU A 499 -4.90 30.64 25.67
C GLU A 499 -4.41 30.50 27.12
N ASN A 500 -4.37 31.60 27.85
CA ASN A 500 -3.89 31.64 29.26
C ASN A 500 -4.73 30.65 30.08
N LEU A 501 -6.05 30.79 30.06
CA LEU A 501 -6.94 29.97 30.90
C LEU A 501 -6.90 28.50 30.46
N PHE A 502 -6.86 28.23 29.16
CA PHE A 502 -6.95 26.86 28.61
C PHE A 502 -5.59 26.18 28.61
N GLY A 503 -4.50 26.95 28.72
CA GLY A 503 -3.13 26.40 28.70
C GLY A 503 -2.88 25.66 27.40
N SER A 504 -3.45 26.17 26.31
CA SER A 504 -3.50 25.47 25.01
C SER A 504 -4.07 26.43 23.96
N TYR A 505 -3.98 26.00 22.72
CA TYR A 505 -4.24 26.84 21.53
C TYR A 505 -4.94 25.94 20.51
N PRO A 506 -6.02 26.41 19.86
CA PRO A 506 -6.65 25.64 18.79
C PRO A 506 -5.67 25.50 17.61
N ILE A 507 -5.75 24.37 16.92
CA ILE A 507 -4.96 24.07 15.70
C ILE A 507 -5.91 24.11 14.51
N GLU A 508 -6.90 23.21 14.47
CA GLU A 508 -7.87 23.15 13.34
C GLU A 508 -9.26 22.78 13.84
N TYR A 509 -10.26 23.17 13.05
CA TYR A 509 -11.56 22.50 12.93
C TYR A 509 -11.62 21.83 11.57
N LYS A 510 -12.10 20.59 11.55
CA LYS A 510 -12.42 19.86 10.31
C LYS A 510 -13.85 19.36 10.41
N ILE A 511 -14.66 19.79 9.44
CA ILE A 511 -16.07 19.38 9.39
C ILE A 511 -16.10 17.88 9.07
N LYS A 512 -16.99 17.17 9.72
CA LYS A 512 -17.28 15.72 9.54
C LYS A 512 -18.79 15.58 9.31
N GLU A 513 -19.36 14.43 9.61
CA GLU A 513 -20.82 14.21 9.48
C GLU A 513 -21.53 14.81 10.69
N ASN A 514 -22.85 14.85 10.62
CA ASN A 514 -23.72 15.32 11.72
C ASN A 514 -23.37 14.55 13.00
N LEU A 515 -23.04 13.26 12.87
CA LEU A 515 -22.67 12.41 14.03
C LEU A 515 -21.39 11.66 13.66
N PHE A 516 -20.33 11.90 14.43
CA PHE A 516 -19.08 11.12 14.34
C PHE A 516 -18.68 10.77 15.78
N SER A 517 -17.68 9.92 15.85
CA SER A 517 -17.08 9.39 17.09
C SER A 517 -15.71 10.06 17.27
N LEU A 518 -15.47 10.60 18.46
CA LEU A 518 -14.08 10.93 18.92
C LEU A 518 -13.54 9.68 19.59
N ASP A 519 -12.51 9.08 18.97
CA ASP A 519 -11.92 7.78 19.42
C ASP A 519 -10.62 8.11 20.17
N PHE A 520 -10.65 8.09 21.49
CA PHE A 520 -9.52 8.50 22.36
C PHE A 520 -8.42 7.44 22.21
N GLU A 521 -7.16 7.86 22.31
CA GLU A 521 -5.93 7.03 22.39
C GLU A 521 -6.10 5.93 23.45
N LYS A 522 -6.58 6.29 24.65
CA LYS A 522 -6.49 5.45 25.86
C LYS A 522 -7.82 4.72 26.03
N ASP A 523 -7.81 3.43 26.40
CA ASP A 523 -8.93 2.75 27.11
C ASP A 523 -10.10 2.51 26.13
N ASN A 524 -9.85 2.70 24.83
CA ASN A 524 -10.83 2.48 23.72
C ASN A 524 -12.07 3.38 23.90
N TYR A 525 -11.92 4.52 24.58
CA TYR A 525 -13.01 5.45 24.95
C TYR A 525 -13.50 6.16 23.69
N LYS A 526 -14.81 6.33 23.61
CA LYS A 526 -15.58 6.91 22.47
C LYS A 526 -16.53 8.00 22.95
N LEU A 527 -16.58 9.15 22.26
CA LEU A 527 -17.57 10.24 22.51
C LEU A 527 -18.32 10.59 21.23
N PRO A 528 -19.66 10.55 21.22
CA PRO A 528 -20.41 11.13 20.12
C PRO A 528 -20.06 12.61 20.01
N ALA A 529 -19.88 13.09 18.78
CA ALA A 529 -19.55 14.49 18.50
C ALA A 529 -20.33 14.93 17.26
N HIS A 530 -20.66 16.23 17.19
CA HIS A 530 -21.50 16.80 16.12
C HIS A 530 -20.67 17.70 15.23
N LEU A 531 -20.60 17.36 13.94
CA LEU A 531 -20.30 18.25 12.80
C LEU A 531 -18.82 18.61 12.69
N TRP A 532 -18.17 19.09 13.74
CA TRP A 532 -16.78 19.61 13.63
C TRP A 532 -15.86 18.89 14.62
N LYS A 533 -14.70 18.46 14.16
CA LYS A 533 -13.63 17.95 15.05
C LYS A 533 -12.61 19.06 15.31
N GLY A 534 -12.47 19.44 16.57
CA GLY A 534 -11.45 20.38 17.05
C GLY A 534 -10.18 19.68 17.46
N THR A 535 -9.04 20.17 16.98
CA THR A 535 -7.70 19.74 17.44
C THR A 535 -7.01 20.95 18.04
N ILE A 536 -6.14 20.72 19.02
CA ILE A 536 -5.48 21.77 19.82
C ILE A 536 -4.02 21.41 19.97
N GLU A 537 -3.24 22.36 20.46
CA GLU A 537 -1.84 22.17 20.92
C GLU A 537 -1.78 22.67 22.37
N THR A 538 -1.29 21.83 23.27
CA THR A 538 -1.15 22.18 24.71
C THR A 538 0.21 22.87 24.94
N SER A 539 0.24 23.85 25.84
CA SER A 539 1.49 24.38 26.45
C SER A 539 1.48 23.95 27.93
N LYS A 540 0.71 24.63 28.77
CA LYS A 540 0.61 24.34 30.23
C LYS A 540 -0.35 23.16 30.50
N ALA A 541 -1.37 22.95 29.66
CA ALA A 541 -2.41 21.93 29.90
C ALA A 541 -1.84 20.54 29.63
N THR A 542 -2.46 19.52 30.21
CA THR A 542 -2.16 18.10 29.92
C THR A 542 -2.97 17.68 28.70
N PRO A 543 -2.33 17.24 27.60
CA PRO A 543 -3.07 16.86 26.40
C PRO A 543 -3.78 15.51 26.53
N ILE A 544 -4.92 15.38 25.84
CA ILE A 544 -5.65 14.10 25.62
C ILE A 544 -5.67 13.84 24.12
N MET A 545 -5.16 12.69 23.66
CA MET A 545 -4.91 12.39 22.23
C MET A 545 -6.00 11.44 21.73
N ASP A 546 -6.28 11.39 20.43
CA ASP A 546 -7.18 10.39 19.80
C ASP A 546 -6.31 9.34 19.10
N LYS A 547 -6.93 8.36 18.44
CA LYS A 547 -6.24 7.22 17.81
C LYS A 547 -5.44 7.66 16.59
N GLU A 548 -5.72 8.86 16.07
CA GLU A 548 -4.99 9.39 14.90
C GLU A 548 -3.78 10.18 15.38
N GLY A 549 -3.52 10.22 16.69
CA GLY A 549 -2.39 10.96 17.27
C GLY A 549 -2.60 12.47 17.21
N GLU A 550 -3.86 12.92 17.20
CA GLU A 550 -4.19 14.37 17.27
C GLU A 550 -4.65 14.69 18.68
N CYS A 551 -4.37 15.88 19.16
CA CYS A 551 -4.81 16.34 20.49
C CYS A 551 -6.23 16.91 20.40
N ILE A 552 -7.19 16.25 21.02
CA ILE A 552 -8.66 16.59 20.91
C ILE A 552 -9.22 17.16 22.21
N ALA A 553 -8.44 17.17 23.30
CA ALA A 553 -8.91 17.76 24.58
C ALA A 553 -7.74 18.00 25.53
N CYS A 554 -7.99 18.68 26.65
CA CYS A 554 -6.92 18.92 27.66
C CYS A 554 -7.54 19.31 28.99
N ILE A 555 -6.75 19.14 30.05
CA ILE A 555 -7.07 19.59 31.43
C ILE A 555 -5.97 20.54 31.82
N ASN A 556 -6.34 21.78 32.11
CA ASN A 556 -5.40 22.82 32.56
C ASN A 556 -5.65 23.04 34.05
N GLN A 557 -4.60 22.88 34.87
CA GLN A 557 -4.65 23.19 36.32
C GLN A 557 -4.29 24.65 36.42
N TYR A 558 -5.17 25.47 36.96
CA TYR A 558 -5.04 26.94 36.90
C TYR A 558 -5.39 27.48 38.29
N GLY A 559 -4.37 27.91 39.05
CA GLY A 559 -4.57 28.27 40.47
C GLY A 559 -5.17 27.09 41.21
N LYS A 560 -6.24 27.29 41.97
CA LYS A 560 -6.90 26.20 42.73
C LYS A 560 -7.91 25.44 41.86
N GLY A 561 -8.19 25.91 40.65
CA GLY A 561 -9.27 25.35 39.83
C GLY A 561 -8.75 24.53 38.66
N LYS A 562 -9.65 24.04 37.81
CA LYS A 562 -9.25 23.31 36.60
C LYS A 562 -10.18 23.64 35.44
N VAL A 563 -9.64 23.49 34.24
CA VAL A 563 -10.36 23.65 32.96
C VAL A 563 -10.29 22.33 32.23
N PHE A 564 -11.44 21.82 31.78
CA PHE A 564 -11.53 20.74 30.80
C PHE A 564 -12.04 21.35 29.50
N TRP A 565 -11.23 21.26 28.44
CA TRP A 565 -11.56 21.85 27.12
C TRP A 565 -11.55 20.74 26.08
N ILE A 566 -12.66 20.60 25.36
CA ILE A 566 -12.77 19.67 24.21
C ILE A 566 -13.51 20.44 23.11
N PRO A 567 -12.77 21.06 22.16
CA PRO A 567 -13.38 21.96 21.19
C PRO A 567 -14.29 21.32 20.13
N SER A 568 -14.52 20.00 20.19
CA SER A 568 -15.57 19.32 19.39
C SER A 568 -16.90 19.44 20.12
N PRO A 569 -18.06 19.57 19.42
CA PRO A 569 -19.34 19.61 20.11
C PRO A 569 -19.78 18.22 20.61
N ILE A 570 -19.47 17.89 21.86
CA ILE A 570 -19.82 16.57 22.44
C ILE A 570 -21.22 16.63 23.06
N ALA A 571 -21.67 17.79 23.54
CA ALA A 571 -23.06 17.97 24.00
C ALA A 571 -24.00 17.80 22.80
N LEU A 572 -23.69 18.43 21.67
CA LEU A 572 -24.50 18.29 20.45
C LEU A 572 -24.36 16.87 19.90
N GLY A 573 -23.20 16.25 20.09
CA GLY A 573 -22.95 14.83 19.77
C GLY A 573 -23.93 13.92 20.52
N ALA A 574 -24.05 14.12 21.84
CA ALA A 574 -25.04 13.44 22.70
C ALA A 574 -26.46 13.67 22.14
N ARG A 575 -26.79 14.91 21.80
CA ARG A 575 -28.13 15.28 21.26
C ARG A 575 -28.39 14.50 19.96
N GLU A 576 -27.47 14.55 19.02
CA GLU A 576 -27.62 13.93 17.67
C GLU A 576 -27.74 12.40 17.83
N SER A 577 -26.96 11.79 18.72
CA SER A 577 -26.96 10.33 18.95
C SER A 577 -28.16 9.92 19.82
N LYS A 578 -28.87 10.88 20.40
CA LYS A 578 -30.02 10.64 21.32
C LYS A 578 -29.56 9.80 22.49
N ASP A 579 -28.32 10.03 22.95
CA ASP A 579 -27.73 9.24 24.07
C ASP A 579 -26.84 10.16 24.88
N PHE A 580 -27.25 10.47 26.10
CA PHE A 580 -26.53 11.40 27.01
C PHE A 580 -25.72 10.61 28.03
N SER A 581 -25.62 9.28 27.92
CA SER A 581 -24.95 8.43 28.93
C SER A 581 -23.47 8.79 29.01
N GLU A 582 -22.77 8.88 27.88
CA GLU A 582 -21.32 9.18 27.92
C GLU A 582 -21.09 10.61 28.41
N LEU A 583 -21.90 11.57 27.99
CA LEU A 583 -21.76 12.97 28.47
C LEU A 583 -21.99 13.01 29.98
N SER A 584 -22.96 12.25 30.50
CA SER A 584 -23.20 12.09 31.96
C SER A 584 -21.92 11.60 32.66
N LYS A 585 -21.41 10.45 32.22
CA LYS A 585 -20.24 9.80 32.86
C LYS A 585 -19.06 10.75 32.83
N LEU A 586 -18.75 11.35 31.68
CA LEU A 586 -17.61 12.29 31.53
C LEU A 586 -17.78 13.46 32.50
N THR A 587 -18.95 14.07 32.54
CA THR A 587 -19.22 15.27 33.38
C THR A 587 -19.04 14.89 34.85
N VAL A 588 -19.60 13.76 35.27
CA VAL A 588 -19.50 13.28 36.68
C VAL A 588 -18.03 13.18 37.05
N SER A 589 -17.18 12.64 36.17
CA SER A 589 -15.75 12.39 36.43
C SER A 589 -15.02 13.71 36.63
N LEU A 590 -15.57 14.83 36.14
CA LEU A 590 -14.93 16.18 36.24
C LEU A 590 -15.47 16.95 37.45
N LEU A 591 -16.54 16.50 38.08
CA LEU A 591 -17.15 17.25 39.21
C LEU A 591 -16.28 17.13 40.46
N PRO A 592 -16.11 18.23 41.23
CA PRO A 592 -15.55 18.14 42.58
C PRO A 592 -16.30 17.09 43.42
N ASN A 593 -15.56 16.28 44.18
CA ASN A 593 -16.12 15.17 45.00
C ASN A 593 -17.22 15.70 45.92
N LYS A 594 -17.06 16.91 46.47
CA LYS A 594 -18.03 17.50 47.43
C LYS A 594 -19.43 17.54 46.80
N ILE A 595 -19.53 17.78 45.49
CA ILE A 595 -20.86 17.86 44.81
C ILE A 595 -21.50 16.47 44.90
N LEU A 596 -20.75 15.42 44.54
CA LEU A 596 -21.29 14.03 44.53
C LEU A 596 -21.55 13.55 45.97
N ASN A 597 -20.77 14.02 46.94
CA ASN A 597 -20.92 13.58 48.36
C ASN A 597 -22.14 14.24 49.01
N ASP A 598 -22.41 15.52 48.73
CA ASP A 598 -23.43 16.33 49.46
C ASP A 598 -24.78 16.37 48.74
N ASN A 599 -24.86 16.02 47.45
CA ASN A 599 -26.11 16.15 46.65
C ASN A 599 -26.66 14.77 46.34
N PRO A 600 -27.94 14.49 46.64
CA PRO A 600 -28.59 13.29 46.12
C PRO A 600 -28.49 13.31 44.59
N HIS A 601 -28.18 12.16 44.02
CA HIS A 601 -28.04 11.94 42.55
C HIS A 601 -28.20 10.44 42.31
N PHE A 602 -28.23 10.01 41.05
CA PHE A 602 -28.35 8.58 40.71
C PHE A 602 -26.95 7.96 40.78
N ASP A 603 -26.88 6.68 41.15
CA ASP A 603 -25.62 5.91 41.27
C ASP A 603 -25.02 5.75 39.87
N LYS A 604 -25.85 5.92 38.83
CA LYS A 604 -25.42 5.85 37.42
C LYS A 604 -26.42 6.62 36.57
N HIS A 605 -26.11 6.78 35.29
CA HIS A 605 -26.99 7.45 34.31
C HIS A 605 -28.27 6.63 34.12
N TYR A 606 -29.44 7.28 34.14
CA TYR A 606 -30.75 6.66 33.80
C TYR A 606 -31.37 7.44 32.64
N LYS A 607 -31.43 6.80 31.47
CA LYS A 607 -32.12 7.35 30.28
C LYS A 607 -33.57 7.66 30.65
N ASP A 608 -34.02 8.89 30.36
CA ASP A 608 -35.44 9.31 30.45
C ASP A 608 -35.94 9.24 31.90
N VAL A 609 -35.06 9.47 32.85
CA VAL A 609 -35.45 9.69 34.27
C VAL A 609 -34.83 11.02 34.68
N MET A 610 -35.53 11.77 35.52
CA MET A 610 -34.93 13.01 36.05
C MET A 610 -35.10 13.03 37.57
N MET A 611 -34.15 13.66 38.22
CA MET A 611 -34.27 14.04 39.64
C MET A 611 -33.65 15.41 39.84
N LYS A 612 -34.30 16.18 40.69
CA LYS A 612 -33.83 17.48 41.18
C LYS A 612 -34.17 17.50 42.67
N SER A 613 -33.28 18.04 43.48
CA SER A 613 -33.46 18.08 44.95
C SER A 613 -33.68 19.52 45.40
N PHE A 614 -34.37 19.67 46.53
CA PHE A 614 -34.65 20.99 47.13
C PHE A 614 -34.72 20.84 48.65
N LYS A 615 -34.71 21.97 49.32
CA LYS A 615 -34.72 22.04 50.81
C LYS A 615 -35.86 22.96 51.21
N SER A 616 -36.49 22.67 52.34
CA SER A 616 -37.48 23.57 52.97
C SER A 616 -37.35 23.47 54.49
N ASN A 617 -37.03 24.59 55.13
CA ASN A 617 -36.89 24.67 56.61
C ASN A 617 -35.91 23.58 57.08
N GLY A 618 -34.79 23.41 56.40
CA GLY A 618 -33.70 22.50 56.79
C GLY A 618 -33.92 21.05 56.39
N THR A 619 -35.11 20.67 55.92
CA THR A 619 -35.39 19.29 55.42
C THR A 619 -35.09 19.22 53.92
N MET A 620 -34.42 18.16 53.50
CA MET A 620 -34.09 17.93 52.07
C MET A 620 -35.17 17.05 51.45
N TYR A 621 -35.51 17.35 50.20
CA TYR A 621 -36.46 16.56 49.38
C TYR A 621 -35.83 16.31 48.00
N SER A 622 -36.33 15.28 47.34
CA SER A 622 -35.97 14.99 45.93
C SER A 622 -37.26 14.79 45.13
N LEU A 623 -37.27 15.35 43.92
CA LEU A 623 -38.32 15.14 42.90
C LEU A 623 -37.77 14.14 41.88
N ILE A 624 -38.50 13.06 41.63
CA ILE A 624 -38.07 12.03 40.65
C ILE A 624 -39.23 11.86 39.67
N ILE A 625 -38.91 11.86 38.38
CA ILE A 625 -39.92 11.59 37.32
C ILE A 625 -39.33 10.56 36.37
N ASN A 626 -40.13 9.55 36.05
CA ASN A 626 -39.77 8.45 35.12
C ASN A 626 -40.49 8.74 33.81
N LYS A 627 -39.73 9.00 32.73
CA LYS A 627 -40.30 9.26 31.39
C LYS A 627 -39.98 8.10 30.45
N SER A 628 -39.39 7.02 30.98
CA SER A 628 -39.10 5.80 30.19
C SER A 628 -40.40 5.01 30.03
N ALA A 629 -40.39 4.04 29.13
CA ALA A 629 -41.52 3.12 28.86
C ALA A 629 -41.59 2.04 29.94
N SER A 630 -40.65 1.95 30.89
CA SER A 630 -40.57 0.82 31.85
C SER A 630 -40.46 1.32 33.28
N VAL A 631 -40.95 0.52 34.23
CA VAL A 631 -40.70 0.70 35.68
C VAL A 631 -39.18 0.78 35.84
N GLN A 632 -38.69 1.71 36.64
CA GLN A 632 -37.24 1.89 36.85
C GLN A 632 -37.00 1.72 38.34
N THR A 633 -35.89 1.10 38.70
CA THR A 633 -35.39 1.08 40.09
C THR A 633 -34.18 2.00 40.12
N VAL A 634 -34.32 3.13 40.80
CA VAL A 634 -33.31 4.22 40.78
C VAL A 634 -32.58 4.19 42.12
N ASP A 635 -31.27 3.95 42.08
CA ASP A 635 -30.42 3.94 43.29
C ASP A 635 -29.96 5.38 43.55
N ILE A 636 -30.47 6.01 44.59
CA ILE A 636 -30.11 7.41 44.97
C ILE A 636 -28.97 7.36 46.00
N VAL A 637 -27.90 8.10 45.74
CA VAL A 637 -26.70 8.21 46.63
C VAL A 637 -26.37 9.69 46.76
N GLY A 638 -25.60 10.04 47.79
CA GLY A 638 -25.17 11.42 48.09
C GLY A 638 -26.14 12.08 49.03
N GLY A 639 -25.66 13.11 49.76
CA GLY A 639 -26.36 13.71 50.90
C GLY A 639 -26.59 12.68 52.00
N LYS A 640 -27.58 12.93 52.87
CA LYS A 640 -27.87 12.09 54.07
C LYS A 640 -29.37 11.89 54.19
N GLY A 641 -29.80 10.81 54.83
CA GLY A 641 -31.20 10.58 55.23
C GLY A 641 -31.74 9.32 54.59
N LYS A 642 -32.89 8.84 55.08
CA LYS A 642 -33.61 7.68 54.53
C LYS A 642 -34.84 8.21 53.78
N ALA A 643 -35.14 7.59 52.64
CA ALA A 643 -36.25 7.95 51.74
C ALA A 643 -37.57 7.67 52.45
N PHE A 644 -38.40 8.72 52.60
CA PHE A 644 -39.85 8.60 52.86
C PHE A 644 -40.60 9.18 51.65
N ILE A 645 -41.46 8.39 51.01
CA ILE A 645 -42.27 8.87 49.85
C ILE A 645 -43.41 9.74 50.38
N LEU A 646 -43.33 11.03 50.12
CA LEU A 646 -44.32 12.05 50.55
C LEU A 646 -45.39 12.22 49.46
N PHE A 647 -45.01 12.06 48.19
CA PHE A 647 -45.92 12.21 47.03
C PHE A 647 -45.54 11.16 45.98
N ALA A 648 -46.54 10.48 45.44
CA ALA A 648 -46.39 9.47 44.37
C ALA A 648 -47.78 9.25 43.79
N ASN A 649 -47.93 9.40 42.48
CA ASN A 649 -49.27 9.30 41.85
C ASN A 649 -49.46 7.92 41.25
N LYS A 650 -48.50 6.99 41.34
CA LYS A 650 -48.68 5.61 40.84
C LYS A 650 -48.10 4.59 41.81
N ASN A 651 -48.17 4.85 43.12
CA ASN A 651 -47.80 3.86 44.17
C ASN A 651 -46.32 3.44 44.07
N ALA A 652 -45.43 4.38 43.80
CA ALA A 652 -43.97 4.19 43.98
C ALA A 652 -43.71 3.58 45.37
N HIS A 653 -42.62 2.83 45.51
CA HIS A 653 -42.13 2.33 46.82
C HIS A 653 -40.59 2.40 46.81
N SER A 654 -39.98 2.63 47.96
CA SER A 654 -38.50 2.68 48.14
C SER A 654 -38.10 1.58 49.12
N THR A 655 -36.96 0.93 48.85
CA THR A 655 -36.27 0.00 49.79
C THR A 655 -34.89 0.60 50.02
N ALA A 656 -34.62 1.03 51.26
CA ALA A 656 -33.48 1.89 51.58
C ALA A 656 -33.64 3.12 50.68
N ASN A 657 -32.65 3.41 49.82
CA ASN A 657 -32.67 4.62 48.95
C ASN A 657 -32.73 4.20 47.48
N LYS A 658 -33.36 3.05 47.24
CA LYS A 658 -33.62 2.45 45.90
C LYS A 658 -35.11 2.67 45.62
N LEU A 659 -35.46 3.63 44.75
CA LEU A 659 -36.85 4.03 44.44
C LEU A 659 -37.32 3.26 43.20
N THR A 660 -38.42 2.53 43.33
CA THR A 660 -39.12 1.89 42.20
C THR A 660 -40.22 2.85 41.76
N ILE A 661 -40.14 3.36 40.54
CA ILE A 661 -41.00 4.46 40.01
C ILE A 661 -41.54 4.02 38.64
N SER A 662 -42.85 4.16 38.44
CA SER A 662 -43.57 3.68 37.24
C SER A 662 -43.46 4.72 36.11
N PRO A 663 -43.68 4.30 34.85
CA PRO A 663 -43.72 5.25 33.73
C PRO A 663 -44.69 6.40 33.98
N GLU A 664 -44.20 7.64 33.83
CA GLU A 664 -44.96 8.91 33.88
C GLU A 664 -45.29 9.29 35.32
N GLU A 665 -44.80 8.49 36.28
CA GLU A 665 -45.00 8.81 37.72
C GLU A 665 -44.11 9.98 38.12
N THR A 666 -44.65 10.81 39.00
CA THR A 666 -43.93 11.89 39.72
C THR A 666 -43.82 11.48 41.18
N VAL A 667 -42.63 11.54 41.75
CA VAL A 667 -42.40 11.17 43.18
C VAL A 667 -41.71 12.33 43.90
N ILE A 668 -42.17 12.66 45.10
CA ILE A 668 -41.40 13.47 46.08
C ILE A 668 -40.95 12.55 47.22
N ILE A 669 -39.63 12.49 47.43
CA ILE A 669 -39.00 11.85 48.62
C ILE A 669 -38.66 12.95 49.62
N LYS A 670 -39.07 12.74 50.86
CA LYS A 670 -38.59 13.48 52.06
C LYS A 670 -37.45 12.66 52.68
N TRP A 671 -36.29 13.27 52.89
CA TRP A 671 -35.11 12.60 53.48
C TRP A 671 -35.17 12.75 55.00
N LYS A 672 -35.18 11.63 55.73
CA LYS A 672 -35.17 11.54 57.22
C LYS A 672 -33.75 11.33 57.74
N VAL B 16 -6.76 8.75 33.02
CA VAL B 16 -6.58 7.48 32.22
C VAL B 16 -6.55 7.83 30.73
N LEU B 17 -7.07 9.00 30.34
CA LEU B 17 -7.10 9.53 28.95
C LEU B 17 -5.78 10.26 28.62
N PHE B 18 -5.06 10.75 29.64
CA PHE B 18 -3.86 11.62 29.48
C PHE B 18 -2.75 10.75 28.88
N GLN B 19 -1.95 11.30 27.96
CA GLN B 19 -0.93 10.47 27.23
C GLN B 19 0.19 10.09 28.22
N GLY B 20 0.23 8.82 28.60
CA GLY B 20 1.34 8.25 29.41
C GLY B 20 2.69 8.50 28.72
N PRO B 21 3.76 8.81 29.48
CA PRO B 21 5.10 8.75 28.91
C PRO B 21 5.48 7.28 28.69
N ALA B 22 6.25 7.01 27.63
CA ALA B 22 6.71 5.66 27.21
C ALA B 22 7.40 4.93 28.36
N GLU B 23 7.12 3.64 28.54
CA GLU B 23 7.85 2.74 29.47
C GLU B 23 9.33 2.68 29.04
N ARG B 24 10.25 2.93 30.00
CA ARG B 24 11.72 2.93 29.79
C ARG B 24 12.26 1.64 30.37
N ILE B 25 13.01 0.87 29.58
CA ILE B 25 13.59 -0.41 30.04
C ILE B 25 14.57 -0.09 31.17
N SER B 26 14.70 -0.99 32.14
CA SER B 26 15.65 -0.86 33.26
C SER B 26 16.12 -2.26 33.67
N LYS B 27 17.11 -2.31 34.57
CA LYS B 27 17.63 -3.59 35.10
C LYS B 27 16.57 -4.30 35.94
N GLN B 28 15.44 -3.64 36.23
CA GLN B 28 14.31 -4.22 37.01
C GLN B 28 13.13 -4.57 36.12
N SER B 29 13.23 -4.38 34.80
CA SER B 29 12.10 -4.66 33.87
C SER B 29 11.81 -6.17 33.90
N THR B 30 10.55 -6.53 33.68
CA THR B 30 10.13 -7.93 33.49
C THR B 30 10.66 -8.36 32.13
N PRO B 31 11.44 -9.44 32.04
CA PRO B 31 11.93 -9.91 30.75
C PRO B 31 10.73 -10.38 29.92
N PHE B 32 10.87 -10.30 28.60
CA PHE B 32 9.82 -10.74 27.63
C PHE B 32 10.43 -11.72 26.63
N VAL B 33 9.55 -12.54 26.06
CA VAL B 33 9.80 -13.33 24.86
C VAL B 33 9.05 -12.63 23.73
N GLY B 34 9.68 -12.53 22.56
CA GLY B 34 9.14 -11.77 21.44
C GLY B 34 9.62 -12.37 20.13
N ALA B 35 9.19 -11.80 19.02
CA ALA B 35 9.53 -12.31 17.67
C ALA B 35 9.44 -11.16 16.66
N GLN B 36 10.30 -11.22 15.65
CA GLN B 36 10.20 -10.37 14.45
C GLN B 36 8.83 -10.62 13.81
N ILE B 37 8.12 -9.56 13.49
CA ILE B 37 6.93 -9.64 12.60
C ILE B 37 7.39 -9.07 11.26
N PHE B 38 7.50 -9.93 10.26
CA PHE B 38 8.02 -9.56 8.94
C PHE B 38 6.86 -8.97 8.11
N ILE B 39 6.98 -7.67 7.83
CA ILE B 39 5.98 -6.88 7.06
C ILE B 39 6.58 -6.52 5.70
N GLU B 40 5.87 -6.90 4.64
CA GLU B 40 6.20 -6.54 3.25
C GLU B 40 4.88 -6.39 2.51
N PRO B 41 4.87 -5.68 1.36
CA PRO B 41 3.67 -5.56 0.56
C PRO B 41 3.21 -6.94 0.08
N GLY B 42 1.89 -7.10 -0.10
CA GLY B 42 1.29 -8.34 -0.60
C GLY B 42 0.58 -9.09 0.51
N GLN B 43 1.00 -8.92 1.75
CA GLN B 43 0.36 -9.60 2.92
C GLN B 43 -1.07 -9.05 3.08
N THR B 44 -2.00 -9.85 3.55
CA THR B 44 -3.41 -9.44 3.82
C THR B 44 -3.57 -9.05 5.29
N GLN B 45 -4.48 -8.14 5.58
CA GLN B 45 -4.94 -7.78 6.95
C GLN B 45 -5.18 -9.05 7.77
N GLU B 46 -5.85 -10.04 7.19
CA GLU B 46 -6.28 -11.28 7.88
C GLU B 46 -5.04 -12.08 8.29
N GLN B 47 -4.05 -12.25 7.41
CA GLN B 47 -2.81 -13.01 7.75
C GLN B 47 -2.07 -12.27 8.87
N ILE B 48 -1.96 -10.94 8.78
CA ILE B 48 -1.20 -10.15 9.80
C ILE B 48 -1.90 -10.27 11.16
N GLU B 49 -3.23 -10.18 11.19
CA GLU B 49 -3.99 -10.33 12.44
C GLU B 49 -3.77 -11.72 13.04
N GLN B 50 -3.79 -12.76 12.19
CA GLN B 50 -3.52 -14.18 12.57
C GLN B 50 -2.17 -14.24 13.30
N TRP B 51 -1.15 -13.50 12.81
CA TRP B 51 0.21 -13.53 13.42
C TRP B 51 0.15 -12.91 14.81
N PHE B 52 -0.38 -11.69 14.95
CA PHE B 52 -0.40 -10.96 16.24
C PHE B 52 -1.25 -11.74 17.25
N LYS B 53 -2.36 -12.35 16.80
CA LYS B 53 -3.24 -13.15 17.68
C LYS B 53 -2.45 -14.34 18.24
N LEU B 54 -1.76 -15.09 17.38
CA LEU B 54 -1.00 -16.29 17.81
C LEU B 54 0.21 -15.86 18.67
N LEU B 55 0.82 -14.73 18.32
CA LEU B 55 1.97 -14.19 19.07
C LEU B 55 1.51 -13.90 20.51
N ALA B 56 0.38 -13.20 20.69
CA ALA B 56 -0.21 -12.91 22.02
C ALA B 56 -0.55 -14.20 22.74
N GLU B 57 -1.14 -15.18 22.06
CA GLU B 57 -1.53 -16.47 22.66
C GLU B 57 -0.28 -17.28 23.05
N SER B 58 0.88 -16.95 22.48
CA SER B 58 2.14 -17.67 22.74
C SER B 58 2.92 -16.98 23.87
N ASN B 59 2.27 -16.13 24.67
CA ASN B 59 2.86 -15.50 25.87
C ASN B 59 4.02 -14.60 25.47
N MET B 60 3.97 -14.07 24.25
CA MET B 60 4.95 -13.08 23.76
C MET B 60 4.30 -11.70 23.87
N THR B 61 5.03 -10.71 24.34
CA THR B 61 4.53 -9.35 24.63
C THR B 61 5.07 -8.36 23.62
N THR B 62 6.04 -8.78 22.81
CA THR B 62 6.89 -7.84 22.05
C THR B 62 7.13 -8.40 20.65
N CYS B 63 7.16 -7.51 19.66
CA CYS B 63 7.57 -7.86 18.29
C CYS B 63 8.64 -6.85 17.88
N ARG B 64 9.34 -7.19 16.79
CA ARG B 64 10.27 -6.23 16.16
C ARG B 64 9.86 -6.13 14.70
N ILE B 65 9.89 -4.92 14.16
CA ILE B 65 9.47 -4.68 12.77
C ILE B 65 10.54 -3.84 12.08
N ARG B 66 10.98 -4.34 10.93
CA ARG B 66 11.90 -3.65 10.00
C ARG B 66 11.11 -2.60 9.24
N MET B 67 11.36 -1.33 9.50
CA MET B 67 10.55 -0.21 8.99
C MET B 67 11.07 0.16 7.59
N PHE B 68 10.95 -0.78 6.65
CA PHE B 68 11.58 -0.68 5.29
C PHE B 68 11.21 0.68 4.65
N GLY B 69 12.19 1.54 4.42
CA GLY B 69 12.03 2.73 3.58
C GLY B 69 11.46 2.37 2.22
N LYS B 70 11.92 1.26 1.64
CA LYS B 70 11.47 0.80 0.31
C LYS B 70 9.95 0.69 0.28
N TYR B 71 9.29 0.31 1.37
CA TYR B 71 7.84 -0.01 1.38
C TYR B 71 7.05 1.17 1.90
N MET B 72 7.66 2.35 2.04
CA MET B 72 6.94 3.56 2.49
C MET B 72 7.14 4.72 1.50
N LYS B 73 8.34 4.84 0.97
CA LYS B 73 8.75 5.97 0.10
C LYS B 73 8.09 5.74 -1.26
N THR B 74 7.50 6.80 -1.81
CA THR B 74 6.75 6.83 -3.09
C THR B 74 7.72 7.34 -4.16
N PRO B 75 7.39 7.19 -5.46
CA PRO B 75 8.26 7.70 -6.53
C PRO B 75 8.66 9.19 -6.34
N SER B 76 7.80 10.02 -5.75
CA SER B 76 8.06 11.48 -5.56
C SER B 76 8.94 11.73 -4.34
N GLY B 77 9.18 10.71 -3.51
CA GLY B 77 10.03 10.82 -2.30
C GLY B 77 9.21 11.12 -1.04
N THR B 78 7.88 11.22 -1.15
CA THR B 78 6.98 11.36 0.04
C THR B 78 6.84 10.00 0.71
N TYR B 79 6.40 9.96 1.96
CA TYR B 79 6.29 8.71 2.76
C TYR B 79 4.82 8.38 2.91
N ASP B 80 4.42 7.17 2.54
CA ASP B 80 3.11 6.58 2.87
C ASP B 80 3.32 5.46 3.89
N PHE B 81 2.80 5.65 5.11
CA PHE B 81 3.10 4.84 6.32
C PHE B 81 2.13 3.67 6.43
N THR B 82 1.17 3.56 5.50
CA THR B 82 -0.03 2.69 5.58
C THR B 82 0.35 1.26 5.96
N LEU B 83 1.33 0.69 5.28
CA LEU B 83 1.71 -0.74 5.44
C LEU B 83 2.13 -0.97 6.90
N PHE B 84 2.85 -0.02 7.48
CA PHE B 84 3.38 -0.16 8.86
C PHE B 84 2.30 0.28 9.87
N ASP B 85 1.48 1.28 9.53
CA ASP B 85 0.31 1.64 10.38
C ASP B 85 -0.51 0.36 10.63
N ARG B 86 -0.81 -0.38 9.58
CA ARG B 86 -1.64 -1.61 9.67
C ARG B 86 -1.03 -2.55 10.70
N ALA B 87 0.29 -2.74 10.65
CA ALA B 87 1.01 -3.66 11.56
C ALA B 87 1.00 -3.10 13.00
N PHE B 88 1.31 -1.83 13.17
CA PHE B 88 1.39 -1.19 14.51
C PHE B 88 0.01 -1.25 15.19
N LYS B 89 -1.06 -1.01 14.41
CA LYS B 89 -2.45 -0.99 14.94
C LYS B 89 -2.86 -2.41 15.37
N LEU B 90 -2.51 -3.42 14.59
CA LEU B 90 -2.83 -4.83 14.94
C LEU B 90 -1.98 -5.24 16.16
N ALA B 91 -0.72 -4.83 16.23
CA ALA B 91 0.13 -5.08 17.42
C ALA B 91 -0.61 -4.47 18.63
N ASP B 92 -1.00 -3.20 18.52
CA ASP B 92 -1.65 -2.44 19.62
C ASP B 92 -2.92 -3.18 20.07
N LYS B 93 -3.76 -3.61 19.13
CA LYS B 93 -5.02 -4.33 19.41
C LYS B 93 -4.74 -5.56 20.28
N TYR B 94 -3.62 -6.24 20.08
CA TYR B 94 -3.27 -7.49 20.83
C TYR B 94 -2.28 -7.16 21.97
N HIS B 95 -2.09 -5.87 22.27
CA HIS B 95 -1.29 -5.38 23.42
C HIS B 95 0.18 -5.81 23.23
N ILE B 96 0.67 -5.79 21.99
CA ILE B 96 2.07 -6.16 21.64
C ILE B 96 2.85 -4.87 21.45
N LYS B 97 3.96 -4.71 22.18
CA LYS B 97 4.88 -3.55 22.01
C LYS B 97 5.84 -3.85 20.84
N VAL B 98 6.37 -2.79 20.22
CA VAL B 98 7.15 -2.85 18.95
C VAL B 98 8.54 -2.29 19.18
N TYR B 99 9.55 -3.07 18.82
CA TYR B 99 10.93 -2.62 18.51
C TYR B 99 10.92 -2.25 17.04
N ALA B 100 11.07 -0.96 16.73
CA ALA B 100 11.02 -0.45 15.33
C ALA B 100 12.45 -0.23 14.86
N THR B 101 12.87 -0.95 13.82
CA THR B 101 14.24 -0.84 13.28
C THR B 101 14.25 0.18 12.15
N LEU B 102 15.09 1.20 12.31
CA LEU B 102 15.36 2.19 11.24
C LEU B 102 16.09 1.47 10.12
N PHE B 103 15.45 1.34 8.97
CA PHE B 103 15.94 0.55 7.82
C PHE B 103 15.62 1.34 6.56
N PRO B 104 16.44 2.34 6.19
CA PRO B 104 16.17 3.15 5.02
C PRO B 104 16.15 2.30 3.75
N ASP B 105 15.65 2.92 2.68
CA ASP B 105 15.52 2.32 1.34
C ASP B 105 16.88 1.73 0.98
N THR B 106 16.86 0.51 0.44
CA THR B 106 18.06 -0.23 -0.05
C THR B 106 17.57 -1.27 -1.04
N GLU B 107 18.51 -1.89 -1.77
CA GLU B 107 18.17 -2.91 -2.79
C GLU B 107 17.37 -4.03 -2.08
N PHE B 108 16.41 -4.59 -2.78
CA PHE B 108 15.64 -5.78 -2.33
C PHE B 108 16.61 -6.90 -1.92
N THR B 109 17.74 -7.06 -2.62
CA THR B 109 18.73 -8.15 -2.39
C THR B 109 19.64 -7.83 -1.20
N ASP B 110 19.62 -6.60 -0.68
CA ASP B 110 20.38 -6.23 0.55
C ASP B 110 19.60 -6.74 1.77
N VAL B 111 19.92 -7.97 2.22
CA VAL B 111 19.12 -8.66 3.28
C VAL B 111 19.30 -7.91 4.60
N GLY B 112 20.56 -7.64 5.00
CA GLY B 112 20.90 -7.17 6.36
C GLY B 112 20.85 -5.65 6.52
N GLY B 113 20.93 -4.91 5.43
CA GLY B 113 20.94 -3.43 5.40
C GLY B 113 22.35 -2.88 5.31
N PHE B 114 22.49 -1.71 4.70
CA PHE B 114 23.79 -1.00 4.60
C PHE B 114 24.20 -0.55 6.01
N LYS B 115 25.51 -0.51 6.25
CA LYS B 115 26.09 -0.29 7.60
C LYS B 115 26.53 1.17 7.78
N PHE B 116 26.70 1.89 6.67
CA PHE B 116 27.09 3.31 6.64
C PHE B 116 26.52 3.97 5.39
N PRO B 117 26.34 5.30 5.38
CA PRO B 117 25.89 5.98 4.16
C PRO B 117 26.87 5.75 3.02
N HIS B 118 26.36 5.61 1.79
CA HIS B 118 27.14 5.40 0.53
C HIS B 118 27.80 6.73 0.13
N SER B 119 27.19 7.87 0.48
CA SER B 119 27.55 9.23 0.00
C SER B 119 26.89 10.28 0.90
N ARG B 120 27.32 11.55 0.78
CA ARG B 120 26.70 12.68 1.48
C ARG B 120 25.24 12.75 1.08
N GLU B 121 24.93 12.56 -0.19
CA GLU B 121 23.54 12.62 -0.72
C GLU B 121 22.74 11.51 -0.05
N HIS B 122 23.29 10.29 0.04
CA HIS B 122 22.63 9.17 0.75
C HIS B 122 22.40 9.55 2.22
N GLN B 123 23.38 10.15 2.90
CA GLN B 123 23.22 10.57 4.32
C GLN B 123 21.96 11.45 4.46
N LYS B 124 21.75 12.40 3.53
CA LYS B 124 20.59 13.31 3.56
C LYS B 124 19.30 12.52 3.35
N GLU B 125 19.30 11.51 2.48
CA GLU B 125 18.13 10.61 2.28
C GLU B 125 17.83 9.90 3.61
N VAL B 126 18.87 9.49 4.34
CA VAL B 126 18.68 8.80 5.66
C VAL B 126 18.11 9.81 6.66
N GLU B 127 18.62 11.05 6.68
CA GLU B 127 18.06 12.14 7.56
C GLU B 127 16.55 12.26 7.30
N ASP B 128 16.18 12.30 6.03
CA ASP B 128 14.77 12.46 5.59
C ASP B 128 13.96 11.25 6.02
N TYR B 129 14.50 10.03 5.84
CA TYR B 129 13.85 8.77 6.27
C TYR B 129 13.56 8.87 7.77
N ILE B 130 14.56 9.25 8.56
CA ILE B 130 14.44 9.26 10.06
C ILE B 130 13.38 10.30 10.44
N LYS B 131 13.46 11.51 9.89
CA LYS B 131 12.46 12.57 10.15
C LYS B 131 11.05 12.01 9.96
N ASN B 132 10.77 11.42 8.80
CA ASN B 132 9.41 10.95 8.43
C ASN B 132 9.01 9.81 9.39
N VAL B 133 9.85 8.79 9.51
CA VAL B 133 9.46 7.53 10.21
C VAL B 133 9.36 7.80 11.71
N VAL B 134 10.34 8.46 12.31
CA VAL B 134 10.33 8.69 13.78
C VAL B 134 9.18 9.65 14.14
N SER B 135 9.00 10.74 13.39
CA SER B 135 7.92 11.73 13.65
C SER B 135 6.57 11.02 13.67
N HIS B 136 6.35 10.11 12.72
CA HIS B 136 5.07 9.39 12.59
C HIS B 136 4.94 8.30 13.67
N PHE B 137 5.87 7.34 13.75
CA PHE B 137 5.64 6.10 14.57
C PHE B 137 5.90 6.34 16.05
N SER B 138 6.58 7.43 16.42
CA SER B 138 6.75 7.85 17.84
C SER B 138 5.41 8.08 18.51
N GLN B 139 4.34 8.29 17.73
CA GLN B 139 2.98 8.63 18.24
C GLN B 139 2.26 7.38 18.71
N TYR B 140 2.71 6.17 18.33
CA TYR B 140 2.04 4.91 18.75
C TYR B 140 2.40 4.61 20.20
N LYS B 141 1.38 4.37 21.01
CA LYS B 141 1.57 4.14 22.46
C LYS B 141 2.20 2.76 22.68
N ASN B 142 2.21 1.86 21.69
CA ASN B 142 2.80 0.50 21.83
C ASN B 142 4.24 0.46 21.29
N LEU B 143 4.83 1.60 20.87
CA LEU B 143 6.25 1.66 20.46
C LEU B 143 7.12 1.55 21.72
N ALA B 144 7.99 0.54 21.79
CA ALA B 144 8.85 0.26 22.96
C ALA B 144 10.26 0.80 22.72
N ALA B 145 10.76 0.72 21.49
CA ALA B 145 12.17 1.06 21.22
C ALA B 145 12.42 1.37 19.75
N TRP B 146 13.38 2.25 19.49
CA TRP B 146 14.00 2.47 18.17
C TRP B 146 15.26 1.61 18.11
N VAL B 147 15.37 0.76 17.11
CA VAL B 147 16.65 0.08 16.80
C VAL B 147 17.33 0.95 15.75
N LEU B 148 18.44 1.59 16.14
CA LEU B 148 19.10 2.69 15.39
C LEU B 148 19.51 2.20 14.01
N ILE B 149 19.95 0.94 13.94
CA ILE B 149 20.39 0.29 12.68
C ILE B 149 20.34 -1.22 12.91
N ASN B 150 19.99 -1.97 11.88
CA ASN B 150 20.06 -3.46 12.00
C ASN B 150 21.52 -3.86 11.88
N GLU B 151 22.06 -4.54 12.91
CA GLU B 151 23.33 -5.29 12.80
C GLU B 151 24.44 -4.35 12.37
N PRO B 152 24.82 -3.36 13.18
CA PRO B 152 25.96 -2.50 12.87
C PRO B 152 27.19 -3.39 12.69
N GLY B 153 28.07 -3.00 11.78
CA GLY B 153 29.32 -3.72 11.49
C GLY B 153 29.14 -4.73 10.38
N THR B 154 30.21 -4.96 9.63
CA THR B 154 30.24 -5.97 8.55
C THR B 154 31.69 -6.42 8.37
N PRO B 155 31.92 -7.69 7.94
CA PRO B 155 33.26 -8.12 7.55
C PRO B 155 33.76 -7.41 6.28
N ASN B 156 32.86 -6.91 5.43
CA ASN B 156 33.18 -6.25 4.13
C ASN B 156 32.92 -4.75 4.25
N LEU B 157 33.83 -3.99 4.87
CA LEU B 157 33.58 -2.55 5.16
C LEU B 157 33.74 -1.76 3.86
N PRO B 158 32.85 -0.78 3.58
CA PRO B 158 32.83 -0.14 2.25
C PRO B 158 33.88 0.96 2.07
N PHE B 159 35.17 0.63 2.10
CA PHE B 159 36.29 1.58 1.87
C PHE B 159 36.30 2.07 0.42
N ASN B 160 35.66 1.34 -0.49
CA ASN B 160 35.51 1.66 -1.94
C ASN B 160 34.58 2.88 -2.13
N GLU B 161 33.56 3.05 -1.28
CA GLU B 161 32.50 4.08 -1.39
C GLU B 161 33.02 5.45 -0.97
N PRO B 162 32.54 6.54 -1.59
CA PRO B 162 33.10 7.88 -1.34
C PRO B 162 32.90 8.43 0.08
N PHE B 163 31.75 8.16 0.72
CA PHE B 163 31.47 8.66 2.09
C PHE B 163 32.52 8.09 3.05
N THR B 164 32.71 6.77 3.05
CA THR B 164 33.69 6.08 3.93
C THR B 164 35.11 6.53 3.57
N LYS B 165 35.44 6.53 2.28
CA LYS B 165 36.80 6.92 1.77
C LYS B 165 37.15 8.30 2.34
N GLU B 166 36.22 9.25 2.25
CA GLU B 166 36.43 10.66 2.69
C GLU B 166 36.55 10.70 4.21
N ARG B 167 35.67 10.00 4.93
CA ARG B 167 35.69 10.01 6.41
C ARG B 167 37.04 9.47 6.89
N PHE B 168 37.56 8.45 6.22
CA PHE B 168 38.86 7.81 6.59
C PHE B 168 40.00 8.80 6.35
N SER B 169 40.02 9.44 5.18
CA SER B 169 41.01 10.47 4.80
C SER B 169 41.01 11.59 5.84
N ASP B 170 39.84 12.11 6.20
CA ASP B 170 39.68 13.18 7.24
C ASP B 170 40.21 12.71 8.59
N TRP B 171 39.81 11.51 9.00
CA TRP B 171 40.24 10.90 10.29
C TRP B 171 41.77 10.85 10.34
N LYS B 172 42.43 10.39 9.27
CA LYS B 172 43.91 10.27 9.18
C LYS B 172 44.55 11.66 9.32
N LYS B 173 44.02 12.66 8.63
CA LYS B 173 44.52 14.07 8.73
C LYS B 173 44.42 14.57 10.18
N GLU B 174 43.37 14.19 10.92
CA GLU B 174 43.12 14.68 12.30
C GLU B 174 43.92 13.86 13.32
N HIS B 175 44.61 12.81 12.90
CA HIS B 175 45.46 11.98 13.80
C HIS B 175 46.92 12.14 13.38
N ASN B 176 47.82 12.18 14.35
CA ASN B 176 49.27 12.39 14.11
C ASN B 176 49.98 11.14 14.62
N PHE B 177 50.31 10.24 13.69
CA PHE B 177 51.03 8.97 13.97
C PHE B 177 52.47 9.13 13.48
N SER B 178 53.44 8.63 14.23
CA SER B 178 54.83 8.45 13.74
C SER B 178 55.03 7.00 13.30
N GLU B 179 55.93 6.79 12.34
CA GLU B 179 56.35 5.47 11.85
C GLU B 179 57.28 4.76 12.85
N TYR B 180 57.71 5.42 13.94
CA TYR B 180 58.63 4.88 14.95
C TYR B 180 58.07 5.14 16.36
N ASN B 181 58.33 4.21 17.29
CA ASN B 181 57.89 4.36 18.71
C ASN B 181 58.95 5.22 19.42
N GLU B 182 58.74 5.50 20.70
CA GLU B 182 59.61 6.39 21.50
C GLU B 182 61.05 5.85 21.49
N LYS B 183 61.24 4.53 21.61
CA LYS B 183 62.57 3.89 21.63
C LYS B 183 63.21 3.94 20.25
N GLY B 184 62.45 4.18 19.18
CA GLY B 184 62.98 4.33 17.80
C GLY B 184 62.63 3.19 16.88
N TYR B 185 61.97 2.14 17.38
CA TYR B 185 61.62 0.94 16.58
C TYR B 185 60.49 1.28 15.61
N PRO B 186 60.47 0.66 14.41
CA PRO B 186 59.33 0.75 13.51
C PRO B 186 58.05 0.24 14.18
N VAL B 187 56.90 0.81 13.79
CA VAL B 187 55.56 0.47 14.36
C VAL B 187 54.53 0.33 13.25
N LEU B 188 53.46 -0.43 13.52
CA LEU B 188 52.18 -0.31 12.79
C LEU B 188 51.26 0.54 13.65
N ASN B 189 50.43 1.38 13.03
CA ASN B 189 49.51 2.27 13.78
C ASN B 189 48.05 1.81 13.66
N PHE B 190 47.73 0.85 12.80
CA PHE B 190 46.36 0.28 12.67
C PHE B 190 45.37 1.42 12.48
N GLU B 191 45.68 2.32 11.55
CA GLU B 191 44.83 3.51 11.28
C GLU B 191 43.43 3.05 10.87
N LYS B 192 43.34 2.10 9.95
CA LYS B 192 42.06 1.55 9.44
C LYS B 192 41.23 1.08 10.64
N GLU B 193 41.82 0.28 11.52
CA GLU B 193 41.09 -0.40 12.62
C GLU B 193 40.60 0.64 13.64
N ASN B 194 41.43 1.61 13.95
CA ASN B 194 41.09 2.68 14.93
C ASN B 194 40.04 3.60 14.29
N PHE B 195 40.17 3.90 13.00
CA PHE B 195 39.14 4.66 12.26
C PHE B 195 37.80 3.91 12.34
N ILE B 196 37.80 2.60 12.10
CA ILE B 196 36.55 1.81 12.03
C ILE B 196 35.84 1.88 13.39
N ILE B 197 36.57 1.80 14.50
CA ILE B 197 35.96 1.97 15.86
C ILE B 197 35.26 3.32 15.91
N ASP B 198 35.99 4.39 15.57
CA ASP B 198 35.49 5.79 15.68
C ASP B 198 34.33 6.00 14.70
N TYR B 199 34.37 5.34 13.55
CA TYR B 199 33.34 5.47 12.48
C TYR B 199 32.02 4.84 12.94
N HIS B 200 32.07 3.65 13.53
CA HIS B 200 30.89 3.00 14.15
C HIS B 200 30.36 3.90 15.26
N ASN B 201 31.23 4.38 16.14
CA ASN B 201 30.84 5.28 17.25
C ASN B 201 30.11 6.47 16.64
N TRP B 202 30.69 7.06 15.59
CA TRP B 202 30.16 8.31 14.99
C TRP B 202 28.79 8.04 14.37
N TYR B 203 28.64 7.00 13.55
CA TYR B 203 27.39 6.80 12.76
C TYR B 203 26.25 6.45 13.73
N LEU B 204 26.49 5.55 14.68
CA LEU B 204 25.43 5.14 15.64
C LEU B 204 25.05 6.35 16.49
N ASN B 205 26.02 7.13 16.96
CA ASN B 205 25.76 8.35 17.77
C ASN B 205 24.96 9.33 16.92
N TRP B 206 25.29 9.44 15.63
CA TRP B 206 24.59 10.35 14.68
C TRP B 206 23.14 9.87 14.47
N LEU B 207 22.93 8.57 14.32
CA LEU B 207 21.57 7.99 14.20
C LEU B 207 20.79 8.30 15.48
N ALA B 208 21.40 8.13 16.66
CA ALA B 208 20.74 8.41 17.95
C ALA B 208 20.33 9.89 18.01
N ASN B 209 21.22 10.78 17.60
CA ASN B 209 20.98 12.26 17.58
C ASN B 209 19.83 12.56 16.61
N GLN B 210 19.81 11.94 15.45
CA GLN B 210 18.72 12.15 14.43
C GLN B 210 17.38 11.73 15.06
N VAL B 211 17.30 10.54 15.65
CA VAL B 211 16.04 10.07 16.30
C VAL B 211 15.63 11.10 17.36
N ARG B 212 16.59 11.57 18.17
CA ARG B 212 16.33 12.46 19.33
C ARG B 212 15.85 13.85 18.85
N LEU B 213 16.11 14.23 17.60
CA LEU B 213 15.50 15.46 17.02
C LEU B 213 13.97 15.35 17.08
N TYR B 214 13.40 14.15 16.97
CA TYR B 214 11.95 13.96 16.77
C TYR B 214 11.31 13.16 17.88
N ASP B 215 12.08 12.42 18.69
CA ASP B 215 11.50 11.56 19.74
C ASP B 215 12.50 11.49 20.88
N LYS B 216 12.18 12.09 22.03
CA LYS B 216 13.04 12.08 23.23
C LYS B 216 12.48 11.07 24.22
N GLN B 217 11.44 10.33 23.85
CA GLN B 217 10.63 9.51 24.80
C GLN B 217 11.11 8.05 24.77
N HIS B 218 11.43 7.50 23.60
CA HIS B 218 11.55 6.02 23.46
C HIS B 218 13.00 5.58 23.62
N ASP B 219 13.18 4.40 24.18
CA ASP B 219 14.47 3.69 24.31
C ASP B 219 15.16 3.62 22.94
N LEU B 220 16.47 3.86 22.92
CA LEU B 220 17.35 3.61 21.75
C LEU B 220 18.11 2.30 22.00
N HIS B 221 18.14 1.45 20.97
CA HIS B 221 18.64 0.05 21.01
C HIS B 221 19.46 -0.21 19.74
N VAL B 222 20.42 -1.13 19.82
CA VAL B 222 21.14 -1.62 18.61
C VAL B 222 21.59 -3.06 18.85
N ASN B 223 21.72 -3.85 17.76
CA ASN B 223 22.04 -5.30 17.83
C ASN B 223 23.36 -5.57 17.12
N PRO B 224 24.52 -5.44 17.81
CA PRO B 224 25.77 -5.95 17.25
C PRO B 224 25.64 -7.46 17.04
N HIS B 225 26.37 -7.99 16.07
CA HIS B 225 26.14 -9.35 15.55
C HIS B 225 27.46 -10.03 15.25
N ASN B 226 27.43 -11.36 15.13
CA ASN B 226 28.62 -12.14 14.74
C ASN B 226 29.77 -11.73 15.65
N VAL B 227 29.50 -11.64 16.97
CA VAL B 227 30.38 -10.92 17.92
C VAL B 227 31.74 -11.61 18.04
N PHE B 228 31.83 -12.93 17.80
CA PHE B 228 33.15 -13.61 17.93
C PHE B 228 34.04 -13.24 16.74
N LYS B 229 33.50 -12.60 15.70
CA LYS B 229 34.31 -12.12 14.55
C LYS B 229 34.37 -10.60 14.53
N LEU B 230 33.29 -9.90 14.87
CA LEU B 230 33.14 -8.43 14.61
C LEU B 230 33.37 -7.60 15.89
N SER B 231 33.67 -8.23 17.02
CA SER B 231 33.92 -7.51 18.30
C SER B 231 35.01 -6.43 18.13
N GLY B 232 35.94 -6.60 17.18
CA GLY B 232 37.02 -5.62 16.94
C GLY B 232 36.51 -4.35 16.26
N LEU B 233 35.23 -4.30 15.87
CA LEU B 233 34.55 -3.11 15.27
C LEU B 233 33.84 -2.30 16.37
N TYR B 234 33.65 -2.90 17.54
CA TYR B 234 32.63 -2.45 18.53
C TYR B 234 33.28 -1.87 19.80
N ASP B 235 33.02 -0.59 20.05
CA ASP B 235 33.43 0.14 21.27
C ASP B 235 32.20 0.32 22.16
N PHE B 236 31.83 -0.73 22.91
CA PHE B 236 30.56 -0.75 23.65
C PHE B 236 30.53 0.35 24.71
N PRO B 237 31.63 0.59 25.47
CA PRO B 237 31.64 1.69 26.46
C PRO B 237 31.19 3.02 25.84
N THR B 238 31.66 3.36 24.65
CA THR B 238 31.21 4.61 23.96
C THR B 238 29.72 4.49 23.60
N TRP B 239 29.27 3.33 23.12
CA TRP B 239 27.86 3.18 22.65
C TRP B 239 26.90 3.43 23.81
N ARG B 240 27.30 3.07 25.03
CA ARG B 240 26.49 3.29 26.27
C ARG B 240 26.04 4.75 26.35
N THR B 241 26.86 5.69 25.86
CA THR B 241 26.58 7.14 26.03
C THR B 241 25.34 7.55 25.23
N PHE B 242 24.89 6.78 24.24
CA PHE B 242 23.71 7.18 23.41
C PHE B 242 22.66 6.08 23.34
N LEU B 243 22.85 4.95 24.03
CA LEU B 243 21.85 3.85 24.05
C LEU B 243 21.10 3.87 25.39
N ASN B 244 19.89 3.30 25.39
CA ASN B 244 19.14 2.98 26.64
C ASN B 244 19.29 1.48 26.91
N SER B 245 19.54 0.67 25.87
CA SER B 245 19.77 -0.79 26.03
C SER B 245 20.71 -1.27 24.92
N LEU B 246 21.50 -2.29 25.21
CA LEU B 246 22.34 -2.96 24.19
C LEU B 246 21.64 -4.25 23.78
N GLY B 247 21.71 -4.57 22.49
CA GLY B 247 21.09 -5.76 21.92
C GLY B 247 22.14 -6.68 21.32
N GLY B 248 21.70 -7.54 20.41
CA GLY B 248 22.56 -8.54 19.79
C GLY B 248 21.76 -9.46 18.91
N SER B 249 22.36 -9.85 17.79
CA SER B 249 21.95 -11.02 16.99
C SER B 249 22.87 -12.16 17.41
N ALA B 250 22.29 -13.27 17.83
CA ALA B 250 23.03 -14.49 18.24
C ALA B 250 22.35 -15.67 17.55
N HIS B 251 22.69 -15.90 16.29
CA HIS B 251 22.05 -16.91 15.41
C HIS B 251 22.92 -18.16 15.30
N ALA B 252 22.37 -19.31 15.68
CA ALA B 252 23.06 -20.61 15.64
C ALA B 252 23.60 -20.87 14.22
N SER B 253 22.93 -20.39 13.17
CA SER B 253 23.32 -20.68 11.75
C SER B 253 24.32 -19.66 11.21
N TRP B 254 24.58 -18.54 11.87
CA TRP B 254 25.50 -17.49 11.36
C TRP B 254 26.73 -17.32 12.25
N HIS B 255 26.57 -17.31 13.57
CA HIS B 255 27.55 -16.67 14.48
C HIS B 255 28.35 -17.69 15.32
N PHE B 256 28.00 -18.96 15.27
CA PHE B 256 28.52 -20.01 16.19
C PHE B 256 29.40 -21.01 15.44
N GLY B 257 29.93 -20.62 14.27
CA GLY B 257 30.82 -21.46 13.44
C GLY B 257 32.08 -21.89 14.21
N TYR B 258 32.50 -21.19 15.27
CA TYR B 258 33.65 -21.64 16.09
C TYR B 258 33.29 -22.84 16.97
N PHE B 259 32.04 -23.27 16.97
CA PHE B 259 31.55 -24.33 17.89
C PHE B 259 30.82 -25.42 17.13
N PRO B 260 30.83 -26.67 17.63
CA PRO B 260 29.89 -27.67 17.18
C PRO B 260 28.52 -27.34 17.77
N ARG B 261 27.46 -27.88 17.16
CA ARG B 261 26.06 -27.62 17.56
C ARG B 261 25.86 -28.00 19.03
N LYS B 262 26.47 -29.10 19.50
CA LYS B 262 26.29 -29.57 20.90
C LYS B 262 26.86 -28.54 21.89
N ALA B 263 27.68 -27.58 21.44
CA ALA B 263 28.23 -26.53 22.32
C ALA B 263 27.63 -25.15 21.98
N TYR B 264 26.50 -25.08 21.28
CA TYR B 264 25.82 -23.79 21.04
C TYR B 264 25.30 -23.24 22.37
N THR B 265 25.18 -24.08 23.41
CA THR B 265 24.93 -23.63 24.82
C THR B 265 26.04 -22.69 25.25
N VAL B 266 27.28 -23.14 25.08
CA VAL B 266 28.49 -22.39 25.48
C VAL B 266 28.58 -21.14 24.58
N ALA B 267 28.33 -21.28 23.29
CA ALA B 267 28.37 -20.14 22.33
C ALA B 267 27.36 -19.08 22.78
N MET B 268 26.13 -19.49 23.07
CA MET B 268 25.06 -18.54 23.49
C MET B 268 25.45 -17.90 24.83
N SER B 269 25.97 -18.68 25.77
CA SER B 269 26.38 -18.16 27.09
C SER B 269 27.48 -17.11 26.91
N ALA B 270 28.48 -17.41 26.08
CA ALA B 270 29.60 -16.47 25.81
C ALA B 270 29.07 -15.22 25.09
N ASN B 271 28.17 -15.40 24.14
CA ASN B 271 27.60 -14.26 23.36
C ASN B 271 26.82 -13.37 24.33
N ALA B 272 26.04 -13.98 25.23
CA ALA B 272 25.29 -13.25 26.28
C ALA B 272 26.26 -12.52 27.21
N GLU B 273 27.33 -13.17 27.64
CA GLU B 273 28.32 -12.55 28.55
C GLU B 273 28.98 -11.37 27.85
N LEU B 274 29.31 -11.52 26.56
CA LEU B 274 30.03 -10.48 25.78
C LEU B 274 29.15 -9.23 25.69
N ILE B 275 27.86 -9.42 25.38
CA ILE B 275 26.89 -8.30 25.28
C ILE B 275 26.67 -7.69 26.67
N ARG B 276 26.51 -8.55 27.68
CA ARG B 276 26.30 -8.08 29.08
C ARG B 276 27.46 -7.17 29.48
N SER B 277 28.70 -7.56 29.18
CA SER B 277 29.91 -6.75 29.48
C SER B 277 29.82 -5.43 28.72
N GLY B 278 29.46 -5.47 27.43
CA GLY B 278 29.33 -4.26 26.60
C GLY B 278 28.32 -3.30 27.18
N ALA B 279 27.25 -3.85 27.75
CA ALA B 279 26.11 -3.06 28.25
C ALA B 279 26.54 -2.25 29.48
N GLY B 280 27.45 -2.77 30.30
CA GLY B 280 27.85 -2.08 31.54
C GLY B 280 26.65 -1.86 32.44
N GLU B 281 26.30 -0.62 32.75
CA GLU B 281 25.15 -0.32 33.64
C GLU B 281 23.84 -0.32 32.85
N LEU B 282 23.88 -0.32 31.52
CA LEU B 282 22.63 -0.40 30.69
C LEU B 282 22.06 -1.81 30.75
N PRO B 283 20.73 -1.96 30.68
CA PRO B 283 20.13 -3.28 30.49
C PRO B 283 20.45 -3.76 29.06
N TRP B 284 20.43 -5.08 28.88
CA TRP B 284 20.64 -5.69 27.56
C TRP B 284 19.57 -6.74 27.31
N LEU B 285 19.35 -7.06 26.03
CA LEU B 285 18.45 -8.16 25.61
C LEU B 285 18.96 -8.69 24.28
N MET B 286 18.59 -9.91 23.92
CA MET B 286 18.99 -10.50 22.63
C MET B 286 17.91 -10.16 21.58
N THR B 287 18.23 -9.21 20.72
CA THR B 287 17.33 -8.67 19.67
C THR B 287 16.99 -9.74 18.62
N GLU B 288 17.91 -10.67 18.34
CA GLU B 288 17.65 -11.77 17.36
C GLU B 288 18.22 -13.10 17.90
N LEU B 289 17.36 -14.10 17.95
CA LEU B 289 17.66 -15.54 18.15
C LEU B 289 17.06 -16.29 16.97
N GLN B 290 17.62 -17.43 16.60
CA GLN B 290 17.11 -18.17 15.41
C GLN B 290 15.78 -18.85 15.76
N GLY B 291 14.70 -18.49 15.05
CA GLY B 291 13.34 -18.98 15.34
C GLY B 291 12.93 -20.15 14.48
N GLY B 292 13.73 -20.52 13.47
CA GLY B 292 13.27 -21.48 12.47
C GLY B 292 14.34 -21.92 11.50
N ASN B 293 13.87 -22.53 10.43
CA ASN B 293 14.64 -23.41 9.53
C ASN B 293 15.46 -22.61 8.52
N ASN B 294 16.68 -23.06 8.27
CA ASN B 294 17.49 -22.67 7.09
C ASN B 294 17.17 -23.64 5.95
N LEU B 295 16.67 -23.10 4.85
CA LEU B 295 16.54 -23.85 3.59
C LEU B 295 17.84 -23.63 2.80
N TYR B 296 17.98 -22.45 2.18
CA TYR B 296 19.21 -22.04 1.45
C TYR B 296 20.08 -21.10 2.27
N SER B 297 19.57 -20.47 3.33
CA SER B 297 20.32 -19.43 4.09
C SER B 297 21.21 -20.05 5.16
N GLY B 298 22.07 -19.22 5.75
CA GLY B 298 22.90 -19.58 6.90
C GLY B 298 24.22 -20.18 6.47
N ALA B 299 25.24 -20.09 7.31
CA ALA B 299 26.58 -20.68 7.12
C ALA B 299 26.57 -22.11 7.68
N ASN B 300 25.94 -22.31 8.84
CA ASN B 300 25.87 -23.62 9.53
C ASN B 300 24.39 -23.93 9.71
N PRO B 301 23.70 -24.36 8.64
CA PRO B 301 22.25 -24.35 8.63
C PRO B 301 21.68 -25.39 9.61
N LEU B 302 20.56 -25.04 10.24
CA LEU B 302 19.80 -25.97 11.11
C LEU B 302 18.35 -25.51 11.18
N CYS B 303 17.55 -26.33 11.80
CA CYS B 303 16.25 -25.91 12.37
C CYS B 303 16.38 -26.14 13.87
N PRO B 304 16.36 -25.08 14.71
CA PRO B 304 16.46 -25.25 16.15
C PRO B 304 15.44 -26.28 16.62
N THR B 305 15.83 -27.10 17.58
CA THR B 305 14.89 -28.00 18.28
C THR B 305 14.11 -27.18 19.30
N ALA B 306 12.93 -27.65 19.69
CA ALA B 306 12.19 -27.12 20.86
C ALA B 306 13.17 -26.99 22.04
N GLU B 307 14.02 -28.01 22.24
CA GLU B 307 14.96 -28.05 23.39
C GLU B 307 15.96 -26.89 23.29
N GLU B 308 16.47 -26.60 22.09
CA GLU B 308 17.45 -25.50 21.87
C GLU B 308 16.80 -24.15 22.17
N ILE B 309 15.54 -23.97 21.78
CA ILE B 309 14.80 -22.71 22.02
C ILE B 309 14.78 -22.45 23.54
N ILE B 310 14.49 -23.47 24.32
CA ILE B 310 14.38 -23.35 25.81
C ILE B 310 15.78 -23.08 26.38
N GLN B 311 16.79 -23.79 25.89
CA GLN B 311 18.21 -23.62 26.30
C GLN B 311 18.61 -22.16 26.08
N TRP B 312 18.34 -21.60 24.89
CA TRP B 312 18.81 -20.24 24.55
C TRP B 312 18.11 -19.19 25.42
N LEU B 313 16.80 -19.27 25.58
CA LEU B 313 16.03 -18.30 26.41
C LEU B 313 16.57 -18.31 27.83
N TRP B 314 16.73 -19.48 28.45
CA TRP B 314 17.19 -19.56 29.86
C TRP B 314 18.63 -19.06 29.98
N ILE B 315 19.50 -19.43 29.05
CA ILE B 315 20.92 -18.96 29.08
C ILE B 315 20.91 -17.44 29.09
N ASN B 316 20.10 -16.83 28.22
CA ASN B 316 20.11 -15.34 28.08
C ASN B 316 19.55 -14.72 29.38
N PHE B 317 18.42 -15.23 29.88
CA PHE B 317 17.78 -14.67 31.10
C PHE B 317 18.73 -14.84 32.30
N ALA B 318 19.43 -15.97 32.40
CA ALA B 318 20.38 -16.25 33.50
C ALA B 318 21.58 -15.31 33.40
N THR B 319 21.79 -14.70 32.23
CA THR B 319 22.90 -13.75 31.94
C THR B 319 22.34 -12.33 31.85
N GLU B 320 21.18 -12.09 32.48
CA GLU B 320 20.57 -10.75 32.77
C GLU B 320 19.82 -10.17 31.57
N ALA B 321 19.59 -10.94 30.51
CA ALA B 321 18.84 -10.46 29.32
C ALA B 321 17.45 -10.00 29.79
N LYS B 322 16.98 -8.88 29.28
CA LYS B 322 15.62 -8.35 29.55
C LYS B 322 14.66 -8.78 28.44
N GLY B 323 15.14 -9.58 27.51
CA GLY B 323 14.30 -10.07 26.41
C GLY B 323 15.05 -11.03 25.52
N GLY B 324 14.28 -11.90 24.86
CA GLY B 324 14.73 -12.74 23.73
C GLY B 324 13.74 -12.59 22.61
N ILE B 325 14.16 -11.98 21.51
CA ILE B 325 13.32 -11.81 20.29
C ILE B 325 13.82 -12.76 19.21
N PHE B 326 12.93 -13.59 18.69
CA PHE B 326 13.25 -14.56 17.62
C PHE B 326 13.12 -13.90 16.24
N TRP B 327 14.15 -14.05 15.42
CA TRP B 327 14.05 -13.91 13.96
C TRP B 327 13.69 -15.28 13.41
N SER B 328 12.43 -15.52 12.99
CA SER B 328 11.35 -14.57 12.85
C SER B 328 10.02 -15.25 13.21
N PHE B 329 8.96 -14.51 13.51
CA PHE B 329 7.63 -15.11 13.77
C PHE B 329 7.14 -15.76 12.47
N ASN B 330 7.00 -14.92 11.44
CA ASN B 330 6.57 -15.31 10.07
C ASN B 330 7.76 -15.11 9.12
N ALA B 331 7.67 -15.65 7.91
CA ALA B 331 8.77 -15.65 6.92
C ALA B 331 8.55 -14.58 5.85
N ARG B 332 9.67 -14.14 5.28
CA ARG B 332 9.73 -13.46 3.98
C ARG B 332 9.09 -14.40 2.95
N SER B 333 8.56 -13.87 1.85
CA SER B 333 7.86 -14.66 0.82
C SER B 333 8.71 -14.82 -0.45
N THR B 334 9.68 -13.96 -0.70
CA THR B 334 10.36 -13.91 -2.01
C THR B 334 11.89 -13.97 -1.86
N ALA B 335 12.53 -14.83 -2.66
CA ALA B 335 14.00 -14.90 -2.83
C ALA B 335 14.66 -15.18 -1.47
N ALA B 336 15.65 -14.40 -1.07
CA ALA B 336 16.47 -14.66 0.13
C ALA B 336 15.56 -14.90 1.35
N GLU B 337 15.69 -16.08 1.95
CA GLU B 337 15.06 -16.50 3.23
C GLU B 337 13.54 -16.64 3.06
N ALA B 338 13.06 -16.83 1.84
CA ALA B 338 11.61 -17.05 1.59
C ALA B 338 11.17 -18.35 2.30
N GLY B 339 10.26 -18.26 3.27
CA GLY B 339 9.73 -19.40 4.03
C GLY B 339 10.76 -20.01 4.95
N GLU B 340 11.80 -19.23 5.30
CA GLU B 340 12.87 -19.63 6.22
C GLU B 340 12.75 -18.83 7.51
N TRP B 341 13.31 -19.36 8.61
CA TRP B 341 13.55 -18.69 9.91
C TRP B 341 12.29 -18.64 10.77
N ALA B 342 11.10 -19.03 10.26
CA ALA B 342 9.82 -18.70 10.90
C ALA B 342 9.52 -19.69 12.04
N MET B 343 8.99 -19.14 13.14
CA MET B 343 8.52 -19.93 14.31
C MET B 343 7.16 -20.57 14.00
N ILE B 344 6.36 -19.94 13.13
CA ILE B 344 5.07 -20.52 12.67
C ILE B 344 5.34 -21.38 11.44
N ASN B 345 4.48 -22.37 11.21
CA ASN B 345 4.52 -23.29 10.04
C ASN B 345 3.80 -22.59 8.87
N PHE B 346 3.70 -23.26 7.74
CA PHE B 346 3.14 -22.66 6.49
C PHE B 346 1.60 -22.55 6.60
N LYS B 347 0.98 -23.16 7.60
CA LYS B 347 -0.46 -22.94 7.94
C LYS B 347 -0.59 -21.81 8.96
N ASN B 348 0.50 -21.12 9.33
CA ASN B 348 0.48 -19.98 10.29
C ASN B 348 0.10 -20.49 11.68
N LYS B 349 0.37 -21.76 12.00
CA LYS B 349 0.18 -22.32 13.35
C LYS B 349 1.55 -22.55 14.00
N SER B 350 1.55 -22.90 15.28
CA SER B 350 2.76 -23.05 16.12
C SER B 350 3.58 -24.26 15.65
N SER B 351 4.86 -24.06 15.35
CA SER B 351 5.88 -25.14 15.35
C SER B 351 6.15 -25.52 16.81
N ASP B 352 6.90 -26.59 17.03
CA ASP B 352 7.30 -27.02 18.40
C ASP B 352 8.22 -25.93 18.99
N ARG B 353 8.81 -25.07 18.16
CA ARG B 353 9.70 -23.97 18.63
C ARG B 353 8.86 -22.86 19.28
N LEU B 354 7.73 -22.52 18.69
CA LEU B 354 6.83 -21.49 19.25
C LEU B 354 6.18 -22.05 20.52
N ILE B 355 5.75 -23.31 20.50
CA ILE B 355 5.19 -24.00 21.70
C ILE B 355 6.22 -23.91 22.83
N ALA B 356 7.50 -24.21 22.54
CA ALA B 356 8.60 -24.15 23.53
C ALA B 356 8.76 -22.72 24.05
N ALA B 357 8.90 -21.73 23.17
CA ALA B 357 9.06 -20.32 23.58
C ALA B 357 7.89 -19.89 24.46
N ALA B 358 6.67 -20.32 24.12
CA ALA B 358 5.44 -19.98 24.87
C ALA B 358 5.54 -20.47 26.32
N THR B 359 6.17 -21.63 26.58
CA THR B 359 6.32 -22.15 27.97
C THR B 359 7.17 -21.17 28.78
N ILE B 360 8.13 -20.50 28.14
CA ILE B 360 9.05 -19.59 28.86
C ILE B 360 8.34 -18.26 29.12
N GLY B 361 7.59 -17.76 28.15
CA GLY B 361 6.72 -16.58 28.35
C GLY B 361 5.76 -16.84 29.51
N LYS B 362 5.16 -18.04 29.55
CA LYS B 362 4.20 -18.43 30.62
C LYS B 362 4.94 -18.42 31.97
N PHE B 363 6.11 -19.05 32.02
CA PHE B 363 6.93 -19.12 33.26
C PHE B 363 7.19 -17.70 33.79
N ILE B 364 7.54 -16.76 32.90
CA ILE B 364 7.85 -15.37 33.31
C ILE B 364 6.60 -14.77 33.97
N THR B 365 5.42 -14.89 33.34
CA THR B 365 4.16 -14.28 33.84
C THR B 365 3.81 -14.88 35.21
N GLU B 366 4.16 -16.14 35.47
CA GLU B 366 3.90 -16.84 36.75
C GLU B 366 5.02 -16.62 37.77
N ASN B 367 6.13 -15.99 37.39
CA ASN B 367 7.30 -15.79 38.30
C ASN B 367 7.88 -14.40 38.10
N VAL B 368 7.02 -13.37 38.06
CA VAL B 368 7.41 -11.99 37.66
C VAL B 368 8.51 -11.47 38.57
N LYS B 369 8.36 -11.59 39.89
CA LYS B 369 9.28 -10.94 40.86
C LYS B 369 10.67 -11.56 40.69
N MET B 370 10.76 -12.89 40.65
CA MET B 370 12.04 -13.59 40.39
C MET B 370 12.62 -13.12 39.05
N MET B 371 11.86 -13.24 37.96
CA MET B 371 12.40 -13.09 36.59
C MET B 371 12.78 -11.62 36.31
N SER B 372 12.22 -10.65 37.04
CA SER B 372 12.43 -9.21 36.80
C SER B 372 13.72 -8.71 37.46
N ASN B 373 14.34 -9.49 38.35
CA ASN B 373 15.42 -8.99 39.24
C ASN B 373 16.66 -9.89 39.15
N ILE B 374 16.83 -10.59 38.02
CA ILE B 374 17.98 -11.52 37.84
C ILE B 374 19.27 -10.71 37.79
N LYS B 375 20.23 -11.10 38.64
CA LYS B 375 21.64 -10.65 38.61
C LYS B 375 22.49 -11.91 38.46
N THR B 376 23.36 -11.95 37.46
CA THR B 376 24.25 -13.10 37.25
C THR B 376 25.12 -13.20 38.51
N LEU B 377 25.32 -14.41 39.03
CA LEU B 377 26.27 -14.65 40.14
C LEU B 377 27.67 -14.64 39.52
N ASN B 378 28.37 -13.52 39.61
CA ASN B 378 29.76 -13.40 39.11
C ASN B 378 30.65 -14.28 40.00
N SER B 379 31.27 -15.29 39.42
CA SER B 379 32.30 -16.13 40.09
C SER B 379 33.47 -15.26 40.57
N GLY B 380 33.71 -14.11 39.92
CA GLY B 380 34.95 -13.33 40.04
C GLY B 380 36.00 -13.71 38.98
N ILE B 381 35.68 -14.64 38.09
CA ILE B 381 36.52 -14.99 36.91
C ILE B 381 36.07 -14.12 35.73
N SER B 382 37.00 -13.36 35.16
CA SER B 382 36.80 -12.58 33.93
C SER B 382 37.76 -13.05 32.84
N ILE B 383 37.21 -13.55 31.73
CA ILE B 383 38.00 -13.89 30.51
C ILE B 383 38.01 -12.64 29.64
N LEU B 384 39.19 -12.04 29.42
CA LEU B 384 39.29 -10.74 28.74
C LEU B 384 39.81 -10.95 27.30
N TYR B 385 39.21 -10.25 26.34
CA TYR B 385 39.69 -10.15 24.94
C TYR B 385 39.96 -8.66 24.69
N ASN B 386 40.76 -8.32 23.69
CA ASN B 386 40.92 -6.89 23.33
C ASN B 386 40.91 -6.74 21.82
N HIS B 387 40.43 -5.58 21.36
CA HIS B 387 40.42 -5.21 19.94
C HIS B 387 41.80 -5.47 19.35
N GLU B 388 42.84 -5.07 20.07
CA GLU B 388 44.22 -4.95 19.51
C GLU B 388 44.78 -6.34 19.22
N SER B 389 44.48 -7.36 20.04
CA SER B 389 44.95 -8.74 19.77
C SER B 389 44.34 -9.21 18.44
N MET B 390 43.07 -8.90 18.22
CA MET B 390 42.38 -9.28 16.96
C MET B 390 43.02 -8.53 15.79
N TRP B 391 43.31 -7.25 15.96
CA TRP B 391 43.90 -6.43 14.87
C TRP B 391 45.30 -6.93 14.55
N VAL B 392 46.12 -7.17 15.56
CA VAL B 392 47.50 -7.65 15.34
C VAL B 392 47.44 -9.04 14.71
N GLU B 393 46.53 -9.91 15.15
CA GLU B 393 46.36 -11.24 14.53
C GLU B 393 46.05 -11.10 13.03
N ALA B 394 45.14 -10.20 12.66
CA ALA B 394 44.72 -10.01 11.25
C ALA B 394 45.95 -9.58 10.42
N ALA B 395 46.85 -8.75 10.97
CA ALA B 395 48.07 -8.32 10.26
C ALA B 395 49.06 -9.50 10.15
N GLN B 396 49.25 -10.28 11.22
CA GLN B 396 50.28 -11.35 11.24
C GLN B 396 49.85 -12.57 10.42
N THR B 397 48.56 -12.91 10.38
CA THR B 397 48.05 -14.10 9.68
C THR B 397 47.74 -13.75 8.23
N ARG B 398 47.78 -12.46 7.88
CA ARG B 398 47.52 -11.93 6.51
C ARG B 398 46.16 -12.47 6.02
N GLY B 399 45.19 -12.58 6.92
CA GLY B 399 43.79 -12.99 6.63
C GLY B 399 43.62 -14.47 6.31
N LYS B 400 44.62 -15.34 6.60
CA LYS B 400 44.53 -16.81 6.40
C LYS B 400 43.38 -17.40 7.25
N LEU B 401 42.65 -18.37 6.67
CA LEU B 401 41.41 -18.95 7.24
C LEU B 401 41.55 -20.48 7.33
N ASN B 402 42.69 -20.95 7.84
CA ASN B 402 43.08 -22.40 7.92
C ASN B 402 42.68 -22.98 9.28
N GLY B 403 41.83 -22.27 10.05
CA GLY B 403 41.29 -22.65 11.37
C GLY B 403 42.34 -23.13 12.37
N ASN B 404 43.53 -22.49 12.45
CA ASN B 404 44.57 -22.79 13.48
C ASN B 404 45.04 -21.47 14.13
N GLY B 405 46.08 -21.53 14.97
CA GLY B 405 46.72 -20.34 15.57
C GLY B 405 47.23 -19.36 14.53
N ARG B 406 47.55 -19.85 13.32
CA ARG B 406 48.11 -19.03 12.22
C ARG B 406 46.98 -18.53 11.30
N SER B 407 45.76 -18.46 11.81
CA SER B 407 44.54 -18.03 11.07
C SER B 407 43.77 -16.99 11.90
N ILE B 408 42.95 -16.21 11.22
CA ILE B 408 41.97 -15.29 11.86
C ILE B 408 41.12 -16.13 12.81
N GLY B 409 40.93 -15.68 14.04
CA GLY B 409 39.97 -16.29 14.96
C GLY B 409 40.59 -16.95 16.18
N ALA B 410 41.90 -17.24 16.15
CA ALA B 410 42.59 -17.92 17.28
C ALA B 410 42.48 -17.06 18.55
N VAL B 411 42.55 -15.72 18.42
CA VAL B 411 42.52 -14.80 19.58
C VAL B 411 41.13 -14.81 20.24
N MET B 412 40.09 -15.24 19.52
CA MET B 412 38.74 -15.37 20.14
C MET B 412 38.48 -16.84 20.50
N CYS B 413 38.93 -17.79 19.69
CA CYS B 413 38.70 -19.24 19.97
C CYS B 413 39.41 -19.63 21.27
N SER B 414 40.57 -19.03 21.56
CA SER B 414 41.36 -19.34 22.76
C SER B 414 40.58 -18.97 24.03
N PRO B 415 40.17 -17.69 24.22
CA PRO B 415 39.37 -17.37 25.40
C PRO B 415 38.04 -18.12 25.43
N LEU B 416 37.42 -18.41 24.28
CA LEU B 416 36.14 -19.15 24.26
C LEU B 416 36.38 -20.58 24.73
N SER B 417 37.59 -21.11 24.54
CA SER B 417 37.96 -22.48 24.97
C SER B 417 38.06 -22.54 26.49
N TYR B 418 38.66 -21.52 27.11
CA TYR B 418 38.69 -21.38 28.59
C TYR B 418 37.26 -21.26 29.10
N PHE B 419 36.46 -20.45 28.39
CA PHE B 419 35.05 -20.22 28.74
C PHE B 419 34.31 -21.56 28.77
N GLU B 420 34.53 -22.38 27.75
CA GLU B 420 33.90 -23.72 27.64
C GLU B 420 34.38 -24.63 28.78
N ALA B 421 35.68 -24.62 29.08
CA ALA B 421 36.27 -25.44 30.17
C ALA B 421 35.56 -25.09 31.49
N LEU B 422 35.36 -23.80 31.73
CA LEU B 422 34.72 -23.31 32.97
C LEU B 422 33.23 -23.68 32.93
N SER B 423 32.57 -23.53 31.77
CA SER B 423 31.14 -23.91 31.62
C SER B 423 30.96 -25.40 32.00
N GLU B 424 31.90 -26.24 31.60
CA GLU B 424 31.87 -27.71 31.83
C GLU B 424 32.32 -28.03 33.27
N THR B 425 32.73 -27.02 34.04
CA THR B 425 32.97 -27.14 35.50
C THR B 425 31.80 -26.51 36.28
N GLY B 426 30.81 -26.01 35.57
CA GLY B 426 29.61 -25.36 36.15
C GLY B 426 29.95 -24.00 36.77
N LEU B 427 31.03 -23.36 36.33
CA LEU B 427 31.45 -22.04 36.85
C LEU B 427 31.08 -20.96 35.83
N GLN B 428 30.39 -19.93 36.30
CA GLN B 428 30.21 -18.67 35.55
C GLN B 428 31.57 -18.05 35.27
N ALA B 429 31.69 -17.36 34.14
CA ALA B 429 32.84 -16.50 33.84
C ALA B 429 32.34 -15.32 33.00
N ASN B 430 32.84 -14.14 33.30
CA ASN B 430 32.61 -12.96 32.45
C ASN B 430 33.41 -13.17 31.15
N PHE B 431 32.92 -12.55 30.08
CA PHE B 431 33.62 -12.45 28.78
C PHE B 431 33.57 -10.99 28.39
N LYS B 432 34.69 -10.30 28.48
CA LYS B 432 34.72 -8.82 28.47
C LYS B 432 35.85 -8.33 27.57
N GLU B 433 35.60 -7.23 26.86
CA GLU B 433 36.69 -6.43 26.26
C GLU B 433 37.49 -5.83 27.42
N ILE B 434 38.80 -5.72 27.26
CA ILE B 434 39.70 -5.31 28.39
C ILE B 434 39.24 -3.95 28.94
N LYS B 435 38.76 -3.03 28.10
CA LYS B 435 38.35 -1.68 28.56
C LYS B 435 37.05 -1.78 29.38
N GLU B 436 36.35 -2.91 29.35
CA GLU B 436 35.07 -3.09 30.09
C GLU B 436 35.37 -3.63 31.49
N PHE B 437 36.63 -4.00 31.77
CA PHE B 437 37.03 -4.47 33.11
C PHE B 437 37.36 -3.25 33.97
N ASP B 438 36.81 -3.21 35.19
CA ASP B 438 37.08 -2.13 36.16
C ASP B 438 38.44 -2.38 36.84
N PHE B 439 39.47 -1.64 36.43
CA PHE B 439 40.86 -1.74 36.98
C PHE B 439 41.08 -0.70 38.09
N SER B 440 40.02 -0.09 38.63
CA SER B 440 40.10 1.12 39.50
C SER B 440 40.09 0.74 40.99
N LEU B 441 39.79 -0.51 41.34
CA LEU B 441 39.49 -0.94 42.73
C LEU B 441 40.78 -1.06 43.55
N ASN B 442 40.64 -1.07 44.88
CA ASN B 442 41.76 -1.13 45.84
C ASN B 442 42.06 -2.58 46.22
N ASP B 443 41.13 -3.48 45.94
CA ASP B 443 41.23 -4.90 46.37
C ASP B 443 40.72 -5.79 45.23
N TYR B 444 41.48 -6.82 44.86
CA TYR B 444 41.11 -7.84 43.84
C TYR B 444 41.36 -9.24 44.41
N THR B 445 41.39 -9.36 45.74
CA THR B 445 41.43 -10.67 46.43
C THR B 445 40.32 -11.52 45.83
N ASP B 446 40.63 -12.78 45.54
CA ASP B 446 39.59 -13.74 45.07
C ASP B 446 39.00 -13.32 43.70
N GLN B 447 39.59 -12.37 42.97
CA GLN B 447 39.22 -12.11 41.54
C GLN B 447 40.26 -12.78 40.62
N VAL B 448 39.83 -13.24 39.45
CA VAL B 448 40.69 -13.96 38.46
C VAL B 448 40.48 -13.33 37.10
N ILE B 449 41.57 -12.97 36.44
CA ILE B 449 41.58 -12.57 35.00
C ILE B 449 42.30 -13.67 34.22
N ILE B 450 41.67 -14.13 33.14
CA ILE B 450 42.27 -15.07 32.17
C ILE B 450 42.55 -14.30 30.89
N LEU B 451 43.84 -14.21 30.50
CA LEU B 451 44.28 -13.63 29.21
C LEU B 451 44.82 -14.78 28.37
N SER B 452 43.97 -15.32 27.51
CA SER B 452 44.26 -16.53 26.70
C SER B 452 44.55 -16.10 25.27
N HIS B 453 45.83 -16.14 24.89
CA HIS B 453 46.29 -15.84 23.52
C HIS B 453 45.83 -14.42 23.13
N GLN B 454 45.89 -13.48 24.08
CA GLN B 454 45.64 -12.04 23.80
C GLN B 454 47.00 -11.47 23.44
N ILE B 455 47.36 -11.66 22.15
CA ILE B 455 48.73 -11.50 21.64
C ILE B 455 49.19 -10.03 21.71
N ALA B 456 48.29 -9.06 21.86
CA ALA B 456 48.68 -7.63 21.94
C ALA B 456 48.26 -7.03 23.27
N LEU B 457 49.25 -6.52 24.03
CA LEU B 457 49.04 -5.77 25.31
C LEU B 457 50.01 -4.60 25.30
N ASP B 458 49.56 -3.41 25.71
CA ASP B 458 50.42 -2.19 25.75
C ASP B 458 50.85 -1.92 27.20
N ASN B 459 51.73 -0.94 27.38
CA ASN B 459 52.29 -0.57 28.71
C ASN B 459 51.14 -0.22 29.67
N LYS B 460 50.14 0.54 29.21
CA LYS B 460 49.02 0.99 30.07
C LYS B 460 48.29 -0.23 30.64
N VAL B 461 47.93 -1.19 29.81
CA VAL B 461 47.16 -2.38 30.27
C VAL B 461 48.06 -3.21 31.19
N ILE B 462 49.35 -3.31 30.88
CA ILE B 462 50.31 -4.08 31.75
C ILE B 462 50.35 -3.44 33.14
N LYS B 463 50.37 -2.11 33.25
CA LYS B 463 50.34 -1.41 34.56
C LYS B 463 49.03 -1.73 35.27
N GLN B 464 47.91 -1.77 34.56
CA GLN B 464 46.60 -2.11 35.16
C GLN B 464 46.65 -3.56 35.67
N LEU B 465 47.27 -4.47 34.92
CA LEU B 465 47.37 -5.91 35.30
C LEU B 465 48.29 -6.04 36.54
N GLU B 466 49.39 -5.28 36.57
CA GLU B 466 50.32 -5.23 37.73
C GLU B 466 49.55 -4.81 38.98
N SER B 467 48.78 -3.73 38.88
CA SER B 467 47.93 -3.21 39.97
C SER B 467 46.94 -4.30 40.41
N PHE B 468 46.28 -4.92 39.44
CA PHE B 468 45.26 -5.97 39.68
C PHE B 468 45.87 -7.10 40.51
N VAL B 469 47.04 -7.59 40.09
CA VAL B 469 47.70 -8.76 40.74
C VAL B 469 48.25 -8.30 42.10
N GLU B 470 48.88 -7.14 42.17
CA GLU B 470 49.51 -6.62 43.41
C GLU B 470 48.44 -6.56 44.51
N LYS B 471 47.21 -6.22 44.13
CA LYS B 471 46.07 -6.02 45.05
C LYS B 471 45.31 -7.33 45.27
N GLY B 472 45.90 -8.49 44.92
CA GLY B 472 45.35 -9.81 45.29
C GLY B 472 44.79 -10.58 44.10
N GLY B 473 44.76 -9.97 42.91
CA GLY B 473 44.26 -10.63 41.68
C GLY B 473 45.09 -11.85 41.31
N THR B 474 44.45 -12.86 40.72
CA THR B 474 45.09 -14.02 40.08
C THR B 474 45.02 -13.82 38.56
N LEU B 475 46.16 -13.82 37.89
CA LEU B 475 46.25 -13.66 36.42
C LEU B 475 46.70 -14.99 35.83
N ILE B 476 45.89 -15.56 34.94
CA ILE B 476 46.23 -16.79 34.15
C ILE B 476 46.42 -16.35 32.70
N ALA B 477 47.60 -16.62 32.15
CA ALA B 477 47.96 -16.23 30.77
C ALA B 477 48.51 -17.45 30.06
N ASP B 478 47.93 -17.82 28.90
CA ASP B 478 48.48 -18.88 28.03
C ASP B 478 48.64 -18.35 26.62
N GLY B 479 49.21 -19.19 25.74
CA GLY B 479 49.45 -18.86 24.33
C GLY B 479 50.37 -17.66 24.23
N LEU B 480 50.24 -16.87 23.17
CA LEU B 480 51.16 -15.75 22.88
C LEU B 480 50.67 -14.47 23.55
N THR B 481 49.95 -14.55 24.67
CA THR B 481 49.55 -13.34 25.44
C THR B 481 50.76 -12.43 25.64
N GLY B 482 50.64 -11.16 25.22
CA GLY B 482 51.65 -10.11 25.44
C GLY B 482 52.89 -10.23 24.56
N TYR B 483 52.86 -11.06 23.52
CA TYR B 483 53.99 -11.20 22.58
C TYR B 483 54.24 -9.86 21.85
N TYR B 484 53.18 -9.15 21.52
CA TYR B 484 53.23 -7.84 20.82
C TYR B 484 52.59 -6.76 21.70
N ASP B 485 52.91 -5.50 21.36
CA ASP B 485 52.20 -4.32 21.91
C ASP B 485 51.13 -3.91 20.88
N TYR B 486 50.52 -2.75 21.07
CA TYR B 486 49.36 -2.27 20.28
C TYR B 486 49.87 -1.76 18.92
N GLN B 487 51.18 -1.71 18.70
CA GLN B 487 51.77 -1.32 17.40
C GLN B 487 52.39 -2.53 16.69
N ALA B 488 52.06 -3.76 17.13
CA ALA B 488 52.57 -5.03 16.58
C ALA B 488 54.09 -5.09 16.79
N HIS B 489 54.62 -4.31 17.73
CA HIS B 489 56.05 -4.35 18.11
C HIS B 489 56.20 -5.40 19.22
N SER B 490 57.11 -6.36 19.05
CA SER B 490 57.27 -7.45 20.04
C SER B 490 58.28 -7.01 21.11
N THR B 491 57.82 -6.75 22.32
CA THR B 491 58.73 -6.46 23.47
C THR B 491 59.44 -7.75 23.86
N VAL B 492 58.93 -8.92 23.44
CA VAL B 492 59.66 -10.21 23.61
C VAL B 492 61.02 -10.05 22.91
N VAL B 493 61.08 -9.32 21.79
CA VAL B 493 62.35 -9.09 21.05
C VAL B 493 63.13 -7.91 21.68
N SER B 494 62.49 -6.77 21.96
CA SER B 494 63.18 -5.50 22.34
C SER B 494 63.45 -5.40 23.86
N GLY B 495 62.74 -6.16 24.71
CA GLY B 495 62.77 -5.99 26.19
C GLY B 495 61.41 -6.20 26.79
N PHE B 496 61.14 -7.38 27.34
CA PHE B 496 59.79 -7.93 27.58
C PHE B 496 59.06 -7.09 28.63
N ALA B 497 57.91 -6.52 28.25
CA ALA B 497 57.18 -5.54 29.09
C ALA B 497 56.54 -6.26 30.27
N LEU B 498 56.25 -7.56 30.14
CA LEU B 498 55.61 -8.36 31.21
C LEU B 498 56.65 -9.08 32.08
N GLU B 499 57.95 -8.81 31.92
CA GLU B 499 58.99 -9.52 32.73
C GLU B 499 58.73 -9.29 34.23
N ASN B 500 58.49 -8.05 34.61
CA ASN B 500 58.22 -7.66 36.02
C ASN B 500 57.04 -8.48 36.56
N LEU B 501 55.89 -8.44 35.87
CA LEU B 501 54.67 -9.12 36.37
C LEU B 501 54.86 -10.64 36.37
N PHE B 502 55.49 -11.19 35.34
CA PHE B 502 55.60 -12.66 35.13
C PHE B 502 56.79 -13.23 35.93
N GLY B 503 57.72 -12.37 36.38
CA GLY B 503 58.92 -12.82 37.11
C GLY B 503 59.73 -13.82 36.30
N SER B 504 59.77 -13.61 34.99
CA SER B 504 60.30 -14.58 34.02
C SER B 504 60.37 -13.91 32.64
N TYR B 505 61.01 -14.59 31.71
CA TYR B 505 61.39 -14.05 30.38
C TYR B 505 61.22 -15.18 29.39
N PRO B 506 60.57 -14.95 28.22
CA PRO B 506 60.49 -15.96 27.18
C PRO B 506 61.90 -16.27 26.65
N ILE B 507 62.12 -17.53 26.27
CA ILE B 507 63.37 -18.01 25.66
C ILE B 507 63.10 -18.28 24.18
N GLU B 508 62.22 -19.24 23.88
CA GLU B 508 61.91 -19.62 22.48
C GLU B 508 60.45 -20.02 22.33
N TYR B 509 59.95 -19.86 21.11
CA TYR B 509 58.83 -20.63 20.55
C TYR B 509 59.39 -21.58 19.50
N LYS B 510 58.91 -22.82 19.53
CA LYS B 510 59.19 -23.81 18.46
C LYS B 510 57.84 -24.34 18.00
N ILE B 511 57.61 -24.23 16.69
CA ILE B 511 56.35 -24.75 16.10
C ILE B 511 56.41 -26.27 16.18
N LYS B 512 55.28 -26.89 16.49
CA LYS B 512 55.06 -28.37 16.54
C LYS B 512 53.85 -28.69 15.67
N GLU B 513 53.16 -29.78 15.92
CA GLU B 513 51.94 -30.14 15.16
C GLU B 513 50.76 -29.32 15.69
N ASN B 514 49.63 -29.38 15.00
CA ASN B 514 48.36 -28.75 15.42
C ASN B 514 48.02 -29.20 16.86
N LEU B 515 48.32 -30.45 17.19
CA LEU B 515 48.05 -31.00 18.54
C LEU B 515 49.30 -31.72 19.04
N PHE B 516 49.85 -31.27 20.16
CA PHE B 516 50.94 -31.97 20.89
C PHE B 516 50.58 -31.94 22.37
N SER B 517 51.39 -32.63 23.15
CA SER B 517 51.26 -32.78 24.61
C SER B 517 52.37 -32.01 25.31
N LEU B 518 52.04 -31.18 26.30
CA LEU B 518 53.00 -30.67 27.31
C LEU B 518 52.98 -31.69 28.45
N ASP B 519 54.09 -32.41 28.64
CA ASP B 519 54.20 -33.47 29.67
C ASP B 519 54.95 -32.90 30.88
N PHE B 520 54.24 -32.50 31.94
CA PHE B 520 54.84 -31.85 33.12
C PHE B 520 55.76 -32.86 33.82
N GLU B 521 56.86 -32.36 34.39
CA GLU B 521 57.66 -33.09 35.40
C GLU B 521 56.81 -33.14 36.68
N TYR B 525 51.55 -37.29 32.74
CA TYR B 525 50.47 -36.26 32.84
C TYR B 525 50.65 -35.19 31.75
N LYS B 526 49.56 -34.83 31.07
CA LYS B 526 49.59 -34.23 29.70
C LYS B 526 48.58 -33.09 29.55
N LEU B 527 49.04 -31.84 29.30
CA LEU B 527 48.21 -30.75 28.75
C LEU B 527 48.22 -30.83 27.22
N PRO B 528 47.05 -30.92 26.58
CA PRO B 528 46.99 -30.71 25.13
C PRO B 528 47.45 -29.27 24.85
N ALA B 529 48.24 -29.09 23.79
CA ALA B 529 48.75 -27.78 23.35
C ALA B 529 48.65 -27.70 21.83
N HIS B 530 48.46 -26.48 21.32
CA HIS B 530 48.27 -26.21 19.88
C HIS B 530 49.46 -25.45 19.32
N LEU B 531 50.11 -26.06 18.33
CA LEU B 531 50.94 -25.39 17.30
C LEU B 531 52.33 -24.99 17.82
N TRP B 532 52.43 -24.25 18.91
CA TRP B 532 53.73 -23.67 19.35
C TRP B 532 54.04 -24.09 20.78
N LYS B 533 55.29 -24.49 21.02
CA LYS B 533 55.78 -24.73 22.40
C LYS B 533 56.60 -23.52 22.84
N GLY B 534 56.15 -22.85 23.90
CA GLY B 534 56.88 -21.75 24.56
C GLY B 534 57.78 -22.29 25.67
N THR B 535 59.02 -21.84 25.69
CA THR B 535 59.97 -22.05 26.83
C THR B 535 60.32 -20.69 27.39
N ILE B 536 60.58 -20.66 28.69
CA ILE B 536 60.84 -19.42 29.46
C ILE B 536 62.04 -19.66 30.38
N GLU B 537 62.52 -18.58 30.95
CA GLU B 537 63.53 -18.57 32.03
C GLU B 537 62.92 -17.79 33.19
N THR B 538 62.86 -18.38 34.38
CA THR B 538 62.33 -17.72 35.60
C THR B 538 63.44 -16.94 36.28
N SER B 539 63.11 -15.78 36.86
CA SER B 539 63.94 -15.07 37.85
C SER B 539 63.23 -15.17 39.19
N LYS B 540 62.21 -14.36 39.42
CA LYS B 540 61.43 -14.36 40.71
C LYS B 540 60.38 -15.48 40.71
N ALA B 541 59.86 -15.88 39.55
CA ALA B 541 58.78 -16.89 39.47
C ALA B 541 59.34 -18.28 39.80
N THR B 542 58.47 -19.18 40.22
CA THR B 542 58.77 -20.61 40.44
C THR B 542 58.62 -21.32 39.11
N PRO B 543 59.69 -21.96 38.58
CA PRO B 543 59.59 -22.63 37.29
C PRO B 543 58.83 -23.95 37.35
N ILE B 544 58.14 -24.28 36.25
CA ILE B 544 57.47 -25.59 36.03
C ILE B 544 58.12 -26.21 34.81
N MET B 545 58.69 -27.40 34.97
CA MET B 545 59.54 -28.07 33.96
C MET B 545 58.73 -29.18 33.32
N ASP B 546 59.04 -29.52 32.07
CA ASP B 546 58.41 -30.67 31.36
C ASP B 546 59.41 -31.84 31.38
N LYS B 547 59.05 -32.97 30.79
CA LYS B 547 59.86 -34.22 30.86
C LYS B 547 61.10 -34.08 29.97
N GLU B 548 61.18 -33.05 29.13
CA GLU B 548 62.40 -32.79 28.31
C GLU B 548 63.33 -31.87 29.08
N GLY B 549 62.99 -31.50 30.33
CA GLY B 549 63.79 -30.59 31.17
C GLY B 549 63.75 -29.16 30.68
N GLU B 550 62.68 -28.76 29.98
CA GLU B 550 62.48 -27.36 29.52
C GLU B 550 61.49 -26.67 30.47
N CYS B 551 61.68 -25.39 30.70
CA CYS B 551 60.77 -24.59 31.54
C CYS B 551 59.61 -24.08 30.66
N ILE B 552 58.40 -24.60 30.89
CA ILE B 552 57.21 -24.37 30.01
C ILE B 552 56.16 -23.53 30.71
N ALA B 553 56.34 -23.21 32.00
CA ALA B 553 55.37 -22.40 32.75
C ALA B 553 55.99 -21.92 34.06
N CYS B 554 55.27 -21.05 34.77
CA CYS B 554 55.70 -20.55 36.08
C CYS B 554 54.52 -19.97 36.87
N ILE B 555 54.71 -19.87 38.17
CA ILE B 555 53.83 -19.13 39.11
C ILE B 555 54.68 -18.04 39.72
N ASN B 556 54.27 -16.79 39.52
CA ASN B 556 54.93 -15.62 40.14
C ASN B 556 54.03 -15.10 41.25
N GLN B 557 54.57 -14.96 42.46
CA GLN B 557 53.88 -14.26 43.58
C GLN B 557 54.19 -12.78 43.40
N TYR B 558 53.19 -11.95 43.20
CA TYR B 558 53.37 -10.52 42.91
C TYR B 558 52.47 -9.71 43.84
N GLY B 559 53.05 -9.03 44.84
CA GLY B 559 52.27 -8.44 45.94
C GLY B 559 51.37 -9.49 46.57
N LYS B 560 50.07 -9.22 46.70
CA LYS B 560 49.12 -10.17 47.33
C LYS B 560 48.60 -11.18 46.30
N GLY B 561 48.88 -11.00 45.02
CA GLY B 561 48.26 -11.82 43.96
C GLY B 561 49.22 -12.83 43.39
N LYS B 562 48.79 -13.58 42.37
CA LYS B 562 49.68 -14.53 41.69
C LYS B 562 49.41 -14.53 40.18
N VAL B 563 50.45 -14.89 39.44
CA VAL B 563 50.41 -15.07 37.97
C VAL B 563 50.74 -16.53 37.68
N PHE B 564 49.90 -17.19 36.90
CA PHE B 564 50.24 -18.47 36.22
C PHE B 564 50.43 -18.18 34.75
N TRP B 565 51.63 -18.42 34.23
CA TRP B 565 52.01 -18.16 32.82
C TRP B 565 52.44 -19.45 32.16
N ILE B 566 51.80 -19.82 31.07
CA ILE B 566 52.20 -20.98 30.23
C ILE B 566 52.13 -20.53 28.78
N PRO B 567 53.25 -20.09 28.19
CA PRO B 567 53.22 -19.47 26.86
C PRO B 567 52.90 -20.40 25.67
N SER B 568 52.61 -21.68 25.91
CA SER B 568 52.05 -22.60 24.89
C SER B 568 50.53 -22.41 24.85
N PRO B 569 49.86 -22.54 23.68
CA PRO B 569 48.40 -22.42 23.63
C PRO B 569 47.72 -23.68 24.17
N ILE B 570 47.39 -23.71 25.47
CA ILE B 570 46.75 -24.89 26.09
C ILE B 570 45.22 -24.79 25.94
N ALA B 571 44.65 -23.58 25.88
CA ALA B 571 43.20 -23.42 25.60
C ALA B 571 42.94 -23.90 24.17
N LEU B 572 43.78 -23.50 23.22
CA LEU B 572 43.63 -23.96 21.81
C LEU B 572 43.95 -25.45 21.73
N GLY B 573 44.86 -25.95 22.58
CA GLY B 573 45.15 -27.38 22.74
C GLY B 573 43.88 -28.15 23.12
N ALA B 574 43.19 -27.67 24.14
CA ALA B 574 41.88 -28.22 24.57
C ALA B 574 40.91 -28.22 23.37
N ARG B 575 40.81 -27.11 22.65
CA ARG B 575 39.92 -26.98 21.48
C ARG B 575 40.27 -28.02 20.42
N GLU B 576 41.54 -28.11 20.03
CA GLU B 576 42.00 -29.03 18.96
C GLU B 576 41.77 -30.49 19.38
N SER B 577 42.01 -30.83 20.65
CA SER B 577 41.84 -32.21 21.17
C SER B 577 40.35 -32.51 21.43
N LYS B 578 39.49 -31.49 21.38
CA LYS B 578 38.04 -31.60 21.71
C LYS B 578 37.87 -32.14 23.13
N ASP B 579 38.76 -31.74 24.03
CA ASP B 579 38.77 -32.23 25.43
C ASP B 579 39.18 -31.09 26.33
N PHE B 580 38.25 -30.59 27.13
CA PHE B 580 38.48 -29.42 28.04
C PHE B 580 38.74 -29.91 29.47
N SER B 581 38.81 -31.22 29.70
CA SER B 581 38.89 -31.77 31.08
C SER B 581 40.19 -31.31 31.74
N GLU B 582 41.34 -31.41 31.05
CA GLU B 582 42.63 -31.01 31.66
C GLU B 582 42.65 -29.51 31.93
N LEU B 583 42.16 -28.70 30.99
CA LEU B 583 42.13 -27.23 31.17
C LEU B 583 41.23 -26.89 32.36
N SER B 584 40.09 -27.58 32.51
CA SER B 584 39.18 -27.45 33.68
C SER B 584 39.97 -27.70 34.97
N LYS B 585 40.60 -28.88 35.08
CA LYS B 585 41.30 -29.30 36.33
C LYS B 585 42.38 -28.29 36.66
N LEU B 586 43.22 -27.93 35.68
CA LEU B 586 44.33 -26.96 35.87
C LEU B 586 43.77 -25.62 36.38
N THR B 587 42.73 -25.11 35.74
CA THR B 587 42.16 -23.77 36.06
C THR B 587 41.59 -23.82 37.49
N VAL B 588 40.85 -24.88 37.83
CA VAL B 588 40.26 -25.06 39.19
C VAL B 588 41.38 -24.99 40.23
N SER B 589 42.53 -25.62 39.97
CA SER B 589 43.66 -25.70 40.93
C SER B 589 44.22 -24.31 41.18
N LEU B 590 44.00 -23.35 40.25
CA LEU B 590 44.55 -21.98 40.34
C LEU B 590 43.55 -21.01 40.97
N LEU B 591 42.27 -21.39 41.09
CA LEU B 591 41.22 -20.47 41.59
C LEU B 591 41.37 -20.24 43.08
N PRO B 592 41.21 -19.00 43.58
CA PRO B 592 41.10 -18.73 45.01
C PRO B 592 39.98 -19.60 45.62
N ASN B 593 40.25 -20.18 46.81
CA ASN B 593 39.30 -21.06 47.54
C ASN B 593 37.91 -20.42 47.63
N LYS B 594 37.84 -19.11 47.89
CA LYS B 594 36.55 -18.40 48.11
C LYS B 594 35.63 -18.59 46.89
N ILE B 595 36.18 -18.67 45.67
CA ILE B 595 35.33 -18.84 44.47
C ILE B 595 34.68 -20.22 44.54
N LEU B 596 35.47 -21.26 44.84
CA LEU B 596 34.96 -22.66 44.91
C LEU B 596 34.02 -22.82 46.12
N ASN B 597 34.25 -22.08 47.21
CA ASN B 597 33.42 -22.21 48.44
C ASN B 597 32.06 -21.52 48.25
N ASP B 598 32.02 -20.36 47.59
CA ASP B 598 30.82 -19.47 47.56
C ASP B 598 29.97 -19.68 46.29
N ASN B 599 30.50 -20.32 45.24
CA ASN B 599 29.79 -20.46 43.95
C ASN B 599 29.40 -21.90 43.74
N PRO B 600 28.11 -22.20 43.46
CA PRO B 600 27.74 -23.53 42.99
C PRO B 600 28.56 -23.84 41.73
N HIS B 601 29.07 -25.06 41.66
CA HIS B 601 29.87 -25.60 40.52
C HIS B 601 29.79 -27.12 40.58
N PHE B 602 30.34 -27.81 39.60
CA PHE B 602 30.34 -29.28 39.56
C PHE B 602 31.51 -29.78 40.42
N ASP B 603 31.34 -30.94 41.06
CA ASP B 603 32.37 -31.57 41.92
C ASP B 603 33.55 -32.00 41.04
N LYS B 604 33.32 -32.11 39.74
CA LYS B 604 34.37 -32.44 38.74
C LYS B 604 33.92 -31.95 37.36
N HIS B 605 34.79 -32.07 36.38
CA HIS B 605 34.52 -31.70 34.98
C HIS B 605 33.46 -32.63 34.40
N TYR B 606 32.44 -32.09 33.72
CA TYR B 606 31.43 -32.86 32.96
C TYR B 606 31.47 -32.40 31.50
N LYS B 607 31.91 -33.27 30.62
CA LYS B 607 31.89 -33.05 29.15
C LYS B 607 30.45 -32.76 28.73
N ASP B 608 30.24 -31.67 27.99
CA ASP B 608 28.96 -31.33 27.32
C ASP B 608 27.84 -31.08 28.33
N VAL B 609 28.18 -30.57 29.49
CA VAL B 609 27.19 -30.10 30.49
C VAL B 609 27.58 -28.69 30.84
N MET B 610 26.60 -27.82 31.07
CA MET B 610 26.93 -26.46 31.52
C MET B 610 26.06 -26.14 32.73
N MET B 611 26.60 -25.30 33.59
CA MET B 611 25.82 -24.64 34.65
C MET B 611 26.35 -23.22 34.82
N LYS B 612 25.41 -22.32 35.08
CA LYS B 612 25.66 -20.91 35.43
C LYS B 612 24.65 -20.57 36.52
N SER B 613 25.05 -19.77 37.49
CA SER B 613 24.19 -19.43 38.64
C SER B 613 23.85 -17.95 38.59
N PHE B 614 22.70 -17.61 39.20
CA PHE B 614 22.23 -16.21 39.28
C PHE B 614 21.47 -16.03 40.60
N LYS B 615 21.20 -14.77 40.92
CA LYS B 615 20.44 -14.37 42.12
C LYS B 615 19.27 -13.49 41.68
N SER B 616 18.17 -13.54 42.42
CA SER B 616 17.05 -12.61 42.28
C SER B 616 16.45 -12.34 43.67
N ASN B 617 16.50 -11.08 44.11
CA ASN B 617 15.92 -10.64 45.41
C ASN B 617 16.46 -11.54 46.54
N GLY B 618 17.77 -11.81 46.53
CA GLY B 618 18.44 -12.52 47.64
C GLY B 618 18.38 -14.04 47.51
N THR B 619 17.55 -14.60 46.61
CA THR B 619 17.52 -16.06 46.36
C THR B 619 18.50 -16.43 45.25
N MET B 620 19.26 -17.50 45.44
CA MET B 620 20.23 -18.02 44.45
C MET B 620 19.55 -19.09 43.60
N TYR B 621 19.87 -19.13 42.31
CA TYR B 621 19.39 -20.14 41.34
C TYR B 621 20.58 -20.64 40.52
N SER B 622 20.42 -21.82 39.94
CA SER B 622 21.38 -22.40 38.99
C SER B 622 20.64 -22.88 37.74
N LEU B 623 21.24 -22.64 36.59
CA LEU B 623 20.79 -23.14 35.27
C LEU B 623 21.70 -24.30 34.90
N ILE B 624 21.14 -25.44 34.58
CA ILE B 624 21.94 -26.63 34.16
C ILE B 624 21.39 -27.10 32.84
N ILE B 625 22.27 -27.36 31.88
CA ILE B 625 21.87 -27.93 30.57
C ILE B 625 22.80 -29.10 30.27
N ASN B 626 22.19 -30.20 29.85
CA ASN B 626 22.89 -31.44 29.47
C ASN B 626 22.89 -31.51 27.95
N LYS B 627 24.07 -31.44 27.32
CA LYS B 627 24.22 -31.54 25.84
C LYS B 627 24.91 -32.85 25.48
N SER B 628 25.14 -33.73 26.45
CA SER B 628 25.70 -35.08 26.20
C SER B 628 24.60 -35.97 25.63
N ALA B 629 24.99 -37.12 25.09
CA ALA B 629 24.08 -38.13 24.52
C ALA B 629 23.46 -38.97 25.65
N SER B 630 23.85 -38.80 26.91
CA SER B 630 23.35 -39.67 28.01
C SER B 630 22.83 -38.85 29.19
N VAL B 631 21.92 -39.44 29.96
CA VAL B 631 21.48 -38.93 31.28
C VAL B 631 22.75 -38.72 32.10
N GLN B 632 22.86 -37.60 32.80
CA GLN B 632 24.03 -37.28 33.62
C GLN B 632 23.51 -37.11 35.05
N THR B 633 24.29 -37.54 36.02
CA THR B 633 24.08 -37.19 37.44
C THR B 633 25.18 -36.21 37.81
N VAL B 634 24.79 -34.97 38.05
CA VAL B 634 25.74 -33.85 38.27
C VAL B 634 25.77 -33.55 39.77
N ASP B 635 26.92 -33.69 40.40
CA ASP B 635 27.09 -33.37 41.85
C ASP B 635 27.44 -31.88 41.95
N ILE B 636 26.52 -31.08 42.48
CA ILE B 636 26.72 -29.62 42.66
C ILE B 636 27.25 -29.37 44.07
N VAL B 637 28.34 -28.62 44.19
CA VAL B 637 28.98 -28.23 45.47
C VAL B 637 29.27 -26.73 45.41
N GLY B 638 29.46 -26.11 46.57
CA GLY B 638 29.74 -24.67 46.70
C GLY B 638 28.46 -23.88 46.90
N GLY B 639 28.57 -22.69 47.49
CA GLY B 639 27.42 -21.90 47.96
C GLY B 639 26.66 -22.65 49.03
N LYS B 640 25.38 -22.32 49.25
CA LYS B 640 24.57 -22.84 50.38
C LYS B 640 23.16 -23.15 49.86
N GLY B 641 22.51 -24.15 50.46
CA GLY B 641 21.07 -24.40 50.28
C GLY B 641 20.83 -25.77 49.67
N LYS B 642 19.56 -26.17 49.64
CA LYS B 642 19.11 -27.48 49.10
C LYS B 642 18.41 -27.21 47.76
N ALA B 643 18.66 -28.07 46.79
CA ALA B 643 18.13 -27.97 45.42
C ALA B 643 16.61 -28.19 45.46
N PHE B 644 15.87 -27.20 44.97
CA PHE B 644 14.46 -27.37 44.54
C PHE B 644 14.38 -27.12 43.03
N ILE B 645 13.88 -28.08 42.26
CA ILE B 645 13.70 -27.93 40.79
C ILE B 645 12.50 -27.02 40.52
N LEU B 646 12.76 -25.81 40.03
CA LEU B 646 11.76 -24.79 39.67
C LEU B 646 11.33 -24.96 38.20
N PHE B 647 12.24 -25.39 37.35
CA PHE B 647 12.00 -25.60 35.89
C PHE B 647 12.77 -26.82 35.42
N ALA B 648 12.12 -27.67 34.64
CA ALA B 648 12.71 -28.88 34.04
C ALA B 648 11.77 -29.31 32.92
N ASN B 649 12.27 -29.48 31.70
CA ASN B 649 11.39 -29.82 30.56
C ASN B 649 11.44 -31.32 30.29
N LYS B 650 12.20 -32.12 31.03
CA LYS B 650 12.25 -33.60 30.82
C LYS B 650 12.26 -34.35 32.15
N ASN B 651 11.59 -33.81 33.17
CA ASN B 651 11.36 -34.50 34.47
C ASN B 651 12.69 -34.80 35.18
N ALA B 652 13.64 -33.87 35.15
CA ALA B 652 14.83 -33.92 36.02
C ALA B 652 14.38 -34.16 37.46
N HIS B 653 15.24 -34.78 38.27
CA HIS B 653 15.04 -34.95 39.74
C HIS B 653 16.39 -34.76 40.43
N SER B 654 16.37 -34.24 41.66
CA SER B 654 17.57 -34.04 42.51
C SER B 654 17.45 -34.89 43.77
N THR B 655 18.55 -35.48 44.23
CA THR B 655 18.70 -36.14 45.54
C THR B 655 19.84 -35.42 46.24
N ALA B 656 19.53 -34.73 47.34
CA ALA B 656 20.41 -33.74 47.96
C ALA B 656 20.75 -32.74 46.84
N ASN B 657 22.04 -32.58 46.50
CA ASN B 657 22.50 -31.61 45.48
C ASN B 657 23.11 -32.37 44.29
N LYS B 658 22.61 -33.57 44.04
CA LYS B 658 22.96 -34.44 42.90
C LYS B 658 21.78 -34.38 41.92
N LEU B 659 21.96 -33.68 40.79
CA LEU B 659 20.88 -33.45 39.78
C LEU B 659 21.01 -34.50 38.69
N THR B 660 19.95 -35.27 38.46
CA THR B 660 19.83 -36.20 37.32
C THR B 660 19.11 -35.46 36.20
N ILE B 661 19.80 -35.23 35.08
CA ILE B 661 19.34 -34.34 33.96
C ILE B 661 19.48 -35.11 32.65
N SER B 662 18.44 -35.11 31.84
CA SER B 662 18.36 -35.89 30.58
C SER B 662 19.03 -35.13 29.43
N PRO B 663 19.40 -35.83 28.35
CA PRO B 663 19.94 -35.16 27.16
C PRO B 663 19.01 -34.05 26.66
N GLU B 664 19.57 -32.86 26.48
CA GLU B 664 18.92 -31.66 25.86
C GLU B 664 17.97 -31.01 26.85
N GLU B 665 17.92 -31.51 28.09
CA GLU B 665 17.09 -30.91 29.16
C GLU B 665 17.74 -29.62 29.65
N THR B 666 16.89 -28.65 29.97
CA THR B 666 17.23 -27.40 30.68
C THR B 666 16.61 -27.47 32.07
N VAL B 667 17.39 -27.17 33.10
CA VAL B 667 16.90 -27.20 34.51
C VAL B 667 17.21 -25.87 35.18
N ILE B 668 16.24 -25.32 35.89
CA ILE B 668 16.49 -24.26 36.90
C ILE B 668 16.30 -24.85 38.30
N ILE B 669 17.36 -24.76 39.12
CA ILE B 669 17.32 -25.08 40.57
C ILE B 669 17.20 -23.76 41.33
N LYS B 670 16.26 -23.72 42.26
CA LYS B 670 16.14 -22.69 43.33
C LYS B 670 16.81 -23.29 44.57
N TRP B 671 17.76 -22.55 45.16
CA TRP B 671 18.49 -22.99 46.37
C TRP B 671 17.73 -22.51 47.61
N LYS B 672 17.33 -23.46 48.49
CA LYS B 672 16.65 -23.22 49.80
C LYS B 672 17.66 -23.22 50.95
N GLU C 23 -78.09 23.65 -32.86
CA GLU C 23 -78.72 22.82 -31.81
C GLU C 23 -78.44 23.47 -30.44
N ARG C 24 -79.44 23.49 -29.57
CA ARG C 24 -79.37 23.92 -28.14
C ARG C 24 -79.23 22.66 -27.27
N ILE C 25 -78.23 22.64 -26.42
CA ILE C 25 -77.90 21.43 -25.63
C ILE C 25 -79.05 21.21 -24.66
N SER C 26 -79.35 19.96 -24.34
CA SER C 26 -80.39 19.58 -23.36
C SER C 26 -79.97 18.28 -22.68
N LYS C 27 -80.71 17.85 -21.68
CA LYS C 27 -80.47 16.60 -20.94
C LYS C 27 -80.74 15.40 -21.85
N GLN C 28 -81.30 15.61 -23.05
CA GLN C 28 -81.60 14.55 -24.05
C GLN C 28 -80.62 14.61 -25.22
N SER C 29 -79.64 15.52 -25.22
CA SER C 29 -78.66 15.64 -26.32
C SER C 29 -77.84 14.34 -26.41
N THR C 30 -77.40 14.01 -27.61
CA THR C 30 -76.43 12.90 -27.85
C THR C 30 -75.08 13.38 -27.32
N PRO C 31 -74.45 12.67 -26.37
CA PRO C 31 -73.13 13.06 -25.89
C PRO C 31 -72.12 12.97 -27.03
N PHE C 32 -71.07 13.79 -26.96
CA PHE C 32 -69.99 13.81 -27.97
C PHE C 32 -68.64 13.64 -27.27
N VAL C 33 -67.67 13.19 -28.06
CA VAL C 33 -66.23 13.27 -27.75
C VAL C 33 -65.67 14.36 -28.66
N GLY C 34 -64.80 15.20 -28.12
CA GLY C 34 -64.24 16.35 -28.82
C GLY C 34 -62.85 16.66 -28.31
N ALA C 35 -62.23 17.68 -28.87
CA ALA C 35 -60.86 18.08 -28.51
C ALA C 35 -60.66 19.56 -28.83
N GLN C 36 -59.82 20.22 -28.04
CA GLN C 36 -59.32 21.57 -28.33
C GLN C 36 -58.60 21.51 -29.68
N ILE C 37 -58.89 22.45 -30.57
CA ILE C 37 -58.05 22.68 -31.76
C ILE C 37 -57.29 23.96 -31.48
N PHE C 38 -55.98 23.84 -31.29
CA PHE C 38 -55.11 24.96 -30.92
C PHE C 38 -54.70 25.72 -32.17
N ILE C 39 -55.18 26.96 -32.26
CA ILE C 39 -54.96 27.87 -33.42
C ILE C 39 -54.06 29.01 -32.97
N GLU C 40 -52.93 29.17 -33.65
CA GLU C 40 -52.00 30.30 -33.47
C GLU C 40 -51.41 30.60 -34.84
N PRO C 41 -50.85 31.79 -35.04
CA PRO C 41 -50.21 32.13 -36.30
C PRO C 41 -49.00 31.21 -36.52
N GLY C 42 -48.68 30.96 -37.80
CA GLY C 42 -47.54 30.15 -38.22
C GLY C 42 -48.01 28.83 -38.79
N GLN C 43 -49.14 28.31 -38.29
CA GLN C 43 -49.71 27.02 -38.76
C GLN C 43 -50.12 27.17 -40.24
N THR C 44 -50.03 26.10 -41.03
CA THR C 44 -50.44 26.09 -42.46
C THR C 44 -51.87 25.57 -42.60
N GLN C 45 -52.57 26.01 -43.64
CA GLN C 45 -53.89 25.48 -44.07
C GLN C 45 -53.86 23.95 -44.06
N GLU C 46 -52.80 23.36 -44.61
CA GLU C 46 -52.67 21.89 -44.81
C GLU C 46 -52.64 21.20 -43.44
N GLN C 47 -51.85 21.70 -42.48
CA GLN C 47 -51.75 21.07 -41.13
C GLN C 47 -53.13 21.19 -40.45
N ILE C 48 -53.80 22.33 -40.56
CA ILE C 48 -55.12 22.53 -39.87
C ILE C 48 -56.16 21.58 -40.47
N GLU C 49 -56.17 21.43 -41.79
CA GLU C 49 -57.11 20.50 -42.46
C GLU C 49 -56.82 19.07 -42.00
N GLN C 50 -55.54 18.69 -41.91
CA GLN C 50 -55.06 17.37 -41.41
C GLN C 50 -55.68 17.12 -40.02
N TRP C 51 -55.74 18.14 -39.16
CA TRP C 51 -56.28 18.00 -37.78
C TRP C 51 -57.80 17.72 -37.86
N PHE C 52 -58.56 18.55 -38.58
CA PHE C 52 -60.03 18.41 -38.64
C PHE C 52 -60.40 17.09 -39.29
N LYS C 53 -59.64 16.67 -40.31
CA LYS C 53 -59.88 15.38 -41.02
C LYS C 53 -59.72 14.24 -40.03
N LEU C 54 -58.61 14.21 -39.29
CA LEU C 54 -58.32 13.10 -38.31
C LEU C 54 -59.32 13.18 -37.15
N LEU C 55 -59.68 14.38 -36.73
CA LEU C 55 -60.67 14.58 -35.63
C LEU C 55 -61.99 13.94 -36.07
N ALA C 56 -62.48 14.23 -37.28
CA ALA C 56 -63.73 13.65 -37.83
C ALA C 56 -63.58 12.12 -37.94
N GLU C 57 -62.44 11.63 -38.43
CA GLU C 57 -62.19 10.16 -38.58
C GLU C 57 -62.12 9.50 -37.20
N SER C 58 -61.89 10.27 -36.14
CA SER C 58 -61.76 9.74 -34.76
C SER C 58 -63.11 9.78 -34.04
N ASN C 59 -64.23 9.93 -34.79
CA ASN C 59 -65.61 9.86 -34.24
C ASN C 59 -65.83 11.00 -33.23
N MET C 60 -65.10 12.10 -33.40
CA MET C 60 -65.28 13.33 -32.62
C MET C 60 -66.10 14.31 -33.45
N THR C 61 -67.09 14.96 -32.84
CA THR C 61 -68.07 15.83 -33.54
C THR C 61 -67.81 17.28 -33.22
N THR C 62 -66.95 17.55 -32.24
CA THR C 62 -66.86 18.87 -31.59
C THR C 62 -65.40 19.23 -31.34
N CYS C 63 -65.06 20.50 -31.52
CA CYS C 63 -63.76 21.05 -31.13
C CYS C 63 -64.02 22.28 -30.25
N ARG C 64 -62.99 22.74 -29.57
CA ARG C 64 -63.03 24.00 -28.81
C ARG C 64 -61.86 24.85 -29.28
N ILE C 65 -62.09 26.14 -29.47
CA ILE C 65 -61.04 27.03 -30.02
C ILE C 65 -60.97 28.26 -29.12
N ARG C 66 -59.76 28.58 -28.68
CA ARG C 66 -59.42 29.80 -27.93
C ARG C 66 -59.36 30.96 -28.92
N MET C 67 -60.31 31.88 -28.81
CA MET C 67 -60.49 32.97 -29.81
C MET C 67 -59.56 34.11 -29.45
N PHE C 68 -58.25 33.87 -29.47
CA PHE C 68 -57.21 34.82 -28.97
C PHE C 68 -57.42 36.20 -29.59
N GLY C 69 -57.75 37.21 -28.77
CA GLY C 69 -57.72 38.63 -29.19
C GLY C 69 -56.37 38.99 -29.79
N LYS C 70 -55.27 38.49 -29.22
CA LYS C 70 -53.90 38.81 -29.70
C LYS C 70 -53.76 38.47 -31.18
N TYR C 71 -54.43 37.42 -31.67
CA TYR C 71 -54.21 36.91 -33.04
C TYR C 71 -55.31 37.43 -33.98
N MET C 72 -56.07 38.44 -33.54
CA MET C 72 -57.08 39.13 -34.38
C MET C 72 -56.81 40.64 -34.44
N LYS C 73 -56.17 41.23 -33.44
CA LYS C 73 -55.97 42.70 -33.38
C LYS C 73 -54.85 43.05 -34.36
N THR C 74 -55.07 44.08 -35.17
CA THR C 74 -54.12 44.60 -36.19
C THR C 74 -53.41 45.79 -35.60
N PRO C 75 -52.27 46.24 -36.19
CA PRO C 75 -51.59 47.45 -35.72
C PRO C 75 -52.52 48.66 -35.51
N SER C 76 -53.53 48.83 -36.37
CA SER C 76 -54.45 50.00 -36.37
C SER C 76 -55.55 49.84 -35.30
N GLY C 77 -55.67 48.66 -34.68
CA GLY C 77 -56.67 48.37 -33.63
C GLY C 77 -57.96 47.79 -34.19
N THR C 78 -58.04 47.55 -35.50
CA THR C 78 -59.18 46.84 -36.15
C THR C 78 -59.05 45.34 -35.82
N TYR C 79 -60.11 44.58 -36.09
CA TYR C 79 -60.17 43.11 -35.92
C TYR C 79 -60.02 42.46 -37.30
N ASP C 80 -59.05 41.56 -37.42
CA ASP C 80 -58.86 40.69 -38.61
C ASP C 80 -59.15 39.27 -38.14
N PHE C 81 -60.23 38.67 -38.66
CA PHE C 81 -60.78 37.38 -38.16
C PHE C 81 -60.17 36.21 -38.92
N THR C 82 -59.29 36.49 -39.89
CA THR C 82 -58.80 35.55 -40.93
C THR C 82 -58.35 34.23 -40.30
N LEU C 83 -57.52 34.30 -39.26
CA LEU C 83 -56.87 33.11 -38.67
C LEU C 83 -57.96 32.17 -38.15
N PHE C 84 -59.00 32.74 -37.55
CA PHE C 84 -60.11 31.96 -36.95
C PHE C 84 -61.13 31.57 -38.02
N ASP C 85 -61.37 32.44 -39.00
CA ASP C 85 -62.21 32.08 -40.17
C ASP C 85 -61.68 30.78 -40.77
N ARG C 86 -60.38 30.70 -41.01
CA ARG C 86 -59.74 29.53 -41.64
C ARG C 86 -60.09 28.27 -40.84
N ALA C 87 -60.00 28.35 -39.51
CA ALA C 87 -60.25 27.20 -38.61
C ALA C 87 -61.73 26.85 -38.63
N PHE C 88 -62.62 27.86 -38.50
CA PHE C 88 -64.09 27.63 -38.45
C PHE C 88 -64.56 27.00 -39.76
N LYS C 89 -64.02 27.45 -40.89
CA LYS C 89 -64.41 26.96 -42.25
C LYS C 89 -63.96 25.51 -42.41
N LEU C 90 -62.75 25.17 -41.95
CA LEU C 90 -62.26 23.77 -42.01
C LEU C 90 -63.08 22.90 -41.05
N ALA C 91 -63.40 23.40 -39.87
CA ALA C 91 -64.30 22.65 -38.95
C ALA C 91 -65.61 22.37 -39.69
N ASP C 92 -66.20 23.41 -40.29
CA ASP C 92 -67.51 23.33 -40.98
C ASP C 92 -67.44 22.27 -42.10
N LYS C 93 -66.38 22.31 -42.91
CA LYS C 93 -66.17 21.34 -44.02
C LYS C 93 -66.21 19.90 -43.49
N TYR C 94 -65.71 19.64 -42.29
CA TYR C 94 -65.65 18.27 -41.70
C TYR C 94 -66.82 18.06 -40.73
N HIS C 95 -67.80 18.97 -40.74
CA HIS C 95 -69.06 18.87 -39.95
C HIS C 95 -68.73 18.85 -38.45
N ILE C 96 -67.72 19.61 -38.04
CA ILE C 96 -67.27 19.72 -36.62
C ILE C 96 -67.85 21.01 -36.05
N LYS C 97 -68.58 20.90 -34.94
CA LYS C 97 -69.12 22.07 -34.22
C LYS C 97 -68.04 22.63 -33.29
N VAL C 98 -68.12 23.92 -32.97
CA VAL C 98 -67.06 24.69 -32.26
C VAL C 98 -67.64 25.26 -30.97
N TYR C 99 -66.96 24.97 -29.85
CA TYR C 99 -67.03 25.74 -28.59
C TYR C 99 -66.02 26.86 -28.73
N ALA C 100 -66.47 28.11 -28.82
CA ALA C 100 -65.61 29.29 -29.00
C ALA C 100 -65.38 29.96 -27.65
N THR C 101 -64.14 30.01 -27.18
CA THR C 101 -63.81 30.60 -25.87
C THR C 101 -63.45 32.07 -26.06
N LEU C 102 -64.17 32.93 -25.38
CA LEU C 102 -63.86 34.39 -25.34
C LEU C 102 -62.55 34.55 -24.56
N PHE C 103 -61.51 35.00 -25.25
CA PHE C 103 -60.13 35.10 -24.71
C PHE C 103 -59.54 36.40 -25.23
N PRO C 104 -59.82 37.54 -24.58
CA PRO C 104 -59.32 38.83 -25.05
C PRO C 104 -57.79 38.87 -25.03
N ASP C 105 -57.25 39.87 -25.70
CA ASP C 105 -55.79 40.12 -25.82
C ASP C 105 -55.18 40.06 -24.43
N THR C 106 -54.05 39.38 -24.31
CA THR C 106 -53.27 39.25 -23.04
C THR C 106 -51.84 38.88 -23.40
N GLU C 107 -50.93 38.94 -22.44
CA GLU C 107 -49.50 38.61 -22.67
C GLU C 107 -49.43 37.19 -23.24
N PHE C 108 -48.49 36.97 -24.16
CA PHE C 108 -48.16 35.63 -24.71
C PHE C 108 -47.92 34.63 -23.56
N THR C 109 -47.31 35.07 -22.46
CA THR C 109 -46.92 34.24 -21.29
C THR C 109 -48.12 33.97 -20.38
N ASP C 110 -49.25 34.67 -20.56
CA ASP C 110 -50.50 34.41 -19.80
C ASP C 110 -51.20 33.19 -20.41
N VAL C 111 -50.91 32.00 -19.88
CA VAL C 111 -51.37 30.72 -20.49
C VAL C 111 -52.89 30.61 -20.32
N GLY C 112 -53.41 30.81 -19.10
CA GLY C 112 -54.80 30.44 -18.73
C GLY C 112 -55.82 31.56 -19.00
N GLY C 113 -55.32 32.81 -19.11
CA GLY C 113 -56.13 34.01 -19.32
C GLY C 113 -56.42 34.75 -18.03
N PHE C 114 -56.55 36.09 -18.11
CA PHE C 114 -56.95 36.92 -16.95
C PHE C 114 -58.38 36.56 -16.54
N LYS C 115 -58.67 36.67 -15.24
CA LYS C 115 -59.93 36.19 -14.63
C LYS C 115 -60.90 37.36 -14.43
N PHE C 116 -60.41 38.60 -14.45
CA PHE C 116 -61.21 39.83 -14.27
C PHE C 116 -60.54 40.98 -15.02
N PRO C 117 -61.29 42.02 -15.42
CA PRO C 117 -60.66 43.20 -16.01
C PRO C 117 -59.63 43.83 -15.07
N HIS C 118 -58.54 44.36 -15.62
CA HIS C 118 -57.42 45.04 -14.90
C HIS C 118 -57.89 46.43 -14.46
N SER C 119 -58.78 47.05 -15.23
CA SER C 119 -59.17 48.50 -15.12
C SER C 119 -60.47 48.74 -15.88
N ARG C 120 -61.11 49.89 -15.67
CA ARG C 120 -62.33 50.30 -16.42
C ARG C 120 -61.95 50.36 -17.91
N GLU C 121 -60.76 50.87 -18.23
CA GLU C 121 -60.31 50.99 -19.64
C GLU C 121 -60.20 49.58 -20.24
N HIS C 122 -59.62 48.64 -19.49
CA HIS C 122 -59.52 47.23 -19.92
C HIS C 122 -60.93 46.66 -20.14
N GLN C 123 -61.87 46.91 -19.21
CA GLN C 123 -63.27 46.42 -19.36
C GLN C 123 -63.83 46.86 -20.72
N LYS C 124 -63.59 48.11 -21.13
CA LYS C 124 -64.10 48.65 -22.42
C LYS C 124 -63.43 47.90 -23.58
N GLU C 125 -62.15 47.57 -23.48
CA GLU C 125 -61.44 46.77 -24.51
C GLU C 125 -62.12 45.40 -24.60
N VAL C 126 -62.51 44.82 -23.47
CA VAL C 126 -63.19 43.49 -23.45
C VAL C 126 -64.56 43.63 -24.11
N GLU C 127 -65.31 44.71 -23.81
CA GLU C 127 -66.63 44.97 -24.46
C GLU C 127 -66.44 44.98 -25.98
N ASP C 128 -65.43 45.68 -26.45
CA ASP C 128 -65.10 45.83 -27.89
C ASP C 128 -64.73 44.46 -28.48
N TYR C 129 -63.92 43.69 -27.77
CA TYR C 129 -63.52 42.31 -28.17
C TYR C 129 -64.78 41.48 -28.36
N ILE C 130 -65.68 41.49 -27.38
CA ILE C 130 -66.90 40.63 -27.40
C ILE C 130 -67.78 41.07 -28.58
N LYS C 131 -68.01 42.39 -28.72
CA LYS C 131 -68.80 42.94 -29.85
C LYS C 131 -68.29 42.35 -31.16
N ASN C 132 -66.98 42.49 -31.43
CA ASN C 132 -66.38 42.10 -32.72
C ASN C 132 -66.46 40.60 -32.89
N VAL C 133 -66.01 39.83 -31.90
CA VAL C 133 -65.86 38.36 -32.04
C VAL C 133 -67.25 37.72 -32.10
N VAL C 134 -68.15 38.06 -31.20
CA VAL C 134 -69.49 37.42 -31.16
C VAL C 134 -70.30 37.80 -32.42
N SER C 135 -70.28 39.08 -32.81
CA SER C 135 -71.02 39.56 -34.00
C SER C 135 -70.58 38.76 -35.22
N HIS C 136 -69.27 38.55 -35.38
CA HIS C 136 -68.69 37.84 -36.55
C HIS C 136 -68.95 36.33 -36.44
N PHE C 137 -68.52 35.63 -35.37
CA PHE C 137 -68.47 34.15 -35.38
C PHE C 137 -69.84 33.55 -35.10
N SER C 138 -70.80 34.32 -34.55
CA SER C 138 -72.21 33.86 -34.37
C SER C 138 -72.82 33.45 -35.72
N GLN C 139 -72.26 33.93 -36.83
CA GLN C 139 -72.80 33.72 -38.20
C GLN C 139 -72.41 32.34 -38.74
N TYR C 140 -71.46 31.64 -38.13
CA TYR C 140 -71.05 30.29 -38.57
C TYR C 140 -72.10 29.28 -38.11
N LYS C 141 -72.59 28.46 -39.03
CA LYS C 141 -73.67 27.49 -38.69
C LYS C 141 -73.11 26.36 -37.82
N ASN C 142 -71.78 26.18 -37.75
CA ASN C 142 -71.16 25.12 -36.92
C ASN C 142 -70.73 25.65 -35.53
N LEU C 143 -71.06 26.90 -35.16
CA LEU C 143 -70.84 27.38 -33.76
C LEU C 143 -71.85 26.71 -32.83
N ALA C 144 -71.36 25.99 -31.80
CA ALA C 144 -72.22 25.26 -30.85
C ALA C 144 -72.38 26.04 -29.55
N ALA C 145 -71.36 26.77 -29.12
CA ALA C 145 -71.37 27.39 -27.76
C ALA C 145 -70.34 28.49 -27.67
N TRP C 146 -70.67 29.51 -26.87
CA TRP C 146 -69.71 30.52 -26.36
C TRP C 146 -69.23 30.06 -24.98
N VAL C 147 -67.92 29.95 -24.82
CA VAL C 147 -67.35 29.75 -23.45
C VAL C 147 -67.00 31.17 -22.96
N LEU C 148 -67.73 31.65 -21.95
CA LEU C 148 -67.74 33.07 -21.51
C LEU C 148 -66.32 33.51 -21.13
N ILE C 149 -65.59 32.61 -20.50
CA ILE C 149 -64.20 32.83 -20.01
C ILE C 149 -63.58 31.44 -19.78
N ASN C 150 -62.29 31.32 -20.04
CA ASN C 150 -61.58 30.06 -19.77
C ASN C 150 -61.31 30.01 -18.26
N GLU C 151 -61.80 28.97 -17.59
CA GLU C 151 -61.33 28.61 -16.22
C GLU C 151 -61.54 29.80 -15.28
N PRO C 152 -62.79 30.21 -15.03
CA PRO C 152 -63.06 31.26 -14.06
C PRO C 152 -62.49 30.81 -12.70
N GLY C 153 -61.98 31.77 -11.94
CA GLY C 153 -61.43 31.49 -10.61
C GLY C 153 -59.91 31.37 -10.67
N THR C 154 -59.28 31.89 -9.63
CA THR C 154 -57.82 31.74 -9.40
C THR C 154 -57.58 31.75 -7.90
N PRO C 155 -56.55 31.01 -7.41
CA PRO C 155 -56.11 31.16 -6.01
C PRO C 155 -55.52 32.56 -5.71
N ASN C 156 -55.01 33.27 -6.73
CA ASN C 156 -54.32 34.58 -6.57
C ASN C 156 -55.20 35.68 -7.18
N LEU C 157 -56.21 36.14 -6.45
CA LEU C 157 -57.14 37.16 -7.00
C LEU C 157 -56.45 38.52 -7.03
N PRO C 158 -56.63 39.34 -8.11
CA PRO C 158 -55.88 40.58 -8.26
C PRO C 158 -56.39 41.76 -7.42
N PHE C 159 -56.31 41.67 -6.08
CA PHE C 159 -56.76 42.74 -5.14
C PHE C 159 -55.89 44.01 -5.29
N ASN C 160 -54.68 43.88 -5.86
CA ASN C 160 -53.73 45.00 -6.06
C ASN C 160 -54.21 45.91 -7.21
N GLU C 161 -54.90 45.36 -8.21
CA GLU C 161 -55.32 46.08 -9.46
C GLU C 161 -56.51 47.00 -9.18
N PRO C 162 -56.63 48.15 -9.88
CA PRO C 162 -57.66 49.15 -9.57
C PRO C 162 -59.12 48.71 -9.75
N PHE C 163 -59.42 47.93 -10.79
CA PHE C 163 -60.80 47.47 -11.05
C PHE C 163 -61.31 46.64 -9.86
N THR C 164 -60.54 45.64 -9.44
CA THR C 164 -60.88 44.72 -8.32
C THR C 164 -60.91 45.53 -7.02
N LYS C 165 -59.88 46.35 -6.78
CA LYS C 165 -59.76 47.19 -5.56
C LYS C 165 -61.03 48.00 -5.38
N GLU C 166 -61.49 48.65 -6.45
CA GLU C 166 -62.70 49.52 -6.45
C GLU C 166 -63.94 48.66 -6.20
N ARG C 167 -64.07 47.54 -6.90
CA ARG C 167 -65.27 46.66 -6.75
C ARG C 167 -65.36 46.19 -5.29
N PHE C 168 -64.22 45.87 -4.67
CA PHE C 168 -64.20 45.34 -3.27
C PHE C 168 -64.59 46.47 -2.32
N SER C 169 -64.04 47.68 -2.49
CA SER C 169 -64.38 48.88 -1.70
C SER C 169 -65.89 49.16 -1.78
N ASP C 170 -66.47 49.18 -2.98
CA ASP C 170 -67.91 49.38 -3.22
C ASP C 170 -68.73 48.29 -2.51
N TRP C 171 -68.33 47.03 -2.69
CA TRP C 171 -69.02 45.85 -2.09
C TRP C 171 -69.08 46.03 -0.57
N LYS C 172 -67.95 46.39 0.06
CA LYS C 172 -67.85 46.56 1.53
C LYS C 172 -68.78 47.68 1.98
N LYS C 173 -68.82 48.80 1.27
CA LYS C 173 -69.73 49.94 1.60
C LYS C 173 -71.19 49.46 1.55
N GLU C 174 -71.55 48.59 0.61
CA GLU C 174 -72.95 48.12 0.41
C GLU C 174 -73.29 46.98 1.38
N HIS C 175 -72.34 46.49 2.17
CA HIS C 175 -72.59 45.41 3.18
C HIS C 175 -72.35 45.98 4.58
N ASN C 176 -73.15 45.54 5.54
CA ASN C 176 -73.12 46.09 6.92
C ASN C 176 -72.83 44.90 7.84
N PHE C 177 -71.56 44.76 8.23
CA PHE C 177 -71.08 43.66 9.10
C PHE C 177 -70.82 44.22 10.50
N SER C 178 -71.26 43.50 11.53
CA SER C 178 -70.95 43.80 12.94
C SER C 178 -69.79 42.91 13.40
N GLU C 179 -68.98 43.40 14.32
CA GLU C 179 -67.82 42.66 14.90
C GLU C 179 -68.31 41.65 15.94
N TYR C 180 -69.61 41.64 16.30
CA TYR C 180 -70.19 40.73 17.34
C TYR C 180 -71.47 40.07 16.80
N ASN C 181 -71.77 38.86 17.25
CA ASN C 181 -73.01 38.14 16.86
C ASN C 181 -74.12 38.61 17.79
N GLU C 182 -75.34 38.12 17.59
CA GLU C 182 -76.54 38.53 18.35
C GLU C 182 -76.31 38.29 19.84
N LYS C 183 -75.69 37.15 20.22
CA LYS C 183 -75.42 36.81 21.64
C LYS C 183 -74.32 37.71 22.22
N GLY C 184 -73.52 38.38 21.39
CA GLY C 184 -72.51 39.36 21.84
C GLY C 184 -71.07 38.88 21.62
N TYR C 185 -70.89 37.64 21.16
CA TYR C 185 -69.55 37.03 20.95
C TYR C 185 -68.86 37.68 19.75
N PRO C 186 -67.52 37.83 19.78
CA PRO C 186 -66.78 38.28 18.60
C PRO C 186 -66.99 37.31 17.43
N VAL C 187 -66.91 37.83 16.21
CA VAL C 187 -67.13 37.06 14.95
C VAL C 187 -66.07 37.40 13.90
N LEU C 188 -65.81 36.47 12.98
CA LEU C 188 -65.22 36.78 11.65
C LEU C 188 -66.37 36.88 10.65
N ASN C 189 -66.26 37.77 9.68
CA ASN C 189 -67.33 37.99 8.66
C ASN C 189 -66.92 37.50 7.27
N PHE C 190 -65.65 37.16 7.04
CA PHE C 190 -65.19 36.58 5.74
C PHE C 190 -65.62 37.50 4.59
N GLU C 191 -65.36 38.79 4.73
CA GLU C 191 -65.76 39.80 3.71
C GLU C 191 -65.08 39.48 2.38
N LYS C 192 -63.78 39.21 2.40
CA LYS C 192 -63.00 38.86 1.18
C LYS C 192 -63.68 37.68 0.45
N GLU C 193 -64.01 36.62 1.19
CA GLU C 193 -64.54 35.35 0.63
C GLU C 193 -65.92 35.59 0.02
N ASN C 194 -66.76 36.34 0.73
CA ASN C 194 -68.14 36.65 0.27
C ASN C 194 -68.06 37.59 -0.94
N PHE C 195 -67.15 38.57 -0.93
CA PHE C 195 -66.93 39.45 -2.09
C PHE C 195 -66.53 38.60 -3.30
N ILE C 196 -65.60 37.66 -3.11
CA ILE C 196 -65.06 36.86 -4.25
C ILE C 196 -66.19 36.06 -4.88
N ILE C 197 -67.09 35.46 -4.10
CA ILE C 197 -68.28 34.76 -4.66
C ILE C 197 -69.06 35.74 -5.55
N ASP C 198 -69.41 36.91 -5.00
CA ASP C 198 -70.27 37.91 -5.70
C ASP C 198 -69.53 38.46 -6.91
N TYR C 199 -68.21 38.57 -6.85
CA TYR C 199 -67.38 39.16 -7.93
C TYR C 199 -67.35 38.21 -9.13
N HIS C 200 -67.16 36.90 -8.88
CA HIS C 200 -67.28 35.85 -9.92
C HIS C 200 -68.68 35.88 -10.52
N ASN C 201 -69.71 35.89 -9.67
CA ASN C 201 -71.11 35.93 -10.11
C ASN C 201 -71.26 37.14 -11.04
N TRP C 202 -70.76 38.30 -10.62
CA TRP C 202 -70.95 39.57 -11.37
C TRP C 202 -70.27 39.48 -12.73
N TYR C 203 -68.99 39.07 -12.78
CA TYR C 203 -68.21 39.16 -14.05
C TYR C 203 -68.77 38.16 -15.06
N LEU C 204 -69.06 36.93 -14.63
CA LEU C 204 -69.59 35.89 -15.55
C LEU C 204 -70.96 36.33 -16.08
N ASN C 205 -71.82 36.86 -15.20
CA ASN C 205 -73.17 37.34 -15.58
C ASN C 205 -72.97 38.50 -16.57
N TRP C 206 -71.99 39.37 -16.32
CA TRP C 206 -71.69 40.53 -17.21
C TRP C 206 -71.22 40.02 -18.59
N LEU C 207 -70.34 39.02 -18.62
CA LEU C 207 -69.88 38.42 -19.89
C LEU C 207 -71.08 37.83 -20.63
N ALA C 208 -71.98 37.12 -19.93
CA ALA C 208 -73.18 36.51 -20.54
C ALA C 208 -74.05 37.62 -21.17
N ASN C 209 -74.26 38.71 -20.45
CA ASN C 209 -75.06 39.89 -20.91
C ASN C 209 -74.38 40.50 -22.14
N GLN C 210 -73.06 40.63 -22.14
CA GLN C 210 -72.31 41.18 -23.30
C GLN C 210 -72.53 40.31 -24.53
N VAL C 211 -72.37 38.99 -24.40
CA VAL C 211 -72.59 38.05 -25.53
C VAL C 211 -74.02 38.23 -26.03
N ARG C 212 -74.98 38.31 -25.11
CA ARG C 212 -76.44 38.34 -25.42
C ARG C 212 -76.79 39.65 -26.12
N LEU C 213 -75.98 40.72 -26.01
CA LEU C 213 -76.18 41.95 -26.82
C LEU C 213 -76.14 41.59 -28.31
N TYR C 214 -75.35 40.59 -28.71
CA TYR C 214 -75.06 40.30 -30.13
C TYR C 214 -75.53 38.93 -30.55
N ASP C 215 -75.77 38.00 -29.62
CA ASP C 215 -76.12 36.61 -30.00
C ASP C 215 -77.01 36.03 -28.91
N LYS C 216 -78.30 35.81 -29.22
CA LYS C 216 -79.28 35.21 -28.28
C LYS C 216 -79.48 33.74 -28.67
N GLN C 217 -78.75 33.25 -29.66
CA GLN C 217 -79.02 31.96 -30.31
C GLN C 217 -78.17 30.84 -29.70
N HIS C 218 -76.92 31.12 -29.35
CA HIS C 218 -75.95 30.05 -29.00
C HIS C 218 -75.91 29.82 -27.50
N ASP C 219 -75.71 28.56 -27.13
CA ASP C 219 -75.48 28.12 -25.73
C ASP C 219 -74.34 28.94 -25.11
N LEU C 220 -74.52 29.35 -23.85
CA LEU C 220 -73.45 29.94 -23.01
C LEU C 220 -72.94 28.88 -22.04
N HIS C 221 -71.62 28.77 -21.95
CA HIS C 221 -70.89 27.70 -21.24
C HIS C 221 -69.73 28.31 -20.46
N VAL C 222 -69.32 27.66 -19.39
CA VAL C 222 -68.08 28.05 -18.66
C VAL C 222 -67.50 26.80 -17.98
N ASN C 223 -66.18 26.77 -17.78
CA ASN C 223 -65.43 25.60 -17.23
C ASN C 223 -64.74 25.98 -15.93
N PRO C 224 -65.43 25.90 -14.77
CA PRO C 224 -64.74 25.96 -13.49
C PRO C 224 -63.69 24.85 -13.42
N HIS C 225 -62.63 25.07 -12.65
CA HIS C 225 -61.42 24.23 -12.69
C HIS C 225 -60.87 24.04 -11.29
N ASN C 226 -60.02 23.03 -11.12
CA ASN C 226 -59.31 22.79 -9.83
C ASN C 226 -60.35 22.78 -8.70
N VAL C 227 -61.47 22.09 -8.92
CA VAL C 227 -62.71 22.26 -8.12
C VAL C 227 -62.48 21.80 -6.69
N PHE C 228 -61.55 20.89 -6.41
CA PHE C 228 -61.34 20.44 -5.01
C PHE C 228 -60.62 21.54 -4.22
N LYS C 229 -60.09 22.57 -4.89
CA LYS C 229 -59.45 23.72 -4.21
C LYS C 229 -60.27 24.99 -4.38
N LEU C 230 -60.91 25.20 -5.53
CA LEU C 230 -61.52 26.51 -5.91
C LEU C 230 -63.04 26.50 -5.73
N SER C 231 -63.62 25.41 -5.25
CA SER C 231 -65.10 25.31 -5.08
C SER C 231 -65.61 26.45 -4.19
N GLY C 232 -64.79 26.97 -3.28
CA GLY C 232 -65.15 28.09 -2.38
C GLY C 232 -65.27 29.43 -3.11
N LEU C 233 -64.94 29.50 -4.40
CA LEU C 233 -65.06 30.69 -5.29
C LEU C 233 -66.38 30.63 -6.07
N TYR C 234 -67.01 29.46 -6.09
CA TYR C 234 -68.03 29.10 -7.10
C TYR C 234 -69.42 29.00 -6.49
N ASP C 235 -70.33 29.85 -6.97
CA ASP C 235 -71.77 29.83 -6.62
C ASP C 235 -72.52 29.28 -7.83
N PHE C 236 -72.56 27.95 -7.98
CA PHE C 236 -73.10 27.34 -9.21
C PHE C 236 -74.59 27.63 -9.35
N PRO C 237 -75.40 27.59 -8.26
CA PRO C 237 -76.82 27.93 -8.36
C PRO C 237 -77.03 29.29 -9.04
N THR C 238 -76.25 30.31 -8.70
CA THR C 238 -76.35 31.63 -9.36
C THR C 238 -75.95 31.51 -10.83
N TRP C 239 -74.89 30.76 -11.14
CA TRP C 239 -74.37 30.69 -12.54
C TRP C 239 -75.44 30.09 -13.45
N ARG C 240 -76.27 29.18 -12.93
CA ARG C 240 -77.37 28.54 -13.70
C ARG C 240 -78.24 29.61 -14.36
N THR C 241 -78.41 30.77 -13.72
CA THR C 241 -79.35 31.81 -14.19
C THR C 241 -78.87 32.40 -15.52
N PHE C 242 -77.59 32.28 -15.90
CA PHE C 242 -77.09 32.90 -17.16
C PHE C 242 -76.36 31.89 -18.05
N LEU C 243 -76.31 30.60 -17.66
CA LEU C 243 -75.67 29.56 -18.51
C LEU C 243 -76.75 28.72 -19.19
N ASN C 244 -76.38 28.05 -20.30
CA ASN C 244 -77.19 26.96 -20.91
C ASN C 244 -76.58 25.62 -20.51
N SER C 245 -75.29 25.58 -20.20
CA SER C 245 -74.62 24.34 -19.72
C SER C 245 -73.47 24.71 -18.79
N LEU C 246 -73.20 23.86 -17.82
CA LEU C 246 -72.01 23.99 -16.95
C LEU C 246 -70.92 23.07 -17.47
N GLY C 247 -69.68 23.55 -17.44
CA GLY C 247 -68.50 22.80 -17.88
C GLY C 247 -67.55 22.54 -16.75
N GLY C 248 -66.31 22.29 -17.10
CA GLY C 248 -65.26 21.95 -16.12
C GLY C 248 -63.99 21.55 -16.82
N SER C 249 -62.86 21.96 -16.25
CA SER C 249 -61.53 21.38 -16.52
C SER C 249 -61.29 20.38 -15.38
N ALA C 250 -61.01 19.13 -15.74
CA ALA C 250 -60.68 18.04 -14.81
C ALA C 250 -59.43 17.36 -15.34
N HIS C 251 -58.27 17.96 -15.06
CA HIS C 251 -56.95 17.52 -15.56
C HIS C 251 -56.20 16.69 -14.52
N ALA C 252 -55.84 15.47 -14.87
CA ALA C 252 -55.11 14.53 -14.00
C ALA C 252 -53.82 15.18 -13.49
N SER C 253 -53.18 16.05 -14.28
CA SER C 253 -51.88 16.66 -13.91
C SER C 253 -52.04 17.95 -13.10
N TRP C 254 -53.24 18.54 -12.99
CA TRP C 254 -53.43 19.83 -12.27
C TRP C 254 -54.32 19.68 -11.04
N HIS C 255 -55.40 18.92 -11.13
CA HIS C 255 -56.55 19.05 -10.22
C HIS C 255 -56.71 17.87 -9.27
N PHE C 256 -55.91 16.81 -9.40
CA PHE C 256 -56.14 15.52 -8.69
C PHE C 256 -55.02 15.24 -7.68
N GLY C 257 -54.32 16.28 -7.25
CA GLY C 257 -53.19 16.22 -6.31
C GLY C 257 -53.55 15.57 -4.98
N TYR C 258 -54.82 15.58 -4.59
CA TYR C 258 -55.30 14.94 -3.35
C TYR C 258 -55.36 13.42 -3.51
N PHE C 259 -55.09 12.89 -4.70
CA PHE C 259 -55.24 11.45 -4.99
C PHE C 259 -53.96 10.90 -5.58
N PRO C 260 -53.66 9.60 -5.35
CA PRO C 260 -52.70 8.88 -6.17
C PRO C 260 -53.31 8.64 -7.55
N ARG C 261 -52.47 8.42 -8.55
CA ARG C 261 -52.91 8.18 -9.93
C ARG C 261 -53.90 7.02 -10.00
N LYS C 262 -53.69 5.95 -9.21
CA LYS C 262 -54.57 4.75 -9.27
C LYS C 262 -55.99 5.12 -8.81
N ALA C 263 -56.19 6.26 -8.14
CA ALA C 263 -57.53 6.71 -7.70
C ALA C 263 -58.01 7.92 -8.53
N TYR C 264 -57.42 8.21 -9.69
CA TYR C 264 -57.93 9.28 -10.58
C TYR C 264 -59.32 8.91 -11.08
N THR C 265 -59.72 7.64 -11.01
CA THR C 265 -61.10 7.19 -11.28
C THR C 265 -62.05 7.87 -10.29
N VAL C 266 -61.70 7.77 -9.01
CA VAL C 266 -62.50 8.36 -7.90
C VAL C 266 -62.47 9.90 -8.04
N ALA C 267 -61.31 10.46 -8.35
CA ALA C 267 -61.14 11.92 -8.53
C ALA C 267 -62.07 12.38 -9.66
N MET C 268 -62.03 11.69 -10.80
CA MET C 268 -62.86 12.06 -11.97
C MET C 268 -64.35 11.89 -11.63
N SER C 269 -64.71 10.83 -10.94
CA SER C 269 -66.10 10.57 -10.54
C SER C 269 -66.59 11.70 -9.63
N ALA C 270 -65.80 12.10 -8.65
CA ALA C 270 -66.14 13.17 -7.68
C ALA C 270 -66.20 14.51 -8.45
N ASN C 271 -65.27 14.75 -9.37
CA ASN C 271 -65.23 16.02 -10.14
C ASN C 271 -66.50 16.09 -10.99
N ALA C 272 -66.88 14.97 -11.61
CA ALA C 272 -68.11 14.86 -12.42
C ALA C 272 -69.34 15.11 -11.53
N GLU C 273 -69.38 14.50 -10.35
CA GLU C 273 -70.52 14.64 -9.43
C GLU C 273 -70.63 16.10 -8.98
N LEU C 274 -69.50 16.75 -8.72
CA LEU C 274 -69.46 18.14 -8.20
C LEU C 274 -70.04 19.06 -9.27
N ILE C 275 -69.64 18.90 -10.52
CA ILE C 275 -70.12 19.74 -11.66
C ILE C 275 -71.60 19.41 -11.89
N ARG C 276 -71.96 18.12 -11.87
CA ARG C 276 -73.36 17.68 -12.07
C ARG C 276 -74.24 18.39 -11.04
N SER C 277 -73.83 18.41 -9.77
CA SER C 277 -74.57 19.08 -8.67
C SER C 277 -74.69 20.59 -9.00
N GLY C 278 -73.59 21.21 -9.42
CA GLY C 278 -73.56 22.65 -9.75
C GLY C 278 -74.54 22.95 -10.87
N ALA C 279 -74.66 22.02 -11.81
CA ALA C 279 -75.47 22.21 -13.03
C ALA C 279 -76.96 22.25 -12.67
N GLY C 280 -77.40 21.53 -11.64
CA GLY C 280 -78.81 21.44 -11.27
C GLY C 280 -79.62 20.92 -12.46
N GLU C 281 -80.55 21.72 -12.97
CA GLU C 281 -81.42 21.29 -14.11
C GLU C 281 -80.69 21.51 -15.45
N LEU C 282 -79.59 22.25 -15.48
CA LEU C 282 -78.81 22.46 -16.73
C LEU C 282 -78.06 21.18 -17.08
N PRO C 283 -77.87 20.90 -18.37
CA PRO C 283 -76.94 19.85 -18.78
C PRO C 283 -75.51 20.31 -18.46
N TRP C 284 -74.62 19.35 -18.30
CA TRP C 284 -73.18 19.62 -18.06
C TRP C 284 -72.35 18.73 -18.99
N LEU C 285 -71.12 19.13 -19.22
CA LEU C 285 -70.11 18.33 -19.95
C LEU C 285 -68.73 18.72 -19.42
N MET C 286 -67.74 17.87 -19.63
CA MET C 286 -66.35 18.18 -19.20
C MET C 286 -65.64 18.87 -20.36
N THR C 287 -65.47 20.19 -20.23
CA THR C 287 -64.86 21.07 -21.26
C THR C 287 -63.39 20.74 -21.47
N GLU C 288 -62.68 20.29 -20.43
CA GLU C 288 -61.25 19.90 -20.58
C GLU C 288 -60.97 18.61 -19.79
N LEU C 289 -60.44 17.62 -20.50
CA LEU C 289 -59.79 16.39 -19.98
C LEU C 289 -58.37 16.36 -20.52
N GLN C 290 -57.44 15.72 -19.81
CA GLN C 290 -56.04 15.71 -20.25
C GLN C 290 -55.87 14.77 -21.45
N GLY C 291 -55.45 15.31 -22.59
CA GLY C 291 -55.37 14.53 -23.85
C GLY C 291 -53.98 14.00 -24.13
N GLY C 292 -52.98 14.39 -23.35
CA GLY C 292 -51.59 14.11 -23.70
C GLY C 292 -50.59 14.44 -22.62
N ASN C 293 -49.34 14.48 -23.04
CA ASN C 293 -48.14 14.38 -22.20
C ASN C 293 -47.80 15.73 -21.55
N ASN C 294 -47.39 15.67 -20.28
CA ASN C 294 -46.65 16.78 -19.60
C ASN C 294 -45.17 16.58 -19.83
N LEU C 295 -44.53 17.56 -20.44
CA LEU C 295 -43.05 17.61 -20.52
C LEU C 295 -42.60 18.43 -19.31
N TYR C 296 -42.73 19.76 -19.38
CA TYR C 296 -42.39 20.69 -18.29
C TYR C 296 -43.64 21.16 -17.54
N SER C 297 -44.85 20.99 -18.07
CA SER C 297 -46.08 21.52 -17.44
C SER C 297 -46.66 20.55 -16.43
N GLY C 298 -47.65 21.03 -15.67
CA GLY C 298 -48.44 20.21 -14.74
C GLY C 298 -47.79 20.17 -13.37
N ALA C 299 -48.60 19.88 -12.36
CA ALA C 299 -48.15 19.75 -10.96
C ALA C 299 -47.84 18.25 -10.71
N ASN C 300 -48.69 17.35 -11.22
CA ASN C 300 -48.54 15.88 -11.05
C ASN C 300 -48.44 15.30 -12.46
N PRO C 301 -47.27 15.42 -13.11
CA PRO C 301 -47.21 15.23 -14.56
C PRO C 301 -47.42 13.76 -14.93
N LEU C 302 -48.07 13.54 -16.06
CA LEU C 302 -48.27 12.18 -16.63
C LEU C 302 -48.51 12.31 -18.13
N CYS C 303 -48.51 11.18 -18.79
CA CYS C 303 -49.15 10.99 -20.10
C CYS C 303 -50.27 9.99 -19.88
N PRO C 304 -51.56 10.37 -20.03
CA PRO C 304 -52.65 9.44 -19.82
C PRO C 304 -52.42 8.17 -20.67
N THR C 305 -52.76 7.04 -20.11
CA THR C 305 -52.80 5.76 -20.87
C THR C 305 -54.09 5.75 -21.70
N ALA C 306 -54.10 4.96 -22.79
CA ALA C 306 -55.32 4.63 -23.52
C ALA C 306 -56.41 4.22 -22.52
N GLU C 307 -56.05 3.43 -21.51
CA GLU C 307 -57.02 2.90 -20.53
C GLU C 307 -57.63 4.05 -19.72
N GLU C 308 -56.83 5.03 -19.33
CA GLU C 308 -57.30 6.21 -18.53
C GLU C 308 -58.28 7.03 -19.37
N ILE C 309 -58.00 7.19 -20.66
CA ILE C 309 -58.86 7.96 -21.58
C ILE C 309 -60.27 7.34 -21.56
N ILE C 310 -60.34 6.01 -21.65
CA ILE C 310 -61.62 5.27 -21.70
C ILE C 310 -62.32 5.39 -20.35
N GLN C 311 -61.57 5.23 -19.27
CA GLN C 311 -62.07 5.35 -17.88
C GLN C 311 -62.71 6.74 -17.72
N TRP C 312 -62.03 7.80 -18.12
CA TRP C 312 -62.52 9.18 -17.88
C TRP C 312 -63.80 9.44 -18.69
N LEU C 313 -63.81 9.10 -19.97
CA LEU C 313 -65.02 9.31 -20.82
C LEU C 313 -66.22 8.58 -20.23
N TRP C 314 -66.07 7.32 -19.85
CA TRP C 314 -67.22 6.53 -19.32
C TRP C 314 -67.66 7.09 -17.96
N ILE C 315 -66.72 7.43 -17.09
CA ILE C 315 -67.08 7.99 -15.75
C ILE C 315 -67.93 9.24 -15.97
N ASN C 316 -67.52 10.10 -16.89
CA ASN C 316 -68.24 11.38 -17.13
C ASN C 316 -69.63 11.08 -17.73
N PHE C 317 -69.72 10.22 -18.75
CA PHE C 317 -71.01 9.88 -19.40
C PHE C 317 -71.94 9.23 -18.39
N ALA C 318 -71.42 8.35 -17.53
CA ALA C 318 -72.20 7.65 -16.49
C ALA C 318 -72.71 8.65 -15.45
N THR C 319 -72.11 9.83 -15.38
CA THR C 319 -72.45 10.93 -14.45
C THR C 319 -73.15 12.05 -15.23
N GLU C 320 -73.73 11.72 -16.40
CA GLU C 320 -74.71 12.55 -17.18
C GLU C 320 -74.00 13.59 -18.06
N ALA C 321 -72.67 13.54 -18.18
CA ALA C 321 -71.93 14.47 -19.05
C ALA C 321 -72.48 14.37 -20.47
N LYS C 322 -72.68 15.51 -21.13
CA LYS C 322 -73.14 15.58 -22.54
C LYS C 322 -71.93 15.69 -23.47
N GLY C 323 -70.75 15.63 -22.91
CA GLY C 323 -69.52 15.71 -23.72
C GLY C 323 -68.29 15.52 -22.88
N GLY C 324 -67.22 15.09 -23.53
CA GLY C 324 -65.84 15.11 -23.03
C GLY C 324 -64.96 15.73 -24.09
N ILE C 325 -64.41 16.89 -23.80
CA ILE C 325 -63.47 17.59 -24.72
C ILE C 325 -62.06 17.49 -24.12
N PHE C 326 -61.12 16.98 -24.92
CA PHE C 326 -59.70 16.84 -24.51
C PHE C 326 -58.94 18.12 -24.81
N TRP C 327 -58.21 18.61 -23.80
CA TRP C 327 -57.09 19.54 -24.00
C TRP C 327 -55.85 18.68 -24.19
N SER C 328 -55.32 18.52 -25.42
CA SER C 328 -55.69 19.21 -26.63
C SER C 328 -55.54 18.25 -27.82
N PHE C 329 -56.17 18.54 -28.96
CA PHE C 329 -55.99 17.69 -30.17
C PHE C 329 -54.53 17.81 -30.62
N ASN C 330 -54.14 19.04 -30.95
CA ASN C 330 -52.77 19.43 -31.38
C ASN C 330 -52.12 20.30 -30.29
N ALA C 331 -50.83 20.54 -30.36
CA ALA C 331 -50.06 21.26 -29.32
C ALA C 331 -49.78 22.71 -29.74
N ARG C 332 -49.62 23.56 -28.75
CA ARG C 332 -48.89 24.84 -28.83
C ARG C 332 -47.49 24.54 -29.35
N SER C 333 -46.86 25.51 -30.00
CA SER C 333 -45.53 25.32 -30.64
C SER C 333 -44.42 26.02 -29.86
N THR C 334 -44.72 27.01 -29.03
CA THR C 334 -43.69 27.92 -28.44
C THR C 334 -43.87 28.02 -26.93
N ALA C 335 -42.76 27.86 -26.21
CA ALA C 335 -42.67 28.18 -24.76
C ALA C 335 -43.64 27.29 -24.01
N ALA C 336 -44.47 27.85 -23.13
CA ALA C 336 -45.30 27.06 -22.20
C ALA C 336 -46.14 26.04 -22.98
N GLU C 337 -45.98 24.77 -22.63
CA GLU C 337 -46.76 23.61 -23.12
C GLU C 337 -46.48 23.36 -24.61
N ALA C 338 -45.34 23.82 -25.13
CA ALA C 338 -44.95 23.54 -26.53
C ALA C 338 -44.78 22.02 -26.73
N GLY C 339 -45.60 21.42 -27.59
CA GLY C 339 -45.56 19.98 -27.91
C GLY C 339 -46.06 19.15 -26.75
N GLU C 340 -46.83 19.75 -25.84
CA GLU C 340 -47.43 19.05 -24.68
C GLU C 340 -48.95 18.97 -24.86
N TRP C 341 -49.57 18.00 -24.17
CA TRP C 341 -51.04 17.86 -23.97
C TRP C 341 -51.73 17.21 -25.18
N ALA C 342 -51.04 17.03 -26.31
CA ALA C 342 -51.70 16.71 -27.59
C ALA C 342 -52.07 15.21 -27.68
N MET C 343 -53.26 14.95 -28.22
CA MET C 343 -53.78 13.60 -28.50
C MET C 343 -53.11 13.04 -29.77
N ILE C 344 -52.72 13.90 -30.70
CA ILE C 344 -51.97 13.49 -31.92
C ILE C 344 -50.47 13.53 -31.57
N ASN C 345 -49.71 12.70 -32.27
CA ASN C 345 -48.23 12.61 -32.14
C ASN C 345 -47.63 13.71 -33.01
N PHE C 346 -46.32 13.82 -33.04
CA PHE C 346 -45.58 14.91 -33.74
C PHE C 346 -45.65 14.72 -35.26
N LYS C 347 -46.11 13.56 -35.74
CA LYS C 347 -46.41 13.33 -37.18
C LYS C 347 -47.88 13.63 -37.46
N ASN C 348 -48.64 14.16 -36.50
CA ASN C 348 -50.06 14.53 -36.67
C ASN C 348 -50.91 13.27 -36.88
N LYS C 349 -50.48 12.14 -36.36
CA LYS C 349 -51.28 10.88 -36.42
C LYS C 349 -51.76 10.56 -35.02
N SER C 350 -52.65 9.56 -34.92
CA SER C 350 -53.31 9.14 -33.67
C SER C 350 -52.29 8.54 -32.70
N SER C 351 -52.23 9.08 -31.49
CA SER C 351 -51.63 8.36 -30.34
C SER C 351 -52.62 7.27 -29.93
N ASP C 352 -52.23 6.39 -29.01
CA ASP C 352 -53.13 5.33 -28.49
C ASP C 352 -54.28 6.02 -27.72
N ARG C 353 -54.10 7.29 -27.30
CA ARG C 353 -55.14 8.04 -26.55
C ARG C 353 -56.26 8.45 -27.52
N LEU C 354 -55.91 8.88 -28.73
CA LEU C 354 -56.92 9.26 -29.75
C LEU C 354 -57.62 8.00 -30.25
N ILE C 355 -56.88 6.91 -30.48
CA ILE C 355 -57.47 5.60 -30.87
C ILE C 355 -58.50 5.21 -29.81
N ALA C 356 -58.14 5.31 -28.52
CA ALA C 356 -59.04 4.98 -27.40
C ALA C 356 -60.29 5.88 -27.43
N ALA C 357 -60.12 7.20 -27.50
CA ALA C 357 -61.25 8.15 -27.51
C ALA C 357 -62.18 7.82 -28.70
N ALA C 358 -61.61 7.48 -29.85
CA ALA C 358 -62.36 7.15 -31.09
C ALA C 358 -63.29 5.96 -30.83
N THR C 359 -62.88 4.97 -30.02
CA THR C 359 -63.75 3.79 -29.73
C THR C 359 -65.00 4.25 -29.00
N ILE C 360 -64.90 5.31 -28.18
CA ILE C 360 -66.05 5.78 -27.37
C ILE C 360 -66.97 6.60 -28.27
N GLY C 361 -66.41 7.44 -29.14
CA GLY C 361 -67.19 8.15 -30.17
C GLY C 361 -67.98 7.15 -31.02
N LYS C 362 -67.32 6.05 -31.43
CA LYS C 362 -67.93 4.99 -32.26
C LYS C 362 -69.08 4.36 -31.47
N PHE C 363 -68.82 3.99 -30.21
CA PHE C 363 -69.85 3.38 -29.34
C PHE C 363 -71.09 4.27 -29.27
N ILE C 364 -70.90 5.58 -29.12
CA ILE C 364 -72.03 6.55 -29.01
C ILE C 364 -72.85 6.49 -30.31
N THR C 365 -72.21 6.54 -31.47
CA THR C 365 -72.89 6.54 -32.79
C THR C 365 -73.70 5.24 -32.97
N GLU C 366 -73.25 4.13 -32.39
CA GLU C 366 -73.91 2.80 -32.48
C GLU C 366 -74.94 2.61 -31.36
N ASN C 367 -74.99 3.51 -30.38
CA ASN C 367 -75.89 3.37 -29.21
C ASN C 367 -76.50 4.73 -28.87
N VAL C 368 -77.01 5.45 -29.88
CA VAL C 368 -77.46 6.87 -29.72
C VAL C 368 -78.56 6.94 -28.67
N LYS C 369 -79.57 6.08 -28.75
CA LYS C 369 -80.79 6.22 -27.89
C LYS C 369 -80.38 5.98 -26.43
N MET C 370 -79.60 4.94 -26.15
CA MET C 370 -79.04 4.69 -24.79
C MET C 370 -78.22 5.92 -24.35
N MET C 371 -77.25 6.33 -25.14
CA MET C 371 -76.23 7.30 -24.67
C MET C 371 -76.83 8.71 -24.54
N SER C 372 -77.96 9.00 -25.20
CA SER C 372 -78.57 10.35 -25.23
C SER C 372 -79.44 10.58 -24.00
N ASN C 373 -79.76 9.53 -23.22
CA ASN C 373 -80.83 9.59 -22.20
C ASN C 373 -80.31 9.09 -20.85
N ILE C 374 -79.00 9.16 -20.63
CA ILE C 374 -78.36 8.70 -19.37
C ILE C 374 -78.84 9.59 -18.22
N LYS C 375 -79.35 8.95 -17.18
CA LYS C 375 -79.64 9.55 -15.85
C LYS C 375 -78.85 8.72 -14.85
N THR C 376 -78.02 9.39 -14.05
CA THR C 376 -77.25 8.69 -13.00
C THR C 376 -78.27 8.05 -12.06
N LEU C 377 -78.01 6.81 -11.65
CA LEU C 377 -78.84 6.12 -10.64
C LEU C 377 -78.39 6.67 -9.30
N ASN C 378 -79.14 7.65 -8.76
CA ASN C 378 -78.84 8.23 -7.43
C ASN C 378 -79.11 7.13 -6.38
N SER C 379 -78.09 6.74 -5.64
CA SER C 379 -78.22 5.82 -4.49
C SER C 379 -79.15 6.42 -3.44
N GLY C 380 -79.28 7.74 -3.39
CA GLY C 380 -79.86 8.49 -2.26
C GLY C 380 -78.81 8.97 -1.25
N ILE C 381 -77.53 8.67 -1.49
CA ILE C 381 -76.41 9.19 -0.63
C ILE C 381 -75.92 10.48 -1.26
N SER C 382 -75.92 11.55 -0.49
CA SER C 382 -75.30 12.86 -0.86
C SER C 382 -74.17 13.20 0.12
N ILE C 383 -72.96 13.35 -0.42
CA ILE C 383 -71.81 13.88 0.38
C ILE C 383 -71.80 15.39 0.16
N LEU C 384 -72.01 16.15 1.23
CA LEU C 384 -72.14 17.63 1.12
C LEU C 384 -70.85 18.32 1.61
N TYR C 385 -70.42 19.33 0.87
CA TYR C 385 -69.34 20.25 1.28
C TYR C 385 -69.96 21.65 1.31
N ASN C 386 -69.35 22.62 2.01
CA ASN C 386 -69.85 24.01 1.93
C ASN C 386 -68.67 24.97 1.82
N HIS C 387 -68.92 26.10 1.16
CA HIS C 387 -67.95 27.21 1.04
C HIS C 387 -67.37 27.51 2.42
N GLU C 388 -68.25 27.57 3.43
CA GLU C 388 -67.92 28.17 4.74
C GLU C 388 -66.93 27.28 5.50
N SER C 389 -67.02 25.94 5.39
CA SER C 389 -66.04 25.03 6.04
C SER C 389 -64.65 25.31 5.47
N MET C 390 -64.58 25.52 4.16
CA MET C 390 -63.30 25.82 3.49
C MET C 390 -62.79 27.19 3.96
N TRP C 391 -63.67 28.18 4.08
CA TRP C 391 -63.25 29.54 4.50
C TRP C 391 -62.76 29.51 5.95
N VAL C 392 -63.51 28.85 6.82
CA VAL C 392 -63.14 28.78 8.26
C VAL C 392 -61.82 27.99 8.37
N GLU C 393 -61.66 26.91 7.61
CA GLU C 393 -60.41 26.12 7.61
C GLU C 393 -59.22 27.03 7.23
N ALA C 394 -59.37 27.84 6.19
CA ALA C 394 -58.29 28.74 5.72
C ALA C 394 -57.91 29.73 6.84
N ALA C 395 -58.86 30.21 7.64
CA ALA C 395 -58.57 31.11 8.78
C ALA C 395 -57.87 30.32 9.91
N GLN C 396 -58.34 29.11 10.23
CA GLN C 396 -57.83 28.35 11.39
C GLN C 396 -56.45 27.74 11.12
N THR C 397 -56.16 27.31 9.89
CA THR C 397 -54.88 26.64 9.54
C THR C 397 -53.86 27.70 9.15
N ARG C 398 -54.28 28.95 8.99
CA ARG C 398 -53.42 30.10 8.59
C ARG C 398 -52.64 29.74 7.32
N GLY C 399 -53.27 29.01 6.41
CA GLY C 399 -52.69 28.66 5.08
C GLY C 399 -51.63 27.57 5.13
N LYS C 400 -51.47 26.83 6.24
CA LYS C 400 -50.50 25.70 6.37
C LYS C 400 -50.83 24.60 5.35
N LEU C 401 -49.78 24.01 4.76
CA LEU C 401 -49.86 23.03 3.64
C LEU C 401 -49.06 21.78 4.04
N ASN C 402 -49.30 21.27 5.26
CA ASN C 402 -48.56 20.11 5.86
C ASN C 402 -49.32 18.80 5.58
N GLY C 403 -50.29 18.82 4.65
CA GLY C 403 -51.14 17.68 4.23
C GLY C 403 -51.76 16.87 5.38
N ASN C 404 -52.25 17.52 6.44
CA ASN C 404 -52.99 16.84 7.55
C ASN C 404 -54.31 17.61 7.83
N GLY C 405 -55.02 17.22 8.90
CA GLY C 405 -56.23 17.94 9.37
C GLY C 405 -55.95 19.40 9.69
N ARG C 406 -54.70 19.75 10.01
CA ARG C 406 -54.31 21.12 10.41
C ARG C 406 -53.80 21.90 9.20
N SER C 407 -54.19 21.50 7.98
CA SER C 407 -53.75 22.11 6.70
C SER C 407 -54.95 22.41 5.80
N ILE C 408 -54.76 23.36 4.87
CA ILE C 408 -55.73 23.66 3.80
C ILE C 408 -56.01 22.35 3.07
N GLY C 409 -57.28 22.02 2.87
CA GLY C 409 -57.67 20.87 2.02
C GLY C 409 -58.32 19.74 2.80
N ALA C 410 -58.19 19.68 4.13
CA ALA C 410 -58.79 18.60 4.94
C ALA C 410 -60.32 18.61 4.77
N VAL C 411 -60.95 19.77 4.66
CA VAL C 411 -62.45 19.87 4.55
C VAL C 411 -62.91 19.35 3.19
N MET C 412 -62.05 19.25 2.19
CA MET C 412 -62.40 18.60 0.91
C MET C 412 -61.87 17.15 0.87
N CYS C 413 -60.69 16.88 1.40
CA CYS C 413 -60.10 15.51 1.41
C CYS C 413 -61.00 14.57 2.23
N SER C 414 -61.62 15.06 3.30
CA SER C 414 -62.49 14.25 4.18
C SER C 414 -63.71 13.74 3.40
N PRO C 415 -64.55 14.62 2.81
CA PRO C 415 -65.70 14.14 2.04
C PRO C 415 -65.25 13.29 0.83
N LEU C 416 -64.11 13.62 0.21
CA LEU C 416 -63.62 12.84 -0.95
C LEU C 416 -63.24 11.43 -0.48
N SER C 417 -62.82 11.28 0.79
CA SER C 417 -62.43 9.99 1.37
C SER C 417 -63.66 9.11 1.58
N TYR C 418 -64.77 9.69 2.06
CA TYR C 418 -66.05 8.97 2.15
C TYR C 418 -66.49 8.56 0.75
N PHE C 419 -66.34 9.49 -0.18
CA PHE C 419 -66.72 9.25 -1.60
C PHE C 419 -65.96 8.04 -2.13
N GLU C 420 -64.66 7.98 -1.85
CA GLU C 420 -63.78 6.86 -2.27
C GLU C 420 -64.24 5.55 -1.59
N ALA C 421 -64.56 5.58 -0.31
CA ALA C 421 -65.02 4.39 0.43
C ALA C 421 -66.28 3.86 -0.23
N LEU C 422 -67.20 4.74 -0.61
CA LEU C 422 -68.47 4.34 -1.27
C LEU C 422 -68.16 3.85 -2.68
N SER C 423 -67.26 4.50 -3.40
CA SER C 423 -66.85 4.08 -4.77
C SER C 423 -66.34 2.63 -4.72
N GLU C 424 -65.58 2.30 -3.67
CA GLU C 424 -64.95 0.96 -3.47
C GLU C 424 -65.98 -0.03 -2.92
N THR C 425 -67.20 0.43 -2.64
CA THR C 425 -68.37 -0.42 -2.29
C THR C 425 -69.28 -0.55 -3.52
N GLY C 426 -68.93 0.11 -4.63
CA GLY C 426 -69.73 0.14 -5.86
C GLY C 426 -71.01 0.94 -5.71
N LEU C 427 -71.06 1.87 -4.73
CA LEU C 427 -72.24 2.75 -4.52
C LEU C 427 -71.96 4.13 -5.11
N GLN C 428 -72.88 4.60 -5.94
CA GLN C 428 -72.95 6.02 -6.37
C GLN C 428 -73.13 6.90 -5.12
N ALA C 429 -72.59 8.11 -5.17
CA ALA C 429 -72.85 9.15 -4.17
C ALA C 429 -72.80 10.51 -4.89
N ASN C 430 -73.74 11.36 -4.54
CA ASN C 430 -73.68 12.79 -4.98
C ASN C 430 -72.53 13.46 -4.24
N PHE C 431 -71.97 14.49 -4.84
CA PHE C 431 -70.97 15.39 -4.24
C PHE C 431 -71.44 16.81 -4.51
N LYS C 432 -71.96 17.49 -3.49
CA LYS C 432 -72.79 18.69 -3.67
C LYS C 432 -72.38 19.77 -2.67
N GLU C 433 -72.40 21.02 -3.12
CA GLU C 433 -72.37 22.16 -2.18
C GLU C 433 -73.69 22.15 -1.42
N ILE C 434 -73.67 22.48 -0.14
CA ILE C 434 -74.88 22.32 0.73
C ILE C 434 -76.08 23.07 0.11
N LYS C 435 -75.87 24.24 -0.52
CA LYS C 435 -76.98 25.02 -1.12
C LYS C 435 -77.55 24.32 -2.36
N GLU C 436 -76.86 23.30 -2.90
CA GLU C 436 -77.32 22.56 -4.09
C GLU C 436 -78.19 21.37 -3.67
N PHE C 437 -78.29 21.10 -2.37
CA PHE C 437 -79.15 20.02 -1.86
C PHE C 437 -80.56 20.60 -1.66
N ASP C 438 -81.57 19.90 -2.17
CA ASP C 438 -82.99 20.30 -2.01
C ASP C 438 -83.48 19.88 -0.62
N PHE C 439 -83.59 20.85 0.30
CA PHE C 439 -84.03 20.62 1.70
C PHE C 439 -85.54 20.87 1.85
N SER C 440 -86.28 20.98 0.75
CA SER C 440 -87.68 21.49 0.73
C SER C 440 -88.69 20.34 0.69
N LEU C 441 -88.25 19.08 0.56
CA LEU C 441 -89.17 17.92 0.37
C LEU C 441 -89.83 17.54 1.70
N ASN C 442 -90.92 16.76 1.63
CA ASN C 442 -91.73 16.36 2.80
C ASN C 442 -91.27 15.01 3.32
N ASP C 443 -90.49 14.29 2.53
CA ASP C 443 -90.08 12.90 2.84
C ASP C 443 -88.62 12.71 2.42
N TYR C 444 -87.79 12.17 3.30
CA TYR C 444 -86.36 11.83 3.04
C TYR C 444 -86.09 10.41 3.52
N THR C 445 -87.14 9.59 3.61
CA THR C 445 -87.01 8.13 3.87
C THR C 445 -85.97 7.60 2.90
N ASP C 446 -85.05 6.77 3.40
CA ASP C 446 -84.06 6.09 2.54
C ASP C 446 -83.11 7.09 1.84
N GLN C 447 -83.06 8.37 2.23
CA GLN C 447 -82.00 9.31 1.78
C GLN C 447 -80.92 9.42 2.86
N VAL C 448 -79.67 9.65 2.46
CA VAL C 448 -78.49 9.76 3.36
C VAL C 448 -77.70 11.02 3.01
N ILE C 449 -77.41 11.83 4.01
CA ILE C 449 -76.44 12.96 3.92
C ILE C 449 -75.20 12.59 4.74
N ILE C 450 -74.02 12.74 4.15
CA ILE C 450 -72.72 12.58 4.85
C ILE C 450 -72.09 13.97 4.95
N LEU C 451 -71.88 14.43 6.18
CA LEU C 451 -71.16 15.69 6.49
C LEU C 451 -69.84 15.31 7.17
N SER C 452 -68.79 15.21 6.37
CA SER C 452 -67.47 14.70 6.82
C SER C 452 -66.53 15.88 6.99
N HIS C 453 -66.25 16.24 8.24
CA HIS C 453 -65.32 17.33 8.61
C HIS C 453 -65.77 18.63 7.93
N GLN C 454 -67.09 18.88 7.86
CA GLN C 454 -67.64 20.17 7.40
C GLN C 454 -67.69 21.05 8.64
N ILE C 455 -66.54 21.66 8.96
CA ILE C 455 -66.26 22.26 10.28
C ILE C 455 -67.14 23.50 10.51
N ALA C 456 -67.77 24.08 9.49
CA ALA C 456 -68.65 25.26 9.65
C ALA C 456 -70.08 24.94 9.21
N LEU C 457 -71.03 25.06 10.14
CA LEU C 457 -72.49 24.93 9.88
C LEU C 457 -73.19 26.04 10.65
N ASP C 458 -74.17 26.72 10.04
CA ASP C 458 -74.91 27.81 10.71
C ASP C 458 -76.28 27.29 11.17
N ASN C 459 -77.00 28.11 11.92
CA ASN C 459 -78.33 27.73 12.48
C ASN C 459 -79.29 27.34 11.35
N LYS C 460 -79.28 28.07 10.24
CA LYS C 460 -80.21 27.80 9.10
C LYS C 460 -79.98 26.37 8.58
N VAL C 461 -78.73 25.99 8.31
CA VAL C 461 -78.43 24.65 7.72
C VAL C 461 -78.74 23.59 8.78
N ILE C 462 -78.49 23.86 10.06
CA ILE C 462 -78.81 22.88 11.14
C ILE C 462 -80.33 22.65 11.16
N LYS C 463 -81.16 23.68 10.99
CA LYS C 463 -82.64 23.52 10.94
C LYS C 463 -83.00 22.68 9.72
N GLN C 464 -82.34 22.90 8.58
CA GLN C 464 -82.58 22.09 7.36
C GLN C 464 -82.21 20.63 7.63
N LEU C 465 -81.10 20.38 8.33
CA LEU C 465 -80.64 19.01 8.66
C LEU C 465 -81.62 18.34 9.63
N GLU C 466 -82.12 19.09 10.61
CA GLU C 466 -83.15 18.61 11.59
C GLU C 466 -84.39 18.16 10.81
N SER C 467 -84.88 19.00 9.90
CA SER C 467 -86.02 18.71 9.02
C SER C 467 -85.73 17.44 8.21
N PHE C 468 -84.55 17.36 7.61
CA PHE C 468 -84.13 16.23 6.75
C PHE C 468 -84.22 14.93 7.55
N VAL C 469 -83.65 14.93 8.75
CA VAL C 469 -83.61 13.71 9.59
C VAL C 469 -85.03 13.40 10.12
N GLU C 470 -85.74 14.41 10.58
CA GLU C 470 -87.09 14.24 11.17
C GLU C 470 -87.99 13.52 10.14
N LYS C 471 -87.80 13.86 8.86
CA LYS C 471 -88.62 13.36 7.74
C LYS C 471 -88.04 12.05 7.17
N GLY C 472 -87.15 11.37 7.91
CA GLY C 472 -86.69 10.01 7.57
C GLY C 472 -85.25 9.94 7.10
N GLY C 473 -84.59 11.09 6.92
CA GLY C 473 -83.17 11.16 6.50
C GLY C 473 -82.23 10.48 7.49
N THR C 474 -81.15 9.90 6.99
CA THR C 474 -80.01 9.40 7.78
C THR C 474 -78.86 10.40 7.61
N LEU C 475 -78.36 10.94 8.71
CA LEU C 475 -77.24 11.90 8.72
C LEU C 475 -76.02 11.21 9.34
N ILE C 476 -74.92 11.15 8.59
CA ILE C 476 -73.60 10.64 9.05
C ILE C 476 -72.67 11.83 9.14
N ALA C 477 -72.10 12.06 10.32
CA ALA C 477 -71.21 13.21 10.58
C ALA C 477 -69.96 12.70 11.28
N ASP C 478 -68.77 12.98 10.71
CA ASP C 478 -67.49 12.64 11.36
C ASP C 478 -66.59 13.87 11.40
N GLY C 479 -65.43 13.74 12.03
CA GLY C 479 -64.45 14.82 12.18
C GLY C 479 -65.07 15.99 12.92
N LEU C 480 -64.63 17.20 12.63
CA LEU C 480 -65.05 18.42 13.37
C LEU C 480 -66.31 19.03 12.74
N THR C 481 -67.16 18.23 12.10
CA THR C 481 -68.43 18.76 11.51
C THR C 481 -69.17 19.57 12.59
N GLY C 482 -69.51 20.82 12.25
CA GLY C 482 -70.34 21.70 13.09
C GLY C 482 -69.62 22.27 14.30
N TYR C 483 -68.29 22.19 14.33
CA TYR C 483 -67.50 22.72 15.45
C TYR C 483 -67.63 24.25 15.48
N TYR C 484 -67.70 24.87 14.31
CA TYR C 484 -67.84 26.34 14.13
C TYR C 484 -69.12 26.66 13.37
N ASP C 485 -69.57 27.91 13.47
CA ASP C 485 -70.64 28.47 12.62
C ASP C 485 -69.96 29.23 11.47
N TYR C 486 -70.74 29.99 10.71
CA TYR C 486 -70.30 30.67 9.48
C TYR C 486 -69.49 31.90 9.84
N GLN C 487 -69.39 32.26 11.13
CA GLN C 487 -68.53 33.39 11.59
C GLN C 487 -67.31 32.87 12.36
N ALA C 488 -67.00 31.56 12.23
CA ALA C 488 -65.86 30.91 12.91
C ALA C 488 -66.07 30.97 14.43
N HIS C 489 -67.32 31.13 14.86
CA HIS C 489 -67.68 31.07 16.31
C HIS C 489 -68.03 29.62 16.65
N SER C 490 -67.40 29.05 17.66
CA SER C 490 -67.63 27.63 18.04
C SER C 490 -68.78 27.55 19.03
N THR C 491 -69.93 27.02 18.60
CA THR C 491 -71.07 26.75 19.51
C THR C 491 -70.70 25.57 20.40
N VAL C 492 -69.68 24.79 20.04
CA VAL C 492 -69.14 23.74 20.96
C VAL C 492 -68.72 24.44 22.26
N VAL C 493 -68.22 25.67 22.17
CA VAL C 493 -67.79 26.45 23.37
C VAL C 493 -69.00 27.17 23.99
N SER C 494 -69.83 27.86 23.20
CA SER C 494 -70.90 28.78 23.71
C SER C 494 -72.22 28.06 24.00
N GLY C 495 -72.47 26.86 23.46
CA GLY C 495 -73.76 26.17 23.55
C GLY C 495 -74.09 25.46 22.24
N PHE C 496 -73.89 24.15 22.18
CA PHE C 496 -73.71 23.38 20.93
C PHE C 496 -75.01 23.38 20.13
N ALA C 497 -74.96 23.89 18.90
CA ALA C 497 -76.15 24.12 18.05
C ALA C 497 -76.71 22.78 17.57
N LEU C 498 -75.88 21.75 17.49
CA LEU C 498 -76.29 20.40 17.00
C LEU C 498 -76.65 19.48 18.18
N GLU C 499 -76.72 19.98 19.42
CA GLU C 499 -77.05 19.11 20.59
C GLU C 499 -78.41 18.43 20.35
N ASN C 500 -79.40 19.21 19.92
CA ASN C 500 -80.78 18.71 19.68
C ASN C 500 -80.72 17.55 18.66
N LEU C 501 -80.12 17.79 17.49
CA LEU C 501 -80.12 16.78 16.41
C LEU C 501 -79.29 15.56 16.82
N PHE C 502 -78.16 15.78 17.49
CA PHE C 502 -77.19 14.70 17.80
C PHE C 502 -77.61 13.96 19.08
N GLY C 503 -78.48 14.55 19.90
CA GLY C 503 -78.92 13.92 21.17
C GLY C 503 -77.73 13.66 22.07
N SER C 504 -76.76 14.58 22.05
CA SER C 504 -75.43 14.39 22.68
C SER C 504 -74.67 15.72 22.62
N TYR C 505 -73.55 15.76 23.33
CA TYR C 505 -72.74 16.99 23.55
C TYR C 505 -71.28 16.56 23.49
N PRO C 506 -70.41 17.31 22.79
CA PRO C 506 -68.97 17.04 22.82
C PRO C 506 -68.45 17.27 24.24
N ILE C 507 -67.46 16.47 24.63
CA ILE C 507 -66.75 16.59 25.95
C ILE C 507 -65.35 17.15 25.66
N GLU C 508 -64.53 16.43 24.90
CA GLU C 508 -63.15 16.86 24.58
C GLU C 508 -62.75 16.41 23.18
N TYR C 509 -61.82 17.16 22.60
CA TYR C 509 -60.87 16.68 21.58
C TYR C 509 -59.49 16.57 22.21
N LYS C 510 -58.81 15.46 21.93
CA LYS C 510 -57.39 15.26 22.32
C LYS C 510 -56.64 14.87 21.06
N ILE C 511 -55.59 15.62 20.76
CA ILE C 511 -54.61 15.35 19.69
C ILE C 511 -53.99 13.98 19.95
N LYS C 512 -53.86 13.17 18.91
CA LYS C 512 -53.14 11.87 18.91
C LYS C 512 -52.15 11.93 17.75
N GLU C 513 -51.75 10.79 17.22
CA GLU C 513 -50.79 10.73 16.08
C GLU C 513 -51.59 10.99 14.81
N ASN C 514 -50.90 11.17 13.67
CA ASN C 514 -51.53 11.30 12.34
C ASN C 514 -52.47 10.12 12.11
N LEU C 515 -52.13 8.92 12.62
CA LEU C 515 -52.94 7.72 12.45
C LEU C 515 -53.07 7.00 13.80
N PHE C 516 -54.29 6.82 14.28
CA PHE C 516 -54.64 5.97 15.44
C PHE C 516 -55.86 5.16 15.08
N SER C 517 -56.22 4.24 15.95
CA SER C 517 -57.34 3.30 15.76
C SER C 517 -58.44 3.64 16.79
N LEU C 518 -59.69 3.79 16.33
CA LEU C 518 -60.88 3.84 17.23
C LEU C 518 -61.44 2.44 17.30
N ASP C 519 -61.26 1.73 18.41
CA ASP C 519 -61.65 0.30 18.53
C ASP C 519 -62.95 0.25 19.33
N PHE C 520 -64.07 -0.02 18.66
CA PHE C 520 -65.41 -0.11 19.28
C PHE C 520 -65.45 -1.25 20.31
N GLU C 521 -66.16 -1.02 21.42
CA GLU C 521 -66.33 -1.98 22.54
C GLU C 521 -66.89 -3.31 22.03
N LYS C 522 -67.87 -3.28 21.13
CA LYS C 522 -68.52 -4.52 20.60
C LYS C 522 -67.61 -5.35 19.67
N ASP C 523 -66.37 -4.89 19.40
CA ASP C 523 -65.33 -5.62 18.63
C ASP C 523 -65.68 -5.62 17.13
N ASN C 524 -66.83 -5.09 16.74
CA ASN C 524 -67.29 -5.12 15.33
C ASN C 524 -66.41 -4.20 14.49
N TYR C 525 -65.72 -3.18 15.06
CA TYR C 525 -65.10 -2.11 14.23
C TYR C 525 -63.81 -1.56 14.85
N LYS C 526 -62.79 -1.45 14.00
CA LYS C 526 -61.48 -0.83 14.33
C LYS C 526 -61.20 0.20 13.24
N LEU C 527 -61.65 1.42 13.46
CA LEU C 527 -61.67 2.51 12.45
C LEU C 527 -60.37 3.27 12.51
N PRO C 528 -59.61 3.34 11.40
CA PRO C 528 -58.50 4.28 11.33
C PRO C 528 -59.05 5.69 11.54
N ALA C 529 -58.33 6.51 12.30
CA ALA C 529 -58.72 7.88 12.64
C ALA C 529 -57.49 8.78 12.55
N HIS C 530 -57.70 10.03 12.17
CA HIS C 530 -56.63 11.00 11.91
C HIS C 530 -56.65 12.09 12.99
N LEU C 531 -55.53 12.22 13.73
CA LEU C 531 -55.08 13.45 14.41
C LEU C 531 -55.82 13.69 15.74
N TRP C 532 -57.16 13.72 15.74
CA TRP C 532 -57.91 14.15 16.95
C TRP C 532 -58.89 13.06 17.35
N LYS C 533 -58.94 12.74 18.64
CA LYS C 533 -59.98 11.86 19.20
C LYS C 533 -61.05 12.72 19.87
N GLY C 534 -62.28 12.62 19.36
CA GLY C 534 -63.47 13.24 19.98
C GLY C 534 -64.12 12.30 20.99
N THR C 535 -64.42 12.82 22.18
CA THR C 535 -65.27 12.14 23.18
C THR C 535 -66.52 12.99 23.40
N ILE C 536 -67.63 12.32 23.67
CA ILE C 536 -68.98 12.97 23.76
C ILE C 536 -69.67 12.43 25.00
N GLU C 537 -70.77 13.09 25.35
CA GLU C 537 -71.73 12.61 26.37
C GLU C 537 -73.11 12.57 25.70
N THR C 538 -73.78 11.43 25.79
CA THR C 538 -75.11 11.21 25.19
C THR C 538 -76.17 11.64 26.20
N SER C 539 -77.29 12.21 25.71
CA SER C 539 -78.54 12.38 26.49
C SER C 539 -79.57 11.45 25.84
N LYS C 540 -80.16 11.84 24.71
CA LYS C 540 -81.16 11.00 24.01
C LYS C 540 -80.48 9.93 23.14
N ALA C 541 -79.27 10.17 22.62
CA ALA C 541 -78.61 9.23 21.69
C ALA C 541 -78.15 7.98 22.44
N THR C 542 -78.00 6.87 21.71
CA THR C 542 -77.38 5.63 22.22
C THR C 542 -75.87 5.78 22.12
N PRO C 543 -75.11 5.71 23.23
CA PRO C 543 -73.66 5.85 23.19
C PRO C 543 -72.97 4.63 22.57
N ILE C 544 -71.86 4.90 21.88
CA ILE C 544 -70.92 3.86 21.36
C ILE C 544 -69.59 4.12 22.07
N MET C 545 -69.15 3.08 22.78
CA MET C 545 -67.96 3.15 23.65
C MET C 545 -66.81 2.48 22.90
N ASP C 546 -65.58 2.91 23.17
CA ASP C 546 -64.39 2.24 22.60
C ASP C 546 -63.80 1.34 23.70
N LYS C 547 -62.71 0.66 23.40
CA LYS C 547 -62.09 -0.33 24.32
C LYS C 547 -61.38 0.41 25.47
N GLU C 548 -61.25 1.72 25.42
CA GLU C 548 -60.70 2.49 26.56
C GLU C 548 -61.84 2.93 27.49
N GLY C 549 -63.09 2.55 27.18
CA GLY C 549 -64.27 2.94 27.96
C GLY C 549 -64.65 4.39 27.75
N GLU C 550 -64.26 5.01 26.63
CA GLU C 550 -64.65 6.42 26.30
C GLU C 550 -65.80 6.39 25.30
N CYS C 551 -66.69 7.37 25.37
CA CYS C 551 -67.81 7.50 24.41
C CYS C 551 -67.32 8.29 23.20
N ILE C 552 -67.20 7.61 22.05
CA ILE C 552 -66.54 8.15 20.83
C ILE C 552 -67.57 8.37 19.71
N ALA C 553 -68.81 7.94 19.91
CA ALA C 553 -69.83 8.04 18.84
C ALA C 553 -71.20 7.79 19.42
N CYS C 554 -72.23 8.02 18.62
CA CYS C 554 -73.63 7.74 19.02
C CYS C 554 -74.53 7.62 17.80
N ILE C 555 -75.68 6.99 18.02
CA ILE C 555 -76.81 6.93 17.07
C ILE C 555 -78.01 7.58 17.79
N ASN C 556 -78.51 8.66 17.21
CA ASN C 556 -79.70 9.36 17.73
C ASN C 556 -80.86 9.04 16.80
N GLN C 557 -81.98 8.57 17.35
CA GLN C 557 -83.27 8.44 16.61
C GLN C 557 -83.94 9.79 16.69
N TYR C 558 -84.18 10.44 15.57
CA TYR C 558 -84.74 11.80 15.52
C TYR C 558 -85.90 11.82 14.53
N GLY C 559 -87.14 11.89 15.05
CA GLY C 559 -88.35 11.68 14.22
C GLY C 559 -88.23 10.33 13.50
N LYS C 560 -88.41 10.31 12.18
CA LYS C 560 -88.38 9.05 11.39
C LYS C 560 -86.94 8.74 10.98
N GLY C 561 -85.97 9.64 11.21
CA GLY C 561 -84.61 9.47 10.69
C GLY C 561 -83.63 9.08 11.78
N LYS C 562 -82.35 9.00 11.43
CA LYS C 562 -81.29 8.72 12.43
C LYS C 562 -80.04 9.51 12.12
N VAL C 563 -79.28 9.77 13.18
CA VAL C 563 -77.96 10.43 13.10
C VAL C 563 -76.92 9.46 13.63
N PHE C 564 -75.85 9.26 12.87
CA PHE C 564 -74.62 8.63 13.36
C PHE C 564 -73.55 9.74 13.45
N TRP C 565 -73.05 9.98 14.66
CA TRP C 565 -72.04 11.03 14.93
C TRP C 565 -70.80 10.38 15.52
N ILE C 566 -69.65 10.62 14.89
CA ILE C 566 -68.33 10.18 15.41
C ILE C 566 -67.37 11.35 15.21
N PRO C 567 -67.18 12.19 16.24
CA PRO C 567 -66.42 13.43 16.08
C PRO C 567 -64.89 13.27 15.85
N SER C 568 -64.38 12.05 15.74
CA SER C 568 -62.99 11.79 15.28
C SER C 568 -62.98 11.74 13.75
N PRO C 569 -61.90 12.20 13.07
CA PRO C 569 -61.86 12.12 11.61
C PRO C 569 -61.57 10.70 11.12
N ILE C 570 -62.62 9.93 10.83
CA ILE C 570 -62.47 8.52 10.36
C ILE C 570 -62.33 8.49 8.83
N ALA C 571 -62.90 9.45 8.11
CA ALA C 571 -62.67 9.56 6.65
C ALA C 571 -61.21 9.94 6.42
N LEU C 572 -60.69 10.91 7.16
CA LEU C 572 -59.26 11.29 7.03
C LEU C 572 -58.37 10.15 7.55
N GLY C 573 -58.86 9.40 8.55
CA GLY C 573 -58.20 8.17 9.03
C GLY C 573 -58.03 7.17 7.92
N ALA C 574 -59.10 6.90 7.17
CA ALA C 574 -59.10 6.02 5.99
C ALA C 574 -58.05 6.54 5.00
N ARG C 575 -58.05 7.84 4.73
CA ARG C 575 -57.10 8.47 3.78
C ARG C 575 -55.65 8.23 4.26
N GLU C 576 -55.36 8.55 5.51
CA GLU C 576 -53.98 8.46 6.09
C GLU C 576 -53.52 6.98 6.10
N SER C 577 -54.40 6.05 6.43
CA SER C 577 -54.06 4.59 6.48
C SER C 577 -54.03 4.01 5.06
N LYS C 578 -54.51 4.74 4.05
CA LYS C 578 -54.69 4.22 2.66
C LYS C 578 -55.57 2.96 2.67
N ASP C 579 -56.56 2.93 3.54
CA ASP C 579 -57.46 1.77 3.71
C ASP C 579 -58.87 2.28 4.00
N PHE C 580 -59.77 2.12 3.04
CA PHE C 580 -61.17 2.59 3.11
C PHE C 580 -62.10 1.44 3.52
N SER C 581 -61.55 0.24 3.80
CA SER C 581 -62.37 -0.97 4.01
C SER C 581 -63.26 -0.77 5.24
N GLU C 582 -62.71 -0.33 6.37
CA GLU C 582 -63.52 -0.20 7.61
C GLU C 582 -64.58 0.91 7.43
N LEU C 583 -64.22 2.03 6.81
CA LEU C 583 -65.18 3.11 6.55
C LEU C 583 -66.32 2.58 5.66
N SER C 584 -66.00 1.80 4.63
CA SER C 584 -67.00 1.11 3.78
C SER C 584 -67.96 0.27 4.64
N LYS C 585 -67.42 -0.66 5.41
CA LYS C 585 -68.24 -1.63 6.19
C LYS C 585 -69.13 -0.86 7.16
N LEU C 586 -68.56 0.10 7.90
CA LEU C 586 -69.34 0.92 8.87
C LEU C 586 -70.47 1.64 8.15
N THR C 587 -70.18 2.30 7.03
CA THR C 587 -71.17 3.13 6.29
C THR C 587 -72.29 2.21 5.80
N VAL C 588 -71.95 1.06 5.22
CA VAL C 588 -72.94 0.09 4.70
C VAL C 588 -73.91 -0.27 5.85
N SER C 589 -73.40 -0.51 7.05
CA SER C 589 -74.21 -0.95 8.22
C SER C 589 -75.20 0.14 8.60
N LEU C 590 -74.95 1.40 8.22
CA LEU C 590 -75.82 2.55 8.58
C LEU C 590 -76.81 2.89 7.46
N LEU C 591 -76.63 2.35 6.25
CA LEU C 591 -77.49 2.73 5.10
C LEU C 591 -78.87 2.12 5.25
N PRO C 592 -79.94 2.86 4.88
CA PRO C 592 -81.28 2.27 4.81
C PRO C 592 -81.27 1.04 3.90
N ASN C 593 -81.95 -0.04 4.30
CA ASN C 593 -82.03 -1.32 3.54
C ASN C 593 -82.39 -1.06 2.08
N LYS C 594 -83.32 -0.14 1.82
CA LYS C 594 -83.82 0.13 0.45
C LYS C 594 -82.67 0.51 -0.48
N ILE C 595 -81.65 1.21 0.03
CA ILE C 595 -80.50 1.62 -0.84
C ILE C 595 -79.77 0.35 -1.27
N LEU C 596 -79.49 -0.55 -0.33
CA LEU C 596 -78.74 -1.80 -0.62
C LEU C 596 -79.60 -2.75 -1.46
N ASN C 597 -80.92 -2.73 -1.29
CA ASN C 597 -81.82 -3.65 -2.04
C ASN C 597 -81.99 -3.19 -3.49
N ASP C 598 -82.08 -1.88 -3.74
CA ASP C 598 -82.49 -1.32 -5.07
C ASP C 598 -81.30 -0.90 -5.92
N ASN C 599 -80.10 -0.75 -5.34
CA ASN C 599 -78.91 -0.24 -6.08
C ASN C 599 -77.91 -1.38 -6.26
N PRO C 600 -77.44 -1.64 -7.50
CA PRO C 600 -76.30 -2.51 -7.68
C PRO C 600 -75.12 -1.92 -6.89
N HIS C 601 -74.41 -2.80 -6.20
CA HIS C 601 -73.21 -2.47 -5.38
C HIS C 601 -72.41 -3.75 -5.24
N PHE C 602 -71.24 -3.69 -4.64
CA PHE C 602 -70.38 -4.87 -4.41
C PHE C 602 -70.87 -5.57 -3.14
N ASP C 603 -70.76 -6.91 -3.10
CA ASP C 603 -71.16 -7.74 -1.94
C ASP C 603 -70.25 -7.42 -0.76
N LYS C 604 -69.10 -6.81 -1.03
CA LYS C 604 -68.13 -6.39 0.00
C LYS C 604 -67.25 -5.28 -0.57
N HIS C 605 -66.40 -4.71 0.28
CA HIS C 605 -65.42 -3.66 -0.12
C HIS C 605 -64.38 -4.26 -1.07
N TYR C 606 -64.10 -3.58 -2.18
CA TYR C 606 -63.01 -3.91 -3.11
C TYR C 606 -62.05 -2.74 -3.21
N LYS C 607 -60.84 -2.91 -2.68
CA LYS C 607 -59.76 -1.93 -2.83
C LYS C 607 -59.51 -1.66 -4.31
N ASP C 608 -59.50 -0.38 -4.71
CA ASP C 608 -59.07 0.09 -6.05
C ASP C 608 -59.99 -0.46 -7.13
N VAL C 609 -61.25 -0.67 -6.82
CA VAL C 609 -62.30 -0.98 -7.83
C VAL C 609 -63.41 0.05 -7.62
N MET C 610 -64.03 0.49 -8.70
CA MET C 610 -65.17 1.41 -8.56
C MET C 610 -66.31 0.90 -9.41
N MET C 611 -67.51 1.17 -8.96
CA MET C 611 -68.73 1.01 -9.78
C MET C 611 -69.68 2.16 -9.46
N LYS C 612 -70.34 2.61 -10.52
CA LYS C 612 -71.42 3.60 -10.48
C LYS C 612 -72.47 3.10 -11.47
N SER C 613 -73.74 3.26 -11.14
CA SER C 613 -74.85 2.77 -12.01
C SER C 613 -75.61 3.95 -12.60
N PHE C 614 -76.26 3.71 -13.74
CA PHE C 614 -77.09 4.72 -14.43
C PHE C 614 -78.24 4.02 -15.13
N LYS C 615 -79.20 4.83 -15.58
CA LYS C 615 -80.40 4.34 -16.32
C LYS C 615 -80.48 5.14 -17.60
N SER C 616 -80.99 4.50 -18.65
CA SER C 616 -81.36 5.19 -19.92
C SER C 616 -82.64 4.53 -20.47
N ASN C 617 -83.72 5.29 -20.61
CA ASN C 617 -85.01 4.84 -21.19
C ASN C 617 -85.46 3.56 -20.46
N GLY C 618 -85.39 3.56 -19.13
CA GLY C 618 -85.91 2.45 -18.29
C GLY C 618 -84.92 1.30 -18.11
N THR C 619 -83.84 1.23 -18.88
CA THR C 619 -82.81 0.16 -18.73
C THR C 619 -81.72 0.64 -17.76
N MET C 620 -81.32 -0.23 -16.84
CA MET C 620 -80.26 0.05 -15.85
C MET C 620 -78.92 -0.46 -16.40
N TYR C 621 -77.86 0.29 -16.15
CA TYR C 621 -76.46 -0.06 -16.51
C TYR C 621 -75.58 0.17 -15.29
N SER C 622 -74.43 -0.49 -15.29
CA SER C 622 -73.36 -0.28 -14.30
C SER C 622 -72.04 -0.08 -15.04
N LEU C 623 -71.24 0.86 -14.54
CA LEU C 623 -69.86 1.12 -14.98
C LEU C 623 -68.95 0.51 -13.90
N ILE C 624 -68.01 -0.33 -14.30
CA ILE C 624 -67.05 -0.94 -13.35
C ILE C 624 -65.67 -0.67 -13.90
N ILE C 625 -64.77 -0.21 -13.02
CA ILE C 625 -63.35 0.01 -13.40
C ILE C 625 -62.49 -0.63 -12.32
N ASN C 626 -61.49 -1.40 -12.78
CA ASN C 626 -60.52 -2.08 -11.91
C ASN C 626 -59.21 -1.29 -11.97
N LYS C 627 -58.80 -0.70 -10.85
CA LYS C 627 -57.54 0.07 -10.76
C LYS C 627 -56.51 -0.67 -9.91
N SER C 628 -56.84 -1.91 -9.50
CA SER C 628 -55.89 -2.78 -8.76
C SER C 628 -54.86 -3.33 -9.74
N ALA C 629 -53.78 -3.89 -9.20
CA ALA C 629 -52.69 -4.51 -10.00
C ALA C 629 -53.13 -5.90 -10.51
N SER C 630 -54.27 -6.44 -10.06
CA SER C 630 -54.66 -7.83 -10.39
C SER C 630 -56.08 -7.91 -10.92
N VAL C 631 -56.35 -8.96 -11.70
CA VAL C 631 -57.72 -9.36 -12.14
C VAL C 631 -58.55 -9.48 -10.86
N GLN C 632 -59.77 -8.96 -10.89
CA GLN C 632 -60.66 -9.01 -9.72
C GLN C 632 -61.93 -9.71 -10.16
N THR C 633 -62.54 -10.50 -9.27
CA THR C 633 -63.89 -11.05 -9.47
C THR C 633 -64.79 -10.31 -8.50
N VAL C 634 -65.68 -9.50 -9.07
CA VAL C 634 -66.52 -8.57 -8.27
C VAL C 634 -67.93 -9.14 -8.24
N ASP C 635 -68.43 -9.44 -7.05
CA ASP C 635 -69.82 -9.95 -6.88
C ASP C 635 -70.75 -8.74 -6.77
N ILE C 636 -71.58 -8.51 -7.77
CA ILE C 636 -72.57 -7.39 -7.80
C ILE C 636 -73.91 -7.91 -7.25
N VAL C 637 -74.47 -7.21 -6.26
CA VAL C 637 -75.75 -7.52 -5.59
C VAL C 637 -76.58 -6.23 -5.56
N GLY C 638 -77.89 -6.37 -5.40
CA GLY C 638 -78.83 -5.23 -5.36
C GLY C 638 -79.36 -4.89 -6.73
N GLY C 639 -80.52 -4.24 -6.77
CA GLY C 639 -81.31 -4.01 -8.00
C GLY C 639 -81.79 -5.34 -8.54
N LYS C 640 -82.08 -5.38 -9.83
CA LYS C 640 -82.71 -6.53 -10.52
C LYS C 640 -82.00 -6.74 -11.86
N GLY C 641 -81.95 -7.98 -12.33
CA GLY C 641 -81.57 -8.29 -13.72
C GLY C 641 -80.32 -9.14 -13.79
N LYS C 642 -80.00 -9.62 -14.98
CA LYS C 642 -78.76 -10.40 -15.24
C LYS C 642 -77.81 -9.52 -16.03
N ALA C 643 -76.52 -9.64 -15.69
CA ALA C 643 -75.41 -8.89 -16.30
C ALA C 643 -75.25 -9.33 -17.76
N PHE C 644 -75.35 -8.38 -18.68
CA PHE C 644 -74.86 -8.52 -20.07
C PHE C 644 -73.74 -7.48 -20.26
N ILE C 645 -72.54 -7.91 -20.67
CA ILE C 645 -71.42 -6.97 -20.94
C ILE C 645 -71.65 -6.27 -22.28
N LEU C 646 -71.93 -4.98 -22.24
CA LEU C 646 -72.17 -4.12 -23.43
C LEU C 646 -70.84 -3.50 -23.90
N PHE C 647 -69.94 -3.20 -22.95
CA PHE C 647 -68.62 -2.59 -23.25
C PHE C 647 -67.59 -3.20 -22.31
N ALA C 648 -66.43 -3.54 -22.86
CA ALA C 648 -65.28 -4.10 -22.12
C ALA C 648 -64.07 -4.01 -23.04
N ASN C 649 -63.00 -3.37 -22.60
CA ASN C 649 -61.82 -3.14 -23.48
C ASN C 649 -60.75 -4.19 -23.21
N LYS C 650 -60.95 -5.13 -22.28
CA LYS C 650 -59.95 -6.24 -22.06
C LYS C 650 -60.66 -7.59 -21.88
N ASN C 651 -61.77 -7.81 -22.55
CA ASN C 651 -62.45 -9.14 -22.62
C ASN C 651 -62.92 -9.59 -21.25
N ALA C 652 -63.44 -8.67 -20.42
CA ALA C 652 -64.17 -9.03 -19.19
C ALA C 652 -65.20 -10.11 -19.51
N HIS C 653 -65.57 -10.92 -18.51
CA HIS C 653 -66.71 -11.88 -18.59
C HIS C 653 -67.42 -11.86 -17.25
N SER C 654 -68.73 -12.11 -17.26
CA SER C 654 -69.57 -12.26 -16.05
C SER C 654 -70.14 -13.68 -16.01
N THR C 655 -70.21 -14.28 -14.83
CA THR C 655 -70.92 -15.54 -14.53
C THR C 655 -71.95 -15.18 -13.47
N ALA C 656 -73.22 -15.32 -13.82
CA ALA C 656 -74.34 -14.75 -13.04
C ALA C 656 -74.02 -13.25 -12.93
N ASN C 657 -73.89 -12.72 -11.72
CA ASN C 657 -73.63 -11.28 -11.47
C ASN C 657 -72.24 -11.12 -10.82
N LYS C 658 -71.32 -12.02 -11.14
CA LYS C 658 -69.89 -12.01 -10.73
C LYS C 658 -69.08 -11.57 -11.95
N LEU C 659 -68.57 -10.34 -11.94
CA LEU C 659 -67.79 -9.77 -13.08
C LEU C 659 -66.29 -10.00 -12.84
N THR C 660 -65.62 -10.64 -13.79
CA THR C 660 -64.16 -10.80 -13.82
C THR C 660 -63.62 -9.68 -14.71
N ILE C 661 -62.85 -8.77 -14.12
CA ILE C 661 -62.42 -7.50 -14.77
C ILE C 661 -60.90 -7.35 -14.58
N SER C 662 -60.19 -7.06 -15.66
CA SER C 662 -58.72 -6.98 -15.69
C SER C 662 -58.25 -5.61 -15.19
N PRO C 663 -56.98 -5.50 -14.78
CA PRO C 663 -56.39 -4.22 -14.40
C PRO C 663 -56.56 -3.17 -15.52
N GLU C 664 -57.11 -2.02 -15.15
CA GLU C 664 -57.24 -0.80 -15.99
C GLU C 664 -58.40 -0.97 -16.98
N GLU C 665 -59.13 -2.07 -16.89
CA GLU C 665 -60.29 -2.34 -17.77
C GLU C 665 -61.45 -1.45 -17.31
N THR C 666 -62.22 -0.98 -18.29
CA THR C 666 -63.52 -0.32 -18.08
C THR C 666 -64.61 -1.24 -18.62
N VAL C 667 -65.64 -1.48 -17.82
CA VAL C 667 -66.77 -2.36 -18.24
C VAL C 667 -68.08 -1.59 -18.10
N ILE C 668 -68.95 -1.69 -19.09
CA ILE C 668 -70.39 -1.36 -18.95
C ILE C 668 -71.20 -2.67 -18.98
N ILE C 669 -71.94 -2.91 -17.91
CA ILE C 669 -72.98 -3.98 -17.83
C ILE C 669 -74.33 -3.34 -18.10
N LYS C 670 -75.09 -3.97 -18.99
CA LYS C 670 -76.54 -3.75 -19.21
C LYS C 670 -77.26 -4.83 -18.39
N TRP C 671 -78.19 -4.42 -17.53
CA TRP C 671 -79.00 -5.34 -16.70
C TRP C 671 -80.26 -5.75 -17.49
N LYS C 672 -80.51 -7.05 -17.72
CA LYS C 672 -81.70 -7.51 -18.51
C LYS C 672 -82.78 -8.07 -17.59
N ALA D 22 8.20 42.84 -17.09
CA ALA D 22 7.26 41.90 -16.38
C ALA D 22 7.19 40.57 -17.14
N GLU D 23 7.31 39.45 -16.44
CA GLU D 23 7.10 38.09 -17.00
C GLU D 23 5.64 37.98 -17.48
N ARG D 24 5.44 37.54 -18.72
CA ARG D 24 4.11 37.34 -19.36
C ARG D 24 3.84 35.83 -19.35
N ILE D 25 2.67 35.42 -18.87
CA ILE D 25 2.27 33.98 -18.87
C ILE D 25 2.17 33.53 -20.33
N SER D 26 2.47 32.27 -20.61
CA SER D 26 2.30 31.64 -21.93
C SER D 26 1.96 30.16 -21.75
N LYS D 27 1.67 29.48 -22.85
CA LYS D 27 1.34 28.03 -22.84
C LYS D 27 2.60 27.21 -22.50
N GLN D 28 3.77 27.85 -22.43
CA GLN D 28 5.07 27.20 -22.08
C GLN D 28 5.51 27.56 -20.67
N SER D 29 4.73 28.35 -19.93
CA SER D 29 5.12 28.79 -18.56
C SER D 29 5.22 27.55 -17.66
N THR D 30 6.11 27.63 -16.68
CA THR D 30 6.20 26.61 -15.60
C THR D 30 4.97 26.80 -14.72
N PRO D 31 4.14 25.76 -14.52
CA PRO D 31 2.98 25.89 -13.65
C PRO D 31 3.45 26.15 -12.21
N PHE D 32 2.63 26.84 -11.43
CA PHE D 32 2.93 27.17 -10.01
C PHE D 32 1.77 26.70 -9.13
N VAL D 33 2.12 26.46 -7.87
CA VAL D 33 1.16 26.35 -6.75
C VAL D 33 1.25 27.66 -5.98
N GLY D 34 0.11 28.18 -5.57
CA GLY D 34 0.02 29.48 -4.89
C GLY D 34 -1.15 29.49 -3.94
N ALA D 35 -1.35 30.62 -3.27
CA ALA D 35 -2.42 30.78 -2.27
C ALA D 35 -2.76 32.26 -2.12
N GLN D 36 -4.03 32.52 -1.82
CA GLN D 36 -4.49 33.83 -1.38
C GLN D 36 -3.72 34.20 -0.12
N ILE D 37 -3.20 35.40 -0.08
CA ILE D 37 -2.70 36.02 1.19
C ILE D 37 -3.74 37.05 1.56
N PHE D 38 -4.48 36.78 2.64
CA PHE D 38 -5.60 37.62 3.08
C PHE D 38 -5.04 38.74 3.95
N ILE D 39 -5.14 39.96 3.43
CA ILE D 39 -4.66 41.21 4.06
C ILE D 39 -5.86 42.04 4.50
N GLU D 40 -5.93 42.35 5.78
CA GLU D 40 -6.92 43.28 6.38
C GLU D 40 -6.19 44.02 7.50
N PRO D 41 -6.71 45.18 7.94
CA PRO D 41 -6.11 45.91 9.06
C PRO D 41 -6.15 45.06 10.33
N GLY D 42 -5.16 45.27 11.20
CA GLY D 42 -5.07 44.60 12.51
C GLY D 42 -3.96 43.57 12.51
N GLN D 43 -3.60 43.04 11.34
CA GLN D 43 -2.51 42.05 11.21
C GLN D 43 -1.19 42.75 11.56
N THR D 44 -0.24 42.03 12.13
CA THR D 44 1.11 42.54 12.46
C THR D 44 2.09 42.20 11.34
N GLN D 45 3.12 43.02 11.18
CA GLN D 45 4.29 42.77 10.31
C GLN D 45 4.79 41.33 10.53
N GLU D 46 4.91 40.91 11.77
CA GLU D 46 5.49 39.60 12.17
C GLU D 46 4.62 38.47 11.62
N GLN D 47 3.29 38.54 11.78
CA GLN D 47 2.41 37.42 11.31
C GLN D 47 2.44 37.40 9.78
N ILE D 48 2.47 38.56 9.10
CA ILE D 48 2.46 38.58 7.61
C ILE D 48 3.77 37.98 7.10
N GLU D 49 4.90 38.33 7.72
CA GLU D 49 6.20 37.75 7.32
C GLU D 49 6.17 36.23 7.51
N GLN D 50 5.63 35.77 8.64
CA GLN D 50 5.45 34.33 8.97
C GLN D 50 4.71 33.63 7.80
N TRP D 51 3.69 34.27 7.23
CA TRP D 51 2.89 33.69 6.12
C TRP D 51 3.76 33.55 4.87
N PHE D 52 4.41 34.63 4.43
CA PHE D 52 5.22 34.63 3.19
C PHE D 52 6.38 33.66 3.34
N LYS D 53 6.98 33.59 4.52
CA LYS D 53 8.11 32.67 4.80
C LYS D 53 7.63 31.23 4.61
N LEU D 54 6.51 30.85 5.24
CA LEU D 54 5.97 29.47 5.15
C LEU D 54 5.48 29.19 3.72
N LEU D 55 4.93 30.19 3.05
CA LEU D 55 4.44 30.06 1.67
C LEU D 55 5.63 29.69 0.77
N ALA D 56 6.74 30.44 0.88
CA ALA D 56 7.98 30.15 0.12
C ALA D 56 8.50 28.75 0.48
N GLU D 57 8.52 28.39 1.75
CA GLU D 57 9.02 27.07 2.23
C GLU D 57 8.09 25.95 1.73
N SER D 58 6.85 26.28 1.35
CA SER D 58 5.86 25.29 0.87
C SER D 58 5.93 25.15 -0.66
N ASN D 59 7.01 25.63 -1.30
CA ASN D 59 7.25 25.47 -2.77
C ASN D 59 6.14 26.18 -3.55
N MET D 60 5.55 27.21 -2.96
CA MET D 60 4.60 28.11 -3.64
C MET D 60 5.37 29.35 -4.08
N THR D 61 5.12 29.82 -5.29
CA THR D 61 5.86 30.94 -5.93
C THR D 61 4.97 32.18 -6.01
N THR D 62 3.68 32.02 -5.75
CA THR D 62 2.65 32.99 -6.17
C THR D 62 1.63 33.16 -5.05
N CYS D 63 1.19 34.39 -4.83
CA CYS D 63 0.06 34.68 -3.92
C CYS D 63 -0.94 35.52 -4.71
N ARG D 64 -2.16 35.60 -4.18
CA ARG D 64 -3.17 36.52 -4.71
C ARG D 64 -3.64 37.39 -3.55
N ILE D 65 -3.81 38.69 -3.81
CA ILE D 65 -4.17 39.65 -2.74
C ILE D 65 -5.36 40.46 -3.24
N ARG D 66 -6.40 40.50 -2.40
CA ARG D 66 -7.59 41.33 -2.63
C ARG D 66 -7.25 42.78 -2.25
N MET D 67 -7.19 43.66 -3.24
CA MET D 67 -6.69 45.05 -3.06
C MET D 67 -7.84 45.91 -2.56
N PHE D 68 -8.37 45.61 -1.37
CA PHE D 68 -9.61 46.23 -0.82
C PHE D 68 -9.50 47.76 -0.88
N GLY D 69 -10.34 48.41 -1.66
CA GLY D 69 -10.50 49.87 -1.62
C GLY D 69 -10.81 50.36 -0.20
N LYS D 70 -11.61 49.59 0.56
CA LYS D 70 -12.01 49.96 1.94
C LYS D 70 -10.76 50.16 2.79
N TYR D 71 -9.68 49.43 2.56
CA TYR D 71 -8.50 49.43 3.46
C TYR D 71 -7.41 50.34 2.91
N MET D 72 -7.73 51.18 1.92
CA MET D 72 -6.80 52.19 1.36
C MET D 72 -7.38 53.60 1.45
N LYS D 73 -8.71 53.76 1.50
CA LYS D 73 -9.36 55.09 1.53
C LYS D 73 -9.15 55.69 2.93
N THR D 74 -8.75 56.96 2.98
CA THR D 74 -8.53 57.74 4.23
C THR D 74 -9.77 58.58 4.48
N PRO D 75 -9.94 59.14 5.70
CA PRO D 75 -11.08 60.02 5.99
C PRO D 75 -11.29 61.13 4.93
N SER D 76 -10.21 61.68 4.37
CA SER D 76 -10.25 62.81 3.40
C SER D 76 -10.58 62.32 1.99
N GLY D 77 -10.58 61.01 1.74
CA GLY D 77 -10.88 60.40 0.43
C GLY D 77 -9.63 60.18 -0.41
N THR D 78 -8.44 60.48 0.11
CA THR D 78 -7.14 60.16 -0.56
C THR D 78 -6.86 58.66 -0.39
N TYR D 79 -5.85 58.14 -1.08
CA TYR D 79 -5.44 56.71 -1.08
C TYR D 79 -4.18 56.57 -0.23
N ASP D 80 -4.23 55.69 0.76
CA ASP D 80 -3.08 55.28 1.59
C ASP D 80 -2.81 53.82 1.28
N PHE D 81 -1.67 53.52 0.67
CA PHE D 81 -1.34 52.19 0.09
C PHE D 81 -0.62 51.31 1.12
N THR D 82 -0.36 51.87 2.31
CA THR D 82 0.57 51.33 3.35
C THR D 82 0.31 49.85 3.61
N LEU D 83 -0.94 49.48 3.85
CA LEU D 83 -1.31 48.10 4.26
C LEU D 83 -0.88 47.14 3.15
N PHE D 84 -1.06 47.52 1.89
CA PHE D 84 -0.77 46.64 0.74
C PHE D 84 0.73 46.75 0.39
N ASP D 85 1.34 47.93 0.53
CA ASP D 85 2.80 48.08 0.39
C ASP D 85 3.48 47.03 1.28
N ARG D 86 3.09 46.97 2.54
CA ARG D 86 3.69 46.05 3.53
C ARG D 86 3.63 44.62 2.99
N ALA D 87 2.49 44.20 2.43
CA ALA D 87 2.28 42.83 1.92
C ALA D 87 3.13 42.61 0.66
N PHE D 88 3.11 43.56 -0.27
CA PHE D 88 3.84 43.44 -1.56
C PHE D 88 5.35 43.35 -1.28
N LYS D 89 5.84 44.13 -0.32
CA LYS D 89 7.29 44.19 0.02
C LYS D 89 7.70 42.86 0.67
N LEU D 90 6.88 42.31 1.55
CA LEU D 90 7.17 41.00 2.18
C LEU D 90 7.09 39.89 1.13
N ALA D 91 6.12 39.95 0.21
CA ALA D 91 6.06 39.00 -0.92
C ALA D 91 7.38 39.09 -1.69
N ASP D 92 7.80 40.31 -2.04
CA ASP D 92 9.03 40.56 -2.84
C ASP D 92 10.24 39.98 -2.11
N LYS D 93 10.36 40.22 -0.82
CA LYS D 93 11.47 39.73 0.03
C LYS D 93 11.58 38.21 -0.09
N TYR D 94 10.47 37.50 -0.18
CA TYR D 94 10.44 36.01 -0.25
C TYR D 94 10.31 35.54 -1.70
N HIS D 95 10.46 36.46 -2.67
CA HIS D 95 10.47 36.17 -4.13
C HIS D 95 9.12 35.56 -4.54
N ILE D 96 8.03 36.05 -3.95
CA ILE D 96 6.63 35.62 -4.25
C ILE D 96 6.02 36.66 -5.19
N LYS D 97 5.53 36.22 -6.34
CA LYS D 97 4.79 37.09 -7.29
C LYS D 97 3.32 37.21 -6.83
N VAL D 98 2.65 38.29 -7.21
CA VAL D 98 1.30 38.68 -6.72
C VAL D 98 0.34 38.78 -7.90
N TYR D 99 -0.78 38.07 -7.79
CA TYR D 99 -2.04 38.32 -8.52
C TYR D 99 -2.80 39.35 -7.68
N ALA D 100 -2.94 40.57 -8.20
CA ALA D 100 -3.61 41.68 -7.49
C ALA D 100 -5.05 41.80 -8.02
N THR D 101 -6.03 41.59 -7.14
CA THR D 101 -7.46 41.65 -7.54
C THR D 101 -7.98 43.07 -7.31
N LEU D 102 -8.47 43.68 -8.37
CA LEU D 102 -9.16 45.01 -8.29
C LEU D 102 -10.46 44.78 -7.55
N PHE D 103 -10.57 45.37 -6.37
CA PHE D 103 -11.69 45.14 -5.43
C PHE D 103 -12.03 46.49 -4.82
N PRO D 104 -12.81 47.34 -5.52
CA PRO D 104 -13.14 48.66 -5.01
C PRO D 104 -13.91 48.57 -3.68
N ASP D 105 -13.99 49.69 -3.00
CA ASP D 105 -14.68 49.84 -1.69
C ASP D 105 -16.07 49.24 -1.85
N THR D 106 -16.49 48.46 -0.84
CA THR D 106 -17.83 47.82 -0.75
C THR D 106 -18.07 47.49 0.73
N GLU D 107 -19.31 47.17 1.06
CA GLU D 107 -19.69 46.83 2.46
C GLU D 107 -18.78 45.69 2.95
N PHE D 108 -18.40 45.76 4.22
CA PHE D 108 -17.64 44.70 4.91
C PHE D 108 -18.33 43.33 4.70
N THR D 109 -19.68 43.32 4.68
CA THR D 109 -20.51 42.08 4.62
C THR D 109 -20.58 41.56 3.17
N ASP D 110 -20.17 42.36 2.19
CA ASP D 110 -20.08 41.92 0.77
C ASP D 110 -18.82 41.07 0.60
N VAL D 111 -18.95 39.76 0.75
CA VAL D 111 -17.81 38.82 0.77
C VAL D 111 -17.17 38.77 -0.64
N GLY D 112 -17.97 38.57 -1.69
CA GLY D 112 -17.48 38.26 -3.05
C GLY D 112 -17.18 39.47 -3.90
N GLY D 113 -17.75 40.63 -3.55
CA GLY D 113 -17.63 41.90 -4.30
C GLY D 113 -18.79 42.13 -5.24
N PHE D 114 -19.13 43.38 -5.49
CA PHE D 114 -20.18 43.76 -6.47
C PHE D 114 -19.71 43.38 -7.87
N LYS D 115 -20.68 43.04 -8.74
CA LYS D 115 -20.40 42.45 -10.07
C LYS D 115 -20.51 43.51 -11.17
N PHE D 116 -21.15 44.63 -10.87
CA PHE D 116 -21.35 45.78 -11.81
C PHE D 116 -21.43 47.07 -11.00
N PRO D 117 -21.16 48.24 -11.60
CA PRO D 117 -21.38 49.51 -10.90
C PRO D 117 -22.86 49.64 -10.50
N HIS D 118 -23.11 50.23 -9.33
CA HIS D 118 -24.47 50.50 -8.77
C HIS D 118 -25.12 51.67 -9.54
N SER D 119 -24.28 52.59 -10.05
CA SER D 119 -24.70 53.93 -10.59
C SER D 119 -23.54 54.53 -11.39
N ARG D 120 -23.82 55.57 -12.18
CA ARG D 120 -22.80 56.32 -12.94
C ARG D 120 -21.78 56.87 -11.93
N GLU D 121 -22.27 57.37 -10.79
CA GLU D 121 -21.39 57.98 -9.76
C GLU D 121 -20.44 56.89 -9.24
N HIS D 122 -20.99 55.70 -8.95
CA HIS D 122 -20.18 54.54 -8.51
C HIS D 122 -19.14 54.20 -9.58
N GLN D 123 -19.53 54.18 -10.87
CA GLN D 123 -18.56 53.87 -11.96
C GLN D 123 -17.35 54.83 -11.88
N LYS D 124 -17.59 56.11 -11.63
CA LYS D 124 -16.49 57.13 -11.53
C LYS D 124 -15.62 56.84 -10.31
N GLU D 125 -16.22 56.41 -9.19
CA GLU D 125 -15.44 55.99 -8.00
C GLU D 125 -14.54 54.81 -8.38
N VAL D 126 -15.05 53.88 -9.18
CA VAL D 126 -14.26 52.69 -9.61
C VAL D 126 -13.12 53.16 -10.52
N GLU D 127 -13.39 54.11 -11.45
CA GLU D 127 -12.33 54.69 -12.31
C GLU D 127 -11.20 55.23 -11.44
N ASP D 128 -11.56 55.99 -10.40
CA ASP D 128 -10.61 56.64 -9.48
C ASP D 128 -9.82 55.56 -8.72
N TYR D 129 -10.51 54.53 -8.23
CA TYR D 129 -9.87 53.38 -7.55
C TYR D 129 -8.82 52.77 -8.47
N ILE D 130 -9.19 52.49 -9.73
CA ILE D 130 -8.28 51.79 -10.67
C ILE D 130 -7.07 52.68 -10.93
N LYS D 131 -7.30 53.97 -11.23
CA LYS D 131 -6.20 54.94 -11.47
C LYS D 131 -5.19 54.84 -10.33
N ASN D 132 -5.64 54.98 -9.10
CA ASN D 132 -4.75 55.06 -7.91
C ASN D 132 -4.04 53.72 -7.73
N VAL D 133 -4.80 52.62 -7.69
CA VAL D 133 -4.23 51.30 -7.32
C VAL D 133 -3.29 50.82 -8.44
N VAL D 134 -3.70 50.88 -9.70
CA VAL D 134 -2.86 50.35 -10.81
C VAL D 134 -1.61 51.22 -10.96
N SER D 135 -1.75 52.55 -10.92
CA SER D 135 -0.59 53.49 -11.05
C SER D 135 0.45 53.14 -9.98
N HIS D 136 0.03 52.89 -8.75
CA HIS D 136 0.94 52.60 -7.62
C HIS D 136 1.51 51.17 -7.73
N PHE D 137 0.68 50.13 -7.77
CA PHE D 137 1.17 48.74 -7.56
C PHE D 137 1.78 48.17 -8.84
N SER D 138 1.55 48.76 -10.01
CA SER D 138 2.21 48.38 -11.29
C SER D 138 3.74 48.52 -11.16
N GLN D 139 4.22 49.31 -10.20
CA GLN D 139 5.65 49.65 -10.03
C GLN D 139 6.36 48.52 -9.27
N TYR D 140 5.65 47.60 -8.63
CA TYR D 140 6.29 46.46 -7.92
C TYR D 140 6.75 45.43 -8.95
N LYS D 141 8.02 45.04 -8.88
CA LYS D 141 8.62 44.10 -9.85
C LYS D 141 8.06 42.69 -9.63
N ASN D 142 7.43 42.40 -8.47
CA ASN D 142 6.87 41.05 -8.18
C ASN D 142 5.36 40.98 -8.52
N LEU D 143 4.77 42.03 -9.12
CA LEU D 143 3.37 41.97 -9.63
C LEU D 143 3.33 41.07 -10.87
N ALA D 144 2.53 40.01 -10.85
CA ALA D 144 2.43 39.03 -11.95
C ALA D 144 1.17 39.28 -12.78
N ALA D 145 0.07 39.72 -12.17
CA ALA D 145 -1.21 39.86 -12.91
C ALA D 145 -2.17 40.78 -12.18
N TRP D 146 -3.02 41.46 -12.95
CA TRP D 146 -4.23 42.16 -12.48
C TRP D 146 -5.41 41.21 -12.65
N VAL D 147 -6.14 40.95 -11.57
CA VAL D 147 -7.44 40.25 -11.67
C VAL D 147 -8.50 41.34 -11.77
N LEU D 148 -9.14 41.47 -12.93
CA LEU D 148 -9.96 42.65 -13.32
C LEU D 148 -11.12 42.82 -12.33
N ILE D 149 -11.65 41.71 -11.86
CA ILE D 149 -12.78 41.66 -10.88
C ILE D 149 -12.76 40.26 -10.26
N ASN D 150 -13.12 40.16 -8.99
CA ASN D 150 -13.27 38.84 -8.35
C ASN D 150 -14.60 38.25 -8.81
N GLU D 151 -14.57 37.07 -9.44
CA GLU D 151 -15.77 36.22 -9.62
C GLU D 151 -16.84 37.00 -10.38
N PRO D 152 -16.60 37.38 -11.64
CA PRO D 152 -17.64 38.01 -12.47
C PRO D 152 -18.86 37.08 -12.52
N GLY D 153 -20.05 37.68 -12.53
CA GLY D 153 -21.33 36.96 -12.59
C GLY D 153 -21.89 36.65 -11.23
N THR D 154 -23.20 36.55 -11.13
CA THR D 154 -23.93 36.22 -9.87
C THR D 154 -25.28 35.62 -10.27
N PRO D 155 -25.87 34.72 -9.44
CA PRO D 155 -27.26 34.29 -9.64
C PRO D 155 -28.28 35.41 -9.41
N ASN D 156 -27.92 36.45 -8.64
CA ASN D 156 -28.83 37.58 -8.26
C ASN D 156 -28.37 38.85 -8.98
N LEU D 157 -28.67 39.01 -10.26
CA LEU D 157 -28.14 40.14 -11.06
C LEU D 157 -28.90 41.41 -10.68
N PRO D 158 -28.22 42.57 -10.53
CA PRO D 158 -28.85 43.77 -10.01
C PRO D 158 -29.73 44.55 -10.99
N PHE D 159 -30.83 43.95 -11.48
CA PHE D 159 -31.81 44.60 -12.38
C PHE D 159 -32.58 45.71 -11.66
N ASN D 160 -32.59 45.68 -10.33
CA ASN D 160 -33.22 46.70 -9.44
C ASN D 160 -32.45 48.04 -9.49
N GLU D 161 -31.12 48.00 -9.67
CA GLU D 161 -30.21 49.17 -9.63
C GLU D 161 -30.31 49.98 -10.92
N PRO D 162 -30.14 51.33 -10.82
CA PRO D 162 -30.37 52.21 -11.99
C PRO D 162 -29.39 52.02 -13.16
N PHE D 163 -28.11 51.77 -12.88
CA PHE D 163 -27.04 51.60 -13.88
C PHE D 163 -27.45 50.44 -14.82
N THR D 164 -27.75 49.28 -14.23
CA THR D 164 -28.11 48.03 -14.94
C THR D 164 -29.45 48.26 -15.67
N LYS D 165 -30.45 48.80 -14.98
CA LYS D 165 -31.81 49.02 -15.52
C LYS D 165 -31.69 49.86 -16.82
N GLU D 166 -30.88 50.92 -16.78
CA GLU D 166 -30.71 51.84 -17.92
C GLU D 166 -29.96 51.13 -19.06
N ARG D 167 -28.89 50.41 -18.72
CA ARG D 167 -28.08 49.69 -19.75
C ARG D 167 -29.00 48.68 -20.47
N PHE D 168 -29.89 48.02 -19.74
CA PHE D 168 -30.80 46.99 -20.28
C PHE D 168 -31.81 47.66 -21.23
N SER D 169 -32.42 48.76 -20.80
CA SER D 169 -33.38 49.56 -21.62
C SER D 169 -32.69 49.95 -22.94
N ASP D 170 -31.48 50.53 -22.87
CA ASP D 170 -30.68 50.94 -24.07
C ASP D 170 -30.43 49.73 -24.99
N TRP D 171 -29.97 48.62 -24.40
CA TRP D 171 -29.64 47.40 -25.14
C TRP D 171 -30.87 46.93 -25.93
N LYS D 172 -32.04 46.90 -25.29
CA LYS D 172 -33.31 46.43 -25.93
C LYS D 172 -33.66 47.33 -27.12
N LYS D 173 -33.55 48.66 -26.94
CA LYS D 173 -33.83 49.62 -28.03
C LYS D 173 -32.89 49.37 -29.21
N GLU D 174 -31.63 48.99 -28.97
CA GLU D 174 -30.61 48.82 -30.04
C GLU D 174 -30.71 47.45 -30.69
N HIS D 175 -31.59 46.57 -30.19
CA HIS D 175 -31.82 45.22 -30.77
C HIS D 175 -33.24 45.18 -31.32
N ASN D 176 -33.44 44.50 -32.45
CA ASN D 176 -34.68 44.62 -33.24
C ASN D 176 -35.38 43.27 -33.20
N PHE D 177 -36.21 43.07 -32.17
CA PHE D 177 -36.85 41.76 -31.89
C PHE D 177 -38.32 41.85 -32.29
N SER D 178 -38.78 40.84 -33.01
CA SER D 178 -40.21 40.66 -33.39
C SER D 178 -40.82 39.62 -32.46
N GLU D 179 -42.12 39.72 -32.21
CA GLU D 179 -42.90 38.75 -31.40
C GLU D 179 -43.19 37.48 -32.18
N TYR D 180 -42.89 37.44 -33.50
CA TYR D 180 -43.17 36.29 -34.39
C TYR D 180 -41.91 35.95 -35.18
N ASN D 181 -41.70 34.66 -35.49
CA ASN D 181 -40.55 34.22 -36.32
C ASN D 181 -40.94 34.37 -37.78
N GLU D 182 -40.03 34.05 -38.70
CA GLU D 182 -40.23 34.21 -40.17
C GLU D 182 -41.47 33.40 -40.59
N LYS D 183 -41.67 32.19 -40.08
CA LYS D 183 -42.83 31.34 -40.44
C LYS D 183 -44.14 31.90 -39.84
N GLY D 184 -44.07 32.80 -38.86
CA GLY D 184 -45.27 33.47 -38.29
C GLY D 184 -45.58 33.04 -36.87
N TYR D 185 -44.86 32.07 -36.33
CA TYR D 185 -45.12 31.50 -34.98
C TYR D 185 -44.71 32.50 -33.92
N PRO D 186 -45.39 32.51 -32.76
CA PRO D 186 -44.93 33.27 -31.60
C PRO D 186 -43.53 32.81 -31.17
N VAL D 187 -42.73 33.73 -30.62
CA VAL D 187 -41.34 33.47 -30.15
C VAL D 187 -41.11 34.13 -28.77
N LEU D 188 -40.14 33.61 -28.01
CA LEU D 188 -39.47 34.33 -26.90
C LEU D 188 -38.15 34.83 -27.44
N ASN D 189 -37.66 35.99 -27.01
CA ASN D 189 -36.40 36.57 -27.56
C ASN D 189 -35.27 36.57 -26.52
N PHE D 190 -35.54 36.26 -25.26
CA PHE D 190 -34.50 36.12 -24.20
C PHE D 190 -33.64 37.38 -24.16
N GLU D 191 -34.32 38.54 -24.13
CA GLU D 191 -33.63 39.85 -24.12
C GLU D 191 -32.72 39.93 -22.89
N LYS D 192 -33.24 39.61 -21.72
CA LYS D 192 -32.52 39.66 -20.43
C LYS D 192 -31.21 38.87 -20.59
N GLU D 193 -31.30 37.63 -21.08
CA GLU D 193 -30.16 36.70 -21.10
C GLU D 193 -29.09 37.20 -22.07
N ASN D 194 -29.52 37.65 -23.24
CA ASN D 194 -28.59 38.13 -24.29
C ASN D 194 -27.96 39.44 -23.81
N PHE D 195 -28.74 40.31 -23.15
CA PHE D 195 -28.21 41.54 -22.52
C PHE D 195 -27.11 41.18 -21.51
N ILE D 196 -27.38 40.19 -20.65
CA ILE D 196 -26.44 39.85 -19.53
C ILE D 196 -25.11 39.39 -20.14
N ILE D 197 -25.11 38.62 -21.22
CA ILE D 197 -23.85 38.23 -21.92
C ILE D 197 -23.09 39.51 -22.30
N ASP D 198 -23.77 40.41 -23.02
CA ASP D 198 -23.15 41.66 -23.55
C ASP D 198 -22.71 42.55 -22.40
N TYR D 199 -23.46 42.55 -21.30
CA TYR D 199 -23.19 43.41 -20.13
C TYR D 199 -21.89 42.96 -19.43
N HIS D 200 -21.72 41.65 -19.21
CA HIS D 200 -20.47 41.07 -18.70
C HIS D 200 -19.32 41.41 -19.65
N ASN D 201 -19.51 41.18 -20.95
CA ASN D 201 -18.48 41.48 -21.97
C ASN D 201 -18.09 42.96 -21.80
N TRP D 202 -19.08 43.84 -21.68
CA TRP D 202 -18.84 45.31 -21.62
C TRP D 202 -18.05 45.66 -20.36
N TYR D 203 -18.49 45.21 -19.19
CA TYR D 203 -17.89 45.66 -17.91
C TYR D 203 -16.46 45.14 -17.80
N LEU D 204 -16.23 43.87 -18.11
CA LEU D 204 -14.88 43.28 -18.01
C LEU D 204 -13.96 43.97 -19.02
N ASN D 205 -14.44 44.20 -20.24
CA ASN D 205 -13.64 44.90 -21.30
C ASN D 205 -13.33 46.32 -20.78
N TRP D 206 -14.28 46.95 -20.12
CA TRP D 206 -14.13 48.32 -19.57
C TRP D 206 -13.08 48.32 -18.46
N LEU D 207 -13.14 47.33 -17.57
CA LEU D 207 -12.11 47.19 -16.50
C LEU D 207 -10.73 46.99 -17.14
N ALA D 208 -10.63 46.15 -18.17
CA ALA D 208 -9.35 45.89 -18.88
C ALA D 208 -8.82 47.21 -19.47
N ASN D 209 -9.68 47.98 -20.11
CA ASN D 209 -9.34 49.29 -20.73
C ASN D 209 -8.85 50.26 -19.64
N GLN D 210 -9.54 50.30 -18.50
CA GLN D 210 -9.15 51.17 -17.36
C GLN D 210 -7.73 50.81 -16.90
N VAL D 211 -7.47 49.52 -16.64
CA VAL D 211 -6.13 49.07 -16.19
C VAL D 211 -5.09 49.51 -17.25
N ARG D 212 -5.39 49.30 -18.53
CA ARG D 212 -4.45 49.54 -19.65
C ARG D 212 -4.17 51.05 -19.79
N LEU D 213 -5.01 51.94 -19.27
CA LEU D 213 -4.68 53.40 -19.20
C LEU D 213 -3.38 53.59 -18.42
N TYR D 214 -3.10 52.75 -17.43
CA TYR D 214 -2.01 52.99 -16.45
C TYR D 214 -0.96 51.88 -16.50
N ASP D 215 -1.27 50.70 -17.04
CA ASP D 215 -0.31 49.57 -17.01
C ASP D 215 -0.54 48.72 -18.25
N LYS D 216 0.42 48.74 -19.18
CA LYS D 216 0.37 47.95 -20.43
C LYS D 216 1.28 46.73 -20.28
N GLN D 217 1.88 46.54 -19.11
CA GLN D 217 3.00 45.59 -18.91
C GLN D 217 2.46 44.26 -18.36
N HIS D 218 1.47 44.29 -17.45
CA HIS D 218 1.12 43.09 -16.66
C HIS D 218 -0.04 42.34 -17.30
N ASP D 219 -0.03 41.01 -17.13
CA ASP D 219 -1.12 40.10 -17.55
C ASP D 219 -2.45 40.57 -16.95
N LEU D 220 -3.53 40.51 -17.72
CA LEU D 220 -4.92 40.69 -17.25
C LEU D 220 -5.58 39.30 -17.12
N HIS D 221 -6.25 39.08 -15.99
CA HIS D 221 -6.81 37.78 -15.57
C HIS D 221 -8.21 37.99 -14.99
N VAL D 222 -9.06 36.98 -15.05
CA VAL D 222 -10.37 37.00 -14.34
C VAL D 222 -10.79 35.56 -14.00
N ASN D 223 -11.56 35.39 -12.93
CA ASN D 223 -11.95 34.05 -12.39
C ASN D 223 -13.47 33.88 -12.44
N PRO D 224 -14.05 33.44 -13.55
CA PRO D 224 -15.44 32.98 -13.56
C PRO D 224 -15.61 31.84 -12.55
N HIS D 225 -16.81 31.69 -12.01
CA HIS D 225 -17.05 30.84 -10.83
C HIS D 225 -18.39 30.14 -10.97
N ASN D 226 -18.59 29.09 -10.18
CA ASN D 226 -19.87 28.35 -10.14
C ASN D 226 -20.28 28.02 -11.58
N VAL D 227 -19.34 27.55 -12.39
CA VAL D 227 -19.48 27.49 -13.87
C VAL D 227 -20.62 26.57 -14.29
N PHE D 228 -20.97 25.55 -13.51
CA PHE D 228 -22.07 24.62 -13.91
C PHE D 228 -23.42 25.33 -13.75
N LYS D 229 -23.46 26.48 -13.06
CA LYS D 229 -24.71 27.28 -12.95
C LYS D 229 -24.61 28.58 -13.77
N LEU D 230 -23.44 29.23 -13.79
CA LEU D 230 -23.31 30.63 -14.29
C LEU D 230 -22.70 30.66 -15.69
N SER D 231 -22.44 29.52 -16.33
CA SER D 231 -21.84 29.46 -17.68
C SER D 231 -22.72 30.24 -18.68
N GLY D 232 -24.03 30.35 -18.43
CA GLY D 232 -24.96 31.09 -19.30
C GLY D 232 -24.75 32.60 -19.27
N LEU D 233 -23.89 33.10 -18.37
CA LEU D 233 -23.53 34.53 -18.21
C LEU D 233 -22.25 34.84 -18.99
N TYR D 234 -21.52 33.79 -19.40
CA TYR D 234 -20.10 33.90 -19.78
C TYR D 234 -19.91 33.67 -21.28
N ASP D 235 -19.40 34.69 -21.98
CA ASP D 235 -18.99 34.62 -23.41
C ASP D 235 -17.46 34.59 -23.45
N PHE D 236 -16.86 33.42 -23.24
CA PHE D 236 -15.39 33.33 -23.06
C PHE D 236 -14.68 33.74 -24.35
N PRO D 237 -15.15 33.34 -25.56
CA PRO D 237 -14.51 33.79 -26.80
C PRO D 237 -14.33 35.32 -26.85
N THR D 238 -15.34 36.09 -26.44
CA THR D 238 -15.21 37.57 -26.38
C THR D 238 -14.18 37.96 -25.32
N TRP D 239 -14.18 37.30 -24.15
CA TRP D 239 -13.27 37.70 -23.04
C TRP D 239 -11.81 37.55 -23.48
N ARG D 240 -11.52 36.57 -24.34
CA ARG D 240 -10.15 36.33 -24.88
C ARG D 240 -9.58 37.62 -25.48
N THR D 241 -10.42 38.48 -26.05
CA THR D 241 -9.96 39.69 -26.77
C THR D 241 -9.32 40.68 -25.80
N PHE D 242 -9.56 40.63 -24.49
CA PHE D 242 -8.98 41.61 -23.55
C PHE D 242 -8.25 40.92 -22.38
N LEU D 243 -8.15 39.59 -22.35
CA LEU D 243 -7.40 38.88 -21.27
C LEU D 243 -6.05 38.40 -21.79
N ASN D 244 -5.11 38.16 -20.87
CA ASN D 244 -3.85 37.42 -21.17
C ASN D 244 -3.99 35.97 -20.67
N SER D 245 -4.85 35.74 -19.67
CA SER D 245 -5.12 34.39 -19.14
C SER D 245 -6.55 34.33 -18.61
N LEU D 246 -7.18 33.17 -18.70
CA LEU D 246 -8.50 32.92 -18.10
C LEU D 246 -8.26 32.14 -16.79
N GLY D 247 -9.05 32.49 -15.78
CA GLY D 247 -8.98 31.87 -14.45
C GLY D 247 -10.27 31.16 -14.12
N GLY D 248 -10.49 30.97 -12.83
CA GLY D 248 -11.67 30.24 -12.32
C GLY D 248 -11.57 30.04 -10.85
N SER D 249 -12.70 30.11 -10.18
CA SER D 249 -12.93 29.57 -8.83
C SER D 249 -13.60 28.21 -9.03
N ALA D 250 -13.02 27.18 -8.45
CA ALA D 250 -13.56 25.81 -8.48
C ALA D 250 -13.50 25.25 -7.05
N HIS D 251 -14.49 25.61 -6.23
CA HIS D 251 -14.56 25.31 -4.79
C HIS D 251 -15.49 24.12 -4.54
N ALA D 252 -14.96 23.07 -3.93
CA ALA D 252 -15.70 21.83 -3.60
C ALA D 252 -16.94 22.18 -2.77
N SER D 253 -16.91 23.23 -1.95
CA SER D 253 -18.02 23.58 -1.03
C SER D 253 -19.06 24.51 -1.69
N TRP D 254 -18.77 25.11 -2.85
CA TRP D 254 -19.71 26.06 -3.51
C TRP D 254 -20.22 25.52 -4.86
N HIS D 255 -19.37 24.92 -5.68
CA HIS D 255 -19.59 24.81 -7.13
C HIS D 255 -19.93 23.39 -7.60
N PHE D 256 -19.83 22.39 -6.72
CA PHE D 256 -19.86 20.96 -7.09
C PHE D 256 -21.12 20.28 -6.55
N GLY D 257 -22.14 21.07 -6.19
CA GLY D 257 -23.42 20.58 -5.65
C GLY D 257 -24.09 19.53 -6.54
N TYR D 258 -23.82 19.52 -7.84
CA TYR D 258 -24.39 18.52 -8.77
C TYR D 258 -23.74 17.14 -8.57
N PHE D 259 -22.71 17.04 -7.73
CA PHE D 259 -21.93 15.80 -7.55
C PHE D 259 -21.87 15.43 -6.09
N PRO D 260 -21.77 14.12 -5.78
CA PRO D 260 -21.33 13.70 -4.45
C PRO D 260 -19.82 13.97 -4.34
N ARG D 261 -19.33 14.02 -3.12
CA ARG D 261 -17.91 14.34 -2.82
C ARG D 261 -17.00 13.34 -3.52
N LYS D 262 -17.37 12.06 -3.59
CA LYS D 262 -16.48 11.02 -4.20
C LYS D 262 -16.30 11.30 -5.69
N ALA D 263 -17.14 12.14 -6.32
CA ALA D 263 -17.01 12.50 -7.75
C ALA D 263 -16.51 13.96 -7.92
N TYR D 264 -15.96 14.57 -6.90
CA TYR D 264 -15.36 15.94 -7.04
C TYR D 264 -14.16 15.88 -7.98
N THR D 265 -13.60 14.68 -8.21
CA THR D 265 -12.56 14.44 -9.26
C THR D 265 -13.14 14.80 -10.61
N VAL D 266 -14.32 14.25 -10.92
CA VAL D 266 -15.02 14.45 -12.20
C VAL D 266 -15.45 15.92 -12.27
N ALA D 267 -15.96 16.48 -11.17
CA ALA D 267 -16.40 17.89 -11.13
C ALA D 267 -15.20 18.79 -11.46
N MET D 268 -14.07 18.57 -10.81
CA MET D 268 -12.85 19.39 -11.04
C MET D 268 -12.36 19.20 -12.47
N SER D 269 -12.38 17.98 -12.99
CA SER D 269 -11.95 17.69 -14.38
C SER D 269 -12.84 18.45 -15.36
N ALA D 270 -14.16 18.40 -15.17
CA ALA D 270 -15.14 19.09 -16.03
C ALA D 270 -14.95 20.63 -15.90
N ASN D 271 -14.72 21.12 -14.68
CA ASN D 271 -14.54 22.56 -14.43
C ASN D 271 -13.26 23.01 -15.15
N ALA D 272 -12.21 22.23 -15.04
CA ALA D 272 -10.93 22.50 -15.75
C ALA D 272 -11.15 22.49 -17.26
N GLU D 273 -11.87 21.50 -17.78
CA GLU D 273 -12.13 21.38 -19.24
C GLU D 273 -12.95 22.60 -19.71
N LEU D 274 -13.92 23.04 -18.89
CA LEU D 274 -14.84 24.14 -19.27
C LEU D 274 -14.01 25.44 -19.38
N ILE D 275 -13.13 25.68 -18.43
CA ILE D 275 -12.25 26.89 -18.43
C ILE D 275 -11.26 26.76 -19.59
N ARG D 276 -10.66 25.59 -19.77
CA ARG D 276 -9.69 25.34 -20.85
C ARG D 276 -10.35 25.70 -22.20
N SER D 277 -11.58 25.24 -22.43
CA SER D 277 -12.36 25.54 -23.66
C SER D 277 -12.55 27.05 -23.77
N GLY D 278 -12.95 27.71 -22.67
CA GLY D 278 -13.16 29.18 -22.67
C GLY D 278 -11.89 29.92 -23.04
N ALA D 279 -10.75 29.39 -22.58
CA ALA D 279 -9.44 30.05 -22.74
C ALA D 279 -9.05 30.04 -24.23
N GLY D 280 -9.41 29.02 -24.99
CA GLY D 280 -9.01 28.89 -26.41
C GLY D 280 -7.49 28.93 -26.52
N GLU D 281 -6.92 29.94 -27.18
CA GLU D 281 -5.44 30.03 -27.38
C GLU D 281 -4.78 30.64 -26.14
N LEU D 282 -5.52 31.24 -25.21
CA LEU D 282 -4.93 31.85 -24.00
C LEU D 282 -4.57 30.72 -23.04
N PRO D 283 -3.50 30.90 -22.24
CA PRO D 283 -3.26 30.01 -21.11
C PRO D 283 -4.34 30.24 -20.04
N TRP D 284 -4.58 29.21 -19.24
CA TRP D 284 -5.55 29.28 -18.12
C TRP D 284 -4.89 28.73 -16.86
N LEU D 285 -5.44 29.12 -15.71
CA LEU D 285 -5.04 28.57 -14.39
C LEU D 285 -6.26 28.67 -13.46
N MET D 286 -6.26 27.87 -12.39
CA MET D 286 -7.36 27.90 -11.41
C MET D 286 -7.01 28.91 -10.32
N THR D 287 -7.64 30.09 -10.38
CA THR D 287 -7.40 31.24 -9.48
C THR D 287 -7.83 30.92 -8.04
N GLU D 288 -8.83 30.07 -7.85
CA GLU D 288 -9.26 29.64 -6.49
C GLU D 288 -9.57 28.13 -6.48
N LEU D 289 -8.95 27.43 -5.55
CA LEU D 289 -9.25 26.07 -5.10
C LEU D 289 -9.49 26.11 -3.59
N GLN D 290 -10.28 25.19 -3.06
CA GLN D 290 -10.60 25.24 -1.61
C GLN D 290 -9.39 24.77 -0.80
N GLY D 291 -8.85 25.66 0.06
CA GLY D 291 -7.60 25.40 0.80
C GLY D 291 -7.83 24.88 2.21
N GLY D 292 -9.07 24.90 2.68
CA GLY D 292 -9.35 24.66 4.09
C GLY D 292 -10.82 24.52 4.41
N ASN D 293 -11.08 24.63 5.71
CA ASN D 293 -12.31 24.12 6.37
C ASN D 293 -13.46 25.11 6.21
N ASN D 294 -14.67 24.58 5.98
CA ASN D 294 -15.94 25.28 6.18
C ASN D 294 -16.41 25.07 7.61
N LEU D 295 -16.51 26.17 8.38
CA LEU D 295 -17.15 26.14 9.70
C LEU D 295 -18.63 26.46 9.49
N TYR D 296 -18.96 27.73 9.24
CA TYR D 296 -20.33 28.19 8.93
C TYR D 296 -20.51 28.43 7.42
N SER D 297 -19.44 28.52 6.62
CA SER D 297 -19.55 28.93 5.19
C SER D 297 -19.79 27.70 4.30
N GLY D 298 -20.12 27.97 3.03
CA GLY D 298 -20.21 26.93 1.98
C GLY D 298 -21.60 26.35 1.93
N ALA D 299 -21.96 25.82 0.78
CA ALA D 299 -23.26 25.15 0.53
C ALA D 299 -23.10 23.66 0.85
N ASN D 300 -21.98 23.06 0.46
CA ASN D 300 -21.68 21.62 0.66
C ASN D 300 -20.39 21.55 1.45
N PRO D 301 -20.44 21.80 2.76
CA PRO D 301 -19.23 22.12 3.51
C PRO D 301 -18.33 20.88 3.65
N LEU D 302 -17.03 21.12 3.64
CA LEU D 302 -16.03 20.07 3.93
C LEU D 302 -14.74 20.75 4.40
N CYS D 303 -13.81 19.92 4.83
CA CYS D 303 -12.39 20.28 4.89
C CYS D 303 -11.68 19.34 3.91
N PRO D 304 -11.10 19.86 2.81
CA PRO D 304 -10.41 19.00 1.86
C PRO D 304 -9.40 18.11 2.60
N THR D 305 -9.30 16.86 2.18
CA THR D 305 -8.23 15.96 2.64
C THR D 305 -6.94 16.32 1.91
N ALA D 306 -5.80 15.96 2.50
CA ALA D 306 -4.49 16.01 1.80
C ALA D 306 -4.65 15.34 0.43
N GLU D 307 -5.36 14.20 0.39
CA GLU D 307 -5.53 13.42 -0.87
C GLU D 307 -6.30 14.25 -1.92
N GLU D 308 -7.33 14.99 -1.51
CA GLU D 308 -8.15 15.81 -2.42
C GLU D 308 -7.30 16.96 -2.98
N ILE D 309 -6.44 17.55 -2.16
CA ILE D 309 -5.54 18.66 -2.59
C ILE D 309 -4.69 18.15 -3.75
N ILE D 310 -4.14 16.94 -3.62
CA ILE D 310 -3.22 16.33 -4.63
C ILE D 310 -4.04 16.03 -5.89
N GLN D 311 -5.24 15.45 -5.71
CA GLN D 311 -6.16 15.12 -6.81
C GLN D 311 -6.47 16.39 -7.63
N TRP D 312 -6.81 17.48 -6.97
CA TRP D 312 -7.25 18.73 -7.65
C TRP D 312 -6.07 19.34 -8.42
N LEU D 313 -4.89 19.46 -7.80
CA LEU D 313 -3.72 20.05 -8.48
C LEU D 313 -3.36 19.24 -9.73
N TRP D 314 -3.31 17.91 -9.64
CA TRP D 314 -2.94 17.06 -10.80
C TRP D 314 -4.01 17.16 -11.88
N ILE D 315 -5.28 17.11 -11.52
CA ILE D 315 -6.39 17.19 -12.51
C ILE D 315 -6.21 18.50 -13.30
N ASN D 316 -5.96 19.59 -12.60
CA ASN D 316 -5.85 20.93 -13.25
C ASN D 316 -4.62 20.96 -14.17
N PHE D 317 -3.46 20.52 -13.69
CA PHE D 317 -2.21 20.54 -14.48
C PHE D 317 -2.37 19.63 -15.70
N ALA D 318 -3.01 18.46 -15.55
CA ALA D 318 -3.24 17.49 -16.64
C ALA D 318 -4.19 18.10 -17.68
N THR D 319 -4.94 19.14 -17.30
CA THR D 319 -5.92 19.86 -18.16
C THR D 319 -5.35 21.23 -18.56
N GLU D 320 -4.02 21.38 -18.49
CA GLU D 320 -3.21 22.49 -19.06
C GLU D 320 -3.18 23.72 -18.15
N ALA D 321 -3.65 23.62 -16.92
CA ALA D 321 -3.60 24.75 -15.96
C ALA D 321 -2.14 25.19 -15.79
N LYS D 322 -1.90 26.50 -15.78
CA LYS D 322 -0.55 27.09 -15.54
C LYS D 322 -0.41 27.46 -14.07
N GLY D 323 -1.41 27.13 -13.26
CA GLY D 323 -1.36 27.42 -11.83
C GLY D 323 -2.56 26.86 -11.12
N GLY D 324 -2.41 26.63 -9.81
CA GLY D 324 -3.49 26.35 -8.85
C GLY D 324 -3.26 27.21 -7.63
N ILE D 325 -4.16 28.16 -7.39
CA ILE D 325 -4.07 29.10 -6.24
C ILE D 325 -5.18 28.72 -5.27
N PHE D 326 -4.82 28.45 -4.03
CA PHE D 326 -5.77 28.07 -2.97
C PHE D 326 -6.33 29.32 -2.30
N TRP D 327 -7.67 29.37 -2.19
CA TRP D 327 -8.37 30.22 -1.21
C TRP D 327 -8.52 29.40 0.05
N SER D 328 -7.71 29.66 1.10
CA SER D 328 -6.79 30.77 1.27
C SER D 328 -5.56 30.29 2.05
N PHE D 329 -4.44 31.00 2.01
CA PHE D 329 -3.26 30.63 2.83
C PHE D 329 -3.63 30.80 4.30
N ASN D 330 -3.99 32.05 4.65
CA ASN D 330 -4.42 32.47 6.00
C ASN D 330 -5.91 32.83 5.95
N ALA D 331 -6.55 32.98 7.11
CA ALA D 331 -8.00 33.23 7.22
C ALA D 331 -8.30 34.72 7.49
N ARG D 332 -9.49 35.12 7.08
CA ARG D 332 -10.20 36.30 7.59
C ARG D 332 -10.33 36.13 9.10
N SER D 333 -10.42 37.23 9.85
CA SER D 333 -10.51 37.18 11.33
C SER D 333 -11.91 37.51 11.82
N THR D 334 -12.77 38.17 11.03
CA THR D 334 -14.06 38.69 11.55
C THR D 334 -15.25 38.26 10.68
N ALA D 335 -16.31 37.79 11.34
CA ALA D 335 -17.63 37.50 10.73
C ALA D 335 -17.46 36.45 9.64
N ALA D 336 -17.96 36.69 8.44
CA ALA D 336 -18.01 35.70 7.34
C ALA D 336 -16.64 35.09 7.12
N GLU D 337 -16.55 33.76 7.27
CA GLU D 337 -15.36 32.93 6.94
C GLU D 337 -14.21 33.24 7.88
N ALA D 338 -14.48 33.79 9.07
CA ALA D 338 -13.45 34.01 10.10
C ALA D 338 -12.84 32.65 10.51
N GLY D 339 -11.54 32.47 10.29
CA GLY D 339 -10.79 31.25 10.63
C GLY D 339 -11.20 30.07 9.76
N GLU D 340 -11.79 30.36 8.59
CA GLU D 340 -12.22 29.32 7.63
C GLU D 340 -11.33 29.41 6.39
N TRP D 341 -11.26 28.30 5.64
CA TRP D 341 -10.67 28.20 4.26
C TRP D 341 -9.15 28.08 4.29
N ALA D 342 -8.49 28.26 5.45
CA ALA D 342 -7.04 28.49 5.50
C ALA D 342 -6.27 27.16 5.37
N MET D 343 -5.18 27.20 4.63
CA MET D 343 -4.23 26.08 4.48
C MET D 343 -3.34 25.96 5.72
N ILE D 344 -3.08 27.09 6.38
CA ILE D 344 -2.31 27.08 7.65
C ILE D 344 -3.30 26.89 8.81
N ASN D 345 -2.83 26.32 9.90
CA ASN D 345 -3.61 26.08 11.14
C ASN D 345 -3.60 27.37 11.96
N PHE D 346 -4.22 27.38 13.14
CA PHE D 346 -4.38 28.61 13.94
C PHE D 346 -3.06 29.02 14.60
N LYS D 347 -2.05 28.15 14.57
CA LYS D 347 -0.67 28.48 15.00
C LYS D 347 0.15 28.93 13.80
N ASN D 348 -0.46 29.13 12.61
CA ASN D 348 0.26 29.62 11.40
C ASN D 348 1.28 28.59 10.93
N LYS D 349 1.06 27.30 11.22
CA LYS D 349 1.90 26.19 10.70
C LYS D 349 1.12 25.42 9.64
N SER D 350 1.80 24.52 8.93
CA SER D 350 1.22 23.72 7.82
C SER D 350 0.16 22.76 8.33
N SER D 351 -1.06 22.81 7.80
CA SER D 351 -2.02 21.67 7.85
C SER D 351 -1.51 20.59 6.89
N ASP D 352 -2.16 19.44 6.88
CA ASP D 352 -1.79 18.33 5.95
C ASP D 352 -2.09 18.78 4.52
N ARG D 353 -2.95 19.79 4.34
CA ARG D 353 -3.31 20.32 3.00
C ARG D 353 -2.15 21.13 2.43
N LEU D 354 -1.50 21.95 3.26
CA LEU D 354 -0.32 22.73 2.81
C LEU D 354 0.86 21.79 2.56
N ILE D 355 1.07 20.82 3.44
CA ILE D 355 2.13 19.77 3.24
C ILE D 355 1.88 19.09 1.89
N ALA D 356 0.63 18.71 1.59
CA ALA D 356 0.27 18.05 0.31
C ALA D 356 0.57 18.99 -0.86
N ALA D 357 0.09 20.24 -0.83
CA ALA D 357 0.31 21.22 -1.92
C ALA D 357 1.82 21.40 -2.14
N ALA D 358 2.60 21.44 -1.05
CA ALA D 358 4.06 21.61 -1.11
C ALA D 358 4.71 20.48 -1.90
N THR D 359 4.21 19.23 -1.80
CA THR D 359 4.77 18.09 -2.56
C THR D 359 4.61 18.35 -4.05
N ILE D 360 3.54 19.03 -4.46
CA ILE D 360 3.27 19.26 -5.91
C ILE D 360 4.15 20.40 -6.40
N GLY D 361 4.31 21.45 -5.62
CA GLY D 361 5.27 22.53 -5.93
C GLY D 361 6.67 21.95 -6.09
N LYS D 362 7.05 21.05 -5.18
CA LYS D 362 8.38 20.38 -5.20
C LYS D 362 8.48 19.56 -6.49
N PHE D 363 7.47 18.75 -6.80
CA PHE D 363 7.44 17.91 -8.02
C PHE D 363 7.68 18.77 -9.25
N ILE D 364 7.03 19.92 -9.34
CA ILE D 364 7.17 20.84 -10.51
C ILE D 364 8.64 21.27 -10.62
N THR D 365 9.27 21.71 -9.53
CA THR D 365 10.67 22.21 -9.53
C THR D 365 11.62 21.09 -9.96
N GLU D 366 11.29 19.82 -9.66
CA GLU D 366 12.12 18.64 -10.02
C GLU D 366 11.77 18.11 -11.41
N ASN D 367 10.71 18.60 -12.04
CA ASN D 367 10.26 18.09 -13.37
C ASN D 367 9.84 19.27 -14.26
N VAL D 368 10.66 20.30 -14.33
CA VAL D 368 10.29 21.62 -14.96
C VAL D 368 9.89 21.40 -16.41
N LYS D 369 10.71 20.68 -17.17
CA LYS D 369 10.54 20.56 -18.63
C LYS D 369 9.22 19.84 -18.92
N MET D 370 8.96 18.71 -18.25
CA MET D 370 7.67 18.00 -18.36
C MET D 370 6.52 18.94 -17.99
N MET D 371 6.56 19.55 -16.80
CA MET D 371 5.38 20.24 -16.23
C MET D 371 5.12 21.55 -16.99
N SER D 372 6.09 22.12 -17.70
CA SER D 372 5.96 23.44 -18.39
C SER D 372 5.30 23.28 -19.77
N ASN D 373 5.17 22.06 -20.28
CA ASN D 373 4.83 21.82 -21.71
C ASN D 373 3.64 20.88 -21.84
N ILE D 374 2.80 20.80 -20.80
CA ILE D 374 1.63 19.88 -20.80
C ILE D 374 0.63 20.34 -21.86
N LYS D 375 0.24 19.40 -22.72
CA LYS D 375 -0.91 19.50 -23.65
C LYS D 375 -1.82 18.34 -23.32
N THR D 376 -3.09 18.61 -23.06
CA THR D 376 -4.10 17.57 -22.81
C THR D 376 -4.13 16.69 -24.06
N LEU D 377 -4.17 15.38 -23.88
CA LEU D 377 -4.36 14.46 -25.02
C LEU D 377 -5.86 14.45 -25.32
N ASN D 378 -6.27 15.22 -26.34
CA ASN D 378 -7.69 15.27 -26.76
C ASN D 378 -8.05 13.91 -27.39
N SER D 379 -8.98 13.19 -26.80
CA SER D 379 -9.56 11.94 -27.35
C SER D 379 -10.18 12.21 -28.73
N GLY D 380 -10.61 13.47 -28.99
CA GLY D 380 -11.50 13.82 -30.12
C GLY D 380 -13.00 13.79 -29.75
N ILE D 381 -13.31 13.49 -28.49
CA ILE D 381 -14.71 13.60 -27.93
C ILE D 381 -14.86 15.01 -27.35
N SER D 382 -15.86 15.74 -27.82
CA SER D 382 -16.29 17.04 -27.26
C SER D 382 -17.73 16.93 -26.75
N ILE D 383 -17.92 17.19 -25.45
CA ILE D 383 -19.28 17.33 -24.86
C ILE D 383 -19.62 18.81 -24.94
N LEU D 384 -20.66 19.17 -25.70
CA LEU D 384 -21.00 20.60 -25.93
C LEU D 384 -22.22 20.98 -25.08
N TYR D 385 -22.18 22.15 -24.46
CA TYR D 385 -23.34 22.81 -23.82
C TYR D 385 -23.55 24.13 -24.55
N ASN D 386 -24.75 24.70 -24.51
CA ASN D 386 -24.92 26.07 -25.03
C ASN D 386 -25.71 26.92 -24.04
N HIS D 387 -25.42 28.21 -24.07
CA HIS D 387 -26.14 29.23 -23.25
C HIS D 387 -27.65 29.01 -23.42
N GLU D 388 -28.09 28.80 -24.65
CA GLU D 388 -29.50 28.87 -25.04
C GLU D 388 -30.29 27.71 -24.42
N SER D 389 -29.71 26.51 -24.33
CA SER D 389 -30.40 25.36 -23.68
C SER D 389 -30.67 25.71 -22.20
N MET D 390 -29.70 26.35 -21.54
CA MET D 390 -29.87 26.78 -20.13
C MET D 390 -30.96 27.86 -20.05
N TRP D 391 -30.97 28.82 -20.99
CA TRP D 391 -31.95 29.91 -20.96
C TRP D 391 -33.36 29.35 -21.21
N VAL D 392 -33.51 28.49 -22.18
CA VAL D 392 -34.82 27.90 -22.51
C VAL D 392 -35.27 27.04 -21.33
N GLU D 393 -34.36 26.28 -20.74
CA GLU D 393 -34.68 25.46 -19.55
C GLU D 393 -35.25 26.36 -18.43
N ALA D 394 -34.61 27.50 -18.16
CA ALA D 394 -35.03 28.43 -17.08
C ALA D 394 -36.45 28.94 -17.38
N ALA D 395 -36.82 29.18 -18.64
CA ALA D 395 -38.19 29.60 -19.01
C ALA D 395 -39.18 28.43 -18.82
N GLN D 396 -38.82 27.22 -19.24
CA GLN D 396 -39.77 26.08 -19.26
C GLN D 396 -39.96 25.50 -17.85
N THR D 397 -38.95 25.51 -17.00
CA THR D 397 -39.03 24.91 -15.64
C THR D 397 -39.56 25.95 -14.66
N ARG D 398 -39.66 27.22 -15.10
CA ARG D 398 -40.16 28.37 -14.29
C ARG D 398 -39.35 28.44 -12.97
N GLY D 399 -38.05 28.13 -13.04
CA GLY D 399 -37.10 28.23 -11.91
C GLY D 399 -37.27 27.13 -10.85
N LYS D 400 -38.01 26.05 -11.12
CA LYS D 400 -38.17 24.90 -10.18
C LYS D 400 -36.80 24.25 -9.87
N LEU D 401 -36.59 23.86 -8.61
CA LEU D 401 -35.32 23.34 -8.08
C LEU D 401 -35.58 21.99 -7.39
N ASN D 402 -36.31 21.09 -8.08
CA ASN D 402 -36.73 19.76 -7.56
C ASN D 402 -35.72 18.67 -7.97
N GLY D 403 -34.54 19.07 -8.44
CA GLY D 403 -33.41 18.20 -8.86
C GLY D 403 -33.79 17.11 -9.85
N ASN D 404 -34.67 17.37 -10.85
CA ASN D 404 -34.98 16.40 -11.94
C ASN D 404 -34.85 17.10 -13.32
N GLY D 405 -35.24 16.44 -14.41
CA GLY D 405 -35.31 17.02 -15.76
C GLY D 405 -36.21 18.25 -15.83
N ARG D 406 -37.18 18.36 -14.92
CA ARG D 406 -38.17 19.47 -14.89
C ARG D 406 -37.69 20.59 -13.95
N SER D 407 -36.38 20.66 -13.70
CA SER D 407 -35.73 21.64 -12.79
C SER D 407 -34.55 22.30 -13.49
N ILE D 408 -34.18 23.49 -13.00
CA ILE D 408 -32.94 24.20 -13.39
C ILE D 408 -31.78 23.22 -13.17
N GLY D 409 -30.90 23.05 -14.14
CA GLY D 409 -29.65 22.32 -13.96
C GLY D 409 -29.59 21.03 -14.77
N ALA D 410 -30.72 20.52 -15.28
CA ALA D 410 -30.74 19.25 -16.05
C ALA D 410 -29.88 19.41 -17.31
N VAL D 411 -29.87 20.60 -17.94
CA VAL D 411 -29.12 20.81 -19.21
C VAL D 411 -27.62 20.82 -18.94
N MET D 412 -27.18 21.01 -17.69
CA MET D 412 -25.74 20.90 -17.36
C MET D 412 -25.47 19.52 -16.72
N CYS D 413 -26.37 19.01 -15.88
CA CYS D 413 -26.16 17.69 -15.23
C CYS D 413 -26.10 16.58 -16.29
N SER D 414 -26.84 16.71 -17.40
CA SER D 414 -26.88 15.70 -18.48
C SER D 414 -25.51 15.58 -19.13
N PRO D 415 -24.93 16.65 -19.71
CA PRO D 415 -23.61 16.52 -20.29
C PRO D 415 -22.56 16.15 -19.24
N LEU D 416 -22.69 16.60 -17.99
CA LEU D 416 -21.71 16.26 -16.93
C LEU D 416 -21.78 14.76 -16.65
N SER D 417 -22.95 14.15 -16.84
CA SER D 417 -23.16 12.70 -16.60
C SER D 417 -22.46 11.90 -17.70
N TYR D 418 -22.53 12.35 -18.96
CA TYR D 418 -21.76 11.74 -20.07
C TYR D 418 -20.27 11.87 -19.75
N PHE D 419 -19.89 13.06 -19.28
CA PHE D 419 -18.49 13.37 -18.94
C PHE D 419 -18.00 12.37 -17.88
N GLU D 420 -18.81 12.12 -16.86
CA GLU D 420 -18.51 11.17 -15.77
C GLU D 420 -18.40 9.74 -16.34
N ALA D 421 -19.31 9.35 -17.22
CA ALA D 421 -19.31 7.99 -17.83
C ALA D 421 -18.00 7.80 -18.59
N LEU D 422 -17.56 8.84 -19.32
CA LEU D 422 -16.30 8.76 -20.07
C LEU D 422 -15.11 8.77 -19.09
N SER D 423 -15.17 9.57 -18.03
CA SER D 423 -14.09 9.62 -17.01
C SER D 423 -13.90 8.23 -16.42
N GLU D 424 -15.00 7.50 -16.19
CA GLU D 424 -15.02 6.14 -15.60
C GLU D 424 -14.65 5.09 -16.65
N THR D 425 -14.43 5.51 -17.90
CA THR D 425 -13.88 4.66 -18.99
C THR D 425 -12.42 5.05 -19.22
N GLY D 426 -11.91 6.03 -18.47
CA GLY D 426 -10.54 6.55 -18.58
C GLY D 426 -10.32 7.34 -19.86
N LEU D 427 -11.38 7.86 -20.45
CA LEU D 427 -11.32 8.67 -21.70
C LEU D 427 -11.42 10.16 -21.35
N GLN D 428 -10.48 10.94 -21.84
CA GLN D 428 -10.59 12.42 -21.89
C GLN D 428 -11.81 12.80 -22.72
N ALA D 429 -12.44 13.92 -22.36
CA ALA D 429 -13.48 14.58 -23.17
C ALA D 429 -13.38 16.08 -22.94
N ASN D 430 -13.51 16.84 -24.00
CA ASN D 430 -13.64 18.30 -23.91
C ASN D 430 -15.03 18.60 -23.31
N PHE D 431 -15.14 19.74 -22.62
CA PHE D 431 -16.41 20.28 -22.12
C PHE D 431 -16.45 21.74 -22.57
N LYS D 432 -17.28 22.05 -23.57
CA LYS D 432 -17.15 23.29 -24.36
C LYS D 432 -18.51 23.90 -24.58
N GLU D 433 -18.57 25.23 -24.56
CA GLU D 433 -19.73 25.97 -25.09
C GLU D 433 -19.71 25.76 -26.60
N ILE D 434 -20.87 25.64 -27.23
CA ILE D 434 -20.96 25.27 -28.67
C ILE D 434 -20.16 26.26 -29.52
N LYS D 435 -20.13 27.56 -29.15
CA LYS D 435 -19.39 28.58 -29.95
C LYS D 435 -17.88 28.39 -29.77
N GLU D 436 -17.42 27.59 -28.81
CA GLU D 436 -15.97 27.35 -28.58
C GLU D 436 -15.50 26.16 -29.44
N PHE D 437 -16.42 25.44 -30.07
CA PHE D 437 -16.06 24.33 -30.97
C PHE D 437 -15.77 24.89 -32.37
N ASP D 438 -14.66 24.48 -32.96
CA ASP D 438 -14.26 24.89 -34.33
C ASP D 438 -15.04 24.07 -35.36
N PHE D 439 -16.07 24.64 -35.97
CA PHE D 439 -16.93 23.99 -37.00
C PHE D 439 -16.43 24.28 -38.42
N SER D 440 -15.21 24.79 -38.58
CA SER D 440 -14.73 25.40 -39.85
C SER D 440 -13.85 24.43 -40.63
N LEU D 441 -13.52 23.26 -40.08
CA LEU D 441 -12.54 22.30 -40.67
C LEU D 441 -13.18 21.54 -41.83
N ASN D 442 -12.34 20.89 -42.65
CA ASN D 442 -12.78 20.18 -43.88
C ASN D 442 -12.97 18.69 -43.56
N ASP D 443 -12.47 18.24 -42.42
CA ASP D 443 -12.44 16.80 -42.06
C ASP D 443 -12.71 16.68 -40.55
N TYR D 444 -13.63 15.80 -40.15
CA TYR D 444 -13.96 15.49 -38.74
C TYR D 444 -14.00 13.98 -38.55
N THR D 445 -13.32 13.23 -39.42
CA THR D 445 -13.09 11.78 -39.27
C THR D 445 -12.60 11.55 -37.85
N ASP D 446 -13.13 10.55 -37.18
CA ASP D 446 -12.67 10.16 -35.82
C ASP D 446 -12.88 11.28 -34.77
N GLN D 447 -13.65 12.34 -35.06
CA GLN D 447 -14.10 13.30 -34.01
C GLN D 447 -15.52 12.95 -33.57
N VAL D 448 -15.86 13.21 -32.30
CA VAL D 448 -17.18 12.89 -31.70
C VAL D 448 -17.68 14.14 -30.97
N ILE D 449 -18.93 14.52 -31.22
CA ILE D 449 -19.68 15.54 -30.45
C ILE D 449 -20.80 14.83 -29.71
N ILE D 450 -20.92 15.09 -28.41
CA ILE D 450 -22.08 14.64 -27.59
C ILE D 450 -22.92 15.86 -27.24
N LEU D 451 -24.18 15.85 -27.67
CA LEU D 451 -25.20 16.87 -27.32
C LEU D 451 -26.24 16.17 -26.44
N SER D 452 -26.06 16.28 -25.14
CA SER D 452 -26.87 15.57 -24.13
C SER D 452 -27.85 16.55 -23.51
N HIS D 453 -29.13 16.44 -23.88
CA HIS D 453 -30.23 17.25 -23.35
C HIS D 453 -29.91 18.73 -23.58
N GLN D 454 -29.34 19.07 -24.74
CA GLN D 454 -29.14 20.48 -25.16
C GLN D 454 -30.41 20.86 -25.89
N ILE D 455 -31.41 21.24 -25.10
CA ILE D 455 -32.83 21.32 -25.53
C ILE D 455 -33.03 22.45 -26.56
N ALA D 456 -32.10 23.40 -26.69
CA ALA D 456 -32.25 24.52 -27.66
C ALA D 456 -31.10 24.49 -28.68
N LEU D 457 -31.47 24.36 -29.96
CA LEU D 457 -30.52 24.42 -31.11
C LEU D 457 -31.20 25.24 -32.22
N ASP D 458 -30.48 26.15 -32.85
CA ASP D 458 -31.04 26.99 -33.94
C ASP D 458 -30.57 26.45 -35.30
N ASN D 459 -31.09 27.02 -36.38
CA ASN D 459 -30.79 26.57 -37.75
C ASN D 459 -29.27 26.68 -37.99
N LYS D 460 -28.62 27.76 -37.55
CA LYS D 460 -27.18 27.96 -37.79
C LYS D 460 -26.38 26.79 -37.19
N VAL D 461 -26.64 26.43 -35.94
CA VAL D 461 -25.86 25.36 -35.27
C VAL D 461 -26.20 24.01 -35.92
N ILE D 462 -27.45 23.79 -36.32
CA ILE D 462 -27.86 22.54 -37.01
C ILE D 462 -27.06 22.41 -38.32
N LYS D 463 -26.88 23.50 -39.08
CA LYS D 463 -26.09 23.46 -40.34
C LYS D 463 -24.63 23.13 -40.00
N GLN D 464 -24.10 23.67 -38.91
CA GLN D 464 -22.71 23.37 -38.46
C GLN D 464 -22.63 21.87 -38.12
N LEU D 465 -23.64 21.32 -37.46
CA LEU D 465 -23.66 19.89 -37.05
C LEU D 465 -23.76 19.00 -38.30
N GLU D 466 -24.58 19.41 -39.28
CA GLU D 466 -24.72 18.70 -40.58
C GLU D 466 -23.33 18.63 -41.25
N SER D 467 -22.64 19.76 -41.34
CA SER D 467 -21.28 19.87 -41.91
C SER D 467 -20.34 18.93 -41.15
N PHE D 468 -20.37 18.99 -39.83
CA PHE D 468 -19.48 18.19 -38.94
C PHE D 468 -19.67 16.70 -39.24
N VAL D 469 -20.92 16.25 -39.30
CA VAL D 469 -21.23 14.81 -39.50
C VAL D 469 -20.91 14.44 -40.95
N GLU D 470 -21.29 15.28 -41.91
CA GLU D 470 -21.09 14.99 -43.36
C GLU D 470 -19.60 14.74 -43.60
N LYS D 471 -18.74 15.47 -42.89
CA LYS D 471 -17.27 15.43 -43.04
C LYS D 471 -16.65 14.37 -42.12
N GLY D 472 -17.44 13.42 -41.61
CA GLY D 472 -16.92 12.21 -40.91
C GLY D 472 -17.17 12.23 -39.41
N GLY D 473 -17.72 13.33 -38.87
CA GLY D 473 -18.05 13.45 -37.44
C GLY D 473 -19.07 12.41 -36.99
N THR D 474 -18.96 11.97 -35.74
CA THR D 474 -19.97 11.17 -35.03
C THR D 474 -20.70 12.07 -34.04
N LEU D 475 -22.02 12.17 -34.16
CA LEU D 475 -22.88 12.97 -33.28
C LEU D 475 -23.72 12.02 -32.43
N ILE D 476 -23.61 12.14 -31.10
CA ILE D 476 -24.43 11.40 -30.11
C ILE D 476 -25.34 12.43 -29.44
N ALA D 477 -26.65 12.19 -29.49
CA ALA D 477 -27.66 13.10 -28.97
C ALA D 477 -28.64 12.30 -28.14
N ASP D 478 -28.85 12.70 -26.87
CA ASP D 478 -29.87 12.06 -26.00
C ASP D 478 -30.73 13.14 -25.37
N GLY D 479 -31.75 12.71 -24.61
CA GLY D 479 -32.70 13.60 -23.93
C GLY D 479 -33.41 14.48 -24.94
N LEU D 480 -33.79 15.69 -24.56
CA LEU D 480 -34.61 16.59 -25.41
C LEU D 480 -33.71 17.46 -26.32
N THR D 481 -32.52 17.00 -26.67
CA THR D 481 -31.64 17.75 -27.60
C THR D 481 -32.45 18.19 -28.83
N GLY D 482 -32.44 19.49 -29.14
CA GLY D 482 -33.04 20.08 -30.35
C GLY D 482 -34.57 20.15 -30.32
N TYR D 483 -35.19 19.97 -29.15
CA TYR D 483 -36.66 20.03 -29.01
C TYR D 483 -37.14 21.45 -29.32
N TYR D 484 -36.35 22.45 -28.93
CA TYR D 484 -36.63 23.89 -29.13
C TYR D 484 -35.53 24.52 -29.97
N ASP D 485 -35.86 25.68 -30.55
CA ASP D 485 -34.86 26.60 -31.14
C ASP D 485 -34.49 27.64 -30.08
N TYR D 486 -33.75 28.67 -30.49
CA TYR D 486 -33.20 29.70 -29.59
C TYR D 486 -34.31 30.67 -29.17
N GLN D 487 -35.52 30.52 -29.71
CA GLN D 487 -36.69 31.36 -29.34
C GLN D 487 -37.71 30.53 -28.57
N ALA D 488 -37.32 29.35 -28.08
CA ALA D 488 -38.20 28.43 -27.33
C ALA D 488 -39.37 28.00 -28.21
N HIS D 489 -39.19 28.07 -29.53
CA HIS D 489 -40.15 27.52 -30.51
C HIS D 489 -39.76 26.06 -30.78
N SER D 490 -40.69 25.13 -30.64
CA SER D 490 -40.40 23.69 -30.86
C SER D 490 -40.62 23.33 -32.33
N THR D 491 -39.54 23.11 -33.09
CA THR D 491 -39.65 22.63 -34.49
C THR D 491 -40.14 21.17 -34.44
N VAL D 492 -40.04 20.49 -33.29
CA VAL D 492 -40.69 19.16 -33.13
C VAL D 492 -42.18 19.31 -33.45
N VAL D 493 -42.78 20.46 -33.08
CA VAL D 493 -44.22 20.71 -33.35
C VAL D 493 -44.42 21.26 -34.77
N SER D 494 -43.62 22.22 -35.23
CA SER D 494 -43.87 22.99 -36.49
C SER D 494 -43.25 22.31 -37.72
N GLY D 495 -42.27 21.41 -37.56
CA GLY D 495 -41.49 20.83 -38.67
C GLY D 495 -40.03 20.68 -38.27
N PHE D 496 -39.62 19.47 -37.92
CA PHE D 496 -38.41 19.19 -37.10
C PHE D 496 -37.15 19.58 -37.87
N ALA D 497 -36.36 20.49 -37.31
CA ALA D 497 -35.19 21.09 -38.01
C ALA D 497 -34.06 20.06 -38.11
N LEU D 498 -34.04 19.08 -37.21
CA LEU D 498 -32.99 18.02 -37.21
C LEU D 498 -33.45 16.77 -37.99
N GLU D 499 -34.58 16.80 -38.68
CA GLU D 499 -35.08 15.60 -39.41
C GLU D 499 -34.02 15.14 -40.43
N ASN D 500 -33.48 16.08 -41.20
CA ASN D 500 -32.45 15.79 -42.24
C ASN D 500 -31.26 15.09 -41.59
N LEU D 501 -30.67 15.68 -40.54
CA LEU D 501 -29.45 15.12 -39.91
C LEU D 501 -29.77 13.78 -39.23
N PHE D 502 -30.92 13.66 -38.58
CA PHE D 502 -31.27 12.48 -37.75
C PHE D 502 -31.87 11.38 -38.62
N GLY D 503 -32.32 11.70 -39.85
CA GLY D 503 -32.97 10.74 -40.77
C GLY D 503 -34.18 10.10 -40.09
N SER D 504 -34.90 10.89 -39.30
CA SER D 504 -35.97 10.40 -38.40
C SER D 504 -36.71 11.59 -37.81
N TYR D 505 -37.81 11.31 -37.13
CA TYR D 505 -38.78 12.31 -36.64
C TYR D 505 -39.28 11.84 -35.29
N PRO D 506 -39.38 12.72 -34.28
CA PRO D 506 -39.99 12.35 -33.00
C PRO D 506 -41.47 12.01 -33.21
N ILE D 507 -41.97 11.06 -32.44
CA ILE D 507 -43.39 10.65 -32.44
C ILE D 507 -44.01 11.16 -31.13
N GLU D 508 -43.53 10.69 -29.98
CA GLU D 508 -44.06 11.12 -28.66
C GLU D 508 -42.95 11.17 -27.61
N TYR D 509 -43.20 11.97 -26.58
CA TYR D 509 -42.64 11.82 -25.23
C TYR D 509 -43.77 11.39 -24.30
N LYS D 510 -43.47 10.43 -23.45
CA LYS D 510 -44.40 9.99 -22.37
C LYS D 510 -43.62 10.02 -21.08
N ILE D 511 -44.15 10.76 -20.11
CA ILE D 511 -43.49 10.87 -18.80
C ILE D 511 -43.64 9.50 -18.12
N LYS D 512 -42.57 9.07 -17.45
CA LYS D 512 -42.50 7.83 -16.64
C LYS D 512 -42.02 8.23 -15.24
N GLU D 513 -41.42 7.32 -14.51
CA GLU D 513 -40.89 7.61 -13.15
C GLU D 513 -39.55 8.34 -13.31
N ASN D 514 -39.01 8.83 -12.20
CA ASN D 514 -37.67 9.49 -12.19
C ASN D 514 -36.63 8.53 -12.76
N LEU D 515 -36.80 7.23 -12.55
CA LEU D 515 -35.88 6.18 -13.05
C LEU D 515 -36.70 5.07 -13.69
N PHE D 516 -36.48 4.79 -14.98
CA PHE D 516 -37.03 3.63 -15.69
C PHE D 516 -35.90 3.04 -16.53
N SER D 517 -36.17 1.90 -17.14
CA SER D 517 -35.21 1.13 -17.97
C SER D 517 -35.68 1.19 -19.43
N LEU D 518 -34.80 1.56 -20.35
CA LEU D 518 -35.01 1.37 -21.82
C LEU D 518 -34.38 0.03 -22.16
N ASP D 519 -35.20 -0.98 -22.46
CA ASP D 519 -34.75 -2.38 -22.71
C ASP D 519 -34.70 -2.60 -24.23
N PHE D 520 -33.51 -2.54 -24.83
CA PHE D 520 -33.35 -2.66 -26.30
C PHE D 520 -33.75 -4.09 -26.70
N GLU D 521 -34.35 -4.22 -27.89
CA GLU D 521 -34.60 -5.52 -28.60
C GLU D 521 -33.31 -6.37 -28.61
N LYS D 522 -33.47 -7.66 -28.37
CA LYS D 522 -32.33 -8.62 -28.35
C LYS D 522 -31.43 -8.47 -27.11
N ASP D 523 -31.83 -7.64 -26.13
CA ASP D 523 -31.19 -7.58 -24.78
C ASP D 523 -29.78 -6.96 -24.88
N ASN D 524 -29.49 -6.32 -26.02
CA ASN D 524 -28.21 -5.63 -26.34
C ASN D 524 -27.81 -4.62 -25.25
N TYR D 525 -28.79 -3.97 -24.64
CA TYR D 525 -28.63 -2.88 -23.65
C TYR D 525 -29.91 -2.80 -22.78
N LYS D 526 -29.74 -2.52 -21.49
CA LYS D 526 -30.79 -2.06 -20.55
C LYS D 526 -30.31 -0.74 -19.94
N LEU D 527 -30.69 0.36 -20.58
CA LEU D 527 -30.20 1.72 -20.26
C LEU D 527 -31.11 2.32 -19.19
N PRO D 528 -30.56 2.76 -18.05
CA PRO D 528 -31.30 3.61 -17.14
C PRO D 528 -31.68 4.90 -17.89
N ALA D 529 -32.91 5.36 -17.69
CA ALA D 529 -33.45 6.58 -18.33
C ALA D 529 -34.23 7.37 -17.27
N HIS D 530 -34.23 8.70 -17.43
CA HIS D 530 -34.85 9.64 -16.47
C HIS D 530 -36.08 10.27 -17.11
N LEU D 531 -37.23 10.06 -16.47
CA LEU D 531 -38.43 10.95 -16.49
C LEU D 531 -39.25 10.76 -17.77
N TRP D 532 -38.65 10.87 -18.97
CA TRP D 532 -39.43 10.88 -20.22
C TRP D 532 -38.93 9.78 -21.16
N LYS D 533 -39.85 9.04 -21.77
CA LYS D 533 -39.51 8.08 -22.84
C LYS D 533 -39.83 8.72 -24.18
N GLY D 534 -38.81 8.90 -25.02
CA GLY D 534 -38.94 9.35 -26.41
C GLY D 534 -39.13 8.18 -27.37
N THR D 535 -40.12 8.29 -28.25
CA THR D 535 -40.32 7.37 -29.39
C THR D 535 -40.19 8.19 -30.68
N ILE D 536 -39.70 7.56 -31.73
CA ILE D 536 -39.39 8.23 -33.02
C ILE D 536 -39.90 7.36 -34.17
N GLU D 537 -39.88 7.94 -35.36
CA GLU D 537 -40.12 7.22 -36.63
C GLU D 537 -38.91 7.49 -37.52
N THR D 538 -38.31 6.44 -38.06
CA THR D 538 -37.13 6.54 -38.97
C THR D 538 -37.62 6.70 -40.41
N SER D 539 -36.89 7.47 -41.21
CA SER D 539 -36.99 7.45 -42.68
C SER D 539 -35.67 6.87 -43.18
N LYS D 540 -34.61 7.67 -43.23
CA LYS D 540 -33.26 7.24 -43.72
C LYS D 540 -32.49 6.49 -42.63
N ALA D 541 -32.74 6.77 -41.35
CA ALA D 541 -31.98 6.17 -40.24
C ALA D 541 -32.41 4.70 -40.06
N THR D 542 -31.56 3.91 -39.43
CA THR D 542 -31.86 2.52 -39.01
C THR D 542 -32.52 2.57 -37.65
N PRO D 543 -33.76 2.06 -37.50
CA PRO D 543 -34.44 2.10 -36.20
C PRO D 543 -33.87 1.09 -35.20
N ILE D 544 -33.91 1.47 -33.91
CA ILE D 544 -33.57 0.60 -32.76
C ILE D 544 -34.84 0.51 -31.91
N MET D 545 -35.32 -0.70 -31.71
CA MET D 545 -36.63 -0.98 -31.08
C MET D 545 -36.36 -1.44 -29.64
N ASP D 546 -37.32 -1.25 -28.74
CA ASP D 546 -37.25 -1.76 -27.36
C ASP D 546 -38.12 -3.02 -27.29
N LYS D 547 -38.20 -3.65 -26.14
CA LYS D 547 -38.89 -4.96 -25.98
C LYS D 547 -40.40 -4.75 -26.05
N GLU D 548 -40.90 -3.51 -26.00
CA GLU D 548 -42.34 -3.23 -26.17
C GLU D 548 -42.66 -2.98 -27.63
N GLY D 549 -41.68 -3.12 -28.52
CA GLY D 549 -41.85 -2.88 -29.98
C GLY D 549 -42.00 -1.40 -30.32
N GLU D 550 -41.46 -0.50 -29.51
CA GLU D 550 -41.44 0.96 -29.81
C GLU D 550 -40.05 1.35 -30.32
N CYS D 551 -39.98 2.32 -31.20
CA CYS D 551 -38.69 2.81 -31.75
C CYS D 551 -38.15 3.91 -30.82
N ILE D 552 -37.06 3.63 -30.11
CA ILE D 552 -36.51 4.47 -29.01
C ILE D 552 -35.18 5.09 -29.41
N ALA D 553 -34.61 4.73 -30.57
CA ALA D 553 -33.32 5.30 -31.00
C ALA D 553 -33.08 4.98 -32.48
N CYS D 554 -32.04 5.56 -33.05
CA CYS D 554 -31.64 5.26 -34.44
C CYS D 554 -30.18 5.63 -34.66
N ILE D 555 -29.62 5.08 -35.73
CA ILE D 555 -28.29 5.44 -36.28
C ILE D 555 -28.55 5.90 -37.71
N ASN D 556 -28.16 7.14 -38.00
CA ASN D 556 -28.27 7.70 -39.35
C ASN D 556 -26.85 7.80 -39.91
N GLN D 557 -26.64 7.27 -41.12
CA GLN D 557 -25.38 7.49 -41.89
C GLN D 557 -25.63 8.78 -42.65
N TYR D 558 -24.80 9.79 -42.42
CA TYR D 558 -24.97 11.12 -43.05
C TYR D 558 -23.63 11.55 -43.61
N GLY D 559 -23.50 11.55 -44.95
CA GLY D 559 -22.20 11.69 -45.62
C GLY D 559 -21.21 10.66 -45.05
N LYS D 560 -20.04 11.09 -44.62
CA LYS D 560 -18.99 10.18 -44.10
C LYS D 560 -19.21 9.90 -42.60
N GLY D 561 -20.13 10.60 -41.94
CA GLY D 561 -20.26 10.52 -40.47
C GLY D 561 -21.49 9.74 -40.06
N LYS D 562 -21.75 9.70 -38.75
CA LYS D 562 -22.95 9.01 -38.24
C LYS D 562 -23.55 9.79 -37.06
N VAL D 563 -24.85 9.59 -36.90
CA VAL D 563 -25.64 10.14 -35.79
C VAL D 563 -26.23 8.98 -35.02
N PHE D 564 -26.07 9.00 -33.70
CA PHE D 564 -26.82 8.13 -32.78
C PHE D 564 -27.75 9.04 -31.99
N TRP D 565 -29.05 8.81 -32.11
CA TRP D 565 -30.10 9.64 -31.46
C TRP D 565 -30.95 8.73 -30.59
N ILE D 566 -31.05 9.09 -29.31
CA ILE D 566 -31.93 8.40 -28.35
C ILE D 566 -32.63 9.49 -27.53
N PRO D 567 -33.85 9.90 -27.92
CA PRO D 567 -34.49 11.06 -27.30
C PRO D 567 -34.94 10.88 -25.84
N SER D 568 -34.69 9.75 -25.21
CA SER D 568 -34.87 9.58 -23.74
C SER D 568 -33.62 10.10 -23.02
N PRO D 569 -33.73 10.70 -21.80
CA PRO D 569 -32.53 11.12 -21.09
C PRO D 569 -31.78 9.94 -20.43
N ILE D 570 -30.80 9.40 -21.14
CA ILE D 570 -30.03 8.22 -20.65
C ILE D 570 -28.83 8.70 -19.83
N ALA D 571 -28.27 9.88 -20.12
CA ALA D 571 -27.23 10.48 -19.26
C ALA D 571 -27.85 10.82 -17.89
N LEU D 572 -29.05 11.42 -17.88
CA LEU D 572 -29.74 11.73 -16.60
C LEU D 572 -30.18 10.42 -15.94
N GLY D 573 -30.50 9.40 -16.74
CA GLY D 573 -30.80 8.04 -16.25
C GLY D 573 -29.64 7.47 -15.48
N ALA D 574 -28.44 7.54 -16.07
CA ALA D 574 -27.18 7.18 -15.38
C ALA D 574 -27.05 7.95 -14.06
N ARG D 575 -27.26 9.25 -14.08
CA ARG D 575 -27.16 10.11 -12.89
C ARG D 575 -28.14 9.63 -11.80
N GLU D 576 -29.40 9.45 -12.15
CA GLU D 576 -30.48 9.09 -11.20
C GLU D 576 -30.20 7.70 -10.62
N SER D 577 -29.75 6.75 -11.43
CA SER D 577 -29.48 5.35 -11.01
C SER D 577 -28.13 5.28 -10.28
N LYS D 578 -27.32 6.35 -10.31
CA LYS D 578 -25.95 6.34 -9.74
C LYS D 578 -25.12 5.22 -10.39
N ASP D 579 -25.35 4.96 -11.67
CA ASP D 579 -24.68 3.88 -12.42
C ASP D 579 -24.42 4.34 -13.83
N PHE D 580 -23.16 4.58 -14.17
CA PHE D 580 -22.73 5.09 -15.49
C PHE D 580 -22.25 3.95 -16.38
N SER D 581 -22.35 2.69 -15.94
CA SER D 581 -21.71 1.54 -16.63
C SER D 581 -22.35 1.35 -18.00
N GLU D 582 -23.69 1.33 -18.09
CA GLU D 582 -24.36 1.10 -19.39
C GLU D 582 -24.11 2.28 -20.33
N LEU D 583 -24.15 3.51 -19.82
CA LEU D 583 -23.85 4.69 -20.66
C LEU D 583 -22.42 4.57 -21.20
N SER D 584 -21.45 4.17 -20.35
CA SER D 584 -20.05 3.92 -20.78
C SER D 584 -20.03 2.91 -21.94
N LYS D 585 -20.59 1.72 -21.73
CA LYS D 585 -20.53 0.61 -22.73
C LYS D 585 -21.14 1.09 -24.04
N LEU D 586 -22.35 1.67 -24.00
CA LEU D 586 -23.05 2.16 -25.23
C LEU D 586 -22.17 3.19 -25.93
N THR D 587 -21.62 4.16 -25.21
CA THR D 587 -20.82 5.27 -25.81
C THR D 587 -19.57 4.67 -26.47
N VAL D 588 -18.88 3.76 -25.78
CA VAL D 588 -17.66 3.08 -26.32
C VAL D 588 -18.01 2.42 -27.67
N SER D 589 -19.16 1.77 -27.77
CA SER D 589 -19.61 1.02 -28.97
C SER D 589 -19.77 1.98 -30.13
N LEU D 590 -19.98 3.29 -29.88
CA LEU D 590 -20.26 4.31 -30.91
C LEU D 590 -18.99 5.06 -31.29
N LEU D 591 -17.90 4.93 -30.52
CA LEU D 591 -16.68 5.72 -30.78
C LEU D 591 -15.96 5.18 -32.02
N PRO D 592 -15.42 6.06 -32.88
CA PRO D 592 -14.49 5.64 -33.93
C PRO D 592 -13.35 4.80 -33.35
N ASN D 593 -12.98 3.72 -34.03
CA ASN D 593 -11.91 2.77 -33.60
C ASN D 593 -10.63 3.54 -33.28
N LYS D 594 -10.30 4.57 -34.08
CA LYS D 594 -9.03 5.32 -33.93
C LYS D 594 -8.94 5.91 -32.52
N ILE D 595 -10.06 6.33 -31.93
CA ILE D 595 -10.03 6.93 -30.57
C ILE D 595 -9.58 5.84 -29.59
N LEU D 596 -10.18 4.66 -29.67
CA LEU D 596 -9.88 3.55 -28.74
C LEU D 596 -8.47 3.00 -29.01
N ASN D 597 -7.98 3.05 -30.25
CA ASN D 597 -6.65 2.51 -30.60
C ASN D 597 -5.55 3.46 -30.13
N ASP D 598 -5.73 4.78 -30.23
CA ASP D 598 -4.64 5.79 -30.04
C ASP D 598 -4.64 6.38 -28.63
N ASN D 599 -5.72 6.24 -27.85
CA ASN D 599 -5.86 6.89 -26.53
C ASN D 599 -5.80 5.83 -25.44
N PRO D 600 -4.91 5.98 -24.42
CA PRO D 600 -5.02 5.15 -23.23
C PRO D 600 -6.43 5.35 -22.62
N HIS D 601 -7.04 4.25 -22.21
CA HIS D 601 -8.39 4.19 -21.59
C HIS D 601 -8.45 2.87 -20.81
N PHE D 602 -9.53 2.65 -20.07
CA PHE D 602 -9.74 1.40 -19.31
C PHE D 602 -10.32 0.36 -20.27
N ASP D 603 -9.98 -0.91 -20.04
CA ASP D 603 -10.45 -2.07 -20.87
C ASP D 603 -11.96 -2.23 -20.66
N LYS D 604 -12.50 -1.65 -19.59
CA LYS D 604 -13.95 -1.66 -19.27
C LYS D 604 -14.24 -0.50 -18.32
N HIS D 605 -15.52 -0.32 -18.01
CA HIS D 605 -16.01 0.70 -17.08
C HIS D 605 -15.51 0.40 -15.66
N TYR D 606 -14.99 1.40 -14.95
CA TYR D 606 -14.65 1.33 -13.52
C TYR D 606 -15.40 2.41 -12.76
N LYS D 607 -16.34 1.99 -11.93
CA LYS D 607 -17.07 2.90 -11.02
C LYS D 607 -16.06 3.64 -10.14
N ASP D 608 -16.17 4.98 -10.08
CA ASP D 608 -15.43 5.85 -9.13
C ASP D 608 -13.93 5.80 -9.36
N VAL D 609 -13.52 5.58 -10.60
CA VAL D 609 -12.10 5.70 -11.02
C VAL D 609 -12.09 6.65 -12.21
N MET D 610 -11.09 7.49 -12.29
CA MET D 610 -10.95 8.38 -13.46
C MET D 610 -9.53 8.27 -14.01
N MET D 611 -9.42 8.48 -15.31
CA MET D 611 -8.11 8.66 -15.97
C MET D 611 -8.30 9.69 -17.08
N LYS D 612 -7.29 10.52 -17.22
CA LYS D 612 -7.13 11.51 -18.29
C LYS D 612 -5.66 11.45 -18.71
N SER D 613 -5.37 11.58 -19.99
CA SER D 613 -4.00 11.51 -20.51
C SER D 613 -3.57 12.88 -21.03
N PHE D 614 -2.26 13.11 -21.01
CA PHE D 614 -1.65 14.34 -21.55
C PHE D 614 -0.30 14.01 -22.16
N LYS D 615 0.25 14.97 -22.88
CA LYS D 615 1.58 14.89 -23.54
C LYS D 615 2.40 16.08 -23.07
N SER D 616 3.71 15.88 -22.99
CA SER D 616 4.70 16.97 -22.77
C SER D 616 5.98 16.64 -23.54
N ASN D 617 6.33 17.49 -24.51
CA ASN D 617 7.54 17.34 -25.34
C ASN D 617 7.55 15.94 -25.97
N GLY D 618 6.42 15.48 -26.50
CA GLY D 618 6.31 14.23 -27.26
C GLY D 618 6.14 12.99 -26.36
N THR D 619 6.30 13.10 -25.05
CA THR D 619 6.05 11.97 -24.11
C THR D 619 4.59 12.00 -23.64
N MET D 620 3.96 10.83 -23.61
CA MET D 620 2.56 10.67 -23.17
C MET D 620 2.56 10.29 -21.68
N TYR D 621 1.61 10.83 -20.94
CA TYR D 621 1.37 10.55 -19.51
C TYR D 621 -0.12 10.27 -19.31
N SER D 622 -0.42 9.57 -18.23
CA SER D 622 -1.80 9.35 -17.80
C SER D 622 -1.90 9.68 -16.31
N LEU D 623 -3.01 10.31 -15.95
CA LEU D 623 -3.40 10.63 -14.56
C LEU D 623 -4.50 9.65 -14.19
N ILE D 624 -4.33 8.93 -13.10
CA ILE D 624 -5.36 7.95 -12.63
C ILE D 624 -5.67 8.30 -11.19
N ILE D 625 -6.95 8.35 -10.85
CA ILE D 625 -7.40 8.60 -9.47
C ILE D 625 -8.46 7.57 -9.14
N ASN D 626 -8.32 6.94 -7.98
CA ASN D 626 -9.26 5.94 -7.44
C ASN D 626 -10.09 6.63 -6.36
N LYS D 627 -11.39 6.76 -6.57
CA LYS D 627 -12.31 7.37 -5.57
C LYS D 627 -13.24 6.31 -4.98
N SER D 628 -13.03 5.05 -5.31
CA SER D 628 -13.80 3.93 -4.73
C SER D 628 -13.29 3.66 -3.31
N ALA D 629 -14.05 2.88 -2.55
CA ALA D 629 -13.71 2.47 -1.17
C ALA D 629 -12.68 1.34 -1.19
N SER D 630 -12.33 0.77 -2.34
CA SER D 630 -11.42 -0.41 -2.40
C SER D 630 -10.27 -0.19 -3.37
N VAL D 631 -9.17 -0.89 -3.13
CA VAL D 631 -8.02 -1.00 -4.08
C VAL D 631 -8.63 -1.50 -5.39
N GLN D 632 -8.22 -0.92 -6.50
CA GLN D 632 -8.75 -1.27 -7.83
C GLN D 632 -7.56 -1.71 -8.67
N THR D 633 -7.76 -2.71 -9.52
CA THR D 633 -6.77 -3.08 -10.56
C THR D 633 -7.36 -2.63 -11.89
N VAL D 634 -6.76 -1.63 -12.48
CA VAL D 634 -7.27 -0.95 -13.70
C VAL D 634 -6.45 -1.42 -14.89
N ASP D 635 -7.06 -2.08 -15.87
CA ASP D 635 -6.36 -2.53 -17.10
C ASP D 635 -6.38 -1.38 -18.11
N ILE D 636 -5.23 -0.75 -18.36
CA ILE D 636 -5.10 0.38 -19.32
C ILE D 636 -4.70 -0.19 -20.69
N VAL D 637 -5.44 0.17 -21.74
CA VAL D 637 -5.22 -0.26 -23.15
C VAL D 637 -5.32 0.98 -24.02
N GLY D 638 -4.80 0.89 -25.26
CA GLY D 638 -4.79 1.98 -26.24
C GLY D 638 -3.54 2.82 -26.12
N GLY D 639 -3.18 3.50 -27.21
CA GLY D 639 -1.87 4.19 -27.35
C GLY D 639 -0.73 3.18 -27.30
N LYS D 640 0.46 3.66 -26.98
CA LYS D 640 1.73 2.89 -27.05
C LYS D 640 2.55 3.19 -25.81
N GLY D 641 3.34 2.21 -25.37
CA GLY D 641 4.37 2.40 -24.33
C GLY D 641 4.09 1.52 -23.13
N LYS D 642 5.07 1.44 -22.24
CA LYS D 642 5.00 0.66 -20.99
C LYS D 642 4.92 1.65 -19.84
N ALA D 643 4.15 1.31 -18.81
CA ALA D 643 3.92 2.17 -17.64
C ALA D 643 5.21 2.30 -16.84
N PHE D 644 5.66 3.54 -16.64
CA PHE D 644 6.58 3.91 -15.55
C PHE D 644 5.84 4.84 -14.58
N ILE D 645 5.73 4.45 -13.31
CA ILE D 645 5.01 5.27 -12.28
C ILE D 645 5.93 6.42 -11.87
N LEU D 646 5.60 7.65 -12.26
CA LEU D 646 6.36 8.89 -11.97
C LEU D 646 5.87 9.50 -10.65
N PHE D 647 4.58 9.34 -10.34
CA PHE D 647 3.94 9.92 -9.12
C PHE D 647 2.90 8.94 -8.62
N ALA D 648 2.89 8.70 -7.32
CA ALA D 648 1.93 7.79 -6.68
C ALA D 648 1.99 7.94 -5.17
N ASN D 649 1.01 8.59 -4.56
CA ASN D 649 1.13 9.04 -3.15
C ASN D 649 0.74 7.90 -2.20
N LYS D 650 0.39 6.72 -2.70
CA LYS D 650 0.13 5.54 -1.84
C LYS D 650 0.78 4.29 -2.42
N ASN D 651 1.91 4.44 -3.14
CA ASN D 651 2.76 3.32 -3.59
C ASN D 651 1.99 2.35 -4.51
N ALA D 652 1.19 2.89 -5.42
CA ALA D 652 0.62 2.17 -6.56
C ALA D 652 1.74 1.35 -7.23
N HIS D 653 1.39 0.24 -7.86
CA HIS D 653 2.32 -0.59 -8.67
C HIS D 653 1.55 -1.06 -9.91
N SER D 654 2.25 -1.26 -11.01
CA SER D 654 1.70 -1.79 -12.28
C SER D 654 2.36 -3.14 -12.60
N THR D 655 1.58 -4.06 -13.13
CA THR D 655 2.04 -5.35 -13.74
C THR D 655 1.58 -5.31 -15.19
N ALA D 656 2.50 -5.28 -16.12
CA ALA D 656 2.25 -4.90 -17.53
C ALA D 656 1.61 -3.49 -17.47
N ASN D 657 0.41 -3.32 -18.01
CA ASN D 657 -0.32 -2.03 -18.01
C ASN D 657 -1.61 -2.18 -17.17
N LYS D 658 -1.53 -3.02 -16.14
CA LYS D 658 -2.58 -3.25 -15.11
C LYS D 658 -2.13 -2.51 -13.84
N LEU D 659 -2.76 -1.38 -13.52
CA LEU D 659 -2.38 -0.49 -12.40
C LEU D 659 -3.21 -0.86 -11.17
N THR D 660 -2.54 -1.19 -10.08
CA THR D 660 -3.16 -1.40 -8.75
C THR D 660 -3.03 -0.09 -8.00
N ILE D 661 -4.18 0.54 -7.70
CA ILE D 661 -4.24 1.94 -7.18
C ILE D 661 -5.16 1.92 -5.96
N SER D 662 -4.72 2.53 -4.87
CA SER D 662 -5.42 2.53 -3.57
C SER D 662 -6.51 3.60 -3.54
N PRO D 663 -7.48 3.47 -2.61
CA PRO D 663 -8.48 4.50 -2.40
C PRO D 663 -7.83 5.87 -2.16
N GLU D 664 -8.26 6.87 -2.93
CA GLU D 664 -7.89 8.31 -2.78
C GLU D 664 -6.50 8.57 -3.33
N GLU D 665 -5.87 7.55 -3.91
CA GLU D 665 -4.53 7.71 -4.53
C GLU D 665 -4.65 8.45 -5.86
N THR D 666 -3.67 9.28 -6.13
CA THR D 666 -3.41 9.92 -7.43
C THR D 666 -2.15 9.31 -8.02
N VAL D 667 -2.20 8.90 -9.28
CA VAL D 667 -1.04 8.29 -9.97
C VAL D 667 -0.78 9.04 -11.27
N ILE D 668 0.49 9.34 -11.54
CA ILE D 668 0.96 9.72 -12.89
C ILE D 668 1.81 8.58 -13.45
N ILE D 669 1.40 8.06 -14.60
CA ILE D 669 2.18 7.13 -15.43
C ILE D 669 2.83 7.92 -16.56
N LYS D 670 4.13 7.72 -16.73
CA LYS D 670 4.91 8.09 -17.93
C LYS D 670 4.97 6.85 -18.84
N TRP D 671 4.55 6.98 -20.09
CA TRP D 671 4.52 5.86 -21.08
C TRP D 671 5.87 5.88 -21.81
N LYS D 672 6.68 4.82 -21.70
CA LYS D 672 8.04 4.80 -22.33
C LYS D 672 8.02 4.12 -23.71
N PRO E 21 23.17 -32.62 -56.09
CA PRO E 21 22.05 -32.99 -55.18
C PRO E 21 22.56 -33.33 -53.77
N ALA E 22 21.81 -32.95 -52.73
CA ALA E 22 22.17 -33.12 -51.30
C ALA E 22 21.15 -34.03 -50.61
N GLU E 23 21.61 -35.01 -49.83
CA GLU E 23 20.74 -35.76 -48.88
C GLU E 23 20.22 -34.74 -47.85
N ARG E 24 18.90 -34.75 -47.58
CA ARG E 24 18.26 -34.12 -46.38
C ARG E 24 18.06 -35.20 -45.33
N ILE E 25 18.55 -34.99 -44.12
CA ILE E 25 18.40 -35.98 -43.02
C ILE E 25 16.91 -36.08 -42.70
N SER E 26 16.46 -37.26 -42.30
CA SER E 26 15.06 -37.52 -41.89
C SER E 26 15.08 -38.58 -40.78
N LYS E 27 13.93 -38.83 -40.21
CA LYS E 27 13.74 -39.84 -39.14
C LYS E 27 13.91 -41.25 -39.74
N GLN E 28 14.02 -41.37 -41.07
CA GLN E 28 14.21 -42.67 -41.77
C GLN E 28 15.63 -42.78 -42.31
N SER E 29 16.52 -41.81 -42.06
CA SER E 29 17.91 -41.85 -42.56
C SER E 29 18.62 -43.05 -41.96
N THR E 30 19.56 -43.62 -42.70
CA THR E 30 20.48 -44.65 -42.19
C THR E 30 21.44 -43.93 -41.23
N PRO E 31 21.53 -44.35 -39.96
CA PRO E 31 22.46 -43.72 -39.03
C PRO E 31 23.88 -43.96 -39.52
N PHE E 32 24.79 -43.04 -39.18
CA PHE E 32 26.23 -43.14 -39.54
C PHE E 32 27.08 -43.01 -38.28
N VAL E 33 28.28 -43.55 -38.39
CA VAL E 33 29.41 -43.28 -37.46
C VAL E 33 30.36 -42.37 -38.26
N GLY E 34 30.88 -41.36 -37.58
CA GLY E 34 31.74 -40.34 -38.21
C GLY E 34 32.74 -39.82 -37.21
N ALA E 35 33.57 -38.90 -37.66
CA ALA E 35 34.62 -38.30 -36.81
C ALA E 35 34.98 -36.90 -37.35
N GLN E 36 35.35 -36.01 -36.44
CA GLN E 36 35.99 -34.73 -36.78
C GLN E 36 37.26 -35.03 -37.57
N ILE E 37 37.45 -34.35 -38.68
CA ILE E 37 38.75 -34.29 -39.38
C ILE E 37 39.32 -32.92 -39.12
N PHE E 38 40.39 -32.87 -38.31
CA PHE E 38 40.99 -31.60 -37.85
C PHE E 38 41.97 -31.11 -38.91
N ILE E 39 41.62 -29.99 -39.53
CA ILE E 39 42.37 -29.35 -40.63
C ILE E 39 42.98 -28.04 -40.12
N GLU E 40 44.30 -27.93 -40.23
CA GLU E 40 45.06 -26.71 -39.88
C GLU E 40 46.25 -26.66 -40.84
N PRO E 41 46.86 -25.48 -41.03
CA PRO E 41 48.05 -25.37 -41.87
C PRO E 41 49.18 -26.20 -41.26
N GLY E 42 50.09 -26.69 -42.10
CA GLY E 42 51.24 -27.52 -41.73
C GLY E 42 51.03 -28.96 -42.18
N GLN E 43 49.79 -29.42 -42.22
CA GLN E 43 49.47 -30.82 -42.58
C GLN E 43 49.83 -31.05 -44.06
N THR E 44 50.25 -32.27 -44.40
CA THR E 44 50.58 -32.67 -45.79
C THR E 44 49.36 -33.33 -46.44
N GLN E 45 49.27 -33.21 -47.77
CA GLN E 45 48.31 -33.95 -48.62
C GLN E 45 48.30 -35.43 -48.21
N GLU E 46 49.47 -36.03 -48.05
CA GLU E 46 49.66 -37.48 -47.79
C GLU E 46 49.01 -37.82 -46.44
N GLN E 47 49.24 -37.05 -45.38
CA GLN E 47 48.67 -37.41 -44.06
C GLN E 47 47.15 -37.22 -44.12
N ILE E 48 46.64 -36.20 -44.81
CA ILE E 48 45.17 -35.97 -44.88
C ILE E 48 44.52 -37.13 -45.64
N GLU E 49 45.12 -37.58 -46.74
CA GLU E 49 44.60 -38.71 -47.52
C GLU E 49 44.60 -39.98 -46.65
N GLN E 50 45.67 -40.20 -45.88
CA GLN E 50 45.82 -41.33 -44.92
C GLN E 50 44.61 -41.32 -43.95
N TRP E 51 44.19 -40.14 -43.50
CA TRP E 51 43.05 -40.02 -42.54
C TRP E 51 41.75 -40.45 -43.24
N PHE E 52 41.43 -39.87 -44.40
CA PHE E 52 40.17 -40.15 -45.11
C PHE E 52 40.12 -41.63 -45.52
N LYS E 53 41.26 -42.18 -45.94
CA LYS E 53 41.36 -43.61 -46.34
C LYS E 53 40.99 -44.48 -45.13
N LEU E 54 41.61 -44.24 -43.97
CA LEU E 54 41.38 -45.05 -42.75
C LEU E 54 39.94 -44.82 -42.23
N LEU E 55 39.45 -43.59 -42.35
CA LEU E 55 38.08 -43.25 -41.92
C LEU E 55 37.10 -44.09 -42.74
N ALA E 56 37.25 -44.12 -44.08
CA ALA E 56 36.41 -44.95 -44.98
C ALA E 56 36.53 -46.42 -44.62
N GLU E 57 37.75 -46.92 -44.38
CA GLU E 57 38.00 -48.33 -44.05
C GLU E 57 37.41 -48.67 -42.68
N SER E 58 37.12 -47.67 -41.85
CA SER E 58 36.58 -47.87 -40.49
C SER E 58 35.05 -47.80 -40.51
N ASN E 59 34.42 -47.91 -41.69
CA ASN E 59 32.93 -47.98 -41.85
C ASN E 59 32.32 -46.66 -41.35
N MET E 60 33.07 -45.57 -41.44
CA MET E 60 32.58 -44.21 -41.18
C MET E 60 32.28 -43.56 -42.53
N THR E 61 31.14 -42.88 -42.64
CA THR E 61 30.62 -42.29 -43.90
C THR E 61 30.75 -40.77 -43.87
N THR E 62 31.05 -40.22 -42.70
CA THR E 62 30.83 -38.78 -42.42
C THR E 62 32.00 -38.23 -41.60
N CYS E 63 32.39 -37.01 -41.91
CA CYS E 63 33.39 -36.27 -41.11
C CYS E 63 32.77 -34.91 -40.80
N ARG E 64 33.36 -34.22 -39.84
CA ARG E 64 33.00 -32.83 -39.52
C ARG E 64 34.28 -32.02 -39.58
N ILE E 65 34.20 -30.83 -40.16
CA ILE E 65 35.40 -29.98 -40.37
C ILE E 65 35.07 -28.58 -39.87
N ARG E 66 35.95 -28.06 -39.01
CA ARG E 66 35.88 -26.67 -38.51
C ARG E 66 36.43 -25.76 -39.60
N MET E 67 35.58 -24.94 -40.19
CA MET E 67 35.91 -24.12 -41.38
C MET E 67 36.56 -22.82 -40.89
N PHE E 68 37.72 -22.94 -40.24
CA PHE E 68 38.41 -21.81 -39.57
C PHE E 68 38.53 -20.61 -40.53
N GLY E 69 37.89 -19.49 -40.22
CA GLY E 69 38.12 -18.22 -40.92
C GLY E 69 39.61 -17.86 -40.87
N LYS E 70 40.28 -18.11 -39.74
CA LYS E 70 41.73 -17.78 -39.58
C LYS E 70 42.54 -18.43 -40.70
N TYR E 71 42.17 -19.61 -41.19
CA TYR E 71 42.99 -20.40 -42.14
C TYR E 71 42.49 -20.19 -43.57
N MET E 72 41.66 -19.19 -43.80
CA MET E 72 41.19 -18.80 -45.16
C MET E 72 41.48 -17.33 -45.46
N LYS E 73 41.62 -16.48 -44.45
CA LYS E 73 41.79 -15.01 -44.66
C LYS E 73 43.22 -14.78 -45.17
N THR E 74 43.37 -13.96 -46.21
CA THR E 74 44.69 -13.56 -46.78
C THR E 74 45.02 -12.19 -46.21
N PRO E 75 46.30 -11.75 -46.31
CA PRO E 75 46.68 -10.41 -45.86
C PRO E 75 45.76 -9.28 -46.38
N SER E 76 45.27 -9.41 -47.62
CA SER E 76 44.45 -8.38 -48.31
C SER E 76 42.98 -8.45 -47.86
N GLY E 77 42.58 -9.48 -47.12
CA GLY E 77 41.21 -9.66 -46.61
C GLY E 77 40.33 -10.48 -47.57
N THR E 78 40.88 -10.99 -48.68
CA THR E 78 40.19 -11.94 -49.58
C THR E 78 40.16 -13.32 -48.89
N TYR E 79 39.36 -14.24 -49.41
CA TYR E 79 39.22 -15.62 -48.92
C TYR E 79 39.99 -16.55 -49.84
N ASP E 80 40.91 -17.33 -49.27
CA ASP E 80 41.64 -18.41 -49.95
C ASP E 80 41.14 -19.74 -49.35
N PHE E 81 40.44 -20.55 -50.16
CA PHE E 81 39.69 -21.73 -49.68
C PHE E 81 40.58 -22.97 -49.74
N THR E 82 41.82 -22.83 -50.22
CA THR E 82 42.74 -23.93 -50.62
C THR E 82 42.80 -25.02 -49.56
N LEU E 83 43.01 -24.64 -48.30
CA LEU E 83 43.27 -25.60 -47.21
C LEU E 83 42.04 -26.51 -47.08
N PHE E 84 40.85 -25.92 -47.20
CA PHE E 84 39.57 -26.65 -47.02
C PHE E 84 39.19 -27.37 -48.32
N ASP E 85 39.46 -26.76 -49.47
CA ASP E 85 39.29 -27.45 -50.78
C ASP E 85 40.02 -28.80 -50.73
N ARG E 86 41.27 -28.80 -50.30
CA ARG E 86 42.11 -30.02 -50.25
C ARG E 86 41.38 -31.09 -49.44
N ALA E 87 40.83 -30.71 -48.28
CA ALA E 87 40.15 -31.66 -47.37
C ALA E 87 38.84 -32.13 -48.00
N PHE E 88 38.03 -31.22 -48.55
CA PHE E 88 36.71 -31.57 -49.12
C PHE E 88 36.90 -32.53 -50.31
N LYS E 89 37.93 -32.29 -51.13
CA LYS E 89 38.22 -33.11 -52.33
C LYS E 89 38.65 -34.51 -51.91
N LEU E 90 39.49 -34.62 -50.89
CA LEU E 90 39.93 -35.93 -50.37
C LEU E 90 38.75 -36.65 -49.71
N ALA E 91 37.90 -35.93 -48.97
CA ALA E 91 36.67 -36.53 -48.42
C ALA E 91 35.86 -37.10 -49.59
N ASP E 92 35.64 -36.30 -50.63
CA ASP E 92 34.82 -36.67 -51.82
C ASP E 92 35.41 -37.94 -52.47
N LYS E 93 36.72 -37.98 -52.66
CA LYS E 93 37.44 -39.12 -53.28
C LYS E 93 37.11 -40.41 -52.51
N TYR E 94 36.98 -40.35 -51.19
CA TYR E 94 36.73 -41.55 -50.34
C TYR E 94 35.23 -41.65 -50.01
N HIS E 95 34.38 -40.88 -50.68
CA HIS E 95 32.90 -40.92 -50.57
C HIS E 95 32.48 -40.57 -49.13
N ILE E 96 33.19 -39.62 -48.50
CA ILE E 96 32.89 -39.14 -47.12
C ILE E 96 32.12 -37.84 -47.24
N LYS E 97 30.96 -37.75 -46.60
CA LYS E 97 30.17 -36.51 -46.52
C LYS E 97 30.70 -35.65 -45.36
N VAL E 98 30.50 -34.34 -45.45
CA VAL E 98 31.10 -33.32 -44.54
C VAL E 98 29.99 -32.54 -43.83
N TYR E 99 30.06 -32.51 -42.50
CA TYR E 99 29.43 -31.49 -41.64
C TYR E 99 30.42 -30.34 -41.56
N ALA E 100 30.08 -29.19 -42.14
CA ALA E 100 30.97 -27.99 -42.19
C ALA E 100 30.52 -27.03 -41.10
N THR E 101 31.39 -26.76 -40.12
CA THR E 101 31.07 -25.85 -38.99
C THR E 101 31.51 -24.44 -39.36
N LEU E 102 30.56 -23.52 -39.33
CA LEU E 102 30.83 -22.06 -39.50
C LEU E 102 31.62 -21.62 -38.28
N PHE E 103 32.87 -21.24 -38.49
CA PHE E 103 33.81 -20.88 -37.40
C PHE E 103 34.61 -19.68 -37.87
N PRO E 104 34.07 -18.46 -37.71
CA PRO E 104 34.75 -17.25 -38.20
C PRO E 104 36.08 -17.07 -37.46
N ASP E 105 36.91 -16.18 -37.99
CA ASP E 105 38.25 -15.85 -37.47
C ASP E 105 38.12 -15.55 -35.98
N THR E 106 39.04 -16.07 -35.18
CA THR E 106 39.12 -15.87 -33.70
C THR E 106 40.55 -16.20 -33.26
N GLU E 107 40.89 -15.86 -32.02
CA GLU E 107 42.25 -16.08 -31.48
C GLU E 107 42.56 -17.59 -31.61
N PHE E 108 43.81 -17.92 -31.90
CA PHE E 108 44.34 -19.31 -31.85
C PHE E 108 43.99 -19.97 -30.51
N THR E 109 44.02 -19.24 -29.41
CA THR E 109 43.79 -19.75 -28.03
C THR E 109 42.29 -19.90 -27.74
N ASP E 110 41.41 -19.36 -28.60
CA ASP E 110 39.94 -19.57 -28.47
C ASP E 110 39.60 -20.96 -29.03
N VAL E 111 39.60 -21.98 -28.18
CA VAL E 111 39.45 -23.41 -28.59
C VAL E 111 38.03 -23.63 -29.14
N GLY E 112 36.99 -23.20 -28.41
CA GLY E 112 35.60 -23.59 -28.69
C GLY E 112 34.87 -22.63 -29.62
N GLY E 113 35.38 -21.41 -29.79
CA GLY E 113 34.80 -20.35 -30.63
C GLY E 113 33.96 -19.38 -29.82
N PHE E 114 33.91 -18.12 -30.28
CA PHE E 114 33.03 -17.09 -29.68
C PHE E 114 31.57 -17.50 -29.90
N LYS E 115 30.71 -17.12 -28.95
CA LYS E 115 29.31 -17.57 -28.90
C LYS E 115 28.38 -16.49 -29.47
N PHE E 116 28.86 -15.24 -29.55
CA PHE E 116 28.09 -14.09 -30.08
C PHE E 116 29.05 -13.08 -30.71
N PRO E 117 28.59 -12.24 -31.66
CA PRO E 117 29.45 -11.17 -32.18
C PRO E 117 29.91 -10.24 -31.05
N HIS E 118 31.15 -9.73 -31.15
CA HIS E 118 31.79 -8.81 -30.18
C HIS E 118 31.20 -7.41 -30.37
N SER E 119 30.78 -7.06 -31.58
CA SER E 119 30.38 -5.69 -32.02
C SER E 119 29.58 -5.76 -33.31
N ARG E 120 28.92 -4.67 -33.69
CA ARG E 120 28.19 -4.55 -34.98
C ARG E 120 29.20 -4.81 -36.11
N GLU E 121 30.41 -4.27 -35.98
CA GLU E 121 31.42 -4.43 -37.05
C GLU E 121 31.83 -5.89 -37.13
N HIS E 122 32.00 -6.56 -35.99
CA HIS E 122 32.28 -8.03 -35.96
C HIS E 122 31.13 -8.77 -36.65
N GLN E 123 29.87 -8.42 -36.36
CA GLN E 123 28.70 -9.07 -37.00
C GLN E 123 28.84 -8.99 -38.54
N LYS E 124 29.25 -7.84 -39.08
CA LYS E 124 29.42 -7.64 -40.54
C LYS E 124 30.55 -8.54 -41.05
N GLU E 125 31.62 -8.72 -40.30
CA GLU E 125 32.72 -9.64 -40.67
C GLU E 125 32.17 -11.06 -40.73
N VAL E 126 31.29 -11.42 -39.80
CA VAL E 126 30.66 -12.78 -39.78
C VAL E 126 29.76 -12.91 -41.02
N GLU E 127 28.98 -11.89 -41.37
CA GLU E 127 28.13 -11.88 -42.59
C GLU E 127 29.01 -12.20 -43.81
N ASP E 128 30.15 -11.52 -43.89
CA ASP E 128 31.11 -11.65 -45.02
C ASP E 128 31.68 -13.07 -45.02
N TYR E 129 32.06 -13.58 -43.85
CA TYR E 129 32.58 -14.97 -43.68
C TYR E 129 31.54 -15.94 -44.24
N ILE E 130 30.30 -15.80 -43.83
CA ILE E 130 29.21 -16.76 -44.20
C ILE E 130 29.01 -16.67 -45.72
N LYS E 131 28.89 -15.47 -46.28
CA LYS E 131 28.71 -15.27 -47.73
C LYS E 131 29.79 -16.05 -48.47
N ASN E 132 31.06 -15.82 -48.14
CA ASN E 132 32.21 -16.42 -48.86
C ASN E 132 32.19 -17.94 -48.67
N VAL E 133 32.11 -18.42 -47.44
CA VAL E 133 32.31 -19.86 -47.13
C VAL E 133 31.10 -20.64 -47.65
N VAL E 134 29.88 -20.20 -47.38
CA VAL E 134 28.67 -20.95 -47.83
C VAL E 134 28.58 -20.93 -49.36
N SER E 135 28.80 -19.79 -50.01
CA SER E 135 28.75 -19.68 -51.49
C SER E 135 29.72 -20.67 -52.11
N HIS E 136 30.94 -20.78 -51.58
CA HIS E 136 31.98 -21.68 -52.11
C HIS E 136 31.67 -23.15 -51.78
N PHE E 137 31.52 -23.53 -50.51
CA PHE E 137 31.54 -24.96 -50.11
C PHE E 137 30.17 -25.61 -50.36
N SER E 138 29.09 -24.83 -50.54
CA SER E 138 27.74 -25.36 -50.91
C SER E 138 27.83 -26.10 -52.25
N GLN E 139 28.87 -25.87 -53.05
CA GLN E 139 29.03 -26.42 -54.42
C GLN E 139 29.60 -27.83 -54.36
N TYR E 140 30.12 -28.28 -53.22
CA TYR E 140 30.67 -29.66 -53.08
C TYR E 140 29.50 -30.63 -52.93
N LYS E 141 29.48 -31.66 -53.75
CA LYS E 141 28.36 -32.65 -53.75
C LYS E 141 28.43 -33.50 -52.47
N ASN E 142 29.56 -33.54 -51.75
CA ASN E 142 29.70 -34.34 -50.51
C ASN E 142 29.43 -33.49 -49.25
N LEU E 143 29.02 -32.22 -49.37
CA LEU E 143 28.58 -31.41 -48.21
C LEU E 143 27.23 -31.94 -47.72
N ALA E 144 27.15 -32.36 -46.46
CA ALA E 144 25.92 -32.95 -45.87
C ALA E 144 25.19 -31.91 -45.02
N ALA E 145 25.90 -31.00 -44.36
CA ALA E 145 25.26 -30.10 -43.37
C ALA E 145 26.15 -28.92 -43.04
N TRP E 146 25.51 -27.79 -42.73
CA TRP E 146 26.12 -26.60 -42.11
C TRP E 146 25.87 -26.71 -40.61
N VAL E 147 26.94 -26.67 -39.82
CA VAL E 147 26.80 -26.48 -38.35
C VAL E 147 26.91 -24.97 -38.11
N LEU E 148 25.81 -24.36 -37.70
CA LEU E 148 25.60 -22.88 -37.67
C LEU E 148 26.66 -22.23 -36.79
N ILE E 149 26.97 -22.89 -35.69
CA ILE E 149 27.99 -22.43 -34.71
C ILE E 149 28.43 -23.66 -33.90
N ASN E 150 29.69 -23.70 -33.52
CA ASN E 150 30.16 -24.78 -32.62
C ASN E 150 29.68 -24.45 -31.20
N GLU E 151 28.92 -25.35 -30.59
CA GLU E 151 28.67 -25.35 -29.12
C GLU E 151 28.08 -24.01 -28.70
N PRO E 152 26.85 -23.68 -29.15
CA PRO E 152 26.20 -22.46 -28.69
C PRO E 152 26.08 -22.53 -27.18
N GLY E 153 26.20 -21.39 -26.52
CA GLY E 153 26.08 -21.28 -25.05
C GLY E 153 27.43 -21.29 -24.38
N THR E 154 27.53 -20.55 -23.29
CA THR E 154 28.71 -20.51 -22.39
C THR E 154 28.22 -20.17 -20.98
N PRO E 155 28.90 -20.61 -19.91
CA PRO E 155 28.62 -20.14 -18.55
C PRO E 155 28.96 -18.65 -18.36
N ASN E 156 29.91 -18.11 -19.14
CA ASN E 156 30.41 -16.71 -18.99
C ASN E 156 29.96 -15.88 -20.19
N LEU E 157 28.73 -15.38 -20.16
CA LEU E 157 28.19 -14.61 -21.30
C LEU E 157 28.84 -13.23 -21.36
N PRO E 158 29.21 -12.72 -22.55
CA PRO E 158 29.95 -11.47 -22.68
C PRO E 158 29.12 -10.19 -22.51
N PHE E 159 28.58 -9.96 -21.31
CA PHE E 159 27.77 -8.74 -20.97
C PHE E 159 28.64 -7.47 -21.03
N ASN E 160 29.96 -7.61 -20.92
CA ASN E 160 30.95 -6.48 -20.95
C ASN E 160 31.09 -5.93 -22.38
N GLU E 161 30.91 -6.76 -23.42
CA GLU E 161 31.15 -6.40 -24.85
C GLU E 161 29.99 -5.55 -25.39
N PRO E 162 30.24 -4.61 -26.33
CA PRO E 162 29.22 -3.66 -26.78
C PRO E 162 27.99 -4.26 -27.49
N PHE E 163 28.18 -5.28 -28.32
CA PHE E 163 27.07 -5.92 -29.06
C PHE E 163 26.06 -6.51 -28.07
N THR E 164 26.53 -7.32 -27.12
CA THR E 164 25.67 -7.96 -26.09
C THR E 164 25.07 -6.86 -25.20
N LYS E 165 25.88 -5.92 -24.72
CA LYS E 165 25.43 -4.80 -23.83
C LYS E 165 24.24 -4.11 -24.49
N GLU E 166 24.36 -3.78 -25.79
CA GLU E 166 23.31 -3.05 -26.53
C GLU E 166 22.07 -3.94 -26.71
N ARG E 167 22.27 -5.20 -27.09
CA ARG E 167 21.14 -6.14 -27.30
C ARG E 167 20.36 -6.30 -25.99
N PHE E 168 21.05 -6.35 -24.87
CA PHE E 168 20.41 -6.52 -23.53
C PHE E 168 19.62 -5.26 -23.19
N SER E 169 20.22 -4.07 -23.37
CA SER E 169 19.56 -2.75 -23.17
C SER E 169 18.28 -2.67 -24.02
N ASP E 170 18.35 -2.99 -25.31
CA ASP E 170 17.20 -3.01 -26.25
C ASP E 170 16.12 -3.98 -25.75
N TRP E 171 16.54 -5.20 -25.39
CA TRP E 171 15.62 -6.26 -24.90
C TRP E 171 14.86 -5.75 -23.68
N LYS E 172 15.54 -5.13 -22.72
CA LYS E 172 14.96 -4.59 -21.46
C LYS E 172 13.94 -3.50 -21.81
N LYS E 173 14.26 -2.59 -22.73
CA LYS E 173 13.33 -1.52 -23.18
C LYS E 173 12.06 -2.16 -23.78
N GLU E 174 12.17 -3.28 -24.48
CA GLU E 174 11.02 -3.93 -25.17
C GLU E 174 10.24 -4.83 -24.19
N HIS E 175 10.68 -4.99 -22.95
CA HIS E 175 9.99 -5.80 -21.92
C HIS E 175 9.53 -4.88 -20.78
N ASN E 176 8.43 -5.23 -20.12
CA ASN E 176 7.81 -4.39 -19.08
C ASN E 176 7.79 -5.22 -17.79
N PHE E 177 8.80 -5.08 -16.94
CA PHE E 177 8.92 -5.81 -15.65
C PHE E 177 8.65 -4.86 -14.48
N SER E 178 7.90 -5.30 -13.48
CA SER E 178 7.59 -4.56 -12.25
C SER E 178 8.35 -5.23 -11.10
N GLU E 179 8.67 -4.48 -10.05
CA GLU E 179 9.34 -4.99 -8.83
C GLU E 179 8.36 -5.75 -7.91
N TYR E 180 7.06 -5.73 -8.20
CA TYR E 180 5.99 -6.36 -7.38
C TYR E 180 5.05 -7.17 -8.29
N ASN E 181 4.51 -8.28 -7.80
CA ASN E 181 3.52 -9.10 -8.53
C ASN E 181 2.14 -8.43 -8.34
N GLU E 182 1.10 -8.99 -8.96
CA GLU E 182 -0.25 -8.36 -8.95
C GLU E 182 -0.75 -8.24 -7.51
N LYS E 183 -0.51 -9.25 -6.67
CA LYS E 183 -0.95 -9.24 -5.24
C LYS E 183 -0.15 -8.21 -4.42
N GLY E 184 1.01 -7.75 -4.91
CA GLY E 184 1.80 -6.68 -4.28
C GLY E 184 3.10 -7.19 -3.69
N TYR E 185 3.36 -8.52 -3.70
CA TYR E 185 4.60 -9.10 -3.14
C TYR E 185 5.79 -8.71 -4.01
N PRO E 186 6.98 -8.49 -3.41
CA PRO E 186 8.21 -8.32 -4.18
C PRO E 186 8.48 -9.55 -5.05
N VAL E 187 9.14 -9.34 -6.20
CA VAL E 187 9.47 -10.39 -7.18
C VAL E 187 10.91 -10.23 -7.68
N LEU E 188 11.52 -11.32 -8.16
CA LEU E 188 12.69 -11.30 -9.07
C LEU E 188 12.16 -11.53 -10.48
N ASN E 189 12.75 -10.91 -11.49
CA ASN E 189 12.24 -11.02 -12.88
C ASN E 189 13.17 -11.83 -13.78
N PHE E 190 14.40 -12.11 -13.35
CA PHE E 190 15.34 -12.96 -14.13
C PHE E 190 15.49 -12.39 -15.55
N GLU E 191 15.70 -11.07 -15.64
CA GLU E 191 15.82 -10.38 -16.94
C GLU E 191 17.01 -10.97 -17.71
N LYS E 192 18.16 -11.10 -17.05
CA LYS E 192 19.41 -11.64 -17.66
C LYS E 192 19.08 -13.01 -18.29
N GLU E 193 18.45 -13.90 -17.51
CA GLU E 193 18.23 -15.31 -17.93
C GLU E 193 17.27 -15.35 -19.12
N ASN E 194 16.19 -14.56 -19.06
CA ASN E 194 15.18 -14.52 -20.15
C ASN E 194 15.81 -13.88 -21.40
N PHE E 195 16.64 -12.85 -21.22
CA PHE E 195 17.38 -12.22 -22.34
C PHE E 195 18.27 -13.28 -23.00
N ILE E 196 18.99 -14.06 -22.21
CA ILE E 196 19.99 -15.03 -22.73
C ILE E 196 19.25 -16.08 -23.59
N ILE E 197 18.09 -16.55 -23.17
CA ILE E 197 17.26 -17.47 -24.01
C ILE E 197 17.00 -16.81 -25.37
N ASP E 198 16.47 -15.58 -25.33
CA ASP E 198 16.04 -14.85 -26.56
C ASP E 198 17.26 -14.54 -27.42
N TYR E 199 18.40 -14.27 -26.79
CA TYR E 199 19.66 -13.87 -27.49
C TYR E 199 20.21 -15.07 -28.27
N HIS E 200 20.25 -16.26 -27.64
CA HIS E 200 20.62 -17.52 -28.32
C HIS E 200 19.67 -17.75 -29.49
N ASN E 201 18.36 -17.65 -29.24
CA ASN E 201 17.33 -17.87 -30.28
C ASN E 201 17.66 -16.92 -31.44
N TRP E 202 17.92 -15.65 -31.13
CA TRP E 202 18.12 -14.61 -32.17
C TRP E 202 19.39 -14.93 -32.98
N TYR E 203 20.52 -15.19 -32.33
CA TYR E 203 21.81 -15.32 -33.06
C TYR E 203 21.79 -16.57 -33.93
N LEU E 204 21.32 -17.70 -33.39
CA LEU E 204 21.30 -18.96 -34.17
C LEU E 204 20.33 -18.79 -35.36
N ASN E 205 19.17 -18.17 -35.14
CA ASN E 205 18.17 -17.90 -36.20
C ASN E 205 18.81 -17.00 -37.25
N TRP E 206 19.58 -16.01 -36.80
CA TRP E 206 20.28 -15.07 -37.71
C TRP E 206 21.33 -15.80 -38.53
N LEU E 207 22.12 -16.69 -37.91
CA LEU E 207 23.12 -17.51 -38.64
C LEU E 207 22.40 -18.37 -39.68
N ALA E 208 21.27 -19.00 -39.32
CA ALA E 208 20.49 -19.85 -40.25
C ALA E 208 20.01 -19.00 -41.45
N ASN E 209 19.50 -17.81 -41.19
CA ASN E 209 19.02 -16.85 -42.23
C ASN E 209 20.18 -16.48 -43.15
N GLN E 210 21.37 -16.20 -42.58
CA GLN E 210 22.56 -15.84 -43.38
C GLN E 210 22.92 -17.00 -44.31
N VAL E 211 23.00 -18.23 -43.80
CA VAL E 211 23.31 -19.42 -44.64
C VAL E 211 22.27 -19.52 -45.76
N ARG E 212 21.01 -19.35 -45.42
CA ARG E 212 19.86 -19.53 -46.33
C ARG E 212 19.86 -18.45 -47.42
N LEU E 213 20.54 -17.32 -47.24
CA LEU E 213 20.74 -16.33 -48.34
C LEU E 213 21.46 -17.02 -49.51
N TYR E 214 22.33 -17.99 -49.25
CA TYR E 214 23.25 -18.53 -50.27
C TYR E 214 23.01 -20.02 -50.52
N ASP E 215 22.34 -20.73 -49.62
CA ASP E 215 22.23 -22.21 -49.76
C ASP E 215 20.89 -22.60 -49.10
N LYS E 216 19.93 -23.03 -49.93
CA LYS E 216 18.59 -23.49 -49.44
C LYS E 216 18.57 -25.01 -49.45
N GLN E 217 19.67 -25.65 -49.81
CA GLN E 217 19.71 -27.10 -50.14
C GLN E 217 20.15 -27.92 -48.92
N HIS E 218 21.15 -27.45 -48.17
CA HIS E 218 21.83 -28.31 -47.17
C HIS E 218 21.19 -28.17 -45.79
N ASP E 219 21.19 -29.28 -45.06
CA ASP E 219 20.73 -29.35 -43.65
C ASP E 219 21.43 -28.28 -42.82
N LEU E 220 20.68 -27.63 -41.93
CA LEU E 220 21.22 -26.78 -40.86
C LEU E 220 21.18 -27.55 -39.54
N HIS E 221 22.31 -27.52 -38.83
CA HIS E 221 22.59 -28.32 -37.62
C HIS E 221 23.24 -27.42 -36.56
N VAL E 222 23.09 -27.75 -35.29
CA VAL E 222 23.84 -27.09 -34.20
C VAL E 222 24.01 -28.07 -33.02
N ASN E 223 25.09 -27.93 -32.26
CA ASN E 223 25.47 -28.88 -31.16
C ASN E 223 25.47 -28.15 -29.81
N PRO E 224 24.33 -28.03 -29.12
CA PRO E 224 24.35 -27.60 -27.72
C PRO E 224 25.21 -28.57 -26.90
N HIS E 225 25.76 -28.10 -25.80
CA HIS E 225 26.83 -28.82 -25.07
C HIS E 225 26.65 -28.63 -23.57
N ASN E 226 27.29 -29.49 -22.78
CA ASN E 226 27.30 -29.38 -21.31
C ASN E 226 25.85 -29.21 -20.84
N VAL E 227 24.94 -30.03 -21.38
CA VAL E 227 23.47 -29.79 -21.28
C VAL E 227 23.00 -29.88 -19.83
N PHE E 228 23.67 -30.63 -18.94
CA PHE E 228 23.22 -30.72 -17.54
C PHE E 228 23.52 -29.40 -16.81
N LYS E 229 24.33 -28.52 -17.40
CA LYS E 229 24.60 -27.18 -16.80
C LYS E 229 23.99 -26.06 -17.64
N LEU E 230 23.98 -26.16 -18.96
CA LEU E 230 23.66 -25.05 -19.88
C LEU E 230 22.23 -25.15 -20.44
N SER E 231 21.46 -26.16 -20.05
N SER E 231 21.46 -26.17 -20.07
CA SER E 231 20.07 -26.34 -20.58
CA SER E 231 20.05 -26.37 -20.53
C SER E 231 19.22 -25.10 -20.32
C SER E 231 19.22 -25.10 -20.32
N GLY E 232 19.54 -24.31 -19.29
CA GLY E 232 18.85 -23.05 -18.97
C GLY E 232 19.09 -21.94 -19.98
N LEU E 233 20.00 -22.13 -20.93
CA LEU E 233 20.35 -21.19 -22.04
C LEU E 233 19.55 -21.55 -23.30
N TYR E 234 18.97 -22.76 -23.34
CA TYR E 234 18.55 -23.41 -24.61
C TYR E 234 17.03 -23.50 -24.71
N ASP E 235 16.48 -22.86 -25.74
CA ASP E 235 15.03 -22.96 -26.11
C ASP E 235 14.90 -23.85 -27.35
N PHE E 236 14.92 -25.16 -27.19
CA PHE E 236 15.00 -26.09 -28.33
C PHE E 236 13.74 -25.98 -29.20
N PRO E 237 12.53 -25.85 -28.65
CA PRO E 237 11.33 -25.68 -29.48
C PRO E 237 11.49 -24.52 -30.48
N THR E 238 12.04 -23.39 -30.07
CA THR E 238 12.30 -22.27 -31.01
C THR E 238 13.35 -22.69 -32.03
N TRP E 239 14.41 -23.39 -31.63
CA TRP E 239 15.51 -23.72 -32.56
C TRP E 239 14.99 -24.61 -33.69
N ARG E 240 14.01 -25.46 -33.41
CA ARG E 240 13.37 -26.35 -34.43
C ARG E 240 12.93 -25.52 -35.65
N THR E 241 12.53 -24.26 -35.45
CA THR E 241 11.95 -23.42 -36.53
C THR E 241 13.01 -23.11 -37.59
N PHE E 242 14.31 -23.24 -37.32
CA PHE E 242 15.36 -22.90 -38.31
C PHE E 242 16.36 -24.03 -38.50
N LEU E 243 16.20 -25.18 -37.83
CA LEU E 243 17.10 -26.35 -37.99
C LEU E 243 16.46 -27.41 -38.88
N ASN E 244 17.28 -28.27 -39.48
CA ASN E 244 16.85 -29.54 -40.11
C ASN E 244 17.17 -30.70 -39.15
N SER E 245 18.15 -30.53 -38.27
CA SER E 245 18.49 -31.55 -37.25
C SER E 245 19.07 -30.86 -36.01
N LEU E 246 18.87 -31.46 -34.84
CA LEU E 246 19.49 -30.98 -33.58
C LEU E 246 20.68 -31.90 -33.29
N GLY E 247 21.76 -31.32 -32.80
CA GLY E 247 23.00 -32.02 -32.46
C GLY E 247 23.29 -31.94 -30.99
N GLY E 248 24.55 -32.15 -30.63
CA GLY E 248 24.99 -32.16 -29.24
C GLY E 248 26.43 -32.59 -29.13
N SER E 249 27.15 -31.97 -28.20
CA SER E 249 28.43 -32.46 -27.66
C SER E 249 28.09 -33.15 -26.35
N ALA E 250 28.48 -34.41 -26.24
CA ALA E 250 28.30 -35.22 -25.02
C ALA E 250 29.64 -35.89 -24.71
N HIS E 251 30.54 -35.15 -24.07
CA HIS E 251 31.95 -35.57 -23.80
C HIS E 251 32.10 -36.07 -22.36
N ALA E 252 32.55 -37.30 -22.21
CA ALA E 252 32.74 -37.95 -20.88
C ALA E 252 33.65 -37.08 -20.01
N SER E 253 34.61 -36.35 -20.59
CA SER E 253 35.62 -35.58 -19.82
C SER E 253 35.13 -34.15 -19.50
N TRP E 254 34.04 -33.66 -20.11
CA TRP E 254 33.57 -32.25 -19.90
C TRP E 254 32.20 -32.21 -19.24
N HIS E 255 31.28 -33.07 -19.64
CA HIS E 255 29.82 -32.83 -19.42
C HIS E 255 29.21 -33.75 -18.37
N PHE E 256 29.94 -34.74 -17.86
CA PHE E 256 29.36 -35.84 -17.04
C PHE E 256 29.84 -35.78 -15.58
N GLY E 257 30.32 -34.62 -15.14
CA GLY E 257 30.88 -34.41 -13.80
C GLY E 257 29.88 -34.74 -12.69
N TYR E 258 28.58 -34.70 -12.95
CA TYR E 258 27.55 -35.07 -11.94
C TYR E 258 27.52 -36.59 -11.73
N PHE E 259 28.27 -37.36 -12.50
CA PHE E 259 28.23 -38.84 -12.44
C PHE E 259 29.64 -39.39 -12.22
N PRO E 260 29.75 -40.57 -11.57
CA PRO E 260 30.96 -41.36 -11.67
C PRO E 260 31.06 -41.97 -13.07
N ARG E 261 32.26 -42.34 -13.47
CA ARG E 261 32.54 -42.92 -14.81
C ARG E 261 31.67 -44.17 -15.03
N LYS E 262 31.45 -44.99 -14.00
CA LYS E 262 30.67 -46.24 -14.16
C LYS E 262 29.22 -45.93 -14.52
N ALA E 263 28.75 -44.68 -14.35
CA ALA E 263 27.38 -44.26 -14.70
C ALA E 263 27.38 -43.33 -15.92
N TYR E 264 28.47 -43.26 -16.70
CA TYR E 264 28.48 -42.47 -17.94
C TYR E 264 27.48 -43.04 -18.94
N THR E 265 27.05 -44.31 -18.75
CA THR E 265 25.96 -44.93 -19.51
C THR E 265 24.69 -44.13 -19.28
N VAL E 266 24.37 -43.91 -18.02
CA VAL E 266 23.15 -43.16 -17.59
C VAL E 266 23.30 -41.69 -18.06
N ALA E 267 24.48 -41.11 -17.92
CA ALA E 267 24.76 -39.71 -18.35
C ALA E 267 24.50 -39.61 -19.86
N MET E 268 25.05 -40.53 -20.65
CA MET E 268 24.89 -40.51 -22.12
C MET E 268 23.40 -40.74 -22.48
N SER E 269 22.73 -41.65 -21.78
CA SER E 269 21.30 -41.94 -22.04
C SER E 269 20.47 -40.70 -21.78
N ALA E 270 20.72 -40.02 -20.65
CA ALA E 270 20.00 -38.78 -20.27
C ALA E 270 20.33 -37.66 -21.28
N ASN E 271 21.60 -37.56 -21.69
CA ASN E 271 22.03 -36.51 -22.65
C ASN E 271 21.33 -36.75 -23.99
N ALA E 272 21.25 -38.01 -24.41
CA ALA E 272 20.54 -38.41 -25.65
C ALA E 272 19.04 -38.10 -25.51
N GLU E 273 18.44 -38.40 -24.37
CA GLU E 273 17.00 -38.14 -24.15
C GLU E 273 16.74 -36.64 -24.18
N LEU E 274 17.64 -35.86 -23.58
CA LEU E 274 17.48 -34.39 -23.48
C LEU E 274 17.51 -33.79 -24.89
N ILE E 275 18.45 -34.21 -25.72
CA ILE E 275 18.57 -33.72 -27.12
C ILE E 275 17.36 -34.22 -27.92
N ARG E 276 16.99 -35.49 -27.76
CA ARG E 276 15.84 -36.08 -28.48
C ARG E 276 14.59 -35.26 -28.17
N SER E 277 14.35 -34.91 -26.91
CA SER E 277 13.21 -34.05 -26.49
C SER E 277 13.32 -32.69 -27.18
N GLY E 278 14.51 -32.09 -27.19
CA GLY E 278 14.71 -30.77 -27.83
C GLY E 278 14.39 -30.83 -29.31
N ALA E 279 14.70 -31.96 -29.94
CA ALA E 279 14.57 -32.15 -31.39
C ALA E 279 13.09 -32.18 -31.78
N GLY E 280 12.21 -32.69 -30.92
CA GLY E 280 10.78 -32.82 -31.23
C GLY E 280 10.61 -33.68 -32.46
N GLU E 281 10.03 -33.13 -33.52
CA GLU E 281 9.76 -33.83 -34.80
C GLU E 281 11.04 -33.88 -35.66
N LEU E 282 12.07 -33.08 -35.37
CA LEU E 282 13.33 -33.11 -36.14
C LEU E 282 14.12 -34.36 -35.78
N PRO E 283 14.91 -34.91 -36.74
CA PRO E 283 15.90 -35.90 -36.40
C PRO E 283 17.03 -35.24 -35.59
N TRP E 284 17.73 -36.05 -34.81
CA TRP E 284 18.89 -35.60 -34.01
C TRP E 284 20.04 -36.57 -34.19
N LEU E 285 21.25 -36.11 -33.92
CA LEU E 285 22.45 -36.96 -33.87
C LEU E 285 23.43 -36.34 -32.88
N MET E 286 24.38 -37.12 -32.39
CA MET E 286 25.40 -36.60 -31.44
C MET E 286 26.59 -36.13 -32.27
N THR E 287 26.71 -34.81 -32.40
CA THR E 287 27.74 -34.12 -33.23
C THR E 287 29.13 -34.37 -32.66
N GLU E 288 29.27 -34.52 -31.33
CA GLU E 288 30.58 -34.80 -30.68
C GLU E 288 30.41 -35.83 -29.57
N LEU E 289 31.20 -36.89 -29.67
CA LEU E 289 31.48 -37.90 -28.62
C LEU E 289 32.99 -37.93 -28.40
N GLN E 290 33.44 -38.29 -27.22
CA GLN E 290 34.91 -38.28 -26.94
C GLN E 290 35.58 -39.45 -27.65
N GLY E 291 36.51 -39.16 -28.55
CA GLY E 291 37.14 -40.18 -29.41
C GLY E 291 38.49 -40.66 -28.88
N GLY E 292 39.02 -40.01 -27.84
CA GLY E 292 40.41 -40.23 -27.44
C GLY E 292 40.79 -39.57 -26.14
N ASN E 293 42.11 -39.50 -25.93
CA ASN E 293 42.74 -39.30 -24.61
C ASN E 293 42.78 -37.83 -24.23
N ASN E 294 42.55 -37.56 -22.94
CA ASN E 294 42.91 -36.29 -22.28
C ASN E 294 44.33 -36.39 -21.73
N LEU E 295 45.20 -35.52 -22.21
CA LEU E 295 46.54 -35.35 -21.61
C LEU E 295 46.41 -34.23 -20.57
N TYR E 296 46.36 -32.97 -21.01
CA TYR E 296 46.16 -31.79 -20.17
C TYR E 296 44.71 -31.27 -20.20
N SER E 297 43.88 -31.67 -21.18
CA SER E 297 42.51 -31.13 -21.35
C SER E 297 41.51 -31.91 -20.49
N GLY E 298 40.29 -31.37 -20.41
CA GLY E 298 39.13 -32.02 -19.79
C GLY E 298 39.06 -31.71 -18.31
N ALA E 299 37.87 -31.78 -17.74
CA ALA E 299 37.60 -31.56 -16.31
C ALA E 299 37.70 -32.92 -15.59
N ASN E 300 37.20 -33.99 -16.20
CA ASN E 300 37.20 -35.37 -15.64
C ASN E 300 37.92 -36.25 -16.65
N PRO E 301 39.27 -36.14 -16.72
CA PRO E 301 39.99 -36.66 -17.87
C PRO E 301 39.96 -38.20 -17.92
N LEU E 302 39.90 -38.74 -19.13
CA LEU E 302 39.97 -40.18 -19.37
C LEU E 302 40.46 -40.43 -20.80
N CYS E 303 40.74 -41.68 -21.08
CA CYS E 303 40.77 -42.21 -22.45
C CYS E 303 39.66 -43.23 -22.53
N PRO E 304 38.61 -43.00 -23.35
CA PRO E 304 37.52 -43.95 -23.45
C PRO E 304 38.08 -45.35 -23.76
N THR E 305 37.49 -46.36 -23.15
CA THR E 305 37.77 -47.76 -23.53
C THR E 305 37.03 -48.08 -24.83
N ALA E 306 37.50 -49.08 -25.56
CA ALA E 306 36.75 -49.69 -26.68
C ALA E 306 35.32 -49.97 -26.22
N GLU E 307 35.15 -50.49 -24.99
CA GLU E 307 33.81 -50.85 -24.46
C GLU E 307 32.93 -49.61 -24.32
N GLU E 308 33.48 -48.48 -23.87
CA GLU E 308 32.72 -47.22 -23.69
C GLU E 308 32.28 -46.68 -25.05
N ILE E 309 33.14 -46.79 -26.06
CA ILE E 309 32.82 -46.33 -27.45
C ILE E 309 31.56 -47.06 -27.92
N ILE E 310 31.49 -48.38 -27.69
CA ILE E 310 30.37 -49.23 -28.15
C ILE E 310 29.13 -48.85 -27.33
N GLN E 311 29.29 -48.69 -26.02
CA GLN E 311 28.19 -48.30 -25.09
C GLN E 311 27.57 -46.99 -25.59
N TRP E 312 28.41 -45.99 -25.89
CA TRP E 312 27.88 -44.65 -26.25
C TRP E 312 27.14 -44.69 -27.58
N LEU E 313 27.73 -45.32 -28.62
CA LEU E 313 27.08 -45.40 -29.95
C LEU E 313 25.72 -46.08 -29.82
N TRP E 314 25.64 -47.21 -29.13
CA TRP E 314 24.36 -47.96 -29.03
C TRP E 314 23.34 -47.17 -28.22
N ILE E 315 23.75 -46.54 -27.12
CA ILE E 315 22.82 -45.72 -26.29
C ILE E 315 22.21 -44.65 -27.19
N ASN E 316 23.04 -43.99 -27.99
CA ASN E 316 22.56 -42.87 -28.84
C ASN E 316 21.61 -43.42 -29.93
N PHE E 317 21.99 -44.50 -30.62
CA PHE E 317 21.15 -45.09 -31.70
C PHE E 317 19.83 -45.59 -31.11
N ALA E 318 19.85 -46.18 -29.92
CA ALA E 318 18.65 -46.70 -29.23
C ALA E 318 17.74 -45.54 -28.83
N THR E 319 18.28 -44.32 -28.79
CA THR E 319 17.55 -43.08 -28.41
C THR E 319 17.34 -42.23 -29.67
N GLU E 320 17.38 -42.85 -30.84
CA GLU E 320 16.93 -42.32 -32.15
C GLU E 320 17.99 -41.45 -32.84
N ALA E 321 19.22 -41.43 -32.34
CA ALA E 321 20.32 -40.67 -32.98
C ALA E 321 20.48 -41.16 -34.42
N LYS E 322 20.66 -40.23 -35.36
CA LYS E 322 20.91 -40.54 -36.78
C LYS E 322 22.41 -40.51 -37.06
N GLY E 323 23.21 -40.34 -36.02
CA GLY E 323 24.67 -40.30 -36.16
C GLY E 323 25.34 -40.19 -34.83
N GLY E 324 26.59 -40.66 -34.78
CA GLY E 324 27.57 -40.41 -33.71
C GLY E 324 28.85 -39.99 -34.37
N ILE E 325 29.24 -38.73 -34.17
CA ILE E 325 30.53 -38.18 -34.68
C ILE E 325 31.48 -38.02 -33.50
N PHE E 326 32.67 -38.60 -33.61
CA PHE E 326 33.72 -38.51 -32.56
C PHE E 326 34.56 -37.26 -32.76
N TRP E 327 34.73 -36.51 -31.68
CA TRP E 327 35.83 -35.52 -31.55
C TRP E 327 36.99 -36.29 -30.92
N SER E 328 38.04 -36.65 -31.68
CA SER E 328 38.30 -36.29 -33.06
C SER E 328 38.95 -37.48 -33.78
N PHE E 329 38.97 -37.51 -35.12
CA PHE E 329 39.66 -38.58 -35.85
C PHE E 329 41.16 -38.43 -35.60
N ASN E 330 41.70 -37.27 -35.98
CA ASN E 330 43.13 -36.87 -35.81
C ASN E 330 43.18 -35.72 -34.79
N ALA E 331 44.37 -35.38 -34.29
CA ALA E 331 44.57 -34.39 -33.23
C ALA E 331 45.05 -33.04 -33.80
N ARG E 332 44.76 -32.00 -33.06
CA ARG E 332 45.46 -30.70 -33.14
C ARG E 332 46.95 -30.97 -32.88
N SER E 333 47.83 -30.11 -33.39
CA SER E 333 49.30 -30.29 -33.26
C SER E 333 49.91 -29.33 -32.23
N THR E 334 49.27 -28.22 -31.89
CA THR E 334 49.94 -27.13 -31.12
C THR E 334 49.06 -26.70 -29.93
N ALA E 335 49.70 -26.60 -28.76
CA ALA E 335 49.11 -25.99 -27.53
C ALA E 335 47.86 -26.80 -27.14
N ALA E 336 46.74 -26.15 -26.91
CA ALA E 336 45.52 -26.77 -26.34
C ALA E 336 45.13 -28.00 -27.15
N GLU E 337 45.09 -29.16 -26.48
CA GLU E 337 44.62 -30.47 -27.01
C GLU E 337 45.54 -31.00 -28.11
N ALA E 338 46.80 -30.56 -28.14
CA ALA E 338 47.82 -31.10 -29.07
C ALA E 338 48.01 -32.60 -28.78
N GLY E 339 47.69 -33.45 -29.77
CA GLY E 339 47.83 -34.92 -29.68
C GLY E 339 46.85 -35.53 -28.71
N GLU E 340 45.75 -34.82 -28.43
CA GLU E 340 44.66 -35.30 -27.54
C GLU E 340 43.42 -35.55 -28.38
N TRP E 341 42.51 -36.39 -27.85
CA TRP E 341 41.11 -36.61 -28.32
C TRP E 341 41.05 -37.57 -29.52
N ALA E 342 42.17 -37.94 -30.13
CA ALA E 342 42.21 -38.57 -31.46
C ALA E 342 41.88 -40.08 -31.34
N MET E 343 41.09 -40.57 -32.29
CA MET E 343 40.75 -42.00 -32.45
C MET E 343 41.92 -42.75 -33.08
N ILE E 344 42.71 -42.08 -33.90
CA ILE E 344 43.95 -42.68 -34.49
C ILE E 344 45.10 -42.43 -33.52
N ASN E 345 46.10 -43.32 -33.56
CA ASN E 345 47.33 -43.24 -32.73
C ASN E 345 48.30 -42.32 -33.46
N PHE E 346 49.50 -42.12 -32.92
CA PHE E 346 50.48 -41.14 -33.45
C PHE E 346 51.13 -41.68 -34.73
N LYS E 347 50.92 -42.95 -35.07
CA LYS E 347 51.32 -43.53 -36.38
C LYS E 347 50.15 -43.43 -37.37
N ASN E 348 49.04 -42.75 -37.02
CA ASN E 348 47.87 -42.57 -37.91
C ASN E 348 47.21 -43.92 -38.20
N LYS E 349 47.33 -44.90 -37.30
CA LYS E 349 46.61 -46.20 -37.39
C LYS E 349 45.51 -46.24 -36.33
N SER E 350 44.66 -47.25 -36.39
CA SER E 350 43.47 -47.43 -35.53
C SER E 350 43.91 -47.69 -34.09
N SER E 351 43.41 -46.90 -33.14
CA SER E 351 43.37 -47.29 -31.71
C SER E 351 42.28 -48.35 -31.54
N ASP E 352 42.16 -48.91 -30.34
CA ASP E 352 41.09 -49.91 -30.05
C ASP E 352 39.74 -49.18 -30.11
N ARG E 353 39.73 -47.84 -29.99
CA ARG E 353 38.47 -47.04 -30.03
C ARG E 353 37.96 -46.96 -31.46
N LEU E 354 38.85 -46.78 -32.42
CA LEU E 354 38.45 -46.73 -33.86
C LEU E 354 38.03 -48.14 -34.30
N ILE E 355 38.76 -49.17 -33.89
CA ILE E 355 38.39 -50.59 -34.18
C ILE E 355 36.98 -50.84 -33.64
N ALA E 356 36.69 -50.40 -32.40
CA ALA E 356 35.36 -50.57 -31.78
C ALA E 356 34.30 -49.81 -32.60
N ALA E 357 34.51 -48.52 -32.90
CA ALA E 357 33.55 -47.72 -33.68
C ALA E 357 33.29 -48.39 -35.03
N ALA E 358 34.33 -48.92 -35.66
CA ALA E 358 34.24 -49.60 -36.99
C ALA E 358 33.28 -50.79 -36.91
N THR E 359 33.22 -51.53 -35.79
CA THR E 359 32.30 -52.68 -35.65
C THR E 359 30.87 -52.17 -35.73
N ILE E 360 30.59 -50.95 -35.24
CA ILE E 360 29.22 -50.41 -35.20
C ILE E 360 28.85 -49.91 -36.60
N GLY E 361 29.76 -49.24 -37.28
CA GLY E 361 29.56 -48.88 -38.69
C GLY E 361 29.27 -50.12 -39.53
N LYS E 362 30.00 -51.20 -39.30
CA LYS E 362 29.83 -52.48 -40.03
C LYS E 362 28.43 -53.03 -39.73
N PHE E 363 28.05 -53.06 -38.46
CA PHE E 363 26.72 -53.54 -38.02
C PHE E 363 25.62 -52.79 -38.77
N ILE E 364 25.74 -51.47 -38.88
CA ILE E 364 24.73 -50.62 -39.57
C ILE E 364 24.62 -51.08 -41.02
N THR E 365 25.75 -51.23 -41.73
CA THR E 365 25.75 -51.60 -43.17
C THR E 365 25.11 -53.00 -43.36
N GLU E 366 25.21 -53.89 -42.37
CA GLU E 366 24.64 -55.26 -42.42
C GLU E 366 23.19 -55.28 -41.90
N ASN E 367 22.69 -54.18 -41.32
CA ASN E 367 21.33 -54.15 -40.71
C ASN E 367 20.66 -52.83 -41.05
N VAL E 368 20.70 -52.42 -42.32
CA VAL E 368 20.28 -51.05 -42.76
C VAL E 368 18.81 -50.82 -42.39
N LYS E 369 17.93 -51.78 -42.70
CA LYS E 369 16.47 -51.57 -42.56
C LYS E 369 16.15 -51.40 -41.07
N MET E 370 16.66 -52.27 -40.20
CA MET E 370 16.50 -52.14 -38.73
C MET E 370 17.05 -50.76 -38.27
N MET E 371 18.30 -50.47 -38.60
CA MET E 371 19.01 -49.32 -37.97
C MET E 371 18.46 -47.98 -38.50
N SER E 372 17.78 -47.96 -39.66
CA SER E 372 17.28 -46.73 -40.31
C SER E 372 15.94 -46.29 -39.71
N ASN E 373 15.26 -47.16 -38.95
CA ASN E 373 13.83 -46.96 -38.60
C ASN E 373 13.62 -47.07 -37.09
N ILE E 374 14.69 -46.83 -36.30
CA ILE E 374 14.63 -46.92 -34.83
C ILE E 374 13.68 -45.84 -34.29
N LYS E 375 12.74 -46.26 -33.46
CA LYS E 375 11.89 -45.42 -32.61
C LYS E 375 12.07 -45.90 -31.19
N THR E 376 12.42 -45.00 -30.28
CA THR E 376 12.57 -45.36 -28.86
C THR E 376 11.21 -45.86 -28.39
N LEU E 377 11.20 -46.94 -27.62
CA LEU E 377 9.98 -47.44 -26.96
C LEU E 377 9.75 -46.54 -25.73
N ASN E 378 8.87 -45.55 -25.87
CA ASN E 378 8.51 -44.64 -24.76
C ASN E 378 7.73 -45.46 -23.72
N SER E 379 8.26 -45.58 -22.52
CA SER E 379 7.57 -46.21 -21.36
C SER E 379 6.27 -45.45 -21.05
N GLY E 380 6.21 -44.15 -21.40
CA GLY E 380 5.18 -43.20 -20.93
C GLY E 380 5.62 -42.42 -19.69
N ILE E 381 6.83 -42.66 -19.20
CA ILE E 381 7.45 -41.87 -18.09
C ILE E 381 8.23 -40.71 -18.72
N SER E 382 7.91 -39.49 -18.32
CA SER E 382 8.66 -38.26 -18.67
C SER E 382 9.19 -37.60 -17.40
N ILE E 383 10.51 -37.49 -17.29
CA ILE E 383 11.17 -36.69 -16.22
C ILE E 383 11.34 -35.27 -16.76
N LEU E 384 10.70 -34.30 -16.15
CA LEU E 384 10.66 -32.91 -16.67
C LEU E 384 11.58 -32.01 -15.83
N TYR E 385 12.33 -31.15 -16.51
CA TYR E 385 13.13 -30.07 -15.88
C TYR E 385 12.62 -28.77 -16.49
N ASN E 386 12.84 -27.63 -15.84
CA ASN E 386 12.50 -26.33 -16.47
C ASN E 386 13.64 -25.34 -16.25
N HIS E 387 13.79 -24.43 -17.20
CA HIS E 387 14.76 -23.32 -17.14
C HIS E 387 14.64 -22.65 -15.76
N GLU E 388 13.41 -22.40 -15.33
CA GLU E 388 13.13 -21.47 -14.20
C GLU E 388 13.60 -22.08 -12.88
N SER E 389 13.50 -23.40 -12.69
CA SER E 389 14.02 -24.05 -11.46
C SER E 389 15.54 -23.82 -11.38
N MET E 390 16.23 -23.92 -12.50
CA MET E 390 17.69 -23.68 -12.55
C MET E 390 17.97 -22.21 -12.24
N TRP E 391 17.18 -21.29 -12.80
CA TRP E 391 17.41 -19.84 -12.60
C TRP E 391 17.16 -19.47 -11.13
N VAL E 392 16.07 -19.98 -10.56
CA VAL E 392 15.73 -19.67 -9.15
C VAL E 392 16.79 -20.28 -8.25
N GLU E 393 17.23 -21.51 -8.56
CA GLU E 393 18.30 -22.17 -7.76
C GLU E 393 19.56 -21.29 -7.75
N ALA E 394 19.97 -20.76 -8.91
CA ALA E 394 21.19 -19.92 -9.02
C ALA E 394 21.05 -18.68 -8.12
N ALA E 395 19.87 -18.09 -8.02
CA ALA E 395 19.64 -16.92 -7.13
C ALA E 395 19.66 -17.36 -5.65
N GLN E 396 19.05 -18.50 -5.30
CA GLN E 396 18.90 -18.93 -3.89
C GLN E 396 20.22 -19.49 -3.33
N THR E 397 21.03 -20.16 -4.14
CA THR E 397 22.28 -20.79 -3.67
C THR E 397 23.43 -19.78 -3.77
N ARG E 398 23.18 -18.63 -4.41
CA ARG E 398 24.16 -17.53 -4.60
C ARG E 398 25.43 -18.10 -5.25
N GLY E 399 25.29 -19.07 -6.16
CA GLY E 399 26.38 -19.67 -6.95
C GLY E 399 27.27 -20.63 -6.16
N LYS E 400 26.87 -21.07 -4.97
CA LYS E 400 27.63 -22.06 -4.14
C LYS E 400 27.77 -23.39 -4.89
N LEU E 401 28.95 -24.01 -4.78
CA LEU E 401 29.36 -25.21 -5.55
C LEU E 401 29.85 -26.28 -4.56
N ASN E 402 29.05 -26.53 -3.51
CA ASN E 402 29.38 -27.48 -2.40
C ASN E 402 28.78 -28.87 -2.70
N GLY E 403 28.34 -29.11 -3.94
CA GLY E 403 27.72 -30.37 -4.44
C GLY E 403 26.61 -30.93 -3.53
N ASN E 404 25.72 -30.11 -2.96
CA ASN E 404 24.52 -30.57 -2.18
C ASN E 404 23.25 -29.86 -2.71
N GLY E 405 22.12 -30.02 -2.02
CA GLY E 405 20.85 -29.31 -2.33
C GLY E 405 21.02 -27.79 -2.29
N ARG E 406 22.00 -27.30 -1.52
CA ARG E 406 22.24 -25.85 -1.32
C ARG E 406 23.29 -25.34 -2.33
N SER E 407 23.47 -26.03 -3.45
CA SER E 407 24.47 -25.72 -4.50
C SER E 407 23.83 -25.74 -5.87
N ILE E 408 24.47 -25.04 -6.82
CA ILE E 408 24.11 -25.06 -8.26
C ILE E 408 24.14 -26.54 -8.68
N GLY E 409 23.10 -27.01 -9.36
CA GLY E 409 23.12 -28.36 -9.95
C GLY E 409 22.13 -29.32 -9.32
N ALA E 410 21.61 -29.04 -8.13
CA ALA E 410 20.65 -29.94 -7.44
C ALA E 410 19.40 -30.11 -8.30
N VAL E 411 18.94 -29.07 -8.99
CA VAL E 411 17.68 -29.12 -9.80
C VAL E 411 17.89 -29.99 -11.04
N MET E 412 19.13 -30.24 -11.47
CA MET E 412 19.39 -31.19 -12.57
C MET E 412 19.81 -32.56 -12.01
N CYS E 413 20.59 -32.59 -10.94
CA CYS E 413 21.03 -33.87 -10.33
C CYS E 413 19.83 -34.66 -9.83
N SER E 414 18.81 -33.99 -9.32
CA SER E 414 17.58 -34.65 -8.77
C SER E 414 16.86 -35.41 -9.88
N PRO E 415 16.42 -34.78 -10.98
CA PRO E 415 15.78 -35.53 -12.05
C PRO E 415 16.72 -36.59 -12.66
N LEU E 416 18.02 -36.31 -12.75
CA LEU E 416 18.98 -37.30 -13.32
C LEU E 416 19.04 -38.52 -12.39
N SER E 417 18.80 -38.34 -11.09
CA SER E 417 18.84 -39.43 -10.09
C SER E 417 17.62 -40.33 -10.27
N TYR E 418 16.43 -39.76 -10.53
CA TYR E 418 15.23 -40.54 -10.88
C TYR E 418 15.53 -41.31 -12.17
N PHE E 419 16.14 -40.61 -13.12
CA PHE E 419 16.48 -41.20 -14.44
C PHE E 419 17.36 -42.44 -14.23
N GLU E 420 18.37 -42.31 -13.37
CA GLU E 420 19.29 -43.42 -13.05
C GLU E 420 18.52 -44.56 -12.37
N ALA E 421 17.63 -44.26 -11.42
CA ALA E 421 16.83 -45.28 -10.71
C ALA E 421 16.02 -46.08 -11.74
N LEU E 422 15.42 -45.38 -12.71
CA LEU E 422 14.62 -46.03 -13.76
C LEU E 422 15.53 -46.82 -14.70
N SER E 423 16.70 -46.27 -15.05
CA SER E 423 17.68 -46.97 -15.92
C SER E 423 18.07 -48.32 -15.26
N GLU E 424 18.23 -48.32 -13.94
CA GLU E 424 18.64 -49.51 -13.15
C GLU E 424 17.42 -50.43 -12.91
N THR E 425 16.24 -50.03 -13.36
CA THR E 425 15.02 -50.88 -13.42
C THR E 425 14.81 -51.38 -14.86
N GLY E 426 15.66 -50.96 -15.78
CA GLY E 426 15.56 -51.29 -17.22
C GLY E 426 14.38 -50.59 -17.89
N LEU E 427 13.90 -49.48 -17.33
CA LEU E 427 12.77 -48.70 -17.88
C LEU E 427 13.32 -47.46 -18.60
N GLN E 428 12.89 -47.27 -19.84
CA GLN E 428 13.07 -46.01 -20.57
C GLN E 428 12.37 -44.88 -19.81
N ALA E 429 12.92 -43.67 -19.89
CA ALA E 429 12.25 -42.45 -19.42
C ALA E 429 12.67 -41.29 -20.34
N ASN E 430 11.73 -40.45 -20.69
CA ASN E 430 12.04 -39.19 -21.38
C ASN E 430 12.72 -38.26 -20.37
N PHE E 431 13.55 -37.36 -20.88
CA PHE E 431 14.16 -36.26 -20.10
C PHE E 431 13.91 -34.99 -20.92
N LYS E 432 13.00 -34.15 -20.46
CA LYS E 432 12.40 -33.09 -21.29
C LYS E 432 12.35 -31.78 -20.52
N GLU E 433 12.56 -30.67 -21.24
CA GLU E 433 12.19 -29.35 -20.70
C GLU E 433 10.66 -29.30 -20.68
N ILE E 434 10.09 -28.67 -19.68
CA ILE E 434 8.62 -28.72 -19.46
C ILE E 434 7.87 -28.24 -20.72
N LYS E 435 8.41 -27.25 -21.45
CA LYS E 435 7.74 -26.72 -22.67
C LYS E 435 7.81 -27.74 -23.82
N GLU E 436 8.61 -28.80 -23.70
CA GLU E 436 8.76 -29.84 -24.75
C GLU E 436 7.72 -30.94 -24.52
N PHE E 437 7.02 -30.90 -23.39
CA PHE E 437 5.96 -31.88 -23.10
C PHE E 437 4.65 -31.39 -23.72
N ASP E 438 3.96 -32.26 -24.45
CA ASP E 438 2.66 -31.94 -25.08
C ASP E 438 1.55 -32.04 -24.02
N PHE E 439 1.08 -30.91 -23.51
CA PHE E 439 0.02 -30.81 -22.47
C PHE E 439 -1.37 -30.64 -23.09
N SER E 440 -1.50 -30.85 -24.40
CA SER E 440 -2.71 -30.45 -25.19
C SER E 440 -3.64 -31.66 -25.41
N LEU E 441 -3.26 -32.88 -25.02
CA LEU E 441 -4.03 -34.12 -25.33
C LEU E 441 -5.26 -34.22 -24.42
N ASN E 442 -6.19 -35.10 -24.81
CA ASN E 442 -7.48 -35.32 -24.10
C ASN E 442 -7.34 -36.46 -23.10
N ASP E 443 -6.29 -37.27 -23.23
CA ASP E 443 -6.14 -38.52 -22.45
C ASP E 443 -4.67 -38.70 -22.08
N TYR E 444 -4.37 -38.94 -20.79
CA TYR E 444 -3.00 -39.22 -20.28
C TYR E 444 -3.03 -40.46 -19.39
N THR E 445 -4.03 -41.32 -19.59
CA THR E 445 -4.10 -42.65 -18.95
C THR E 445 -2.74 -43.34 -19.14
N ASP E 446 -2.20 -43.93 -18.10
CA ASP E 446 -0.94 -44.70 -18.20
C ASP E 446 0.27 -43.82 -18.59
N GLN E 447 0.17 -42.49 -18.58
CA GLN E 447 1.36 -41.60 -18.71
C GLN E 447 1.80 -41.12 -17.31
N VAL E 448 3.11 -40.93 -17.13
CA VAL E 448 3.71 -40.52 -15.83
C VAL E 448 4.63 -39.32 -16.07
N ILE E 449 4.46 -38.28 -15.29
CA ILE E 449 5.41 -37.14 -15.19
C ILE E 449 6.07 -37.19 -13.82
N ILE E 450 7.40 -37.11 -13.81
CA ILE E 450 8.21 -36.96 -12.56
C ILE E 450 8.75 -35.52 -12.52
N LEU E 451 8.38 -34.78 -11.49
CA LEU E 451 8.90 -33.43 -11.17
C LEU E 451 9.73 -33.53 -9.91
N SER E 452 11.03 -33.72 -10.08
CA SER E 452 11.99 -33.98 -8.99
C SER E 452 12.78 -32.71 -8.69
N HIS E 453 12.45 -32.05 -7.59
CA HIS E 453 13.13 -30.84 -7.09
C HIS E 453 13.12 -29.77 -8.19
N GLN E 454 12.00 -29.65 -8.92
CA GLN E 454 11.78 -28.54 -9.88
C GLN E 454 11.17 -27.42 -9.06
N ILE E 455 12.05 -26.66 -8.41
CA ILE E 455 11.72 -25.74 -7.29
C ILE E 455 10.88 -24.57 -7.79
N ALA E 456 10.82 -24.28 -9.10
CA ALA E 456 10.04 -23.15 -9.64
C ALA E 456 8.98 -23.66 -10.60
N LEU E 457 7.72 -23.39 -10.28
CA LEU E 457 6.53 -23.69 -11.14
C LEU E 457 5.60 -22.49 -11.08
N ASP E 458 5.08 -22.04 -12.22
CA ASP E 458 4.14 -20.89 -12.28
C ASP E 458 2.70 -21.42 -12.44
N ASN E 459 1.73 -20.50 -12.37
CA ASN E 459 0.29 -20.85 -12.44
C ASN E 459 0.00 -21.58 -13.75
N LYS E 460 0.57 -21.13 -14.87
CA LYS E 460 0.29 -21.73 -16.19
C LYS E 460 0.68 -23.21 -16.18
N VAL E 461 1.89 -23.54 -15.73
CA VAL E 461 2.36 -24.95 -15.75
C VAL E 461 1.53 -25.76 -14.75
N ILE E 462 1.16 -25.18 -13.60
CA ILE E 462 0.31 -25.89 -12.61
C ILE E 462 -1.04 -26.25 -13.26
N LYS E 463 -1.64 -25.34 -14.05
CA LYS E 463 -2.93 -25.64 -14.76
C LYS E 463 -2.70 -26.77 -15.76
N GLN E 464 -1.55 -26.79 -16.46
CA GLN E 464 -1.23 -27.87 -17.41
C GLN E 464 -1.11 -29.20 -16.64
N LEU E 465 -0.49 -29.19 -15.47
CA LEU E 465 -0.29 -30.39 -14.64
C LEU E 465 -1.64 -30.89 -14.12
N GLU E 466 -2.51 -29.97 -13.70
CA GLU E 466 -3.90 -30.28 -13.24
C GLU E 466 -4.64 -31.00 -14.37
N SER E 467 -4.59 -30.44 -15.59
CA SER E 467 -5.20 -31.03 -16.80
C SER E 467 -4.64 -32.43 -17.02
N PHE E 468 -3.30 -32.56 -16.97
CA PHE E 468 -2.59 -33.84 -17.22
C PHE E 468 -3.11 -34.91 -16.26
N VAL E 469 -3.17 -34.58 -14.97
CA VAL E 469 -3.57 -35.55 -13.93
C VAL E 469 -5.08 -35.83 -14.06
N GLU E 470 -5.88 -34.80 -14.25
CA GLU E 470 -7.37 -34.92 -14.34
C GLU E 470 -7.71 -35.93 -15.44
N LYS E 471 -6.93 -35.91 -16.53
CA LYS E 471 -7.15 -36.74 -17.73
C LYS E 471 -6.44 -38.10 -17.62
N GLY E 472 -6.04 -38.51 -16.41
CA GLY E 472 -5.53 -39.89 -16.15
C GLY E 472 -4.04 -39.94 -15.86
N GLY E 473 -3.33 -38.81 -15.99
CA GLY E 473 -1.88 -38.74 -15.71
C GLY E 473 -1.53 -39.09 -14.27
N THR E 474 -0.37 -39.70 -14.05
CA THR E 474 0.25 -39.89 -12.73
C THR E 474 1.40 -38.87 -12.59
N LEU E 475 1.33 -38.05 -11.55
CA LEU E 475 2.37 -37.05 -11.24
C LEU E 475 3.11 -37.49 -9.98
N ILE E 476 4.42 -37.66 -10.08
CA ILE E 476 5.35 -37.93 -8.93
C ILE E 476 6.19 -36.68 -8.72
N ALA E 477 6.16 -36.12 -7.52
CA ALA E 477 6.86 -34.87 -7.18
C ALA E 477 7.60 -35.11 -5.86
N ASP E 478 8.92 -34.88 -5.86
CA ASP E 478 9.73 -34.93 -4.62
C ASP E 478 10.56 -33.65 -4.49
N GLY E 479 11.28 -33.54 -3.37
CA GLY E 479 12.12 -32.38 -3.06
C GLY E 479 11.27 -31.12 -3.01
N LEU E 480 11.86 -29.98 -3.32
CA LEU E 480 11.18 -28.67 -3.17
C LEU E 480 10.42 -28.31 -4.45
N THR E 481 9.93 -29.30 -5.21
CA THR E 481 9.09 -29.03 -6.41
C THR E 481 7.98 -28.06 -6.02
N GLY E 482 7.87 -26.94 -6.76
CA GLY E 482 6.79 -25.95 -6.63
C GLY E 482 6.89 -25.06 -5.39
N TYR E 483 8.04 -25.03 -4.73
CA TYR E 483 8.26 -24.18 -3.53
C TYR E 483 8.19 -22.72 -3.94
N TYR E 484 8.69 -22.39 -5.13
CA TYR E 484 8.72 -21.01 -5.68
C TYR E 484 7.94 -20.97 -7.00
N ASP E 485 7.56 -19.75 -7.40
CA ASP E 485 7.02 -19.49 -8.76
C ASP E 485 8.18 -18.98 -9.62
N TYR E 486 7.87 -18.48 -10.81
CA TYR E 486 8.90 -18.09 -11.82
C TYR E 486 9.50 -16.74 -11.43
N GLN E 487 9.01 -16.10 -10.36
CA GLN E 487 9.59 -14.83 -9.84
C GLN E 487 10.31 -15.06 -8.50
N ALA E 488 10.59 -16.32 -8.15
CA ALA E 488 11.25 -16.71 -6.88
C ALA E 488 10.37 -16.31 -5.70
N HIS E 489 9.08 -16.13 -5.94
CA HIS E 489 8.08 -15.87 -4.86
C HIS E 489 7.55 -17.23 -4.39
N SER E 490 7.59 -17.50 -3.10
CA SER E 490 7.15 -18.82 -2.56
C SER E 490 5.66 -18.79 -2.25
N THR E 491 4.83 -19.48 -3.05
CA THR E 491 3.38 -19.61 -2.75
C THR E 491 3.22 -20.53 -1.53
N VAL E 492 4.26 -21.29 -1.17
CA VAL E 492 4.24 -22.06 0.11
C VAL E 492 4.03 -21.06 1.24
N VAL E 493 4.60 -19.85 1.12
CA VAL E 493 4.46 -18.79 2.15
C VAL E 493 3.14 -18.04 1.96
N SER E 494 2.80 -17.61 0.74
CA SER E 494 1.68 -16.66 0.47
C SER E 494 0.34 -17.37 0.30
N GLY E 495 0.31 -18.67 -0.02
CA GLY E 495 -0.91 -19.41 -0.40
C GLY E 495 -0.62 -20.40 -1.49
N PHE E 496 -0.49 -21.68 -1.15
CA PHE E 496 0.22 -22.70 -1.97
C PHE E 496 -0.56 -22.97 -3.26
N ALA E 497 0.10 -22.76 -4.41
CA ALA E 497 -0.55 -22.82 -5.73
C ALA E 497 -0.86 -24.27 -6.09
N LEU E 498 -0.12 -25.23 -5.53
CA LEU E 498 -0.34 -26.67 -5.82
C LEU E 498 -1.26 -27.34 -4.80
N GLU E 499 -1.90 -26.57 -3.89
CA GLU E 499 -2.78 -27.19 -2.86
C GLU E 499 -3.88 -28.01 -3.53
N ASN E 500 -4.53 -27.44 -4.54
CA ASN E 500 -5.64 -28.11 -5.27
C ASN E 500 -5.15 -29.44 -5.83
N LEU E 501 -4.06 -29.43 -6.60
CA LEU E 501 -3.58 -30.66 -7.28
C LEU E 501 -3.09 -31.67 -6.25
N PHE E 502 -2.40 -31.21 -5.19
CA PHE E 502 -1.75 -32.11 -4.22
C PHE E 502 -2.75 -32.56 -3.14
N GLY E 503 -3.87 -31.88 -3.00
CA GLY E 503 -4.89 -32.19 -1.98
C GLY E 503 -4.27 -32.15 -0.59
N SER E 504 -3.36 -31.21 -0.38
CA SER E 504 -2.50 -31.15 0.82
C SER E 504 -1.72 -29.81 0.81
N TYR E 505 -1.07 -29.52 1.91
CA TYR E 505 -0.42 -28.22 2.19
C TYR E 505 0.87 -28.53 2.94
N PRO E 506 2.01 -27.89 2.58
CA PRO E 506 3.24 -28.05 3.35
C PRO E 506 3.04 -27.46 4.76
N ILE E 507 3.70 -28.06 5.74
CA ILE E 507 3.70 -27.61 7.14
C ILE E 507 5.10 -27.03 7.44
N GLU E 508 6.12 -27.86 7.36
CA GLU E 508 7.52 -27.42 7.64
C GLU E 508 8.50 -28.13 6.72
N TYR E 509 9.61 -27.45 6.48
CA TYR E 509 10.91 -28.10 6.10
C TYR E 509 11.83 -27.93 7.31
N LYS E 510 12.52 -29.01 7.66
CA LYS E 510 13.56 -29.01 8.71
C LYS E 510 14.82 -29.60 8.11
N ILE E 511 15.89 -28.85 8.17
CA ILE E 511 17.20 -29.33 7.68
C ILE E 511 17.66 -30.46 8.62
N LYS E 512 18.21 -31.50 8.02
CA LYS E 512 18.81 -32.69 8.69
C LYS E 512 20.25 -32.81 8.15
N GLU E 513 20.82 -33.99 8.17
CA GLU E 513 22.20 -34.23 7.66
C GLU E 513 22.09 -34.36 6.14
N ASN E 514 23.23 -34.38 5.44
CA ASN E 514 23.31 -34.63 3.98
C ASN E 514 22.55 -35.91 3.65
N LEU E 515 22.57 -36.91 4.53
CA LEU E 515 21.88 -38.20 4.31
C LEU E 515 21.10 -38.59 5.57
N PHE E 516 19.79 -38.74 5.45
CA PHE E 516 18.91 -39.31 6.49
C PHE E 516 17.95 -40.28 5.81
N SER E 517 17.16 -40.99 6.60
CA SER E 517 16.23 -42.04 6.15
C SER E 517 14.79 -41.57 6.42
N LEU E 518 13.91 -41.63 5.43
CA LEU E 518 12.44 -41.45 5.62
C LEU E 518 11.85 -42.85 5.76
N ASP E 519 11.45 -43.26 6.95
CA ASP E 519 10.99 -44.66 7.22
C ASP E 519 9.47 -44.67 7.29
N PHE E 520 8.81 -45.18 6.26
CA PHE E 520 7.33 -45.20 6.16
C PHE E 520 6.74 -46.08 7.28
N GLU E 521 5.59 -45.64 7.82
CA GLU E 521 4.74 -46.42 8.75
C GLU E 521 4.30 -47.70 8.05
N LYS E 522 3.83 -47.62 6.81
CA LYS E 522 3.22 -48.74 6.04
C LYS E 522 4.15 -49.13 4.89
N ASP E 523 4.18 -50.42 4.54
CA ASP E 523 4.82 -50.95 3.31
C ASP E 523 6.36 -50.93 3.43
N ASN E 524 6.89 -50.45 4.56
CA ASN E 524 8.29 -50.62 5.03
C ASN E 524 9.29 -50.11 3.98
N TYR E 525 8.93 -49.09 3.20
CA TYR E 525 9.92 -48.24 2.45
C TYR E 525 10.79 -47.50 3.49
N LYS E 526 12.10 -47.49 3.24
CA LYS E 526 13.11 -46.72 4.02
C LYS E 526 13.93 -45.96 2.99
N LEU E 527 13.47 -44.76 2.66
CA LEU E 527 13.97 -43.94 1.53
C LEU E 527 15.13 -43.09 1.99
N PRO E 528 16.31 -43.22 1.37
CA PRO E 528 17.38 -42.26 1.61
C PRO E 528 16.84 -40.88 1.20
N ALA E 529 17.15 -39.86 1.97
CA ALA E 529 16.68 -38.48 1.75
C ALA E 529 17.85 -37.53 2.01
N HIS E 530 17.88 -36.42 1.29
CA HIS E 530 18.99 -35.46 1.32
C HIS E 530 18.52 -34.15 1.95
N LEU E 531 19.15 -33.78 3.06
CA LEU E 531 19.29 -32.40 3.57
C LEU E 531 18.03 -31.93 4.28
N TRP E 532 16.85 -31.99 3.66
CA TRP E 532 15.63 -31.37 4.23
C TRP E 532 14.52 -32.40 4.37
N LYS E 533 13.85 -32.41 5.52
CA LYS E 533 12.65 -33.23 5.73
C LYS E 533 11.42 -32.34 5.61
N GLY E 534 10.56 -32.65 4.62
CA GLY E 534 9.25 -31.99 4.44
C GLY E 534 8.15 -32.72 5.19
N THR E 535 7.34 -31.97 5.95
CA THR E 535 6.08 -32.47 6.56
C THR E 535 4.93 -31.68 5.93
N ILE E 536 3.79 -32.34 5.80
CA ILE E 536 2.61 -31.79 5.11
C ILE E 536 1.38 -32.07 5.97
N GLU E 537 0.28 -31.44 5.58
CA GLU E 537 -1.08 -31.72 6.11
C GLU E 537 -1.97 -32.03 4.91
N THR E 538 -2.65 -33.18 4.94
CA THR E 538 -3.57 -33.61 3.87
C THR E 538 -4.96 -33.03 4.12
N SER E 539 -5.67 -32.66 3.06
CA SER E 539 -7.12 -32.42 3.07
C SER E 539 -7.77 -33.56 2.26
N LYS E 540 -7.74 -33.49 0.95
CA LYS E 540 -8.33 -34.52 0.05
C LYS E 540 -7.39 -35.71 -0.14
N ALA E 541 -6.07 -35.52 -0.04
CA ALA E 541 -5.09 -36.60 -0.28
C ALA E 541 -5.12 -37.60 0.88
N THR E 542 -4.68 -38.84 0.62
CA THR E 542 -4.45 -39.87 1.65
C THR E 542 -3.06 -39.64 2.23
N PRO E 543 -2.95 -39.41 3.55
CA PRO E 543 -1.64 -39.16 4.16
C PRO E 543 -0.78 -40.42 4.28
N ILE E 544 0.53 -40.24 4.13
CA ILE E 544 1.55 -41.30 4.36
C ILE E 544 2.43 -40.81 5.50
N MET E 545 2.46 -41.61 6.57
CA MET E 545 3.09 -41.25 7.84
C MET E 545 4.44 -41.97 7.88
N ASP E 546 5.40 -41.42 8.62
CA ASP E 546 6.70 -42.09 8.87
C ASP E 546 6.64 -42.67 10.28
N LYS E 547 7.71 -43.33 10.73
CA LYS E 547 7.72 -44.06 12.02
C LYS E 547 7.75 -43.08 13.19
N GLU E 548 8.01 -41.79 12.93
CA GLU E 548 7.97 -40.75 13.98
C GLU E 548 6.56 -40.16 14.07
N GLY E 549 5.61 -40.69 13.30
CA GLY E 549 4.20 -40.23 13.28
C GLY E 549 4.07 -38.87 12.60
N GLU E 550 4.96 -38.52 11.68
CA GLU E 550 4.86 -37.25 10.89
C GLU E 550 4.34 -37.58 9.50
N CYS E 551 3.56 -36.67 8.91
CA CYS E 551 3.03 -36.85 7.55
C CYS E 551 4.08 -36.33 6.55
N ILE E 552 4.70 -37.24 5.79
CA ILE E 552 5.89 -36.96 4.94
C ILE E 552 5.54 -37.09 3.46
N ALA E 553 4.33 -37.54 3.13
CA ALA E 553 3.93 -37.78 1.74
C ALA E 553 2.42 -37.96 1.66
N CYS E 554 1.91 -38.03 0.43
CA CYS E 554 0.47 -38.29 0.19
C CYS E 554 0.25 -38.78 -1.23
N ILE E 555 -0.90 -39.42 -1.42
CA ILE E 555 -1.45 -39.79 -2.75
C ILE E 555 -2.79 -39.08 -2.87
N ASN E 556 -2.91 -38.21 -3.85
CA ASN E 556 -4.16 -37.48 -4.15
C ASN E 556 -4.77 -38.10 -5.39
N GLN E 557 -6.05 -38.50 -5.31
CA GLN E 557 -6.83 -38.92 -6.50
C GLN E 557 -7.41 -37.63 -7.08
N TYR E 558 -7.05 -37.29 -8.30
CA TYR E 558 -7.43 -36.01 -8.92
C TYR E 558 -8.00 -36.31 -10.31
N GLY E 559 -9.32 -36.19 -10.48
CA GLY E 559 -10.01 -36.71 -11.67
C GLY E 559 -9.65 -38.16 -11.90
N LYS E 560 -9.22 -38.52 -13.11
CA LYS E 560 -8.89 -39.93 -13.44
C LYS E 560 -7.44 -40.25 -13.05
N GLY E 561 -6.64 -39.26 -12.64
CA GLY E 561 -5.19 -39.46 -12.41
C GLY E 561 -4.84 -39.50 -10.94
N LYS E 562 -3.55 -39.57 -10.62
CA LYS E 562 -3.11 -39.52 -9.21
C LYS E 562 -1.80 -38.72 -9.09
N VAL E 563 -1.64 -38.14 -7.91
CA VAL E 563 -0.40 -37.43 -7.51
C VAL E 563 0.21 -38.17 -6.33
N PHE E 564 1.50 -38.47 -6.42
CA PHE E 564 2.34 -38.88 -5.28
C PHE E 564 3.28 -37.72 -4.97
N TRP E 565 3.17 -37.14 -3.78
CA TRP E 565 3.96 -35.98 -3.35
C TRP E 565 4.75 -36.37 -2.10
N ILE E 566 6.07 -36.22 -2.16
CA ILE E 566 6.96 -36.40 -0.99
C ILE E 566 7.96 -35.25 -0.98
N PRO E 567 7.69 -34.17 -0.23
CA PRO E 567 8.49 -32.94 -0.30
C PRO E 567 9.93 -33.03 0.25
N SER E 568 10.39 -34.19 0.69
CA SER E 568 11.82 -34.44 1.00
C SER E 568 12.54 -34.84 -0.27
N PRO E 569 13.83 -34.47 -0.47
CA PRO E 569 14.56 -34.88 -1.65
C PRO E 569 14.99 -36.35 -1.60
N ILE E 570 14.18 -37.25 -2.16
CA ILE E 570 14.49 -38.71 -2.11
C ILE E 570 15.33 -39.10 -3.34
N ALA E 571 15.20 -38.38 -4.46
CA ALA E 571 16.10 -38.61 -5.62
C ALA E 571 17.51 -38.17 -5.23
N LEU E 572 17.66 -37.01 -4.59
CA LEU E 572 18.99 -36.55 -4.12
C LEU E 572 19.48 -37.46 -2.98
N GLY E 573 18.56 -38.00 -2.19
CA GLY E 573 18.86 -39.02 -1.17
C GLY E 573 19.51 -40.24 -1.79
N ALA E 574 18.90 -40.77 -2.85
CA ALA E 574 19.44 -41.89 -3.66
C ALA E 574 20.86 -41.52 -4.13
N ARG E 575 21.04 -40.32 -4.68
CA ARG E 575 22.34 -39.84 -5.17
C ARG E 575 23.38 -39.84 -4.04
N GLU E 576 23.06 -39.21 -2.92
CA GLU E 576 23.98 -39.05 -1.77
C GLU E 576 24.35 -40.44 -1.20
N SER E 577 23.38 -41.35 -1.09
CA SER E 577 23.61 -42.71 -0.53
C SER E 577 24.27 -43.61 -1.58
N LYS E 578 24.35 -43.18 -2.84
CA LYS E 578 24.85 -44.01 -3.98
C LYS E 578 24.03 -45.30 -4.08
N ASP E 579 22.74 -45.22 -3.80
CA ASP E 579 21.83 -46.39 -3.78
C ASP E 579 20.47 -45.96 -4.31
N PHE E 580 20.13 -46.42 -5.50
CA PHE E 580 18.87 -46.07 -6.21
C PHE E 580 17.81 -47.14 -6.00
N SER E 581 18.10 -48.19 -5.20
CA SER E 581 17.23 -49.39 -5.12
C SER E 581 15.87 -49.00 -4.55
N GLU E 582 15.83 -48.26 -3.44
CA GLU E 582 14.54 -47.93 -2.80
C GLU E 582 13.76 -46.96 -3.70
N LEU E 583 14.43 -45.98 -4.32
CA LEU E 583 13.73 -45.06 -5.26
C LEU E 583 13.14 -45.87 -6.41
N SER E 584 13.87 -46.84 -6.96
CA SER E 584 13.36 -47.79 -7.99
C SER E 584 12.08 -48.47 -7.51
N LYS E 585 12.15 -49.16 -6.37
CA LYS E 585 11.02 -49.97 -5.83
C LYS E 585 9.80 -49.05 -5.64
N LEU E 586 9.98 -47.90 -4.98
CA LEU E 586 8.87 -46.94 -4.72
C LEU E 586 8.24 -46.51 -6.05
N THR E 587 9.08 -46.11 -7.01
CA THR E 587 8.60 -45.57 -8.31
C THR E 587 7.80 -46.68 -9.03
N VAL E 588 8.32 -47.90 -9.07
CA VAL E 588 7.66 -49.06 -9.73
C VAL E 588 6.26 -49.22 -9.13
N SER E 589 6.12 -49.11 -7.81
CA SER E 589 4.84 -49.33 -7.10
C SER E 589 3.82 -48.27 -7.52
N LEU E 590 4.27 -47.13 -8.05
CA LEU E 590 3.39 -46.00 -8.44
C LEU E 590 3.06 -46.04 -9.94
N LEU E 591 3.76 -46.84 -10.74
CA LEU E 591 3.58 -46.86 -12.21
C LEU E 591 2.25 -47.54 -12.55
N PRO E 592 1.50 -47.00 -13.54
CA PRO E 592 0.36 -47.71 -14.10
C PRO E 592 0.78 -49.11 -14.57
N ASN E 593 -0.06 -50.12 -14.31
CA ASN E 593 0.23 -51.55 -14.63
C ASN E 593 0.61 -51.70 -16.10
N LYS E 594 -0.06 -50.96 -16.99
CA LYS E 594 0.16 -51.04 -18.46
C LYS E 594 1.64 -50.82 -18.79
N ILE E 595 2.32 -49.94 -18.06
CA ILE E 595 3.76 -49.63 -18.35
C ILE E 595 4.57 -50.91 -18.06
N LEU E 596 4.34 -51.52 -16.90
CA LEU E 596 5.10 -52.74 -16.50
C LEU E 596 4.71 -53.93 -17.38
N ASN E 597 3.47 -53.99 -17.86
CA ASN E 597 2.98 -55.13 -18.68
C ASN E 597 3.55 -55.04 -20.10
N ASP E 598 3.62 -53.84 -20.70
CA ASP E 598 3.90 -53.65 -22.14
C ASP E 598 5.39 -53.36 -22.42
N ASN E 599 6.17 -52.97 -21.41
CA ASN E 599 7.58 -52.54 -21.62
C ASN E 599 8.51 -53.59 -21.04
N PRO E 600 9.50 -54.10 -21.81
CA PRO E 600 10.57 -54.87 -21.21
C PRO E 600 11.25 -54.02 -20.13
N HIS E 601 11.53 -54.65 -18.99
CA HIS E 601 12.19 -54.02 -17.81
C HIS E 601 12.80 -55.16 -17.00
N PHE E 602 13.54 -54.84 -15.94
CA PHE E 602 14.15 -55.86 -15.07
C PHE E 602 13.10 -56.30 -14.05
N ASP E 603 13.14 -57.57 -13.64
CA ASP E 603 12.20 -58.17 -12.65
C ASP E 603 12.44 -57.51 -11.29
N LYS E 604 13.59 -56.88 -11.11
CA LYS E 604 13.95 -56.12 -9.89
C LYS E 604 15.03 -55.10 -10.22
N HIS E 605 15.40 -54.28 -9.26
CA HIS E 605 16.46 -53.25 -9.39
C HIS E 605 17.81 -53.94 -9.55
N TYR E 606 18.62 -53.51 -10.53
CA TYR E 606 20.02 -53.96 -10.71
C TYR E 606 20.95 -52.75 -10.64
N LYS E 607 21.75 -52.68 -9.59
CA LYS E 607 22.80 -51.65 -9.44
C LYS E 607 23.74 -51.71 -10.64
N ASP E 608 23.98 -50.58 -11.30
CA ASP E 608 25.01 -50.41 -12.36
C ASP E 608 24.72 -51.27 -13.58
N VAL E 609 23.44 -51.53 -13.84
CA VAL E 609 23.00 -52.13 -15.12
C VAL E 609 21.97 -51.19 -15.72
N MET E 610 21.94 -51.07 -17.03
CA MET E 610 20.90 -50.25 -17.68
C MET E 610 20.29 -51.05 -18.83
N MET E 611 19.02 -50.80 -19.07
CA MET E 611 18.34 -51.25 -20.28
C MET E 611 17.40 -50.15 -20.75
N LYS E 612 17.33 -50.00 -22.06
CA LYS E 612 16.35 -49.17 -22.78
C LYS E 612 15.91 -49.97 -23.99
N SER E 613 14.63 -49.87 -24.34
CA SER E 613 14.05 -50.64 -25.46
C SER E 613 13.69 -49.71 -26.61
N PHE E 614 13.67 -50.26 -27.82
CA PHE E 614 13.27 -49.52 -29.03
C PHE E 614 12.58 -50.47 -30.00
N LYS E 615 11.97 -49.88 -31.02
CA LYS E 615 11.27 -50.62 -32.10
C LYS E 615 11.85 -50.17 -33.42
N SER E 616 11.86 -51.07 -34.41
CA SER E 616 12.15 -50.74 -35.81
C SER E 616 11.29 -51.64 -36.71
N ASN E 617 10.41 -51.03 -37.52
CA ASN E 617 9.55 -51.74 -38.50
C ASN E 617 8.80 -52.86 -37.80
N GLY E 618 8.22 -52.58 -36.63
CA GLY E 618 7.32 -53.52 -35.92
C GLY E 618 8.07 -54.50 -35.04
N THR E 619 9.40 -54.64 -35.15
CA THR E 619 10.20 -55.51 -34.25
C THR E 619 10.68 -54.71 -33.04
N MET E 620 10.59 -55.31 -31.85
CA MET E 620 11.06 -54.69 -30.59
C MET E 620 12.48 -55.17 -30.31
N TYR E 621 13.32 -54.28 -29.78
CA TYR E 621 14.71 -54.56 -29.36
C TYR E 621 14.92 -53.98 -27.96
N SER E 622 15.93 -54.51 -27.27
CA SER E 622 16.39 -53.98 -25.98
C SER E 622 17.90 -53.83 -26.04
N LEU E 623 18.40 -52.72 -25.49
CA LEU E 623 19.83 -52.44 -25.24
C LEU E 623 20.09 -52.70 -23.77
N ILE E 624 21.10 -53.52 -23.46
CA ILE E 624 21.46 -53.81 -22.06
C ILE E 624 22.95 -53.53 -21.93
N ILE E 625 23.33 -52.81 -20.89
CA ILE E 625 24.76 -52.56 -20.59
C ILE E 625 24.99 -52.86 -19.12
N ASN E 626 26.06 -53.60 -18.86
CA ASN E 626 26.48 -53.98 -17.50
C ASN E 626 27.67 -53.11 -17.13
N LYS E 627 27.52 -52.26 -16.12
CA LYS E 627 28.61 -51.37 -15.65
C LYS E 627 29.07 -51.81 -14.26
N SER E 628 28.56 -52.94 -13.78
CA SER E 628 28.99 -53.52 -12.49
C SER E 628 30.34 -54.21 -12.69
N ALA E 629 31.01 -54.54 -11.59
CA ALA E 629 32.31 -55.24 -11.58
C ALA E 629 32.09 -56.75 -11.83
N SER E 630 30.86 -57.26 -11.89
CA SER E 630 30.62 -58.72 -11.98
C SER E 630 29.66 -59.05 -13.12
N VAL E 631 29.78 -60.27 -13.64
CA VAL E 631 28.80 -60.88 -14.58
C VAL E 631 27.44 -60.78 -13.88
N GLN E 632 26.41 -60.38 -14.60
CA GLN E 632 25.06 -60.23 -14.04
C GLN E 632 24.17 -61.16 -14.84
N THR E 633 23.20 -61.76 -14.17
CA THR E 633 22.08 -62.46 -14.84
C THR E 633 20.85 -61.58 -14.64
N VAL E 634 20.38 -61.01 -15.74
CA VAL E 634 19.30 -60.00 -15.70
C VAL E 634 18.01 -60.66 -16.18
N ASP E 635 17.00 -60.72 -15.32
CA ASP E 635 15.68 -61.30 -15.68
C ASP E 635 14.84 -60.21 -16.30
N ILE E 636 14.59 -60.29 -17.61
CA ILE E 636 13.79 -59.30 -18.37
C ILE E 636 12.34 -59.79 -18.42
N VAL E 637 11.40 -58.93 -18.02
CA VAL E 637 9.94 -59.22 -18.02
C VAL E 637 9.23 -58.03 -18.66
N GLY E 638 7.99 -58.22 -19.10
CA GLY E 638 7.16 -57.19 -19.75
C GLY E 638 7.34 -57.23 -21.24
N GLY E 639 6.33 -56.73 -21.98
CA GLY E 639 6.25 -56.90 -23.45
C GLY E 639 6.15 -58.38 -23.82
N LYS E 640 6.50 -58.73 -25.05
CA LYS E 640 6.30 -60.06 -25.65
C LYS E 640 7.54 -60.46 -26.44
N GLY E 641 7.81 -61.76 -26.56
CA GLY E 641 8.77 -62.33 -27.51
C GLY E 641 9.90 -63.03 -26.78
N LYS E 642 10.75 -63.74 -27.53
CA LYS E 642 11.89 -64.51 -26.98
C LYS E 642 13.17 -63.78 -27.37
N ALA E 643 14.12 -63.72 -26.45
CA ALA E 643 15.41 -63.03 -26.64
C ALA E 643 16.23 -63.74 -27.71
N PHE E 644 16.57 -63.04 -28.78
CA PHE E 644 17.66 -63.40 -29.72
C PHE E 644 18.74 -62.33 -29.59
N ILE E 645 19.97 -62.73 -29.26
CA ILE E 645 21.12 -61.78 -29.14
C ILE E 645 21.60 -61.43 -30.55
N LEU E 646 21.36 -60.18 -30.96
CA LEU E 646 21.75 -59.65 -32.29
C LEU E 646 23.13 -59.01 -32.20
N PHE E 647 23.48 -58.44 -31.04
CA PHE E 647 24.80 -57.78 -30.81
C PHE E 647 25.23 -58.07 -29.38
N ALA E 648 26.50 -58.43 -29.23
CA ALA E 648 27.15 -58.69 -27.93
C ALA E 648 28.65 -58.68 -28.17
N ASN E 649 29.40 -57.88 -27.43
CA ASN E 649 30.86 -57.73 -27.67
C ASN E 649 31.63 -58.59 -26.68
N LYS E 650 30.99 -59.33 -25.77
CA LYS E 650 31.72 -60.26 -24.85
C LYS E 650 30.98 -61.60 -24.71
N ASN E 651 30.33 -62.07 -25.78
CA ASN E 651 29.70 -63.42 -25.85
C ASN E 651 28.62 -63.60 -24.76
N ALA E 652 27.80 -62.57 -24.53
CA ALA E 652 26.57 -62.71 -23.73
C ALA E 652 25.78 -63.93 -24.24
N HIS E 653 24.97 -64.53 -23.37
CA HIS E 653 23.99 -65.59 -23.74
C HIS E 653 22.73 -65.36 -22.91
N SER E 654 21.58 -65.72 -23.47
CA SER E 654 20.26 -65.68 -22.80
C SER E 654 19.72 -67.11 -22.66
N THR E 655 19.07 -67.40 -21.54
CA THR E 655 18.27 -68.62 -21.30
C THR E 655 16.87 -68.14 -20.99
N ALA E 656 15.92 -68.46 -21.87
CA ALA E 656 14.58 -67.82 -21.89
C ALA E 656 14.86 -66.31 -21.98
N ASN E 657 14.39 -65.51 -21.02
CA ASN E 657 14.56 -64.03 -21.05
C ASN E 657 15.43 -63.60 -19.88
N LYS E 658 16.37 -64.47 -19.49
CA LYS E 658 17.41 -64.23 -18.46
C LYS E 658 18.73 -64.02 -19.22
N LEU E 659 19.22 -62.78 -19.28
CA LEU E 659 20.44 -62.40 -20.03
C LEU E 659 21.64 -62.43 -19.08
N THR E 660 22.66 -63.23 -19.42
CA THR E 660 23.96 -63.24 -18.72
C THR E 660 24.89 -62.31 -19.49
N ILE E 661 25.31 -61.22 -18.84
CA ILE E 661 26.03 -60.10 -19.51
C ILE E 661 27.27 -59.78 -18.66
N SER E 662 28.41 -59.67 -19.32
CA SER E 662 29.72 -59.47 -18.64
C SER E 662 29.92 -57.99 -18.31
N PRO E 663 30.83 -57.68 -17.37
CA PRO E 663 31.22 -56.29 -17.11
C PRO E 663 31.63 -55.55 -18.39
N GLU E 664 31.01 -54.40 -18.64
CA GLU E 664 31.35 -53.44 -19.73
C GLU E 664 30.78 -53.91 -21.06
N GLU E 665 30.07 -55.04 -21.05
CA GLU E 665 29.44 -55.58 -22.27
C GLU E 665 28.22 -54.74 -22.64
N THR E 666 28.04 -54.54 -23.94
CA THR E 666 26.83 -53.98 -24.55
C THR E 666 26.11 -55.09 -25.30
N VAL E 667 24.81 -55.22 -25.06
CA VAL E 667 24.00 -56.28 -25.74
C VAL E 667 22.79 -55.62 -26.41
N ILE E 668 22.53 -56.02 -27.66
CA ILE E 668 21.21 -55.80 -28.29
C ILE E 668 20.47 -57.16 -28.39
N ILE E 669 19.30 -57.21 -27.77
CA ILE E 669 18.33 -58.32 -27.93
C ILE E 669 17.28 -57.89 -28.95
N LYS E 670 17.05 -58.77 -29.93
CA LYS E 670 15.87 -58.76 -30.83
C LYS E 670 14.82 -59.68 -30.23
N TRP E 671 13.60 -59.19 -30.02
CA TRP E 671 12.47 -59.96 -29.45
C TRP E 671 11.75 -60.65 -30.62
N LYS E 672 11.89 -61.97 -30.77
CA LYS E 672 11.38 -62.71 -31.96
C LYS E 672 9.85 -62.88 -31.85
N ALA F 22 90.84 -5.62 -0.76
CA ALA F 22 89.57 -6.40 -0.50
C ALA F 22 89.81 -7.87 -0.85
N GLU F 23 89.47 -8.79 0.06
CA GLU F 23 89.47 -10.25 -0.18
C GLU F 23 88.49 -10.55 -1.33
N ARG F 24 88.93 -11.27 -2.36
CA ARG F 24 88.10 -11.72 -3.50
C ARG F 24 87.82 -13.21 -3.27
N ILE F 25 86.55 -13.60 -3.29
CA ILE F 25 86.17 -15.04 -3.17
C ILE F 25 86.73 -15.77 -4.39
N SER F 26 87.08 -17.04 -4.22
CA SER F 26 87.50 -17.95 -5.30
C SER F 26 87.06 -19.37 -4.92
N LYS F 27 87.22 -20.30 -5.85
CA LYS F 27 86.89 -21.74 -5.64
C LYS F 27 87.85 -22.34 -4.60
N GLN F 28 88.89 -21.61 -4.18
CA GLN F 28 89.88 -22.08 -3.17
C GLN F 28 89.67 -21.37 -1.82
N SER F 29 88.67 -20.49 -1.70
CA SER F 29 88.42 -19.75 -0.44
C SER F 29 88.04 -20.73 0.67
N THR F 30 88.37 -20.38 1.91
CA THR F 30 87.95 -21.12 3.11
C THR F 30 86.45 -20.89 3.28
N PRO F 31 85.61 -21.94 3.30
CA PRO F 31 84.18 -21.76 3.49
C PRO F 31 83.94 -21.17 4.89
N PHE F 32 82.85 -20.42 5.03
CA PHE F 32 82.45 -19.80 6.32
C PHE F 32 81.02 -20.18 6.65
N VAL F 33 80.74 -20.12 7.94
CA VAL F 33 79.37 -20.09 8.50
C VAL F 33 79.13 -18.64 8.92
N GLY F 34 77.94 -18.14 8.62
CA GLY F 34 77.58 -16.74 8.87
C GLY F 34 76.11 -16.63 9.15
N ALA F 35 75.67 -15.39 9.38
CA ALA F 35 74.26 -15.12 9.73
C ALA F 35 73.92 -13.69 9.35
N GLN F 36 72.66 -13.47 8.97
CA GLN F 36 72.09 -12.13 8.82
C GLN F 36 72.19 -11.44 10.19
N ILE F 37 72.67 -10.21 10.20
CA ILE F 37 72.57 -9.32 11.38
C ILE F 37 71.50 -8.30 11.01
N PHE F 38 70.34 -8.40 11.67
CA PHE F 38 69.17 -7.56 11.34
C PHE F 38 69.31 -6.23 12.09
N ILE F 39 69.49 -5.17 11.31
CA ILE F 39 69.71 -3.79 11.81
C ILE F 39 68.47 -2.96 11.43
N GLU F 40 67.84 -2.38 12.46
CA GLU F 40 66.72 -1.43 12.32
C GLU F 40 66.87 -0.41 13.44
N PRO F 41 66.22 0.77 13.31
CA PRO F 41 66.25 1.77 14.37
C PRO F 41 65.61 1.21 15.64
N GLY F 42 66.09 1.68 16.79
CA GLY F 42 65.57 1.34 18.12
C GLY F 42 66.49 0.39 18.86
N GLN F 43 67.30 -0.36 18.14
CA GLN F 43 68.29 -1.30 18.75
C GLN F 43 69.35 -0.45 19.48
N THR F 44 69.90 -0.96 20.57
CA THR F 44 70.96 -0.28 21.38
C THR F 44 72.34 -0.76 20.93
N GLN F 45 73.34 0.10 21.08
CA GLN F 45 74.78 -0.24 20.92
C GLN F 45 75.08 -1.57 21.63
N GLU F 46 74.62 -1.70 22.87
CA GLU F 46 74.92 -2.86 23.76
C GLU F 46 74.35 -4.14 23.14
N GLN F 47 73.10 -4.14 22.66
CA GLN F 47 72.48 -5.36 22.07
C GLN F 47 73.25 -5.72 20.78
N ILE F 48 73.61 -4.74 19.95
CA ILE F 48 74.27 -5.02 18.65
C ILE F 48 75.66 -5.61 18.94
N GLU F 49 76.39 -5.06 19.92
CA GLU F 49 77.73 -5.60 20.28
C GLU F 49 77.56 -7.04 20.79
N GLN F 50 76.56 -7.30 21.62
CA GLN F 50 76.21 -8.64 22.16
C GLN F 50 76.06 -9.62 20.97
N TRP F 51 75.43 -9.19 19.88
CA TRP F 51 75.20 -10.07 18.69
C TRP F 51 76.55 -10.39 18.03
N PHE F 52 77.35 -9.38 17.69
CA PHE F 52 78.64 -9.59 16.99
C PHE F 52 79.59 -10.41 17.87
N LYS F 53 79.57 -10.20 19.18
CA LYS F 53 80.41 -10.95 20.14
C LYS F 53 80.02 -12.42 20.10
N LEU F 54 78.73 -12.73 20.21
CA LEU F 54 78.24 -14.15 20.21
C LEU F 54 78.45 -14.78 18.83
N LEU F 55 78.29 -13.98 17.78
CA LEU F 55 78.48 -14.44 16.38
C LEU F 55 79.95 -14.89 16.24
N ALA F 56 80.91 -14.07 16.67
CA ALA F 56 82.37 -14.39 16.64
C ALA F 56 82.63 -15.63 17.51
N GLU F 57 82.05 -15.71 18.70
CA GLU F 57 82.24 -16.85 19.64
C GLU F 57 81.63 -18.12 19.05
N SER F 58 80.71 -17.98 18.09
CA SER F 58 80.02 -19.14 17.46
C SER F 58 80.77 -19.59 16.21
N ASN F 59 82.03 -19.16 16.03
CA ASN F 59 82.93 -19.61 14.92
C ASN F 59 82.34 -19.17 13.58
N MET F 60 81.57 -18.08 13.59
CA MET F 60 81.05 -17.44 12.36
C MET F 60 81.96 -16.26 12.04
N THR F 61 82.32 -16.09 10.77
CA THR F 61 83.29 -15.08 10.30
C THR F 61 82.59 -13.98 9.53
N THR F 62 81.31 -14.18 9.21
CA THR F 62 80.62 -13.38 8.17
C THR F 62 79.20 -13.07 8.61
N CYS F 63 78.74 -11.87 8.31
CA CYS F 63 77.33 -11.49 8.52
C CYS F 63 76.83 -10.91 7.20
N ARG F 64 75.52 -10.82 7.09
CA ARG F 64 74.88 -10.12 5.96
C ARG F 64 73.95 -9.07 6.55
N ILE F 65 73.96 -7.88 5.96
CA ILE F 65 73.16 -6.74 6.49
C ILE F 65 72.36 -6.16 5.33
N ARG F 66 71.06 -6.02 5.56
CA ARG F 66 70.12 -5.33 4.63
C ARG F 66 70.31 -3.83 4.80
N MET F 67 70.83 -3.17 3.77
CA MET F 67 71.24 -1.75 3.86
C MET F 67 70.02 -0.88 3.56
N PHE F 68 69.00 -0.97 4.41
CA PHE F 68 67.66 -0.34 4.19
C PHE F 68 67.84 1.15 3.85
N GLY F 69 67.46 1.55 2.65
CA GLY F 69 67.34 2.97 2.28
C GLY F 69 66.44 3.71 3.26
N LYS F 70 65.36 3.08 3.72
CA LYS F 70 64.39 3.70 4.65
C LYS F 70 65.11 4.19 5.92
N TYR F 71 66.15 3.50 6.37
CA TYR F 71 66.78 3.80 7.68
C TYR F 71 68.05 4.63 7.47
N MET F 72 68.23 5.21 6.29
CA MET F 72 69.33 6.14 5.98
C MET F 72 68.81 7.49 5.46
N LYS F 73 67.62 7.53 4.87
CA LYS F 73 67.04 8.77 4.31
C LYS F 73 66.59 9.64 5.49
N THR F 74 66.94 10.93 5.45
CA THR F 74 66.55 11.95 6.45
C THR F 74 65.34 12.69 5.94
N PRO F 75 64.61 13.45 6.78
CA PRO F 75 63.47 14.24 6.31
C PRO F 75 63.78 15.09 5.07
N SER F 76 64.99 15.64 4.96
CA SER F 76 65.42 16.55 3.86
C SER F 76 65.79 15.76 2.59
N GLY F 77 65.90 14.43 2.67
CA GLY F 77 66.24 13.56 1.54
C GLY F 77 67.74 13.28 1.43
N THR F 78 68.56 13.82 2.35
CA THR F 78 70.02 13.50 2.43
C THR F 78 70.19 12.10 3.04
N TYR F 79 71.41 11.55 3.00
CA TYR F 79 71.76 10.19 3.49
C TYR F 79 72.47 10.31 4.84
N ASP F 80 71.95 9.65 5.87
CA ASP F 80 72.58 9.52 7.20
C ASP F 80 72.93 8.05 7.38
N PHE F 81 74.21 7.70 7.43
CA PHE F 81 74.72 6.31 7.37
C PHE F 81 74.87 5.73 8.79
N THR F 82 74.56 6.53 9.82
CA THR F 82 74.91 6.31 11.24
C THR F 82 74.53 4.91 11.69
N LEU F 83 73.31 4.49 11.43
CA LEU F 83 72.75 3.22 11.93
C LEU F 83 73.61 2.07 11.39
N PHE F 84 74.02 2.16 10.12
CA PHE F 84 74.81 1.08 9.47
C PHE F 84 76.29 1.23 9.81
N ASP F 85 76.79 2.45 9.94
CA ASP F 85 78.18 2.69 10.45
C ASP F 85 78.33 1.92 11.77
N ARG F 86 77.40 2.09 12.70
CA ARG F 86 77.46 1.46 14.03
C ARG F 86 77.62 -0.05 13.87
N ALA F 87 76.85 -0.66 12.97
CA ALA F 87 76.87 -2.12 12.74
C ALA F 87 78.19 -2.53 12.07
N PHE F 88 78.63 -1.82 11.05
CA PHE F 88 79.87 -2.15 10.29
C PHE F 88 81.08 -2.06 11.24
N LYS F 89 81.09 -1.05 12.11
CA LYS F 89 82.22 -0.81 13.04
C LYS F 89 82.26 -1.93 14.08
N LEU F 90 81.10 -2.34 14.61
CA LEU F 90 81.06 -3.46 15.58
C LEU F 90 81.42 -4.78 14.87
N ALA F 91 80.98 -4.98 13.65
CA ALA F 91 81.41 -6.16 12.85
C ALA F 91 82.95 -6.13 12.77
N ASP F 92 83.52 -4.99 12.37
CA ASP F 92 84.98 -4.82 12.17
C ASP F 92 85.71 -5.13 13.47
N LYS F 93 85.24 -4.61 14.60
CA LYS F 93 85.83 -4.83 15.94
C LYS F 93 85.94 -6.33 16.23
N TYR F 94 84.97 -7.13 15.80
CA TYR F 94 84.94 -8.60 16.07
C TYR F 94 85.46 -9.37 14.86
N HIS F 95 86.08 -8.68 13.89
CA HIS F 95 86.73 -9.27 12.69
C HIS F 95 85.70 -10.04 11.86
N ILE F 96 84.48 -9.51 11.77
CA ILE F 96 83.36 -10.11 10.97
C ILE F 96 83.29 -9.34 9.65
N LYS F 97 83.35 -10.08 8.54
CA LYS F 97 83.14 -9.57 7.15
C LYS F 97 81.64 -9.37 6.90
N VAL F 98 81.28 -8.44 6.01
CA VAL F 98 79.87 -8.06 5.75
C VAL F 98 79.55 -8.28 4.27
N TYR F 99 78.47 -9.05 4.04
CA TYR F 99 77.69 -9.05 2.78
C TYR F 99 76.67 -7.94 2.93
N ALA F 100 76.80 -6.88 2.13
CA ALA F 100 75.91 -5.69 2.19
C ALA F 100 74.89 -5.81 1.07
N THR F 101 73.60 -5.90 1.42
CA THR F 101 72.53 -6.04 0.40
C THR F 101 72.00 -4.65 0.05
N LEU F 102 72.09 -4.29 -1.23
CA LEU F 102 71.47 -3.07 -1.78
C LEU F 102 69.95 -3.25 -1.67
N PHE F 103 69.33 -2.44 -0.83
CA PHE F 103 67.89 -2.54 -0.48
C PHE F 103 67.36 -1.12 -0.41
N PRO F 104 67.01 -0.50 -1.57
CA PRO F 104 66.52 0.87 -1.57
C PRO F 104 65.24 1.01 -0.75
N ASP F 105 64.89 2.26 -0.47
CA ASP F 105 63.69 2.64 0.31
C ASP F 105 62.49 1.91 -0.30
N THR F 106 61.64 1.35 0.56
CA THR F 106 60.40 0.64 0.19
C THR F 106 59.50 0.60 1.43
N GLU F 107 58.23 0.24 1.25
CA GLU F 107 57.25 0.20 2.37
C GLU F 107 57.81 -0.72 3.45
N PHE F 108 57.55 -0.36 4.70
CA PHE F 108 57.87 -1.19 5.89
C PHE F 108 57.29 -2.61 5.71
N THR F 109 56.12 -2.73 5.09
CA THR F 109 55.40 -4.04 4.89
C THR F 109 55.98 -4.83 3.72
N ASP F 110 56.83 -4.23 2.89
CA ASP F 110 57.52 -4.94 1.77
C ASP F 110 58.69 -5.73 2.37
N VAL F 111 58.45 -7.00 2.73
CA VAL F 111 59.42 -7.82 3.50
C VAL F 111 60.64 -8.11 2.60
N GLY F 112 60.42 -8.61 1.38
CA GLY F 112 61.48 -9.19 0.52
C GLY F 112 62.17 -8.16 -0.37
N GLY F 113 61.54 -7.01 -0.61
CA GLY F 113 62.04 -5.93 -1.48
C GLY F 113 61.44 -6.01 -2.87
N PHE F 114 61.27 -4.87 -3.54
CA PHE F 114 60.82 -4.78 -4.95
C PHE F 114 61.89 -5.43 -5.85
N LYS F 115 61.44 -6.02 -6.95
CA LYS F 115 62.29 -6.85 -7.83
C LYS F 115 62.73 -6.05 -9.06
N PHE F 116 62.06 -4.94 -9.37
CA PHE F 116 62.36 -4.05 -10.52
C PHE F 116 61.94 -2.63 -10.16
N PRO F 117 62.49 -1.59 -10.82
CA PRO F 117 62.01 -0.22 -10.59
C PRO F 117 60.52 -0.12 -10.97
N HIS F 118 59.77 0.69 -10.22
CA HIS F 118 58.32 0.97 -10.42
C HIS F 118 58.16 1.90 -11.63
N SER F 119 59.14 2.77 -11.88
CA SER F 119 59.07 3.91 -12.84
C SER F 119 60.47 4.43 -13.16
N ARG F 120 60.60 5.25 -14.20
CA ARG F 120 61.89 5.92 -14.55
C ARG F 120 62.33 6.75 -13.33
N GLU F 121 61.39 7.43 -12.69
CA GLU F 121 61.70 8.30 -11.52
C GLU F 121 62.25 7.41 -10.41
N HIS F 122 61.61 6.28 -10.16
CA HIS F 122 62.09 5.30 -9.14
C HIS F 122 63.50 4.83 -9.51
N GLN F 123 63.76 4.50 -10.78
CA GLN F 123 65.10 4.05 -11.22
C GLN F 123 66.16 5.09 -10.80
N LYS F 124 65.88 6.38 -10.97
CA LYS F 124 66.83 7.47 -10.62
C LYS F 124 67.03 7.50 -9.11
N GLU F 125 65.98 7.28 -8.32
CA GLU F 125 66.10 7.18 -6.84
C GLU F 125 67.04 6.02 -6.50
N VAL F 126 66.94 4.90 -7.22
CA VAL F 126 67.79 3.71 -6.96
C VAL F 126 69.24 4.08 -7.34
N GLU F 127 69.45 4.77 -8.47
CA GLU F 127 70.82 5.25 -8.87
C GLU F 127 71.43 6.05 -7.74
N ASP F 128 70.65 6.96 -7.18
CA ASP F 128 71.08 7.87 -6.08
C ASP F 128 71.40 7.04 -4.83
N TYR F 129 70.53 6.08 -4.50
CA TYR F 129 70.73 5.15 -3.36
C TYR F 129 72.08 4.44 -3.54
N ILE F 130 72.31 3.88 -4.72
CA ILE F 130 73.54 3.06 -4.97
C ILE F 130 74.77 3.99 -4.85
N LYS F 131 74.74 5.15 -5.49
CA LYS F 131 75.84 6.14 -5.42
C LYS F 131 76.21 6.37 -3.94
N ASN F 132 75.23 6.73 -3.12
CA ASN F 132 75.47 7.13 -1.71
C ASN F 132 75.98 5.92 -0.92
N VAL F 133 75.27 4.80 -1.00
CA VAL F 133 75.56 3.62 -0.12
C VAL F 133 76.89 3.01 -0.54
N VAL F 134 77.11 2.76 -1.84
CA VAL F 134 78.36 2.09 -2.29
C VAL F 134 79.55 3.02 -2.04
N SER F 135 79.45 4.31 -2.36
CA SER F 135 80.57 5.28 -2.16
C SER F 135 81.00 5.26 -0.70
N HIS F 136 80.04 5.25 0.23
CA HIS F 136 80.31 5.27 1.68
C HIS F 136 80.83 3.91 2.16
N PHE F 137 80.08 2.80 1.99
CA PHE F 137 80.39 1.54 2.71
C PHE F 137 81.51 0.75 2.01
N SER F 138 81.85 1.06 0.75
CA SER F 138 83.02 0.49 0.04
C SER F 138 84.32 0.78 0.82
N GLN F 139 84.31 1.79 1.69
CA GLN F 139 85.52 2.27 2.41
C GLN F 139 85.79 1.40 3.63
N TYR F 140 84.85 0.56 4.07
CA TYR F 140 85.06 -0.33 5.23
C TYR F 140 85.91 -1.52 4.78
N LYS F 141 86.99 -1.78 5.52
CA LYS F 141 87.94 -2.86 5.16
C LYS F 141 87.29 -4.23 5.40
N ASN F 142 86.20 -4.31 6.18
CA ASN F 142 85.53 -5.61 6.47
C ASN F 142 84.35 -5.87 5.50
N LEU F 143 84.13 -5.02 4.49
CA LEU F 143 83.12 -5.30 3.43
C LEU F 143 83.64 -6.43 2.54
N ALA F 144 82.88 -7.53 2.44
CA ALA F 144 83.26 -8.73 1.66
C ALA F 144 82.56 -8.72 0.30
N ALA F 145 81.32 -8.25 0.24
CA ALA F 145 80.50 -8.41 -0.99
C ALA F 145 79.33 -7.43 -0.99
N TRP F 146 78.96 -7.00 -2.20
CA TRP F 146 77.69 -6.33 -2.51
C TRP F 146 76.70 -7.40 -2.96
N VAL F 147 75.55 -7.49 -2.29
CA VAL F 147 74.42 -8.29 -2.83
C VAL F 147 73.56 -7.31 -3.63
N LEU F 148 73.54 -7.47 -4.95
CA LEU F 148 73.01 -6.49 -5.93
C LEU F 148 71.54 -6.23 -5.64
N ILE F 149 70.82 -7.28 -5.24
CA ILE F 149 69.37 -7.22 -4.92
C ILE F 149 69.05 -8.45 -4.06
N ASN F 150 68.16 -8.30 -3.10
CA ASN F 150 67.68 -9.46 -2.31
C ASN F 150 66.69 -10.25 -3.19
N GLU F 151 66.99 -11.52 -3.45
CA GLU F 151 65.99 -12.49 -3.97
C GLU F 151 65.41 -11.98 -5.28
N PRO F 152 66.23 -11.88 -6.35
CA PRO F 152 65.71 -11.51 -7.67
C PRO F 152 64.65 -12.54 -8.06
N GLY F 153 63.63 -12.07 -8.77
CA GLY F 153 62.51 -12.90 -9.23
C GLY F 153 61.35 -12.87 -8.27
N THR F 154 60.17 -12.99 -8.83
CA THR F 154 58.89 -13.13 -8.09
C THR F 154 57.92 -13.92 -8.96
N PRO F 155 56.98 -14.70 -8.36
CA PRO F 155 55.90 -15.29 -9.15
C PRO F 155 54.94 -14.23 -9.72
N ASN F 156 54.84 -13.05 -9.07
CA ASN F 156 53.85 -11.98 -9.38
C ASN F 156 54.58 -10.79 -9.99
N LEU F 157 54.91 -10.87 -11.28
CA LEU F 157 55.78 -9.87 -11.95
C LEU F 157 54.97 -8.61 -12.22
N PRO F 158 55.53 -7.41 -11.98
CA PRO F 158 54.75 -6.16 -12.07
C PRO F 158 54.50 -5.64 -13.48
N PHE F 159 53.76 -6.40 -14.31
CA PHE F 159 53.39 -5.99 -15.70
C PHE F 159 52.45 -4.78 -15.68
N ASN F 160 51.77 -4.52 -14.56
CA ASN F 160 50.84 -3.39 -14.33
C ASN F 160 51.62 -2.05 -14.26
N GLU F 161 52.85 -2.05 -13.74
CA GLU F 161 53.66 -0.84 -13.47
C GLU F 161 54.26 -0.28 -14.77
N PRO F 162 54.42 1.05 -14.89
CA PRO F 162 54.84 1.68 -16.15
C PRO F 162 56.25 1.30 -16.64
N PHE F 163 57.22 1.17 -15.74
CA PHE F 163 58.61 0.82 -16.09
C PHE F 163 58.63 -0.54 -16.82
N THR F 164 58.03 -1.56 -16.20
CA THR F 164 57.96 -2.95 -16.75
C THR F 164 57.13 -2.93 -18.03
N LYS F 165 55.96 -2.28 -18.01
CA LYS F 165 55.03 -2.21 -19.18
C LYS F 165 55.83 -1.69 -20.39
N GLU F 166 56.61 -0.62 -20.20
CA GLU F 166 57.38 0.03 -21.29
C GLU F 166 58.52 -0.90 -21.74
N ARG F 167 59.24 -1.51 -20.80
CA ARG F 167 60.36 -2.42 -21.13
C ARG F 167 59.83 -3.59 -21.97
N PHE F 168 58.64 -4.10 -21.64
CA PHE F 168 58.02 -5.25 -22.35
C PHE F 168 57.63 -4.81 -23.77
N SER F 169 56.99 -3.64 -23.89
CA SER F 169 56.61 -3.02 -25.20
C SER F 169 57.86 -2.88 -26.08
N ASP F 170 58.94 -2.29 -25.57
CA ASP F 170 60.24 -2.13 -26.28
C ASP F 170 60.79 -3.49 -26.72
N TRP F 171 60.81 -4.45 -25.80
CA TRP F 171 61.34 -5.81 -26.06
C TRP F 171 60.58 -6.43 -27.23
N LYS F 172 59.25 -6.35 -27.21
CA LYS F 172 58.37 -6.92 -28.28
C LYS F 172 58.66 -6.25 -29.63
N LYS F 173 58.81 -4.92 -29.67
CA LYS F 173 59.16 -4.19 -30.91
C LYS F 173 60.49 -4.70 -31.47
N GLU F 174 61.47 -5.03 -30.60
CA GLU F 174 62.82 -5.45 -31.05
C GLU F 174 62.86 -6.94 -31.41
N HIS F 175 61.78 -7.68 -31.19
CA HIS F 175 61.68 -9.13 -31.54
C HIS F 175 60.64 -9.33 -32.63
N ASN F 176 60.88 -10.24 -33.55
CA ASN F 176 60.00 -10.48 -34.72
C ASN F 176 59.56 -11.95 -34.63
N PHE F 177 58.35 -12.19 -34.13
CA PHE F 177 57.78 -13.55 -33.97
C PHE F 177 56.72 -13.82 -35.04
N SER F 178 56.73 -15.01 -35.64
CA SER F 178 55.68 -15.46 -36.60
C SER F 178 54.70 -16.38 -35.88
N GLU F 179 53.41 -16.33 -36.27
CA GLU F 179 52.38 -17.20 -35.64
C GLU F 179 52.37 -18.59 -36.32
N TYR F 180 53.24 -18.86 -37.30
CA TYR F 180 53.40 -20.23 -37.90
C TYR F 180 54.89 -20.61 -37.92
N ASN F 181 55.19 -21.91 -37.80
CA ASN F 181 56.57 -22.43 -37.90
C ASN F 181 56.88 -22.63 -39.39
N GLU F 182 58.11 -23.03 -39.70
CA GLU F 182 58.59 -23.17 -41.11
C GLU F 182 57.70 -24.19 -41.84
N LYS F 183 57.30 -25.28 -41.20
CA LYS F 183 56.42 -26.31 -41.83
C LYS F 183 54.99 -25.77 -42.04
N GLY F 184 54.60 -24.68 -41.36
CA GLY F 184 53.29 -24.03 -41.58
C GLY F 184 52.35 -24.16 -40.38
N TYR F 185 52.72 -24.94 -39.37
CA TYR F 185 51.86 -25.22 -38.19
C TYR F 185 51.78 -23.97 -37.31
N PRO F 186 50.62 -23.75 -36.65
CA PRO F 186 50.52 -22.71 -35.63
C PRO F 186 51.53 -22.92 -34.50
N VAL F 187 51.98 -21.83 -33.88
CA VAL F 187 52.99 -21.84 -32.77
C VAL F 187 52.56 -20.92 -31.63
N LEU F 188 53.04 -21.19 -30.41
CA LEU F 188 53.11 -20.20 -29.30
C LEU F 188 54.55 -19.70 -29.27
N ASN F 189 54.79 -18.43 -28.92
CA ASN F 189 56.16 -17.85 -28.95
C ASN F 189 56.68 -17.52 -27.54
N PHE F 190 55.85 -17.56 -26.50
CA PHE F 190 56.29 -17.36 -25.10
C PHE F 190 57.05 -16.02 -24.99
N GLU F 191 56.49 -14.97 -25.57
CA GLU F 191 57.10 -13.62 -25.57
C GLU F 191 57.29 -13.15 -24.11
N LYS F 192 56.25 -13.27 -23.27
CA LYS F 192 56.29 -12.86 -21.85
C LYS F 192 57.49 -13.56 -21.17
N GLU F 193 57.61 -14.88 -21.34
CA GLU F 193 58.61 -15.69 -20.60
C GLU F 193 60.02 -15.30 -21.06
N ASN F 194 60.22 -15.12 -22.37
CA ASN F 194 61.54 -14.76 -22.93
C ASN F 194 61.87 -13.31 -22.51
N PHE F 195 60.89 -12.42 -22.49
CA PHE F 195 61.08 -11.04 -21.96
C PHE F 195 61.54 -11.11 -20.50
N ILE F 196 60.88 -11.92 -19.68
CA ILE F 196 61.16 -11.98 -18.22
C ILE F 196 62.61 -12.42 -18.01
N ILE F 197 63.10 -13.39 -18.77
CA ILE F 197 64.54 -13.80 -18.70
C ILE F 197 65.43 -12.58 -18.97
N ASP F 198 65.18 -11.89 -20.08
CA ASP F 198 66.01 -10.75 -20.54
C ASP F 198 65.90 -9.59 -19.55
N TYR F 199 64.73 -9.43 -18.94
CA TYR F 199 64.44 -8.32 -17.99
C TYR F 199 65.25 -8.53 -16.70
N HIS F 200 65.25 -9.74 -16.16
CA HIS F 200 66.11 -10.11 -15.01
C HIS F 200 67.57 -9.88 -15.36
N ASN F 201 68.00 -10.38 -16.52
CA ASN F 201 69.39 -10.23 -16.99
C ASN F 201 69.71 -8.74 -16.98
N TRP F 202 68.81 -7.92 -17.55
CA TRP F 202 69.07 -6.47 -17.74
C TRP F 202 69.17 -5.78 -16.37
N TYR F 203 68.23 -6.00 -15.46
CA TYR F 203 68.20 -5.24 -14.18
C TYR F 203 69.42 -5.59 -13.32
N LEU F 204 69.72 -6.88 -13.20
CA LEU F 204 70.86 -7.33 -12.37
C LEU F 204 72.17 -6.80 -12.98
N ASN F 205 72.31 -6.86 -14.30
CA ASN F 205 73.50 -6.36 -15.02
C ASN F 205 73.59 -4.84 -14.77
N TRP F 206 72.46 -4.16 -14.80
CA TRP F 206 72.39 -2.69 -14.56
C TRP F 206 72.80 -2.37 -13.12
N LEU F 207 72.32 -3.14 -12.14
CA LEU F 207 72.73 -2.96 -10.73
C LEU F 207 74.24 -3.19 -10.61
N ALA F 208 74.79 -4.21 -11.26
CA ALA F 208 76.25 -4.50 -11.22
C ALA F 208 77.03 -3.30 -11.78
N ASN F 209 76.58 -2.76 -12.91
CA ASN F 209 77.20 -1.59 -13.59
C ASN F 209 77.15 -0.39 -12.64
N GLN F 210 76.01 -0.16 -11.99
CA GLN F 210 75.84 0.96 -11.03
C GLN F 210 76.87 0.83 -9.90
N VAL F 211 76.97 -0.33 -9.27
CA VAL F 211 77.94 -0.55 -8.18
C VAL F 211 79.35 -0.25 -8.70
N ARG F 212 79.67 -0.76 -9.90
CA ARG F 212 81.03 -0.67 -10.51
C ARG F 212 81.38 0.80 -10.83
N LEU F 213 80.40 1.70 -10.96
CA LEU F 213 80.68 3.15 -11.09
C LEU F 213 81.47 3.63 -9.86
N TYR F 214 81.25 3.04 -8.69
CA TYR F 214 81.76 3.58 -7.41
C TYR F 214 82.69 2.59 -6.71
N ASP F 215 82.66 1.31 -7.06
CA ASP F 215 83.47 0.30 -6.32
C ASP F 215 83.83 -0.80 -7.32
N LYS F 216 85.12 -0.89 -7.69
CA LYS F 216 85.61 -1.94 -8.61
C LYS F 216 86.31 -3.04 -7.79
N GLN F 217 86.28 -2.94 -6.46
CA GLN F 217 87.15 -3.74 -5.58
C GLN F 217 86.36 -4.95 -5.06
N HIS F 218 85.08 -4.80 -4.73
CA HIS F 218 84.36 -5.84 -3.93
C HIS F 218 83.59 -6.81 -4.84
N ASP F 219 83.51 -8.04 -4.39
CA ASP F 219 82.70 -9.12 -5.00
C ASP F 219 81.26 -8.65 -5.18
N LEU F 220 80.66 -9.00 -6.33
CA LEU F 220 79.21 -8.83 -6.60
C LEU F 220 78.54 -10.21 -6.48
N HIS F 221 77.43 -10.26 -5.77
CA HIS F 221 76.70 -11.47 -5.35
C HIS F 221 75.19 -11.25 -5.53
N VAL F 222 74.44 -12.33 -5.74
CA VAL F 222 72.95 -12.28 -5.74
C VAL F 222 72.41 -13.64 -5.32
N ASN F 223 71.22 -13.66 -4.69
CA ASN F 223 70.60 -14.88 -4.10
C ASN F 223 69.27 -15.18 -4.80
N PRO F 224 69.25 -15.90 -5.94
CA PRO F 224 68.01 -16.45 -6.48
C PRO F 224 67.37 -17.36 -5.43
N HIS F 225 66.05 -17.49 -5.50
CA HIS F 225 65.25 -18.09 -4.39
C HIS F 225 64.12 -18.92 -4.97
N ASN F 226 63.56 -19.80 -4.13
CA ASN F 226 62.39 -20.63 -4.51
C ASN F 226 62.67 -21.27 -5.87
N VAL F 227 63.87 -21.83 -6.03
CA VAL F 227 64.42 -22.20 -7.37
C VAL F 227 63.60 -23.32 -8.01
N PHE F 228 62.90 -24.17 -7.25
CA PHE F 228 62.09 -25.25 -7.87
C PHE F 228 60.86 -24.65 -8.55
N LYS F 229 60.53 -23.38 -8.27
CA LYS F 229 59.38 -22.70 -8.91
C LYS F 229 59.88 -21.60 -9.85
N LEU F 230 60.95 -20.87 -9.49
CA LEU F 230 61.33 -19.61 -10.18
C LEU F 230 62.51 -19.83 -11.15
N SER F 231 63.01 -21.05 -11.29
CA SER F 231 64.15 -21.35 -12.20
C SER F 231 63.85 -20.89 -13.64
N GLY F 232 62.57 -20.82 -14.04
CA GLY F 232 62.16 -20.36 -15.38
C GLY F 232 62.36 -18.86 -15.57
N LEU F 233 62.73 -18.12 -14.52
CA LEU F 233 63.01 -16.65 -14.55
C LEU F 233 64.53 -16.42 -14.72
N TYR F 234 65.34 -17.45 -14.49
CA TYR F 234 66.78 -17.30 -14.18
C TYR F 234 67.65 -17.85 -15.31
N ASP F 235 68.43 -16.95 -15.92
CA ASP F 235 69.46 -17.28 -16.95
C ASP F 235 70.84 -17.17 -16.28
N PHE F 236 71.24 -18.22 -15.55
CA PHE F 236 72.46 -18.17 -14.72
C PHE F 236 73.71 -17.97 -15.60
N PRO F 237 73.82 -18.65 -16.77
CA PRO F 237 74.98 -18.41 -17.65
C PRO F 237 75.20 -16.92 -17.93
N THR F 238 74.15 -16.16 -18.21
CA THR F 238 74.28 -14.70 -18.44
C THR F 238 74.71 -14.01 -17.14
N TRP F 239 74.16 -14.40 -15.99
CA TRP F 239 74.45 -13.69 -14.70
C TRP F 239 75.95 -13.82 -14.37
N ARG F 240 76.57 -14.94 -14.77
CA ARG F 240 78.02 -15.18 -14.57
C ARG F 240 78.84 -13.99 -15.09
N THR F 241 78.38 -13.35 -16.16
CA THR F 241 79.16 -12.28 -16.85
C THR F 241 79.32 -11.05 -15.95
N PHE F 242 78.50 -10.87 -14.91
CA PHE F 242 78.58 -9.64 -14.08
C PHE F 242 78.65 -9.98 -12.58
N LEU F 243 78.70 -11.27 -12.20
CA LEU F 243 78.83 -11.66 -10.77
C LEU F 243 80.26 -12.11 -10.50
N ASN F 244 80.67 -12.07 -9.23
CA ASN F 244 81.90 -12.76 -8.73
C ASN F 244 81.50 -14.06 -8.05
N SER F 245 80.28 -14.14 -7.52
CA SER F 245 79.75 -15.38 -6.89
C SER F 245 78.23 -15.44 -7.07
N LEU F 246 77.70 -16.66 -7.18
CA LEU F 246 76.25 -16.90 -7.19
C LEU F 246 75.82 -17.35 -5.80
N GLY F 247 74.66 -16.87 -5.36
CA GLY F 247 74.09 -17.18 -4.04
C GLY F 247 72.78 -17.90 -4.18
N GLY F 248 71.98 -17.85 -3.12
CA GLY F 248 70.71 -18.55 -3.05
C GLY F 248 70.09 -18.42 -1.69
N SER F 249 68.77 -18.28 -1.66
CA SER F 249 67.94 -18.53 -0.47
C SER F 249 67.39 -19.95 -0.62
N ALA F 250 67.63 -20.80 0.37
CA ALA F 250 67.11 -22.19 0.42
C ALA F 250 66.48 -22.39 1.80
N HIS F 251 65.24 -21.96 1.96
CA HIS F 251 64.50 -21.95 3.25
C HIS F 251 63.54 -23.13 3.35
N ALA F 252 63.70 -23.97 4.37
CA ALA F 252 62.85 -25.16 4.59
C ALA F 252 61.37 -24.75 4.63
N SER F 253 61.06 -23.55 5.13
CA SER F 253 59.64 -23.10 5.32
C SER F 253 59.07 -22.42 4.06
N TRP F 254 59.88 -22.06 3.06
CA TRP F 254 59.38 -21.36 1.85
C TRP F 254 59.54 -22.20 0.58
N HIS F 255 60.66 -22.90 0.41
CA HIS F 255 61.12 -23.36 -0.92
C HIS F 255 60.99 -24.87 -1.13
N PHE F 256 60.64 -25.63 -0.10
CA PHE F 256 60.76 -27.12 -0.11
C PHE F 256 59.40 -27.80 -0.09
N GLY F 257 58.35 -27.06 -0.48
CA GLY F 257 56.95 -27.52 -0.45
C GLY F 257 56.74 -28.76 -1.30
N TYR F 258 57.60 -29.04 -2.29
CA TYR F 258 57.49 -30.26 -3.12
C TYR F 258 57.94 -31.50 -2.32
N PHE F 259 58.45 -31.33 -1.10
CA PHE F 259 59.03 -32.43 -0.31
C PHE F 259 58.41 -32.48 1.07
N PRO F 260 58.33 -33.68 1.69
CA PRO F 260 58.11 -33.78 3.11
C PRO F 260 59.39 -33.37 3.84
N ARG F 261 59.26 -33.00 5.11
CA ARG F 261 60.37 -32.50 5.94
C ARG F 261 61.49 -33.53 6.01
N LYS F 262 61.15 -34.83 6.08
CA LYS F 262 62.18 -35.89 6.19
C LYS F 262 63.06 -35.94 4.91
N ALA F 263 62.63 -35.32 3.82
CA ALA F 263 63.41 -35.28 2.55
C ALA F 263 63.94 -33.85 2.28
N TYR F 264 63.98 -32.98 3.27
CA TYR F 264 64.60 -31.63 3.09
C TYR F 264 66.10 -31.79 2.85
N THR F 265 66.67 -32.95 3.18
CA THR F 265 68.07 -33.32 2.82
C THR F 265 68.19 -33.31 1.30
N VAL F 266 67.28 -34.02 0.64
CA VAL F 266 67.25 -34.15 -0.83
C VAL F 266 66.96 -32.76 -1.43
N ALA F 267 66.00 -32.04 -0.86
CA ALA F 267 65.62 -30.69 -1.33
C ALA F 267 66.85 -29.78 -1.29
N MET F 268 67.56 -29.77 -0.16
CA MET F 268 68.76 -28.92 0.02
C MET F 268 69.86 -29.35 -0.96
N SER F 269 70.05 -30.66 -1.13
CA SER F 269 71.07 -31.19 -2.07
C SER F 269 70.75 -30.74 -3.48
N ALA F 270 69.49 -30.87 -3.91
CA ALA F 270 69.06 -30.47 -5.26
C ALA F 270 69.19 -28.94 -5.42
N ASN F 271 68.84 -28.18 -4.39
CA ASN F 271 68.89 -26.69 -4.44
C ASN F 271 70.37 -26.29 -4.59
N ALA F 272 71.25 -26.94 -3.83
CA ALA F 272 72.71 -26.70 -3.89
C ALA F 272 73.22 -27.08 -5.30
N GLU F 273 72.80 -28.22 -5.84
CA GLU F 273 73.26 -28.67 -7.18
C GLU F 273 72.80 -27.67 -8.24
N LEU F 274 71.56 -27.17 -8.11
CA LEU F 274 70.96 -26.24 -9.10
C LEU F 274 71.78 -24.94 -9.11
N ILE F 275 72.11 -24.41 -7.94
CA ILE F 275 72.91 -23.15 -7.82
C ILE F 275 74.33 -23.42 -8.32
N ARG F 276 74.92 -24.56 -7.92
CA ARG F 276 76.28 -24.94 -8.35
C ARG F 276 76.35 -24.96 -9.89
N SER F 277 75.35 -25.55 -10.55
CA SER F 277 75.26 -25.60 -12.04
C SER F 277 75.17 -24.17 -12.57
N GLY F 278 74.34 -23.33 -11.97
CA GLY F 278 74.15 -21.93 -12.38
C GLY F 278 75.47 -21.17 -12.30
N ALA F 279 76.26 -21.49 -11.29
CA ALA F 279 77.50 -20.75 -10.97
C ALA F 279 78.55 -21.02 -12.06
N GLY F 280 78.57 -22.22 -12.65
CA GLY F 280 79.59 -22.56 -13.68
C GLY F 280 80.99 -22.38 -13.11
N GLU F 281 81.79 -21.48 -13.66
CA GLU F 281 83.19 -21.25 -13.21
C GLU F 281 83.22 -20.35 -11.95
N LEU F 282 82.13 -19.66 -11.61
CA LEU F 282 82.08 -18.81 -10.40
C LEU F 282 81.95 -19.69 -9.16
N PRO F 283 82.51 -19.25 -8.03
CA PRO F 283 82.19 -19.87 -6.76
C PRO F 283 80.73 -19.56 -6.38
N TRP F 284 80.15 -20.40 -5.55
CA TRP F 284 78.77 -20.17 -5.03
C TRP F 284 78.75 -20.38 -3.52
N LEU F 285 77.74 -19.81 -2.88
CA LEU F 285 77.46 -20.04 -1.43
C LEU F 285 75.97 -19.87 -1.21
N MET F 286 75.44 -20.42 -0.12
CA MET F 286 74.01 -20.28 0.22
C MET F 286 73.87 -19.04 1.11
N THR F 287 73.35 -17.96 0.51
CA THR F 287 73.18 -16.63 1.12
C THR F 287 72.14 -16.67 2.25
N GLU F 288 71.13 -17.55 2.15
CA GLU F 288 70.11 -17.69 3.22
C GLU F 288 69.76 -19.17 3.43
N LEU F 289 69.88 -19.61 4.69
CA LEU F 289 69.36 -20.88 5.24
C LEU F 289 68.47 -20.53 6.42
N GLN F 290 67.49 -21.35 6.74
CA GLN F 290 66.54 -21.01 7.84
C GLN F 290 67.22 -21.21 9.19
N GLY F 291 67.35 -20.13 9.97
CA GLY F 291 68.10 -20.14 11.24
C GLY F 291 67.21 -20.34 12.46
N GLY F 292 65.89 -20.33 12.29
CA GLY F 292 64.98 -20.26 13.44
C GLY F 292 63.53 -20.46 13.09
N ASN F 293 62.69 -20.10 14.06
CA ASN F 293 61.28 -20.54 14.18
C ASN F 293 60.37 -19.69 13.29
N ASN F 294 59.39 -20.36 12.65
CA ASN F 294 58.19 -19.71 12.08
C ASN F 294 57.11 -19.65 13.16
N LEU F 295 56.70 -18.44 13.50
CA LEU F 295 55.50 -18.22 14.35
C LEU F 295 54.31 -18.08 13.39
N TYR F 296 54.18 -16.92 12.72
CA TYR F 296 53.11 -16.67 11.72
C TYR F 296 53.65 -16.79 10.28
N SER F 297 54.96 -16.73 10.07
CA SER F 297 55.55 -16.67 8.69
C SER F 297 55.74 -18.08 8.11
N GLY F 298 56.05 -18.12 6.82
CA GLY F 298 56.42 -19.36 6.12
C GLY F 298 55.20 -20.06 5.55
N ALA F 299 55.39 -20.88 4.53
CA ALA F 299 54.35 -21.69 3.88
C ALA F 299 54.29 -23.05 4.57
N ASN F 300 55.45 -23.63 4.90
CA ASN F 300 55.58 -24.96 5.56
C ASN F 300 56.35 -24.73 6.85
N PRO F 301 55.70 -24.17 7.87
CA PRO F 301 56.43 -23.61 9.00
C PRO F 301 57.12 -24.72 9.82
N LEU F 302 58.28 -24.37 10.37
CA LEU F 302 59.03 -25.26 11.30
C LEU F 302 59.97 -24.41 12.13
N CYS F 303 60.56 -25.05 13.12
CA CYS F 303 61.82 -24.58 13.75
C CYS F 303 62.85 -25.65 13.45
N PRO F 304 63.91 -25.34 12.64
CA PRO F 304 64.92 -26.34 12.34
C PRO F 304 65.44 -26.97 13.64
N THR F 305 65.69 -28.26 13.61
CA THR F 305 66.40 -28.96 14.71
C THR F 305 67.91 -28.64 14.57
N ALA F 306 68.64 -28.74 15.67
CA ALA F 306 70.12 -28.74 15.66
C ALA F 306 70.62 -29.71 14.58
N GLU F 307 69.98 -30.88 14.45
CA GLU F 307 70.38 -31.93 13.48
C GLU F 307 70.23 -31.40 12.05
N GLU F 308 69.13 -30.69 11.75
CA GLU F 308 68.86 -30.15 10.41
C GLU F 308 69.90 -29.09 10.06
N ILE F 309 70.28 -28.26 11.02
CA ILE F 309 71.30 -27.19 10.81
C ILE F 309 72.59 -27.86 10.31
N ILE F 310 72.99 -28.94 10.95
CA ILE F 310 74.27 -29.65 10.62
C ILE F 310 74.12 -30.31 9.25
N GLN F 311 72.96 -30.94 9.00
CA GLN F 311 72.64 -31.59 7.70
C GLN F 311 72.78 -30.56 6.59
N TRP F 312 72.17 -29.39 6.75
CA TRP F 312 72.14 -28.37 5.66
C TRP F 312 73.54 -27.83 5.39
N LEU F 313 74.31 -27.47 6.43
CA LEU F 313 75.67 -26.92 6.23
C LEU F 313 76.54 -27.95 5.49
N TRP F 314 76.51 -29.22 5.90
CA TRP F 314 77.37 -30.25 5.27
C TRP F 314 76.92 -30.49 3.83
N ILE F 315 75.61 -30.57 3.57
CA ILE F 315 75.09 -30.79 2.21
C ILE F 315 75.64 -29.67 1.31
N ASN F 316 75.57 -28.43 1.78
CA ASN F 316 76.01 -27.26 0.97
C ASN F 316 77.54 -27.33 0.72
N PHE F 317 78.33 -27.58 1.77
CA PHE F 317 79.81 -27.64 1.65
C PHE F 317 80.20 -28.79 0.73
N ALA F 318 79.51 -29.94 0.83
CA ALA F 318 79.79 -31.13 0.00
C ALA F 318 79.45 -30.84 -1.47
N THR F 319 78.65 -29.80 -1.71
CA THR F 319 78.19 -29.39 -3.06
C THR F 319 78.92 -28.08 -3.44
N GLU F 320 80.08 -27.82 -2.82
CA GLU F 320 81.10 -26.81 -3.23
C GLU F 320 80.75 -25.40 -2.69
N ALA F 321 79.75 -25.27 -1.83
CA ALA F 321 79.38 -23.96 -1.26
C ALA F 321 80.60 -23.37 -0.56
N LYS F 322 80.84 -22.07 -0.73
CA LYS F 322 81.91 -21.33 -0.04
C LYS F 322 81.37 -20.66 1.23
N GLY F 323 80.11 -20.91 1.54
CA GLY F 323 79.49 -20.31 2.73
C GLY F 323 78.07 -20.83 2.92
N GLY F 324 77.63 -20.80 4.17
CA GLY F 324 76.22 -20.92 4.59
C GLY F 324 75.90 -19.79 5.54
N ILE F 325 75.02 -18.89 5.10
CA ILE F 325 74.57 -17.74 5.93
C ILE F 325 73.12 -18.01 6.34
N PHE F 326 72.87 -17.96 7.65
CA PHE F 326 71.52 -18.17 8.22
C PHE F 326 70.75 -16.86 8.26
N TRP F 327 69.53 -16.90 7.72
CA TRP F 327 68.48 -15.92 8.05
C TRP F 327 67.74 -16.46 9.27
N SER F 328 67.96 -15.90 10.47
CA SER F 328 68.75 -14.71 10.79
C SER F 328 69.45 -14.92 12.14
N PHE F 329 70.50 -14.14 12.44
CA PHE F 329 71.15 -14.22 13.77
C PHE F 329 70.16 -13.78 14.85
N ASN F 330 69.71 -12.53 14.70
CA ASN F 330 68.72 -11.86 15.58
C ASN F 330 67.44 -11.63 14.76
N ALA F 331 66.33 -11.32 15.43
CA ALA F 331 65.00 -11.18 14.81
C ALA F 331 64.66 -9.71 14.58
N ARG F 332 63.84 -9.47 13.55
CA ARG F 332 63.02 -8.26 13.41
C ARG F 332 62.18 -8.11 14.69
N SER F 333 61.80 -6.88 15.04
CA SER F 333 61.06 -6.59 16.30
C SER F 333 59.57 -6.32 16.02
N THR F 334 59.18 -5.92 14.82
CA THR F 334 57.82 -5.38 14.55
C THR F 334 57.16 -6.08 13.38
N ALA F 335 55.89 -6.47 13.56
CA ALA F 335 55.00 -6.97 12.50
C ALA F 335 55.62 -8.21 11.85
N ALA F 336 55.74 -8.27 10.52
CA ALA F 336 56.13 -9.49 9.79
C ALA F 336 57.45 -10.02 10.35
N GLU F 337 57.42 -11.27 10.82
CA GLU F 337 58.58 -12.08 11.26
C GLU F 337 59.17 -11.50 12.55
N ALA F 338 58.41 -10.72 13.32
CA ALA F 338 58.86 -10.21 14.63
C ALA F 338 59.16 -11.40 15.55
N GLY F 339 60.42 -11.53 15.99
CA GLY F 339 60.86 -12.60 16.90
C GLY F 339 60.85 -13.97 16.24
N GLU F 340 60.90 -13.98 14.91
CA GLU F 340 60.93 -15.22 14.11
C GLU F 340 62.30 -15.32 13.44
N TRP F 341 62.69 -16.55 13.07
CA TRP F 341 63.84 -16.90 12.17
C TRP F 341 65.18 -16.87 12.92
N ALA F 342 65.23 -16.39 14.17
CA ALA F 342 66.50 -16.04 14.84
C ALA F 342 67.18 -17.30 15.38
N MET F 343 68.51 -17.35 15.23
CA MET F 343 69.39 -18.40 15.79
C MET F 343 69.59 -18.17 17.29
N ILE F 344 69.55 -16.92 17.74
CA ILE F 344 69.63 -16.59 19.19
C ILE F 344 68.22 -16.60 19.76
N ASN F 345 68.09 -16.88 21.05
CA ASN F 345 66.82 -16.90 21.80
C ASN F 345 66.49 -15.46 22.23
N PHE F 346 65.41 -15.26 22.97
CA PHE F 346 64.92 -13.91 23.34
C PHE F 346 65.82 -13.28 24.41
N LYS F 347 66.69 -14.06 25.04
CA LYS F 347 67.74 -13.55 25.96
C LYS F 347 69.04 -13.27 25.18
N ASN F 348 69.04 -13.38 23.84
CA ASN F 348 70.23 -13.09 23.00
C ASN F 348 71.34 -14.12 23.29
N LYS F 349 70.98 -15.33 23.73
CA LYS F 349 71.94 -16.44 23.91
C LYS F 349 71.69 -17.49 22.82
N SER F 350 72.59 -18.47 22.72
CA SER F 350 72.58 -19.52 21.67
C SER F 350 71.37 -20.44 21.87
N SER F 351 70.56 -20.61 20.84
CA SER F 351 69.67 -21.78 20.69
C SER F 351 70.53 -23.01 20.37
N ASP F 352 69.93 -24.19 20.34
CA ASP F 352 70.66 -25.43 19.96
C ASP F 352 71.06 -25.31 18.47
N ARG F 353 70.43 -24.43 17.70
CA ARG F 353 70.73 -24.24 16.26
C ARG F 353 72.05 -23.48 16.12
N LEU F 354 72.27 -22.45 16.94
CA LEU F 354 73.54 -21.70 16.90
C LEU F 354 74.67 -22.59 17.45
N ILE F 355 74.42 -23.32 18.53
CA ILE F 355 75.41 -24.31 19.10
C ILE F 355 75.80 -25.28 17.97
N ALA F 356 74.83 -25.82 17.23
CA ALA F 356 75.08 -26.76 16.11
C ALA F 356 75.93 -26.07 15.02
N ALA F 357 75.52 -24.90 14.55
CA ALA F 357 76.25 -24.17 13.48
C ALA F 357 77.70 -23.91 13.94
N ALA F 358 77.89 -23.56 15.21
CA ALA F 358 79.21 -23.28 15.80
C ALA F 358 80.14 -24.51 15.68
N THR F 359 79.61 -25.73 15.80
CA THR F 359 80.44 -26.97 15.66
C THR F 359 81.01 -27.03 14.25
N ILE F 360 80.27 -26.54 13.26
CA ILE F 360 80.70 -26.63 11.83
C ILE F 360 81.73 -25.54 11.57
N GLY F 361 81.52 -24.33 12.08
CA GLY F 361 82.54 -23.28 12.03
C GLY F 361 83.85 -23.76 12.66
N LYS F 362 83.76 -24.43 13.80
CA LYS F 362 84.93 -24.97 14.54
C LYS F 362 85.62 -26.00 13.66
N PHE F 363 84.85 -26.94 13.10
CA PHE F 363 85.38 -27.99 12.20
C PHE F 363 86.17 -27.35 11.05
N ILE F 364 85.64 -26.29 10.46
CA ILE F 364 86.33 -25.62 9.32
C ILE F 364 87.70 -25.09 9.79
N THR F 365 87.74 -24.40 10.92
CA THR F 365 88.99 -23.78 11.45
C THR F 365 90.03 -24.88 11.76
N GLU F 366 89.58 -26.09 12.14
CA GLU F 366 90.46 -27.24 12.46
C GLU F 366 90.80 -28.05 11.20
N ASN F 367 90.15 -27.79 10.05
CA ASN F 367 90.35 -28.58 8.81
C ASN F 367 90.41 -27.67 7.59
N VAL F 368 91.16 -26.58 7.67
CA VAL F 368 91.14 -25.47 6.66
C VAL F 368 91.48 -26.02 5.27
N LYS F 369 92.56 -26.81 5.16
CA LYS F 369 93.07 -27.24 3.83
C LYS F 369 92.02 -28.11 3.15
N MET F 370 91.47 -29.09 3.86
CA MET F 370 90.38 -29.95 3.35
C MET F 370 89.18 -29.07 2.94
N MET F 371 88.69 -28.24 3.85
CA MET F 371 87.40 -27.56 3.65
C MET F 371 87.51 -26.46 2.58
N SER F 372 88.70 -25.95 2.28
CA SER F 372 88.90 -24.84 1.32
C SER F 372 88.93 -25.34 -0.12
N ASN F 373 89.04 -26.65 -0.36
CA ASN F 373 89.36 -27.21 -1.70
C ASN F 373 88.34 -28.28 -2.11
N ILE F 374 87.14 -28.22 -1.55
CA ILE F 374 86.08 -29.22 -1.85
C ILE F 374 85.66 -29.08 -3.31
N LYS F 375 85.66 -30.21 -4.02
CA LYS F 375 85.11 -30.42 -5.36
C LYS F 375 84.11 -31.57 -5.23
N THR F 376 82.91 -31.40 -5.74
CA THR F 376 81.91 -32.48 -5.70
C THR F 376 82.47 -33.62 -6.57
N LEU F 377 82.33 -34.86 -6.12
CA LEU F 377 82.69 -36.04 -6.94
C LEU F 377 81.53 -36.30 -7.90
N ASN F 378 81.64 -35.79 -9.13
CA ASN F 378 80.59 -35.95 -10.17
C ASN F 378 80.52 -37.43 -10.55
N SER F 379 79.39 -38.07 -10.30
CA SER F 379 79.10 -39.46 -10.74
C SER F 379 79.20 -39.56 -12.27
N GLY F 380 78.98 -38.45 -12.99
CA GLY F 380 78.73 -38.40 -14.43
C GLY F 380 77.24 -38.46 -14.78
N ILE F 381 76.36 -38.50 -13.78
CA ILE F 381 74.88 -38.40 -13.97
C ILE F 381 74.51 -36.93 -13.87
N SER F 382 73.87 -36.39 -14.92
CA SER F 382 73.28 -35.05 -14.94
C SER F 382 71.76 -35.15 -15.15
N ILE F 383 70.98 -34.68 -14.18
CA ILE F 383 69.51 -34.51 -14.33
C ILE F 383 69.28 -33.11 -14.90
N LEU F 384 68.72 -33.02 -16.10
CA LEU F 384 68.58 -31.71 -16.80
C LEU F 384 67.11 -31.25 -16.73
N TYR F 385 66.91 -29.97 -16.47
CA TYR F 385 65.59 -29.29 -16.60
C TYR F 385 65.78 -28.18 -17.63
N ASN F 386 64.71 -27.71 -18.26
CA ASN F 386 64.83 -26.51 -19.13
C ASN F 386 63.70 -25.53 -18.85
N HIS F 387 63.99 -24.25 -19.04
CA HIS F 387 63.00 -23.16 -18.94
C HIS F 387 61.75 -23.55 -19.72
N GLU F 388 61.94 -24.08 -20.92
CA GLU F 388 60.85 -24.23 -21.92
C GLU F 388 59.85 -25.29 -21.48
N SER F 389 60.29 -26.38 -20.85
CA SER F 389 59.36 -27.40 -20.32
C SER F 389 58.45 -26.75 -19.27
N MET F 390 59.02 -25.90 -18.41
CA MET F 390 58.24 -25.17 -17.38
C MET F 390 57.25 -24.22 -18.08
N TRP F 391 57.70 -23.50 -19.10
CA TRP F 391 56.83 -22.50 -19.79
C TRP F 391 55.70 -23.24 -20.52
N VAL F 392 56.01 -24.31 -21.22
CA VAL F 392 54.99 -25.08 -21.97
C VAL F 392 54.02 -25.69 -20.96
N GLU F 393 54.51 -26.23 -19.86
CA GLU F 393 53.64 -26.79 -18.79
C GLU F 393 52.66 -25.73 -18.31
N ALA F 394 53.13 -24.50 -18.04
CA ALA F 394 52.28 -23.41 -17.51
C ALA F 394 51.16 -23.11 -18.52
N ALA F 395 51.43 -23.17 -19.84
CA ALA F 395 50.39 -22.95 -20.87
C ALA F 395 49.42 -24.14 -20.91
N GLN F 396 49.90 -25.37 -20.83
CA GLN F 396 49.04 -26.58 -21.02
C GLN F 396 48.19 -26.87 -19.76
N THR F 397 48.69 -26.60 -18.57
CA THR F 397 47.95 -26.88 -17.31
C THR F 397 47.07 -25.70 -16.94
N ARG F 398 47.22 -24.57 -17.65
CA ARG F 398 46.44 -23.32 -17.44
C ARG F 398 46.53 -22.90 -15.96
N GLY F 399 47.70 -23.10 -15.35
CA GLY F 399 47.99 -22.67 -13.96
C GLY F 399 47.33 -23.52 -12.88
N LYS F 400 46.79 -24.70 -13.20
CA LYS F 400 46.17 -25.63 -12.21
C LYS F 400 47.20 -26.09 -11.17
N LEU F 401 46.77 -26.19 -9.91
CA LEU F 401 47.63 -26.46 -8.73
C LEU F 401 47.06 -27.65 -7.96
N ASN F 402 46.75 -28.75 -8.68
CA ASN F 402 46.10 -29.98 -8.13
C ASN F 402 47.18 -31.01 -7.73
N GLY F 403 48.47 -30.60 -7.67
CA GLY F 403 49.64 -31.43 -7.30
C GLY F 403 49.74 -32.74 -8.08
N ASN F 404 49.43 -32.78 -9.39
CA ASN F 404 49.62 -33.99 -10.24
C ASN F 404 50.39 -33.59 -11.52
N GLY F 405 50.51 -34.52 -12.47
CA GLY F 405 51.10 -34.27 -13.80
C GLY F 405 50.37 -33.17 -14.56
N ARG F 406 49.08 -32.94 -14.25
CA ARG F 406 48.24 -31.94 -14.95
C ARG F 406 48.27 -30.59 -14.19
N SER F 407 49.32 -30.36 -13.40
CA SER F 407 49.49 -29.15 -12.55
C SER F 407 50.87 -28.54 -12.76
N ILE F 408 50.98 -27.24 -12.45
CA ILE F 408 52.27 -26.52 -12.39
C ILE F 408 53.17 -27.29 -11.46
N GLY F 409 54.41 -27.58 -11.87
CA GLY F 409 55.43 -28.14 -10.97
C GLY F 409 55.81 -29.56 -11.33
N ALA F 410 55.04 -30.27 -12.14
CA ALA F 410 55.34 -31.67 -12.51
C ALA F 410 56.70 -31.74 -13.24
N VAL F 411 57.03 -30.72 -14.05
CA VAL F 411 58.29 -30.73 -14.86
C VAL F 411 59.49 -30.51 -13.92
N MET F 412 59.30 -30.02 -12.70
CA MET F 412 60.40 -29.94 -11.72
C MET F 412 60.29 -31.10 -10.71
N CYS F 413 59.09 -31.48 -10.30
CA CYS F 413 58.91 -32.61 -9.34
C CYS F 413 59.45 -33.91 -9.95
N SER F 414 59.31 -34.10 -11.26
CA SER F 414 59.77 -35.32 -11.97
C SER F 414 61.29 -35.46 -11.85
N PRO F 415 62.09 -34.49 -12.32
CA PRO F 415 63.55 -34.61 -12.17
C PRO F 415 63.98 -34.67 -10.70
N LEU F 416 63.26 -33.97 -9.80
CA LEU F 416 63.62 -33.99 -8.36
C LEU F 416 63.38 -35.41 -7.81
N SER F 417 62.43 -36.14 -8.39
CA SER F 417 62.08 -37.51 -7.93
C SER F 417 63.19 -38.47 -8.38
N TYR F 418 63.73 -38.32 -9.60
CA TYR F 418 64.92 -39.09 -10.03
C TYR F 418 66.08 -38.76 -9.09
N PHE F 419 66.24 -37.49 -8.80
CA PHE F 419 67.32 -36.99 -7.93
C PHE F 419 67.23 -37.69 -6.56
N GLU F 420 66.03 -37.78 -6.02
CA GLU F 420 65.75 -38.46 -4.73
C GLU F 420 66.07 -39.96 -4.83
N ALA F 421 65.67 -40.61 -5.92
CA ALA F 421 65.94 -42.05 -6.14
C ALA F 421 67.45 -42.28 -6.11
N LEU F 422 68.21 -41.39 -6.76
CA LEU F 422 69.69 -41.49 -6.81
C LEU F 422 70.26 -41.17 -5.43
N SER F 423 69.72 -40.17 -4.73
CA SER F 423 70.17 -39.81 -3.36
C SER F 423 70.03 -41.04 -2.45
N GLU F 424 68.95 -41.80 -2.60
CA GLU F 424 68.64 -43.01 -1.78
C GLU F 424 69.43 -44.23 -2.29
N THR F 425 70.20 -44.07 -3.37
CA THR F 425 71.19 -45.05 -3.86
C THR F 425 72.59 -44.60 -3.46
N GLY F 426 72.72 -43.44 -2.81
CA GLY F 426 74.00 -42.85 -2.41
C GLY F 426 74.81 -42.36 -3.60
N LEU F 427 74.16 -42.06 -4.73
CA LEU F 427 74.82 -41.53 -5.94
C LEU F 427 74.59 -40.02 -6.03
N GLN F 428 75.68 -39.27 -6.18
CA GLN F 428 75.64 -37.85 -6.58
C GLN F 428 74.97 -37.77 -7.96
N ALA F 429 74.28 -36.67 -8.21
CA ALA F 429 73.76 -36.32 -9.54
C ALA F 429 73.77 -34.80 -9.66
N ASN F 430 74.18 -34.30 -10.81
CA ASN F 430 74.04 -32.87 -11.14
C ASN F 430 72.56 -32.58 -11.33
N PHE F 431 72.17 -31.34 -11.09
CA PHE F 431 70.82 -30.81 -11.40
C PHE F 431 71.05 -29.50 -12.13
N LYS F 432 70.83 -29.49 -13.45
CA LYS F 432 71.33 -28.40 -14.33
C LYS F 432 70.23 -27.96 -15.29
N GLU F 433 70.19 -26.67 -15.58
CA GLU F 433 69.42 -26.15 -16.75
C GLU F 433 70.15 -26.67 -17.99
N ILE F 434 69.42 -27.02 -19.04
CA ILE F 434 70.01 -27.69 -20.24
C ILE F 434 71.15 -26.83 -20.81
N LYS F 435 71.04 -25.51 -20.79
CA LYS F 435 72.10 -24.61 -21.35
C LYS F 435 73.35 -24.64 -20.48
N GLU F 436 73.28 -25.19 -19.25
CA GLU F 436 74.43 -25.24 -18.32
C GLU F 436 75.21 -26.53 -18.57
N PHE F 437 74.67 -27.46 -19.39
CA PHE F 437 75.38 -28.70 -19.73
C PHE F 437 76.32 -28.44 -20.92
N ASP F 438 77.56 -28.87 -20.80
CA ASP F 438 78.58 -28.77 -21.87
C ASP F 438 78.33 -29.87 -22.92
N PHE F 439 77.74 -29.51 -24.06
CA PHE F 439 77.44 -30.45 -25.17
C PHE F 439 78.56 -30.44 -26.22
N SER F 440 79.73 -29.87 -25.93
CA SER F 440 80.77 -29.52 -26.92
C SER F 440 81.87 -30.58 -26.97
N LEU F 441 81.87 -31.59 -26.07
CA LEU F 441 82.98 -32.57 -25.94
C LEU F 441 82.91 -33.60 -27.07
N ASN F 442 84.00 -34.33 -27.27
CA ASN F 442 84.13 -35.35 -28.34
C ASN F 442 83.83 -36.73 -27.77
N ASP F 443 83.76 -36.86 -26.45
CA ASP F 443 83.58 -38.17 -25.77
C ASP F 443 82.64 -37.99 -24.58
N TYR F 444 81.60 -38.83 -24.48
CA TYR F 444 80.64 -38.87 -23.34
C TYR F 444 80.48 -40.30 -22.84
N THR F 445 81.47 -41.14 -23.10
CA THR F 445 81.56 -42.51 -22.52
C THR F 445 81.31 -42.39 -21.03
N ASP F 446 80.48 -43.26 -20.48
CA ASP F 446 80.25 -43.31 -19.01
C ASP F 446 79.62 -42.01 -18.47
N GLN F 447 79.10 -41.09 -19.31
CA GLN F 447 78.25 -39.97 -18.84
C GLN F 447 76.78 -40.33 -19.04
N VAL F 448 75.90 -39.84 -18.16
CA VAL F 448 74.44 -40.12 -18.17
C VAL F 448 73.70 -38.79 -18.08
N ILE F 449 72.75 -38.58 -18.99
CA ILE F 449 71.75 -37.49 -18.92
C ILE F 449 70.39 -38.13 -18.63
N ILE F 450 69.70 -37.61 -17.64
CA ILE F 450 68.29 -37.96 -17.32
C ILE F 450 67.41 -36.78 -17.71
N LEU F 451 66.48 -37.01 -18.64
CA LEU F 451 65.44 -36.05 -19.05
C LEU F 451 64.10 -36.62 -18.59
N SER F 452 63.65 -36.20 -17.40
CA SER F 452 62.45 -36.73 -16.74
C SER F 452 61.32 -35.72 -16.90
N HIS F 453 60.37 -36.03 -17.79
CA HIS F 453 59.17 -35.21 -18.05
C HIS F 453 59.59 -33.79 -18.45
N GLN F 454 60.65 -33.67 -19.24
CA GLN F 454 61.06 -32.38 -19.85
C GLN F 454 60.29 -32.28 -21.15
N ILE F 455 59.04 -31.83 -21.04
CA ILE F 455 57.99 -31.96 -22.07
C ILE F 455 58.32 -31.12 -23.30
N ALA F 456 59.22 -30.14 -23.21
CA ALA F 456 59.59 -29.28 -24.37
C ALA F 456 61.07 -29.44 -24.70
N LEU F 457 61.36 -29.90 -25.93
CA LEU F 457 62.72 -30.00 -26.51
C LEU F 457 62.65 -29.50 -27.95
N ASP F 458 63.61 -28.70 -28.38
CA ASP F 458 63.65 -28.17 -29.77
C ASP F 458 64.66 -28.96 -30.60
N ASN F 459 64.71 -28.68 -31.91
CA ASN F 459 65.62 -29.39 -32.85
C ASN F 459 67.07 -29.22 -32.39
N LYS F 460 67.46 -28.03 -31.97
CA LYS F 460 68.87 -27.75 -31.57
C LYS F 460 69.26 -28.68 -30.41
N VAL F 461 68.45 -28.78 -29.37
CA VAL F 461 68.78 -29.60 -28.18
C VAL F 461 68.76 -31.08 -28.59
N ILE F 462 67.83 -31.49 -29.45
CA ILE F 462 67.78 -32.90 -29.94
C ILE F 462 69.09 -33.22 -30.68
N LYS F 463 69.62 -32.32 -31.50
CA LYS F 463 70.93 -32.54 -32.20
C LYS F 463 72.04 -32.67 -31.14
N GLN F 464 72.01 -31.86 -30.10
CA GLN F 464 73.01 -31.93 -29.01
C GLN F 464 72.90 -33.30 -28.32
N LEU F 465 71.68 -33.78 -28.09
CA LEU F 465 71.43 -35.08 -27.40
C LEU F 465 71.90 -36.22 -28.32
N GLU F 466 71.66 -36.12 -29.62
CA GLU F 466 72.11 -37.12 -30.63
C GLU F 466 73.64 -37.20 -30.56
N SER F 467 74.32 -36.06 -30.60
CA SER F 467 75.80 -35.97 -30.47
C SER F 467 76.24 -36.61 -29.18
N PHE F 468 75.59 -36.27 -28.06
CA PHE F 468 75.93 -36.77 -26.71
C PHE F 468 75.88 -38.30 -26.71
N VAL F 469 74.80 -38.86 -27.21
CA VAL F 469 74.58 -40.35 -27.19
C VAL F 469 75.54 -40.99 -28.21
N GLU F 470 75.68 -40.42 -29.39
CA GLU F 470 76.52 -41.00 -30.48
C GLU F 470 77.94 -41.16 -29.94
N LYS F 471 78.38 -40.21 -29.11
CA LYS F 471 79.75 -40.14 -28.56
C LYS F 471 79.85 -40.91 -27.24
N GLY F 472 78.90 -41.80 -26.93
CA GLY F 472 79.00 -42.76 -25.82
C GLY F 472 78.07 -42.44 -24.65
N GLY F 473 77.36 -41.31 -24.70
CA GLY F 473 76.40 -40.91 -23.64
C GLY F 473 75.27 -41.92 -23.48
N THR F 474 74.77 -42.07 -22.25
CA THR F 474 73.52 -42.79 -21.91
C THR F 474 72.44 -41.76 -21.62
N LEU F 475 71.34 -41.82 -22.36
CA LEU F 475 70.17 -40.93 -22.18
C LEU F 475 69.02 -41.74 -21.60
N ILE F 476 68.52 -41.33 -20.44
CA ILE F 476 67.30 -41.89 -19.78
C ILE F 476 66.21 -40.84 -19.87
N ALA F 477 65.09 -41.18 -20.48
CA ALA F 477 63.96 -40.27 -20.70
C ALA F 477 62.68 -40.96 -20.25
N ASP F 478 61.94 -40.34 -19.33
CA ASP F 478 60.61 -40.85 -18.91
C ASP F 478 59.58 -39.73 -19.02
N GLY F 479 58.33 -40.05 -18.76
CA GLY F 479 57.20 -39.11 -18.82
C GLY F 479 57.08 -38.55 -20.23
N LEU F 480 56.58 -37.31 -20.35
CA LEU F 480 56.26 -36.71 -21.67
C LEU F 480 57.49 -35.98 -22.23
N THR F 481 58.70 -36.39 -21.88
CA THR F 481 59.93 -35.77 -22.44
C THR F 481 59.80 -35.70 -23.97
N GLY F 482 59.97 -34.50 -24.54
CA GLY F 482 60.01 -34.25 -25.98
C GLY F 482 58.66 -34.32 -26.67
N TYR F 483 57.56 -34.30 -25.91
CA TYR F 483 56.20 -34.32 -26.48
C TYR F 483 55.97 -33.06 -27.31
N TYR F 484 56.50 -31.92 -26.85
CA TYR F 484 56.38 -30.60 -27.50
C TYR F 484 57.76 -30.05 -27.85
N ASP F 485 57.78 -29.08 -28.76
CA ASP F 485 58.97 -28.25 -29.04
C ASP F 485 58.84 -26.95 -28.23
N TYR F 486 59.71 -25.98 -28.51
CA TYR F 486 59.82 -24.73 -27.74
C TYR F 486 58.67 -23.79 -28.09
N GLN F 487 57.84 -24.15 -29.07
CA GLN F 487 56.65 -23.36 -29.47
C GLN F 487 55.35 -24.09 -29.07
N ALA F 488 55.45 -25.09 -28.19
CA ALA F 488 54.31 -25.91 -27.73
C ALA F 488 53.67 -26.64 -28.91
N HIS F 489 54.41 -26.81 -30.00
CA HIS F 489 54.01 -27.66 -31.15
C HIS F 489 54.45 -29.09 -30.85
N SER F 490 53.53 -30.05 -30.93
CA SER F 490 53.86 -31.48 -30.64
C SER F 490 54.34 -32.17 -31.94
N THR F 491 55.63 -32.48 -32.02
CA THR F 491 56.18 -33.27 -33.15
C THR F 491 55.70 -34.72 -33.00
N VAL F 492 55.22 -35.12 -31.81
CA VAL F 492 54.54 -36.43 -31.65
C VAL F 492 53.36 -36.48 -32.63
N VAL F 493 52.71 -35.35 -32.87
CA VAL F 493 51.55 -35.27 -33.82
C VAL F 493 52.06 -35.09 -35.27
N SER F 494 53.00 -34.17 -35.51
CA SER F 494 53.39 -33.75 -36.89
C SER F 494 54.49 -34.62 -37.49
N GLY F 495 55.26 -35.36 -36.69
CA GLY F 495 56.45 -36.11 -37.14
C GLY F 495 57.55 -36.04 -36.10
N PHE F 496 57.72 -37.10 -35.33
CA PHE F 496 58.41 -37.09 -34.01
C PHE F 496 59.90 -36.78 -34.19
N ALA F 497 60.37 -35.71 -33.57
CA ALA F 497 61.74 -35.18 -33.77
C ALA F 497 62.76 -36.12 -33.12
N LEU F 498 62.35 -36.88 -32.11
CA LEU F 498 63.24 -37.82 -31.38
C LEU F 498 63.15 -39.24 -31.95
N GLU F 499 62.47 -39.46 -33.08
CA GLU F 499 62.33 -40.83 -33.65
C GLU F 499 63.72 -41.41 -33.92
N ASN F 500 64.59 -40.63 -34.55
CA ASN F 500 65.97 -41.05 -34.92
C ASN F 500 66.71 -41.49 -33.63
N LEU F 501 66.75 -40.64 -32.61
CA LEU F 501 67.52 -40.92 -31.38
C LEU F 501 66.90 -42.10 -30.62
N PHE F 502 65.57 -42.17 -30.57
CA PHE F 502 64.86 -43.17 -29.73
C PHE F 502 64.70 -44.48 -30.49
N GLY F 503 64.88 -44.48 -31.82
CA GLY F 503 64.71 -45.69 -32.65
C GLY F 503 63.33 -46.29 -32.48
N SER F 504 62.33 -45.41 -32.34
CA SER F 504 60.95 -45.78 -31.94
C SER F 504 60.06 -44.56 -32.09
N TYR F 505 58.77 -44.78 -31.97
CA TYR F 505 57.70 -43.79 -32.23
C TYR F 505 56.64 -43.99 -31.16
N PRO F 506 56.11 -42.92 -30.55
CA PRO F 506 54.97 -43.05 -29.65
C PRO F 506 53.75 -43.57 -30.44
N ILE F 507 52.91 -44.35 -29.76
CA ILE F 507 51.62 -44.85 -30.30
C ILE F 507 50.50 -44.10 -29.58
N GLU F 508 50.38 -44.25 -28.27
CA GLU F 508 49.30 -43.61 -27.48
C GLU F 508 49.79 -43.22 -26.10
N TYR F 509 49.13 -42.21 -25.55
CA TYR F 509 48.99 -41.98 -24.10
C TYR F 509 47.56 -42.27 -23.71
N LYS F 510 47.40 -43.00 -22.61
CA LYS F 510 46.07 -43.26 -22.01
C LYS F 510 46.17 -42.85 -20.55
N ILE F 511 45.29 -41.97 -20.14
CA ILE F 511 45.21 -41.56 -18.73
C ILE F 511 44.73 -42.77 -17.92
N LYS F 512 45.34 -42.96 -16.76
CA LYS F 512 45.00 -44.00 -15.75
C LYS F 512 44.75 -43.29 -14.43
N GLU F 513 44.92 -43.98 -13.30
CA GLU F 513 44.78 -43.35 -11.97
C GLU F 513 46.05 -42.56 -11.65
N ASN F 514 46.01 -41.77 -10.57
CA ASN F 514 47.17 -41.02 -10.07
C ASN F 514 48.34 -42.00 -9.86
N LEU F 515 48.07 -43.24 -9.45
CA LEU F 515 49.10 -44.29 -9.23
C LEU F 515 48.65 -45.57 -9.92
N PHE F 516 49.44 -46.08 -10.85
CA PHE F 516 49.29 -47.42 -11.44
C PHE F 516 50.67 -48.06 -11.51
N SER F 517 50.69 -49.33 -11.88
CA SER F 517 51.91 -50.18 -11.95
C SER F 517 52.21 -50.49 -13.41
N LEU F 518 53.44 -50.25 -13.86
CA LEU F 518 53.95 -50.79 -15.16
C LEU F 518 54.65 -52.10 -14.82
N ASP F 519 54.08 -53.23 -15.16
CA ASP F 519 54.63 -54.58 -14.80
C ASP F 519 55.34 -55.16 -16.03
N PHE F 520 56.67 -55.14 -16.02
CA PHE F 520 57.49 -55.61 -17.17
C PHE F 520 57.26 -57.11 -17.38
N GLU F 521 57.23 -57.54 -18.65
CA GLU F 521 57.13 -58.98 -19.04
C GLU F 521 58.33 -59.74 -18.45
N LYS F 522 59.55 -59.22 -18.60
CA LYS F 522 60.79 -60.01 -18.48
C LYS F 522 61.40 -59.80 -17.09
N ASP F 523 61.97 -58.61 -16.82
CA ASP F 523 62.95 -58.40 -15.70
C ASP F 523 62.21 -58.37 -14.36
N ASN F 524 60.88 -58.47 -14.36
CA ASN F 524 59.98 -58.44 -13.18
C ASN F 524 60.19 -57.15 -12.36
N TYR F 525 60.58 -56.04 -13.02
CA TYR F 525 60.31 -54.66 -12.55
C TYR F 525 58.78 -54.47 -12.53
N LYS F 526 58.31 -53.86 -11.44
CA LYS F 526 56.93 -53.38 -11.24
C LYS F 526 57.06 -51.92 -10.82
N LEU F 527 57.06 -51.04 -11.81
CA LEU F 527 57.38 -49.60 -11.65
C LEU F 527 56.11 -48.85 -11.33
N PRO F 528 56.06 -48.15 -10.18
CA PRO F 528 55.00 -47.17 -9.96
C PRO F 528 55.06 -46.13 -11.09
N ALA F 529 53.88 -45.75 -11.58
CA ALA F 529 53.73 -44.78 -12.69
C ALA F 529 52.58 -43.85 -12.35
N HIS F 530 52.67 -42.59 -12.79
CA HIS F 530 51.69 -41.54 -12.46
C HIS F 530 50.92 -41.16 -13.71
N LEU F 531 49.59 -41.33 -13.66
CA LEU F 531 48.59 -40.58 -14.45
C LEU F 531 48.48 -41.11 -15.88
N TRP F 532 49.56 -41.21 -16.65
CA TRP F 532 49.47 -41.55 -18.08
C TRP F 532 50.32 -42.79 -18.39
N LYS F 533 49.76 -43.72 -19.15
CA LYS F 533 50.53 -44.85 -19.71
C LYS F 533 50.89 -44.53 -21.16
N GLY F 534 52.19 -44.46 -21.45
CA GLY F 534 52.75 -44.37 -22.81
C GLY F 534 52.97 -45.74 -23.43
N THR F 535 52.50 -45.93 -24.66
CA THR F 535 52.84 -47.09 -25.50
C THR F 535 53.57 -46.57 -26.73
N ILE F 536 54.49 -47.39 -27.24
CA ILE F 536 55.40 -47.00 -28.36
C ILE F 536 55.46 -48.15 -29.35
N GLU F 537 56.05 -47.87 -30.50
CA GLU F 537 56.40 -48.89 -31.53
C GLU F 537 57.88 -48.70 -31.83
N THR F 538 58.65 -49.77 -31.75
CA THR F 538 60.12 -49.76 -32.00
C THR F 538 60.38 -50.00 -33.48
N SER F 539 61.41 -49.36 -34.03
CA SER F 539 62.02 -49.71 -35.34
C SER F 539 63.41 -50.25 -35.03
N LYS F 540 64.38 -49.38 -34.76
CA LYS F 540 65.78 -49.79 -34.46
C LYS F 540 65.92 -50.20 -32.99
N ALA F 541 65.12 -49.66 -32.07
CA ALA F 541 65.26 -49.93 -30.62
C ALA F 541 64.78 -51.34 -30.31
N THR F 542 65.24 -51.89 -29.20
CA THR F 542 64.76 -53.17 -28.62
C THR F 542 63.53 -52.88 -27.78
N PRO F 543 62.36 -53.47 -28.10
CA PRO F 543 61.15 -53.21 -27.32
C PRO F 543 61.15 -53.89 -25.95
N ILE F 544 60.53 -53.23 -24.96
CA ILE F 544 60.28 -53.79 -23.61
C ILE F 544 58.76 -53.81 -23.44
N MET F 545 58.22 -55.01 -23.20
CA MET F 545 56.77 -55.27 -23.18
C MET F 545 56.35 -55.38 -21.72
N ASP F 546 55.09 -55.06 -21.43
CA ASP F 546 54.51 -55.24 -20.07
C ASP F 546 53.64 -56.50 -20.10
N LYS F 547 53.03 -56.85 -18.98
CA LYS F 547 52.28 -58.15 -18.85
C LYS F 547 50.97 -58.06 -19.62
N GLU F 548 50.56 -56.88 -20.10
CA GLU F 548 49.36 -56.75 -20.95
C GLU F 548 49.75 -56.88 -22.42
N GLY F 549 51.01 -57.15 -22.71
CA GLY F 549 51.52 -57.32 -24.09
C GLY F 549 51.64 -55.98 -24.82
N GLU F 550 51.76 -54.86 -24.11
CA GLU F 550 51.96 -53.52 -24.73
C GLU F 550 53.44 -53.14 -24.63
N CYS F 551 53.93 -52.41 -25.61
CA CYS F 551 55.33 -51.92 -25.62
C CYS F 551 55.38 -50.58 -24.87
N ILE F 552 56.02 -50.58 -23.70
CA ILE F 552 55.99 -49.46 -22.72
C ILE F 552 57.37 -48.81 -22.60
N ALA F 553 58.40 -49.37 -23.24
CA ALA F 553 59.76 -48.83 -23.15
C ALA F 553 60.64 -49.44 -24.23
N CYS F 554 61.86 -48.91 -24.37
CA CYS F 554 62.84 -49.45 -25.32
C CYS F 554 64.25 -49.00 -24.94
N ILE F 555 65.23 -49.75 -25.43
CA ILE F 555 66.68 -49.39 -25.39
C ILE F 555 67.14 -49.29 -26.84
N ASN F 556 67.60 -48.11 -27.23
CA ASN F 556 68.15 -47.87 -28.58
C ASN F 556 69.66 -47.75 -28.44
N GLN F 557 70.40 -48.54 -29.22
CA GLN F 557 71.87 -48.40 -29.35
C GLN F 557 72.08 -47.36 -30.45
N TYR F 558 72.70 -46.23 -30.12
CA TYR F 558 72.86 -45.10 -31.05
C TYR F 558 74.32 -44.66 -31.03
N GLY F 559 75.05 -44.95 -32.11
CA GLY F 559 76.53 -44.83 -32.11
C GLY F 559 77.11 -45.59 -30.93
N LYS F 560 77.95 -44.97 -30.13
CA LYS F 560 78.63 -45.65 -28.98
C LYS F 560 77.73 -45.60 -27.75
N GLY F 561 76.62 -44.85 -27.77
CA GLY F 561 75.79 -44.61 -26.56
C GLY F 561 74.51 -45.41 -26.58
N LYS F 562 73.68 -45.21 -25.57
CA LYS F 562 72.36 -45.86 -25.53
C LYS F 562 71.30 -44.91 -24.97
N VAL F 563 70.06 -45.17 -25.38
CA VAL F 563 68.85 -44.46 -24.91
C VAL F 563 67.94 -45.48 -24.25
N PHE F 564 67.50 -45.19 -23.03
CA PHE F 564 66.37 -45.88 -22.37
C PHE F 564 65.20 -44.90 -22.35
N TRP F 565 64.11 -45.25 -23.01
CA TRP F 565 62.89 -44.42 -23.13
C TRP F 565 61.71 -45.18 -22.55
N ILE F 566 61.04 -44.57 -21.59
CA ILE F 566 59.78 -45.09 -21.01
C ILE F 566 58.82 -43.92 -20.89
N PRO F 567 57.93 -43.70 -21.89
CA PRO F 567 57.11 -42.50 -21.93
C PRO F 567 56.02 -42.37 -20.86
N SER F 568 55.91 -43.32 -19.92
CA SER F 568 55.07 -43.16 -18.70
C SER F 568 55.85 -42.39 -17.64
N PRO F 569 55.22 -41.55 -16.80
CA PRO F 569 55.95 -40.88 -15.72
C PRO F 569 56.26 -41.83 -14.54
N ILE F 570 57.45 -42.42 -14.57
CA ILE F 570 57.87 -43.37 -13.50
C ILE F 570 58.57 -42.62 -12.36
N ALA F 571 59.22 -41.49 -12.63
CA ALA F 571 59.73 -40.61 -11.56
C ALA F 571 58.55 -40.05 -10.76
N LEU F 572 57.51 -39.56 -11.44
CA LEU F 572 56.31 -39.04 -10.72
C LEU F 572 55.58 -40.21 -10.06
N GLY F 573 55.65 -41.41 -10.65
CA GLY F 573 55.11 -42.65 -10.05
C GLY F 573 55.77 -42.93 -8.72
N ALA F 574 57.11 -42.86 -8.68
CA ALA F 574 57.89 -42.99 -7.43
C ALA F 574 57.40 -41.96 -6.43
N ARG F 575 57.25 -40.71 -6.84
CA ARG F 575 56.80 -39.60 -5.97
C ARG F 575 55.42 -39.93 -5.39
N GLU F 576 54.46 -40.27 -6.24
CA GLU F 576 53.05 -40.53 -5.83
C GLU F 576 53.01 -41.74 -4.88
N SER F 577 53.76 -42.79 -5.16
CA SER F 577 53.76 -44.04 -4.33
C SER F 577 54.60 -43.83 -3.08
N LYS F 578 55.37 -42.73 -2.98
CA LYS F 578 56.31 -42.47 -1.86
C LYS F 578 57.32 -43.63 -1.76
N ASP F 579 57.73 -44.17 -2.90
CA ASP F 579 58.63 -45.35 -2.97
C ASP F 579 59.53 -45.18 -4.18
N PHE F 580 60.82 -44.92 -3.93
CA PHE F 580 61.83 -44.68 -4.98
C PHE F 580 62.63 -45.96 -5.26
N SER F 581 62.30 -47.08 -4.61
CA SER F 581 63.14 -48.30 -4.63
C SER F 581 63.23 -48.84 -6.06
N GLU F 582 62.11 -48.99 -6.76
CA GLU F 582 62.11 -49.59 -8.11
C GLU F 582 62.80 -48.61 -9.08
N LEU F 583 62.56 -47.31 -8.97
CA LEU F 583 63.25 -46.32 -9.84
C LEU F 583 64.76 -46.42 -9.61
N SER F 584 65.21 -46.53 -8.34
CA SER F 584 66.63 -46.76 -7.99
C SER F 584 67.18 -47.99 -8.73
N LYS F 585 66.54 -49.15 -8.53
CA LYS F 585 67.01 -50.44 -9.09
C LYS F 585 67.09 -50.32 -10.62
N LEU F 586 66.03 -49.85 -11.25
CA LEU F 586 65.98 -49.70 -12.74
C LEU F 586 67.13 -48.79 -13.20
N THR F 587 67.31 -47.64 -12.57
CA THR F 587 68.32 -46.64 -12.99
C THR F 587 69.71 -47.27 -12.84
N VAL F 588 69.99 -47.93 -11.72
CA VAL F 588 71.30 -48.59 -11.46
C VAL F 588 71.59 -49.57 -12.61
N SER F 589 70.59 -50.34 -13.05
CA SER F 589 70.76 -51.38 -14.10
C SER F 589 71.13 -50.72 -15.43
N LEU F 590 70.85 -49.43 -15.61
CA LEU F 590 71.12 -48.69 -16.88
C LEU F 590 72.43 -47.91 -16.82
N LEU F 591 73.03 -47.75 -15.65
CA LEU F 591 74.25 -46.91 -15.50
C LEU F 591 75.44 -47.64 -16.12
N PRO F 592 76.33 -46.93 -16.84
CA PRO F 592 77.63 -47.51 -17.23
C PRO F 592 78.35 -48.09 -16.01
N ASN F 593 78.94 -49.29 -16.14
CA ASN F 593 79.64 -49.99 -15.03
C ASN F 593 80.67 -49.07 -14.38
N LYS F 594 81.37 -48.25 -15.16
CA LYS F 594 82.45 -47.35 -14.64
C LYS F 594 81.88 -46.45 -13.53
N ILE F 595 80.63 -46.00 -13.64
CA ILE F 595 80.05 -45.10 -12.60
C ILE F 595 79.93 -45.90 -11.30
N LEU F 596 79.40 -47.11 -11.36
CA LEU F 596 79.21 -47.94 -10.15
C LEU F 596 80.56 -48.40 -9.60
N ASN F 597 81.56 -48.60 -10.45
CA ASN F 597 82.89 -49.11 -10.02
C ASN F 597 83.67 -47.99 -9.34
N ASP F 598 83.62 -46.75 -9.85
CA ASP F 598 84.52 -45.63 -9.43
C ASP F 598 83.88 -44.74 -8.36
N ASN F 599 82.56 -44.79 -8.15
CA ASN F 599 81.85 -43.85 -7.24
C ASN F 599 81.37 -44.61 -6.02
N PRO F 600 81.68 -44.16 -4.79
CA PRO F 600 81.02 -44.72 -3.62
C PRO F 600 79.50 -44.52 -3.78
N HIS F 601 78.74 -45.55 -3.43
CA HIS F 601 77.26 -45.60 -3.48
C HIS F 601 76.81 -46.70 -2.53
N PHE F 602 75.51 -46.85 -2.33
CA PHE F 602 74.96 -47.92 -1.46
C PHE F 602 74.87 -49.21 -2.27
N ASP F 603 75.05 -50.35 -1.61
CA ASP F 603 75.01 -51.69 -2.25
C ASP F 603 73.59 -51.97 -2.71
N LYS F 604 72.63 -51.24 -2.16
CA LYS F 604 71.19 -51.32 -2.54
C LYS F 604 70.50 -50.00 -2.17
N HIS F 605 69.24 -49.87 -2.53
CA HIS F 605 68.39 -48.72 -2.20
C HIS F 605 68.16 -48.66 -0.69
N TYR F 606 68.32 -47.48 -0.09
CA TYR F 606 67.96 -47.22 1.33
C TYR F 606 66.94 -46.07 1.39
N LYS F 607 65.71 -46.40 1.77
CA LYS F 607 64.65 -45.40 2.02
C LYS F 607 65.13 -44.39 3.07
N ASP F 608 65.05 -43.09 2.75
CA ASP F 608 65.28 -41.98 3.70
C ASP F 608 66.73 -41.96 4.20
N VAL F 609 67.66 -42.41 3.36
CA VAL F 609 69.11 -42.21 3.63
C VAL F 609 69.68 -41.53 2.40
N MET F 610 70.61 -40.62 2.60
CA MET F 610 71.29 -40.01 1.44
C MET F 610 72.79 -40.11 1.62
N MET F 611 73.49 -40.22 0.50
CA MET F 611 74.94 -40.04 0.47
C MET F 611 75.29 -39.28 -0.81
N LYS F 612 76.25 -38.39 -0.67
CA LYS F 612 76.91 -37.68 -1.78
C LYS F 612 78.41 -37.68 -1.46
N SER F 613 79.25 -37.81 -2.47
CA SER F 613 80.71 -37.87 -2.27
C SER F 613 81.37 -36.60 -2.82
N PHE F 614 82.51 -36.24 -2.25
CA PHE F 614 83.31 -35.09 -2.70
C PHE F 614 84.80 -35.40 -2.54
N LYS F 615 85.63 -34.53 -3.09
CA LYS F 615 87.11 -34.67 -3.08
C LYS F 615 87.68 -33.34 -2.59
N SER F 616 88.84 -33.39 -1.95
CA SER F 616 89.62 -32.20 -1.57
C SER F 616 91.10 -32.57 -1.60
N ASN F 617 91.87 -31.91 -2.47
CA ASN F 617 93.33 -32.11 -2.60
C ASN F 617 93.63 -33.60 -2.76
N GLY F 618 92.87 -34.29 -3.62
CA GLY F 618 93.14 -35.68 -4.03
C GLY F 618 92.63 -36.71 -3.04
N THR F 619 92.05 -36.31 -1.92
CA THR F 619 91.38 -37.23 -0.97
C THR F 619 89.87 -37.24 -1.26
N MET F 620 89.25 -38.42 -1.23
CA MET F 620 87.79 -38.59 -1.44
C MET F 620 87.11 -38.66 -0.07
N TYR F 621 85.92 -38.08 0.01
CA TYR F 621 85.05 -38.09 1.22
C TYR F 621 83.63 -38.44 0.80
N SER F 622 82.83 -38.90 1.75
CA SER F 622 81.38 -39.14 1.55
C SER F 622 80.62 -38.50 2.70
N LEU F 623 79.48 -37.89 2.36
CA LEU F 623 78.50 -37.32 3.31
C LEU F 623 77.34 -38.31 3.38
N ILE F 624 76.98 -38.75 4.56
CA ILE F 624 75.85 -39.69 4.75
C ILE F 624 74.92 -39.08 5.78
N ILE F 625 73.63 -39.07 5.46
CA ILE F 625 72.60 -38.57 6.41
C ILE F 625 71.49 -39.60 6.46
N ASN F 626 71.07 -39.92 7.68
CA ASN F 626 69.99 -40.90 7.95
C ASN F 626 68.75 -40.09 8.34
N LYS F 627 67.70 -40.15 7.52
CA LYS F 627 66.43 -39.43 7.79
C LYS F 627 65.33 -40.43 8.13
N SER F 628 65.68 -41.72 8.26
CA SER F 628 64.74 -42.78 8.67
C SER F 628 64.50 -42.67 10.18
N ALA F 629 63.49 -43.38 10.67
CA ALA F 629 63.15 -43.47 12.11
C ALA F 629 64.10 -44.45 12.82
N SER F 630 64.97 -45.17 12.11
CA SER F 630 65.76 -46.27 12.72
C SER F 630 67.25 -46.13 12.41
N VAL F 631 68.09 -46.66 13.29
CA VAL F 631 69.54 -46.85 13.04
C VAL F 631 69.63 -47.66 11.75
N GLN F 632 70.53 -47.28 10.85
CA GLN F 632 70.69 -47.96 9.55
C GLN F 632 72.13 -48.43 9.49
N THR F 633 72.35 -49.60 8.92
CA THR F 633 73.71 -50.07 8.54
C THR F 633 73.78 -49.99 7.03
N VAL F 634 74.60 -49.08 6.55
CA VAL F 634 74.69 -48.73 5.10
C VAL F 634 75.96 -49.35 4.55
N ASP F 635 75.82 -50.27 3.59
CA ASP F 635 76.97 -50.93 2.93
C ASP F 635 77.39 -50.05 1.77
N ILE F 636 78.57 -49.43 1.88
CA ILE F 636 79.11 -48.53 0.84
C ILE F 636 80.05 -49.35 -0.04
N VAL F 637 79.85 -49.30 -1.36
CA VAL F 637 80.65 -50.02 -2.39
C VAL F 637 80.99 -49.01 -3.49
N GLY F 638 82.01 -49.31 -4.28
CA GLY F 638 82.51 -48.45 -5.36
C GLY F 638 83.59 -47.51 -4.86
N GLY F 639 84.44 -47.06 -5.78
CA GLY F 639 85.66 -46.30 -5.48
C GLY F 639 86.63 -47.17 -4.72
N LYS F 640 87.57 -46.54 -4.02
CA LYS F 640 88.67 -47.24 -3.31
C LYS F 640 88.83 -46.60 -1.93
N GLY F 641 89.26 -47.40 -0.95
CA GLY F 641 89.72 -46.91 0.34
C GLY F 641 88.90 -47.47 1.47
N LYS F 642 89.34 -47.27 2.71
CA LYS F 642 88.68 -47.71 3.94
C LYS F 642 88.10 -46.48 4.63
N ALA F 643 86.90 -46.65 5.19
CA ALA F 643 86.13 -45.59 5.87
C ALA F 643 86.85 -45.18 7.15
N PHE F 644 87.19 -43.91 7.25
CA PHE F 644 87.53 -43.25 8.53
C PHE F 644 86.46 -42.18 8.80
N ILE F 645 85.78 -42.25 9.94
CA ILE F 645 84.76 -41.24 10.33
C ILE F 645 85.47 -39.97 10.79
N LEU F 646 85.38 -38.92 10.00
CA LEU F 646 85.99 -37.59 10.26
C LEU F 646 85.00 -36.71 11.03
N PHE F 647 83.70 -36.88 10.77
CA PHE F 647 82.62 -36.12 11.42
C PHE F 647 81.43 -37.04 11.64
N ALA F 648 80.84 -36.98 12.84
CA ALA F 648 79.64 -37.74 13.23
C ALA F 648 79.10 -37.08 14.50
N ASN F 649 77.83 -36.68 14.49
CA ASN F 649 77.26 -35.93 15.64
C ASN F 649 76.49 -36.87 16.56
N LYS F 650 76.41 -38.18 16.28
CA LYS F 650 75.71 -39.15 17.17
C LYS F 650 76.49 -40.46 17.29
N ASN F 651 77.81 -40.39 17.28
CA ASN F 651 78.71 -41.55 17.55
C ASN F 651 78.51 -42.68 16.52
N ALA F 652 78.33 -42.33 15.25
CA ALA F 652 78.39 -43.33 14.15
C ALA F 652 79.66 -44.16 14.29
N HIS F 653 79.64 -45.39 13.79
CA HIS F 653 80.84 -46.27 13.69
C HIS F 653 80.76 -47.02 12.37
N SER F 654 81.92 -47.34 11.79
CA SER F 654 82.05 -48.15 10.56
C SER F 654 82.78 -49.45 10.89
N THR F 655 82.37 -50.56 10.28
CA THR F 655 83.11 -51.85 10.25
C THR F 655 83.36 -52.15 8.78
N ALA F 656 84.62 -52.15 8.37
CA ALA F 656 85.02 -52.11 6.97
C ALA F 656 84.31 -50.88 6.37
N ASN F 657 83.46 -51.07 5.35
CA ASN F 657 82.76 -49.96 4.66
C ASN F 657 81.25 -50.07 4.88
N LYS F 658 80.87 -50.63 6.03
CA LYS F 658 79.49 -50.75 6.54
C LYS F 658 79.33 -49.69 7.64
N LEU F 659 78.61 -48.59 7.34
CA LEU F 659 78.44 -47.44 8.28
C LEU F 659 77.14 -47.64 9.06
N THR F 660 77.24 -47.67 10.39
CA THR F 660 76.07 -47.64 11.30
C THR F 660 75.81 -46.18 11.68
N ILE F 661 74.66 -45.65 11.27
CA ILE F 661 74.32 -44.20 11.37
C ILE F 661 72.96 -44.07 12.02
N SER F 662 72.85 -43.20 13.02
CA SER F 662 71.61 -43.01 13.82
C SER F 662 70.64 -42.08 13.12
N PRO F 663 69.35 -42.12 13.50
CA PRO F 663 68.36 -41.17 12.95
C PRO F 663 68.82 -39.73 13.13
N GLU F 664 68.81 -38.96 12.04
CA GLU F 664 69.08 -37.49 11.99
C GLU F 664 70.58 -37.21 12.09
N GLU F 665 71.40 -38.26 12.14
CA GLU F 665 72.88 -38.11 12.19
C GLU F 665 73.40 -37.69 10.82
N THR F 666 74.40 -36.83 10.84
CA THR F 666 75.23 -36.46 9.68
C THR F 666 76.63 -37.05 9.88
N VAL F 667 77.14 -37.73 8.86
CA VAL F 667 78.48 -38.37 8.91
C VAL F 667 79.30 -37.90 7.71
N ILE F 668 80.56 -37.53 7.98
CA ILE F 668 81.58 -37.42 6.91
C ILE F 668 82.58 -38.57 7.09
N ILE F 669 82.71 -39.38 6.03
CA ILE F 669 83.76 -40.42 5.90
C ILE F 669 84.88 -39.85 5.03
N LYS F 670 86.11 -39.97 5.52
CA LYS F 670 87.37 -39.81 4.75
C LYS F 670 87.81 -41.20 4.29
N TRP F 671 88.03 -41.38 2.98
CA TRP F 671 88.45 -42.67 2.40
C TRP F 671 89.99 -42.73 2.41
N LYS F 672 90.60 -43.73 3.04
CA LYS F 672 92.09 -43.82 3.16
C LYS F 672 92.67 -44.78 2.11
C1 EDO G . -46.91 31.65 22.92
O1 EDO G . -46.71 31.42 24.31
C2 EDO G . -45.94 32.54 22.23
O2 EDO G . -44.59 32.21 22.46
H11 EDO G . -47.80 32.05 22.80
H12 EDO G . -46.88 30.79 22.45
HO1 EDO G . -47.31 30.89 24.60
H21 EDO G . -46.08 33.46 22.53
H22 EDO G . -46.11 32.48 21.26
HO2 EDO G . -44.56 31.54 22.98
C1 EDO H . -31.21 18.84 24.44
O1 EDO H . -31.01 17.58 23.88
C2 EDO H . -32.38 19.51 23.90
O2 EDO H . -32.31 19.77 22.54
H11 EDO H . -30.42 19.41 24.24
H12 EDO H . -31.32 18.74 25.41
HO1 EDO H . -30.32 17.23 24.21
H21 EDO H . -32.50 20.36 24.37
H22 EDO H . -33.16 18.93 24.06
HO2 EDO H . -31.57 19.50 22.25
C1 EDO I . -51.21 30.79 24.93
O1 EDO I . -51.37 32.13 24.52
C2 EDO I . -51.79 29.82 23.94
O2 EDO I . -51.33 30.05 22.60
H11 EDO I . -51.68 30.66 25.78
H12 EDO I . -50.26 30.60 25.03
HO1 EDO I . -51.03 32.64 25.11
H21 EDO I . -52.76 29.90 23.95
H22 EDO I . -51.52 28.92 24.20
HO2 EDO I . -50.80 30.71 22.59
O1 SRT J . -47.99 23.36 57.22
O11 SRT J . -47.61 21.20 56.93
C1 SRT J . -48.36 22.17 57.09
C2 SRT J . -49.87 21.87 57.03
O2 SRT J . -50.22 20.86 57.94
C3 SRT J . -50.67 23.15 57.24
O3 SRT J . -50.53 23.92 56.07
C4 SRT J . -52.16 22.88 57.51
O4 SRT J . -52.46 21.91 58.23
O41 SRT J . -52.98 23.67 56.99
H2 SRT J . -50.10 21.50 56.13
HA SRT J . -49.52 20.61 58.36
H3 SRT J . -50.32 23.62 58.04
HB SRT J . -50.03 23.51 55.53
CL CL K . -53.31 37.53 29.61
C1 EDO L . 23.11 -12.25 10.49
O1 EDO L . 22.70 -11.97 11.82
C2 EDO L . 24.31 -11.50 10.04
O2 EDO L . 25.39 -11.50 10.96
H11 EDO L . 22.38 -12.01 9.88
H12 EDO L . 23.31 -13.20 10.41
HO1 EDO L . 22.02 -12.42 12.01
H21 EDO L . 24.07 -10.56 9.89
H22 EDO L . 24.65 -11.90 9.22
HO2 EDO L . 25.17 -11.95 11.65
C1 EDO M . 18.61 -12.85 10.24
O1 EDO M . 18.56 -11.58 9.59
C2 EDO M . 18.38 -14.02 9.36
O2 EDO M . 19.40 -14.16 8.37
H11 EDO M . 17.92 -12.88 10.94
H12 EDO M . 19.50 -12.97 10.64
HO1 EDO M . 18.70 -10.97 10.17
H21 EDO M . 17.53 -13.91 8.90
H22 EDO M . 18.36 -14.84 9.91
HO2 EDO M . 19.97 -13.55 8.47
C1 EDO N . 35.39 -23.21 21.94
O1 EDO N . 36.48 -24.12 21.97
C2 EDO N . 35.60 -22.14 20.92
O2 EDO N . 35.80 -22.67 19.62
H11 EDO N . 35.31 -22.78 22.82
H12 EDO N . 34.57 -23.70 21.72
HO1 EDO N . 36.34 -24.71 22.56
H21 EDO N . 36.39 -21.62 21.16
H22 EDO N . 34.80 -21.58 20.89
HO2 EDO N . 35.77 -23.52 19.65
O1 TLA O . 6.04 -14.85 41.35
O11 TLA O . 5.97 -12.66 41.09
C1 TLA O . 5.44 -13.79 41.14
C2 TLA O . 3.91 -13.86 40.98
O2 TLA O . 3.47 -15.21 40.98
C3 TLA O . 3.45 -13.14 39.70
O3 TLA O . 4.17 -13.59 38.58
C4 TLA O . 1.92 -13.32 39.54
O4 TLA O . 1.20 -12.90 40.46
O41 TLA O . 1.49 -13.88 38.51
H2 TLA O . 3.50 -13.42 41.76
HA TLA O . 3.02 -15.36 40.27
H3 TLA O . 3.66 -12.18 39.79
HB TLA O . 3.62 -13.89 38.01
CL CL P . 14.79 -5.39 11.81
C1 EDO Q . -55.78 25.43 -14.17
O1 EDO Q . -56.53 24.83 -13.13
C2 EDO Q . -55.46 24.48 -15.31
O2 EDO Q . -56.54 23.64 -15.77
H11 EDO Q . -54.94 25.77 -13.80
H12 EDO Q . -56.30 26.17 -14.54
HO1 EDO Q . -56.68 25.40 -12.52
H21 EDO Q . -54.75 23.87 -15.01
H22 EDO Q . -55.16 24.99 -16.08
HO2 EDO Q . -57.23 23.81 -15.32
C1 EDO R . -59.29 10.59 -1.20
O1 EDO R . -58.93 9.87 -0.06
C2 EDO R . -59.14 12.05 -1.03
O2 EDO R . -57.80 12.45 -0.99
H11 EDO R . -60.23 10.39 -1.41
H12 EDO R . -58.71 10.29 -1.94
HO1 EDO R . -59.03 9.04 -0.20
H21 EDO R . -59.56 12.32 -0.18
H22 EDO R . -59.57 12.50 -1.79
HO2 EDO R . -57.30 11.77 -1.08
C1 EDO S . -78.09 14.94 -7.76
O1 EDO S . -78.67 15.87 -6.88
C2 EDO S . -76.92 15.54 -8.43
O2 EDO S . -76.08 16.11 -7.50
H11 EDO S . -78.76 14.69 -8.44
H12 EDO S . -77.81 14.15 -7.25
HO1 EDO S . -79.34 15.53 -6.50
H21 EDO S . -77.23 16.22 -9.06
H22 EDO S . -76.43 14.84 -8.91
HO2 EDO S . -76.40 16.02 -6.72
C1 EDO T . -70.88 43.10 -6.98
O1 EDO T . -70.18 42.20 -6.19
C2 EDO T . -69.93 43.70 -7.93
O2 EDO T . -68.57 43.59 -7.50
H11 EDO T . -71.27 43.79 -6.41
H12 EDO T . -71.58 42.62 -7.46
HO1 EDO T . -70.71 41.84 -5.63
H21 EDO T . -70.13 44.65 -8.04
H22 EDO T . -70.00 43.25 -8.80
HO2 EDO T . -68.55 43.19 -6.75
C2 PG4 U . -51.85 17.75 -1.33
O2 PG4 U . -51.93 16.94 -0.15
C3 PG4 U . -52.28 17.66 1.03
C4 PG4 U . -53.59 17.12 1.60
O3 PG4 U . -54.08 17.91 2.70
C5 PG4 U . -55.33 17.45 3.21
C6 PG4 U . -55.21 16.83 4.59
O4 PG4 U . -55.78 15.50 4.63
C7 PG4 U . -54.98 14.58 5.37
C8 PG4 U . -55.67 13.27 5.63
O5 PG4 U . -54.77 12.15 5.64
H21 PG4 U . -51.17 18.46 -1.21
H22 PG4 U . -52.71 18.19 -1.50
H31 PG4 U . -52.40 18.61 0.82
H32 PG4 U . -51.58 17.56 1.70
H41 PG4 U . -53.46 16.21 1.93
H42 PG4 U . -54.29 17.13 0.91
H51 PG4 U . -55.70 16.77 2.61
H52 PG4 U . -55.95 18.21 3.28
H61 PG4 U . -55.69 17.39 5.24
H62 PG4 U . -54.26 16.77 4.84
H71 PG4 U . -54.75 14.97 6.25
H72 PG4 U . -54.16 14.38 4.88
H81 PG4 U . -56.34 13.12 4.93
H82 PG4 U . -56.12 13.31 6.51
HO5 PG4 U . -53.98 12.42 5.50
C1 EDO V . -53.41 22.66 -19.84
O1 EDO V . -52.54 23.30 -18.90
C2 EDO V . -54.77 23.27 -19.95
O2 EDO V . -54.74 24.69 -20.12
H11 EDO V . -53.53 21.72 -19.58
H12 EDO V . -53.00 22.70 -20.74
HO1 EDO V . -51.79 22.90 -18.88
H21 EDO V . -55.28 23.06 -19.14
H22 EDO V . -55.23 22.88 -20.74
HO2 EDO V . -53.93 24.96 -20.12
O1 SRT W . -79.92 4.21 -31.21
O11 SRT W . -79.03 2.42 -30.21
C1 SRT W . -79.21 3.16 -31.19
C2 SRT W . -78.35 2.82 -32.42
O2 SRT W . -78.83 1.72 -33.14
C3 SRT W . -78.17 4.04 -33.32
O3 SRT W . -77.00 4.69 -32.86
C4 SRT W . -78.05 3.66 -34.81
O4 SRT W . -76.91 3.56 -35.30
O41 SRT W . -79.10 3.58 -35.46
H2 SRT W . -77.46 2.54 -32.10
HA SRT W . -78.93 1.94 -33.95
H3 SRT W . -78.96 4.64 -33.21
HB SRT W . -76.45 4.75 -33.49
CL CL X . -60.00 27.79 -24.72
C1 EDO Y . -17.57 31.35 -4.41
O1 EDO Y . -16.45 31.10 -5.25
C2 EDO Y . -18.77 31.98 -5.07
O2 EDO Y . -19.17 31.42 -6.31
H11 EDO Y . -17.30 31.97 -3.69
H12 EDO Y . -17.88 30.51 -4.01
HO1 EDO Y . -15.83 30.75 -4.80
H21 EDO Y . -18.58 32.93 -5.27
H22 EDO Y . -19.55 31.92 -4.47
HO2 EDO Y . -18.65 30.76 -6.50
C1 EDO Z . -22.84 13.91 -12.77
O1 EDO Z . -23.87 12.94 -12.81
C2 EDO Z . -23.31 15.28 -12.60
O2 EDO Z . -24.40 15.38 -11.76
H11 EDO Z . -22.35 13.86 -13.62
H12 EDO Z . -22.23 13.70 -12.03
HO1 EDO Z . -23.53 12.18 -12.90
H21 EDO Z . -23.58 15.64 -13.48
H22 EDO Z . -22.58 15.82 -12.23
HO2 EDO Z . -24.62 14.62 -11.48
C1 EDO AA . -14.04 32.01 -1.52
O1 EDO AA . -14.14 33.44 -1.55
C2 EDO AA . -14.50 31.48 -0.21
O2 EDO AA . -15.90 31.50 -0.07
H11 EDO AA . -13.10 31.76 -1.66
H12 EDO AA . -14.59 31.64 -2.23
HO1 EDO AA . -13.88 33.72 -2.29
H21 EDO AA . -14.11 32.00 0.51
H22 EDO AA . -14.21 30.54 -0.13
HO2 EDO AA . -16.25 31.84 -0.77
C1 EDO BA . -23.35 46.62 -23.24
O1 EDO BA . -24.10 46.67 -24.39
C2 EDO BA . -24.22 46.57 -22.05
O2 EDO BA . -24.51 47.87 -21.58
H11 EDO BA . -22.79 47.42 -23.18
H12 EDO BA . -22.79 45.82 -23.25
HO1 EDO BA . -23.57 46.70 -25.06
H21 EDO BA . -23.77 46.08 -21.34
H22 EDO BA . -25.06 46.13 -22.29
HO2 EDO BA . -24.12 48.45 -22.07
C1 EDO CA . -40.78 2.13 -37.20
O1 EDO CA . -39.69 1.74 -36.42
C2 EDO CA . -40.57 3.51 -37.71
O2 EDO CA . -39.23 3.91 -37.61
H11 EDO CA . -41.59 2.09 -36.66
H12 EDO CA . -40.85 1.51 -37.97
HO1 EDO CA . -39.81 0.95 -36.14
H21 EDO CA . -41.12 4.13 -37.18
H22 EDO CA . -40.84 3.55 -38.65
HO2 EDO CA . -38.77 3.28 -37.27
O1 TAR DA . 13.60 17.68 -14.97
O11 TAR DA . 13.23 19.44 -16.34
C1 TAR DA . 13.68 18.91 -15.26
C2 TAR DA . 14.29 19.85 -14.22
O2 TAR DA . 13.42 20.04 -13.13
C3 TAR DA . 15.63 19.31 -13.70
O3 TAR DA . 15.48 17.93 -13.35
C4 TAR DA . 16.17 20.12 -12.49
O4 TAR DA . 17.31 20.63 -12.60
O41 TAR DA . 15.46 20.18 -11.47
H2 TAR DA . 14.46 20.73 -14.65
HO2 TAR DA . 13.81 19.82 -12.41
H3 TAR DA . 16.30 19.35 -14.42
HO3 TAR DA . 15.71 17.82 -12.55
CL CL EA . -9.20 38.41 -4.51
C1 EDO FA . 33.27 -28.92 -24.78
O1 EDO FA . 32.34 -29.82 -25.40
C2 EDO FA . 32.64 -27.70 -24.21
O2 EDO FA . 31.50 -27.92 -23.39
H11 EDO FA . 33.93 -28.63 -25.44
H12 EDO FA . 33.71 -29.39 -24.04
HO1 EDO FA . 32.77 -30.49 -25.70
H21 EDO FA . 32.35 -27.12 -24.94
H22 EDO FA . 33.30 -27.23 -23.65
HO2 EDO FA . 31.35 -28.75 -23.34
C1 EDO GA . 22.86 -39.17 -10.91
O1 EDO GA . 22.44 -39.58 -9.64
C2 EDO GA . 22.94 -37.69 -11.04
O2 EDO GA . 24.19 -37.20 -10.53
H11 EDO GA . 22.21 -39.50 -11.58
H12 EDO GA . 23.74 -39.56 -11.10
HO1 EDO GA . 22.40 -40.42 -9.60
H21 EDO GA . 22.22 -37.28 -10.52
H22 EDO GA . 22.88 -37.44 -11.98
HO2 EDO GA . 24.65 -37.84 -10.25
C1 EDO HA . 35.86 -30.70 -27.88
O1 EDO HA . 35.90 -29.47 -28.56
C2 EDO HA . 37.17 -31.08 -27.30
O2 EDO HA . 37.34 -30.54 -26.02
H11 EDO HA . 35.59 -31.40 -28.49
H12 EDO HA . 35.21 -30.62 -27.14
HO1 EDO HA . 35.14 -29.29 -28.87
H21 EDO HA . 37.88 -30.74 -27.89
H22 EDO HA . 37.23 -32.06 -27.25
HO2 EDO HA . 36.65 -30.09 -25.82
C1 EDO IA . 9.48 -37.93 -26.43
O1 EDO IA . 8.58 -36.85 -26.21
C2 EDO IA . 10.88 -37.45 -26.55
O2 EDO IA . 11.30 -36.82 -25.36
H11 EDO IA . 9.22 -38.38 -27.27
H12 EDO IA . 9.42 -38.56 -25.68
HO1 EDO IA . 7.79 -37.16 -26.14
H21 EDO IA . 10.94 -36.82 -27.29
H22 EDO IA . 11.47 -38.22 -26.72
HO2 EDO IA . 10.67 -36.82 -24.80
O1 TLA JA . 23.35 -54.84 -46.53
O11 TLA JA . 21.65 -55.96 -47.37
C1 TLA JA . 22.16 -55.18 -46.55
C2 TLA JA . 21.22 -54.57 -45.49
O2 TLA JA . 21.95 -54.08 -44.39
C3 TLA JA . 20.18 -55.61 -45.05
O3 TLA JA . 20.84 -56.73 -44.47
C4 TLA JA . 19.15 -55.00 -44.08
O4 TLA JA . 19.13 -55.43 -42.92
O41 TLA JA . 18.37 -54.15 -44.53
H2 TLA JA . 20.73 -53.80 -45.91
HA TLA JA . 21.67 -54.46 -43.69
H3 TLA JA . 19.71 -55.95 -45.85
HB TLA JA . 20.53 -56.85 -43.69
CL CL KA . 33.82 -27.92 -35.56
C1 EDO LA . 61.03 -15.87 -0.59
O1 EDO LA . 61.20 -16.80 -1.67
C2 EDO LA . 61.59 -16.36 0.72
O2 EDO LA . 63.03 -16.44 0.85
H11 EDO LA . 60.08 -15.70 -0.46
H12 EDO LA . 61.51 -15.04 -0.81
HO1 EDO LA . 60.86 -16.46 -2.37
H21 EDO LA . 61.26 -17.27 0.88
H22 EDO LA . 61.28 -15.76 1.44
HO2 EDO LA . 63.39 -16.18 0.13
C1 EDO MA . 59.89 -34.11 -5.51
O1 EDO MA . 58.70 -33.79 -4.88
C2 EDO MA . 60.57 -35.20 -4.78
O2 EDO MA . 59.87 -36.42 -4.93
H11 EDO MA . 60.46 -33.31 -5.52
H12 EDO MA . 59.70 -34.39 -6.42
HO1 EDO MA . 58.32 -33.17 -5.30
H21 EDO MA . 60.61 -34.97 -3.83
H22 EDO MA . 61.47 -35.30 -5.14
HO2 EDO MA . 59.18 -36.30 -5.41
C1 EDO NA . 52.39 -36.76 -8.11
O1 EDO NA . 53.28 -37.18 -7.11
C2 EDO NA . 53.05 -36.07 -9.23
O2 EDO NA . 53.65 -34.88 -8.84
H11 EDO NA . 51.74 -36.14 -7.72
H12 EDO NA . 51.92 -37.55 -8.47
HO1 EDO NA . 52.85 -37.57 -6.50
H21 EDO NA . 52.38 -35.87 -9.92
H22 EDO NA . 53.74 -36.66 -9.60
HO2 EDO NA . 53.53 -34.77 -8.01
C1 EDO OA . 59.39 -46.04 -36.26
O1 EDO OA . 58.59 -45.05 -36.90
C2 EDO OA . 58.64 -47.00 -35.41
O2 EDO OA . 57.58 -47.67 -36.08
H11 EDO OA . 60.04 -45.58 -35.67
H12 EDO OA . 59.86 -46.55 -36.94
HO1 EDO OA . 59.09 -44.54 -37.35
H21 EDO OA . 58.25 -46.52 -34.65
H22 EDO OA . 59.25 -47.69 -35.09
HO2 EDO OA . 57.55 -47.41 -36.88
C1 EDO PA . 83.82 -47.30 -0.82
O1 EDO PA . 83.24 -48.44 -1.43
C2 EDO PA . 85.27 -47.12 -1.10
O2 EDO PA . 86.05 -48.20 -0.60
H11 EDO PA . 83.70 -47.37 0.16
H12 EDO PA . 83.35 -46.50 -1.14
HO1 EDO PA . 82.42 -48.50 -1.24
H21 EDO PA . 85.58 -46.29 -0.67
H22 EDO PA . 85.41 -47.07 -2.07
HO2 EDO PA . 85.54 -48.76 -0.21
C1 EDO QA . 62.62 -15.26 5.46
O1 EDO QA . 61.27 -14.92 5.10
C2 EDO QA . 63.76 -14.43 5.03
O2 EDO QA . 63.58 -13.34 4.10
H11 EDO QA . 62.82 -16.15 5.09
H12 EDO QA . 62.69 -15.28 6.43
HO1 EDO QA . 60.74 -15.50 5.42
H21 EDO QA . 64.43 -14.99 4.59
H22 EDO QA . 64.17 -14.00 5.82
HO2 EDO QA . 62.76 -13.29 3.89
O1 TAR RA . 93.92 -28.61 8.37
O11 TAR RA . 94.57 -26.99 7.01
C1 TAR RA . 94.24 -27.43 8.13
C2 TAR RA . 94.25 -26.42 9.30
O2 TAR RA . 92.96 -26.12 9.80
C3 TAR RA . 95.09 -26.97 10.43
O3 TAR RA . 94.49 -28.18 10.92
C4 TAR RA . 95.30 -25.86 11.49
O4 TAR RA . 96.45 -25.37 11.56
O41 TAR RA . 94.32 -25.48 12.19
H2 TAR RA . 94.66 -25.58 8.99
HO2 TAR RA . 92.94 -26.32 10.64
H3 TAR RA . 95.97 -27.27 10.07
HO3 TAR RA . 94.32 -28.09 11.75
CL CL SA . 69.43 -8.69 2.92
#